data_2KIV
#
_entry.id   2KIV
#
_entity_poly.entity_id   1
_entity_poly.type   'polypeptide(L)'
_entity_poly.pdbx_seq_one_letter_code
;MHHHHHHLVPRGSVQTVGQWLESIGLPQYENHLMANGFDNVQAMGSNVMEDQDLLEIGILNSGHRQRILQAIQLLPKMRP
IGHDGAHPTSVAEWLDSIELGDYTKAFLINGYTSMDLLKKIAEVELINVLKINLIGHRKRILASLGDR
;
_entity_poly.pdbx_strand_id   A
#
# COMPACT_ATOMS: atom_id res chain seq x y z
N VAL A 14 -6.37 0.52 -17.25
CA VAL A 14 -6.03 -0.43 -16.19
C VAL A 14 -4.52 -0.49 -15.98
N GLN A 15 -4.07 -0.07 -14.79
CA GLN A 15 -2.65 -0.08 -14.47
C GLN A 15 -2.27 -1.37 -13.76
N THR A 16 -1.22 -2.03 -14.25
CA THR A 16 -0.75 -3.27 -13.67
C THR A 16 0.75 -3.21 -13.36
N VAL A 17 1.12 -3.67 -12.17
CA VAL A 17 2.52 -3.66 -11.76
C VAL A 17 3.40 -4.30 -12.82
N GLY A 18 2.93 -5.41 -13.39
CA GLY A 18 3.69 -6.11 -14.41
C GLY A 18 4.03 -5.22 -15.59
N GLN A 19 3.03 -4.50 -16.09
CA GLN A 19 3.24 -3.60 -17.22
C GLN A 19 4.16 -2.45 -16.84
N TRP A 20 3.77 -1.71 -15.82
CA TRP A 20 4.56 -0.57 -15.36
C TRP A 20 6.02 -0.98 -15.12
N LEU A 21 6.20 -2.02 -14.31
CA LEU A 21 7.54 -2.51 -13.99
C LEU A 21 8.29 -2.90 -15.25
N GLU A 22 7.61 -3.62 -16.15
CA GLU A 22 8.21 -4.06 -17.40
C GLU A 22 8.66 -2.86 -18.23
N SER A 23 7.92 -1.76 -18.12
CA SER A 23 8.24 -0.55 -18.88
C SER A 23 9.49 0.12 -18.32
N ILE A 24 9.47 0.42 -17.02
CA ILE A 24 10.59 1.06 -16.36
C ILE A 24 11.82 0.15 -16.35
N GLY A 25 11.58 -1.16 -16.49
CA GLY A 25 12.67 -2.12 -16.50
C GLY A 25 12.28 -3.43 -17.14
N LEU A 26 12.13 -4.47 -16.32
CA LEU A 26 11.76 -5.79 -16.82
C LEU A 26 11.04 -6.59 -15.73
N PRO A 27 10.28 -7.61 -16.16
CA PRO A 27 9.52 -8.47 -15.25
C PRO A 27 10.43 -9.37 -14.43
N GLN A 28 11.06 -8.80 -13.41
CA GLN A 28 11.96 -9.56 -12.55
C GLN A 28 11.56 -9.42 -11.09
N TYR A 29 11.08 -8.24 -10.72
CA TYR A 29 10.66 -7.97 -9.35
C TYR A 29 9.14 -8.03 -9.22
N GLU A 30 8.48 -8.32 -10.33
CA GLU A 30 7.02 -8.41 -10.35
C GLU A 30 6.52 -9.35 -9.25
N ASN A 31 7.15 -10.52 -9.16
CA ASN A 31 6.76 -11.52 -8.17
C ASN A 31 6.95 -10.96 -6.76
N HIS A 32 8.11 -10.38 -6.50
CA HIS A 32 8.41 -9.81 -5.20
C HIS A 32 7.33 -8.83 -4.77
N LEU A 33 7.11 -7.80 -5.59
CA LEU A 33 6.11 -6.79 -5.30
C LEU A 33 4.75 -7.42 -5.04
N MET A 34 4.26 -8.18 -6.02
CA MET A 34 2.97 -8.85 -5.90
C MET A 34 2.87 -9.59 -4.56
N ALA A 35 3.78 -10.52 -4.34
CA ALA A 35 3.80 -11.29 -3.10
C ALA A 35 3.99 -10.39 -1.90
N ASN A 36 4.55 -9.21 -2.12
CA ASN A 36 4.79 -8.26 -1.05
C ASN A 36 3.60 -7.32 -0.87
N GLY A 37 2.48 -7.68 -1.49
CA GLY A 37 1.28 -6.86 -1.40
C GLY A 37 1.18 -5.85 -2.51
N PHE A 38 2.32 -5.51 -3.11
CA PHE A 38 2.37 -4.54 -4.19
C PHE A 38 1.95 -5.18 -5.51
N ASP A 39 0.75 -5.75 -5.54
CA ASP A 39 0.23 -6.39 -6.74
C ASP A 39 -0.64 -5.43 -7.53
N ASN A 40 -1.14 -4.39 -6.86
CA ASN A 40 -1.99 -3.41 -7.51
C ASN A 40 -1.29 -2.06 -7.60
N VAL A 41 -1.22 -1.52 -8.82
CA VAL A 41 -0.58 -0.22 -9.04
C VAL A 41 -1.25 0.88 -8.23
N GLN A 42 -2.51 0.65 -7.87
CA GLN A 42 -3.27 1.62 -7.09
C GLN A 42 -2.59 1.91 -5.76
N ALA A 43 -1.77 0.97 -5.30
CA ALA A 43 -1.05 1.12 -4.05
C ALA A 43 -0.17 2.37 -4.07
N MET A 44 0.23 2.78 -5.27
CA MET A 44 1.07 3.96 -5.43
C MET A 44 0.38 5.02 -6.28
N GLY A 45 -0.95 5.00 -6.26
CA GLY A 45 -1.71 5.96 -7.04
C GLY A 45 -1.80 7.31 -6.35
N SER A 46 -1.99 7.29 -5.04
CA SER A 46 -2.12 8.52 -4.26
C SER A 46 -0.78 8.89 -3.62
N ASN A 47 -0.01 7.87 -3.25
CA ASN A 47 1.29 8.08 -2.63
C ASN A 47 2.37 7.25 -3.31
N VAL A 48 3.19 7.89 -4.13
CA VAL A 48 4.26 7.21 -4.84
C VAL A 48 5.12 6.39 -3.89
N MET A 49 5.62 5.26 -4.38
CA MET A 49 6.46 4.38 -3.58
C MET A 49 7.60 5.16 -2.92
N GLU A 50 8.06 4.67 -1.78
CA GLU A 50 9.15 5.32 -1.06
C GLU A 50 10.42 4.46 -1.10
N ASP A 51 11.57 5.10 -0.90
CA ASP A 51 12.85 4.40 -0.91
C ASP A 51 12.85 3.27 0.11
N GLN A 52 12.35 3.56 1.30
CA GLN A 52 12.30 2.56 2.37
C GLN A 52 11.49 1.35 1.94
N ASP A 53 10.39 1.59 1.23
CA ASP A 53 9.53 0.52 0.76
C ASP A 53 10.22 -0.32 -0.30
N LEU A 54 10.53 0.30 -1.43
CA LEU A 54 11.21 -0.38 -2.52
C LEU A 54 12.46 -1.10 -2.02
N LEU A 55 13.09 -0.53 -1.01
CA LEU A 55 14.30 -1.11 -0.43
C LEU A 55 13.96 -2.25 0.52
N GLU A 56 12.83 -2.14 1.20
CA GLU A 56 12.38 -3.16 2.13
C GLU A 56 11.94 -4.43 1.40
N ILE A 57 11.37 -4.25 0.21
CA ILE A 57 10.91 -5.37 -0.58
C ILE A 57 12.03 -6.38 -0.82
N GLY A 58 12.96 -6.03 -1.70
CA GLY A 58 14.08 -6.92 -2.00
C GLY A 58 14.58 -6.75 -3.42
N ILE A 59 15.12 -5.58 -3.72
CA ILE A 59 15.64 -5.31 -5.06
C ILE A 59 16.96 -6.04 -5.31
N LEU A 60 17.24 -6.33 -6.56
CA LEU A 60 18.47 -7.04 -6.93
C LEU A 60 19.69 -6.36 -6.32
N ASN A 61 20.00 -5.16 -6.80
CA ASN A 61 21.14 -4.40 -6.30
C ASN A 61 20.99 -2.92 -6.61
N SER A 62 21.97 -2.13 -6.18
CA SER A 62 21.95 -0.69 -6.41
C SER A 62 21.86 -0.38 -7.90
N GLY A 63 21.35 0.81 -8.22
CA GLY A 63 21.22 1.21 -9.61
C GLY A 63 19.80 1.10 -10.12
N HIS A 64 18.93 0.49 -9.31
CA HIS A 64 17.52 0.32 -9.69
C HIS A 64 16.62 1.13 -8.76
N ARG A 65 17.06 1.32 -7.52
CA ARG A 65 16.28 2.07 -6.55
C ARG A 65 15.86 3.42 -7.11
N GLN A 66 16.85 4.20 -7.55
CA GLN A 66 16.59 5.52 -8.11
C GLN A 66 15.65 5.43 -9.30
N ARG A 67 15.84 4.41 -10.13
CA ARG A 67 15.01 4.21 -11.31
C ARG A 67 13.53 4.13 -10.92
N ILE A 68 13.20 3.19 -10.04
CA ILE A 68 11.82 3.02 -9.60
C ILE A 68 11.30 4.27 -8.91
N LEU A 69 12.17 4.91 -8.13
CA LEU A 69 11.80 6.14 -7.42
C LEU A 69 11.43 7.25 -8.40
N GLN A 70 12.39 7.64 -9.23
CA GLN A 70 12.15 8.69 -10.21
C GLN A 70 10.99 8.33 -11.13
N ALA A 71 10.88 7.05 -11.46
CA ALA A 71 9.81 6.58 -12.33
C ALA A 71 8.46 6.71 -11.66
N ILE A 72 8.25 5.93 -10.59
CA ILE A 72 6.99 5.96 -9.86
C ILE A 72 6.63 7.38 -9.45
N GLN A 73 7.64 8.22 -9.27
CA GLN A 73 7.43 9.60 -8.87
C GLN A 73 7.09 10.46 -10.08
N LEU A 74 7.64 10.11 -11.23
CA LEU A 74 7.39 10.85 -12.47
C LEU A 74 6.07 10.42 -13.10
N LEU A 75 5.57 9.27 -12.68
CA LEU A 75 4.31 8.74 -13.22
C LEU A 75 3.23 9.82 -13.20
N PRO A 76 2.87 10.31 -14.39
CA PRO A 76 1.84 11.34 -14.54
C PRO A 76 0.45 10.82 -14.24
N LYS A 77 0.14 10.69 -12.95
CA LYS A 77 -1.17 10.21 -12.53
C LYS A 77 -1.81 11.15 -11.53
N MET A 78 -1.15 12.28 -11.28
CA MET A 78 -1.65 13.28 -10.34
C MET A 78 -2.46 14.35 -11.07
N ARG A 79 -3.72 14.51 -10.66
CA ARG A 79 -4.60 15.49 -11.28
C ARG A 79 -5.43 16.22 -10.22
N PRO A 80 -5.93 17.41 -10.58
CA PRO A 80 -6.74 18.22 -9.68
C PRO A 80 -8.12 17.61 -9.42
N ILE A 81 -8.70 17.03 -10.47
CA ILE A 81 -10.02 16.41 -10.36
C ILE A 81 -9.95 15.15 -9.51
N GLY A 82 -8.76 14.57 -9.40
CA GLY A 82 -8.59 13.36 -8.60
C GLY A 82 -8.58 13.65 -7.11
N HIS A 83 -9.71 14.13 -6.59
CA HIS A 83 -9.82 14.44 -5.17
C HIS A 83 -10.93 13.63 -4.52
N ASP A 84 -11.22 12.47 -5.09
CA ASP A 84 -12.28 11.60 -4.57
C ASP A 84 -11.77 10.82 -3.35
N GLY A 85 -12.65 10.67 -2.36
CA GLY A 85 -12.27 9.95 -1.14
C GLY A 85 -13.29 8.89 -0.78
N ALA A 86 -13.25 8.45 0.47
CA ALA A 86 -14.19 7.43 0.97
C ALA A 86 -14.77 7.82 2.32
N HIS A 87 -15.94 7.29 2.62
CA HIS A 87 -16.60 7.58 3.90
C HIS A 87 -17.31 6.34 4.43
N PRO A 88 -16.53 5.35 4.89
CA PRO A 88 -17.06 4.10 5.44
C PRO A 88 -17.76 4.30 6.78
N THR A 89 -18.42 3.27 7.26
CA THR A 89 -19.13 3.33 8.53
C THR A 89 -18.44 2.46 9.59
N SER A 90 -17.75 1.42 9.13
CA SER A 90 -17.05 0.52 10.03
C SER A 90 -15.80 -0.07 9.36
N VAL A 91 -15.07 -0.88 10.11
CA VAL A 91 -13.86 -1.51 9.58
C VAL A 91 -14.15 -2.29 8.32
N ALA A 92 -15.33 -2.91 8.26
CA ALA A 92 -15.73 -3.69 7.09
C ALA A 92 -15.74 -2.84 5.83
N GLU A 93 -16.73 -1.96 5.72
CA GLU A 93 -16.86 -1.09 4.57
C GLU A 93 -15.56 -0.32 4.32
N TRP A 94 -14.85 -0.01 5.41
CA TRP A 94 -13.60 0.73 5.31
C TRP A 94 -12.57 -0.05 4.49
N LEU A 95 -12.29 -1.27 4.91
CA LEU A 95 -11.33 -2.13 4.22
C LEU A 95 -11.84 -2.50 2.83
N ASP A 96 -13.15 -2.54 2.68
CA ASP A 96 -13.77 -2.89 1.40
C ASP A 96 -13.32 -1.92 0.31
N SER A 97 -13.00 -0.69 0.71
CA SER A 97 -12.56 0.33 -0.24
C SER A 97 -11.04 0.34 -0.36
N ILE A 98 -10.41 -0.73 0.13
CA ILE A 98 -8.96 -0.84 0.07
C ILE A 98 -8.54 -2.21 -0.46
N GLU A 99 -9.37 -2.78 -1.31
CA GLU A 99 -9.09 -4.09 -1.90
C GLU A 99 -8.78 -5.12 -0.82
N LEU A 100 -9.46 -4.99 0.31
CA LEU A 100 -9.28 -5.91 1.43
C LEU A 100 -10.58 -6.17 2.15
N GLY A 101 -10.80 -7.42 2.57
CA GLY A 101 -12.02 -7.77 3.27
C GLY A 101 -11.76 -8.73 4.42
N ASP A 102 -10.91 -9.72 4.18
CA ASP A 102 -10.59 -10.72 5.20
C ASP A 102 -10.06 -10.04 6.46
N TYR A 103 -9.35 -8.93 6.28
CA TYR A 103 -8.78 -8.20 7.40
C TYR A 103 -9.85 -7.88 8.44
N THR A 104 -11.09 -7.74 7.99
CA THR A 104 -12.20 -7.45 8.87
C THR A 104 -12.20 -8.36 10.10
N LYS A 105 -11.83 -9.62 9.88
CA LYS A 105 -11.78 -10.60 10.96
C LYS A 105 -10.75 -10.20 12.01
N ALA A 106 -9.49 -10.13 11.61
CA ALA A 106 -8.42 -9.76 12.52
C ALA A 106 -8.72 -8.42 13.21
N PHE A 107 -9.08 -7.42 12.41
CA PHE A 107 -9.39 -6.11 12.95
C PHE A 107 -10.48 -6.20 14.02
N LEU A 108 -11.54 -6.93 13.71
CA LEU A 108 -12.65 -7.10 14.64
C LEU A 108 -12.19 -7.78 15.92
N ILE A 109 -11.68 -9.00 15.79
CA ILE A 109 -11.21 -9.76 16.93
C ILE A 109 -10.14 -8.99 17.69
N ASN A 110 -9.48 -8.06 17.01
CA ASN A 110 -8.44 -7.25 17.62
C ASN A 110 -9.04 -6.17 18.51
N GLY A 111 -10.27 -5.77 18.20
CA GLY A 111 -10.93 -4.74 18.99
C GLY A 111 -11.17 -3.47 18.19
N TYR A 112 -10.98 -3.54 16.88
CA TYR A 112 -11.18 -2.40 16.02
C TYR A 112 -12.64 -2.27 15.58
N THR A 113 -13.38 -1.42 16.28
CA THR A 113 -14.78 -1.21 15.96
C THR A 113 -15.02 0.17 15.38
N SER A 114 -14.28 1.17 15.88
CA SER A 114 -14.41 2.53 15.42
C SER A 114 -13.16 2.97 14.65
N MET A 115 -13.37 3.67 13.54
CA MET A 115 -12.26 4.15 12.71
C MET A 115 -11.24 4.89 13.56
N ASP A 116 -11.72 5.73 14.47
CA ASP A 116 -10.85 6.51 15.35
C ASP A 116 -9.81 5.61 16.00
N LEU A 117 -10.23 4.42 16.40
CA LEU A 117 -9.34 3.47 17.06
C LEU A 117 -8.15 3.13 16.16
N LEU A 118 -8.41 3.06 14.85
CA LEU A 118 -7.37 2.75 13.87
C LEU A 118 -6.30 3.84 13.85
N LYS A 119 -6.67 5.02 14.35
CA LYS A 119 -5.73 6.15 14.38
C LYS A 119 -5.13 6.31 15.78
N LYS A 120 -5.34 5.30 16.63
CA LYS A 120 -4.81 5.33 17.98
C LYS A 120 -3.72 4.27 18.17
N ILE A 121 -3.13 3.85 17.07
CA ILE A 121 -2.07 2.84 17.11
C ILE A 121 -0.87 3.28 16.30
N ALA A 122 0.29 2.69 16.61
CA ALA A 122 1.52 3.02 15.90
C ALA A 122 1.93 1.90 14.96
N GLU A 123 3.02 2.12 14.22
CA GLU A 123 3.51 1.12 13.28
C GLU A 123 3.66 -0.24 13.96
N VAL A 124 4.53 -0.32 14.96
CA VAL A 124 4.76 -1.55 15.68
C VAL A 124 3.45 -2.16 16.17
N GLU A 125 2.58 -1.32 16.70
CA GLU A 125 1.28 -1.77 17.20
C GLU A 125 0.47 -2.44 16.09
N LEU A 126 0.60 -1.91 14.88
CA LEU A 126 -0.12 -2.45 13.73
C LEU A 126 0.45 -3.81 13.32
N ILE A 127 1.77 -3.87 13.16
CA ILE A 127 2.43 -5.10 12.76
C ILE A 127 2.40 -6.12 13.90
N ASN A 128 2.12 -5.65 15.10
CA ASN A 128 2.07 -6.51 16.28
C ASN A 128 0.64 -6.98 16.54
N VAL A 129 -0.33 -6.13 16.21
CA VAL A 129 -1.74 -6.45 16.40
C VAL A 129 -2.33 -7.09 15.16
N LEU A 130 -2.33 -6.34 14.05
CA LEU A 130 -2.87 -6.83 12.79
C LEU A 130 -1.98 -7.92 12.20
N LYS A 131 -0.69 -7.86 12.53
CA LYS A 131 0.27 -8.85 12.03
C LYS A 131 0.27 -8.89 10.51
N ILE A 132 0.21 -7.72 9.89
CA ILE A 132 0.21 -7.63 8.43
C ILE A 132 1.55 -8.03 7.85
N ASN A 133 2.61 -7.35 8.27
CA ASN A 133 3.96 -7.65 7.79
C ASN A 133 3.99 -7.67 6.27
N LEU A 134 3.39 -6.66 5.65
CA LEU A 134 3.36 -6.57 4.19
C LEU A 134 3.33 -5.11 3.74
N ILE A 135 4.38 -4.70 3.04
CA ILE A 135 4.48 -3.33 2.55
C ILE A 135 3.20 -2.92 1.81
N GLY A 136 2.77 -3.77 0.89
CA GLY A 136 1.57 -3.48 0.12
C GLY A 136 0.39 -3.11 1.01
N HIS A 137 -0.18 -4.09 1.68
CA HIS A 137 -1.32 -3.86 2.57
C HIS A 137 -1.02 -2.74 3.56
N ARG A 138 0.24 -2.65 3.98
CA ARG A 138 0.66 -1.63 4.92
C ARG A 138 0.41 -0.24 4.36
N LYS A 139 1.10 0.09 3.26
CA LYS A 139 0.96 1.39 2.62
C LYS A 139 -0.50 1.67 2.28
N ARG A 140 -1.19 0.64 1.80
CA ARG A 140 -2.60 0.78 1.42
C ARG A 140 -3.42 1.33 2.59
N ILE A 141 -3.45 0.58 3.69
CA ILE A 141 -4.18 0.99 4.87
C ILE A 141 -3.65 2.30 5.44
N LEU A 142 -2.33 2.38 5.56
CA LEU A 142 -1.67 3.58 6.08
C LEU A 142 -2.14 4.82 5.35
N ALA A 143 -2.26 4.71 4.03
CA ALA A 143 -2.72 5.83 3.21
C ALA A 143 -4.21 6.06 3.36
N SER A 144 -4.96 4.97 3.48
CA SER A 144 -6.41 5.05 3.62
C SER A 144 -6.78 5.84 4.88
N LEU A 145 -6.04 5.62 5.95
CA LEU A 145 -6.29 6.32 7.21
C LEU A 145 -5.69 7.72 7.18
N GLY A 146 -4.42 7.81 6.77
CA GLY A 146 -3.75 9.09 6.71
C GLY A 146 -3.14 9.50 8.04
N ASP A 147 -2.34 8.60 8.61
CA ASP A 147 -1.69 8.86 9.88
C ASP A 147 -0.93 10.18 9.85
N ARG A 148 0.01 10.28 8.91
CA ARG A 148 0.82 11.49 8.76
C ARG A 148 0.53 12.17 7.44
N VAL A 14 -7.05 -0.82 -17.14
CA VAL A 14 -6.64 -0.74 -15.74
C VAL A 14 -5.12 -0.69 -15.62
N GLN A 15 -4.64 -0.35 -14.43
CA GLN A 15 -3.21 -0.26 -14.17
C GLN A 15 -2.68 -1.57 -13.57
N THR A 16 -1.60 -2.09 -14.15
CA THR A 16 -1.00 -3.32 -13.68
C THR A 16 0.46 -3.12 -13.28
N VAL A 17 0.83 -3.60 -12.10
CA VAL A 17 2.19 -3.47 -11.61
C VAL A 17 3.20 -3.96 -12.64
N GLY A 18 2.93 -5.15 -13.20
CA GLY A 18 3.82 -5.71 -14.20
C GLY A 18 4.00 -4.81 -15.41
N GLN A 19 2.93 -4.12 -15.79
CA GLN A 19 2.97 -3.22 -16.93
C GLN A 19 3.83 -1.99 -16.63
N TRP A 20 3.53 -1.34 -15.52
CA TRP A 20 4.27 -0.15 -15.11
C TRP A 20 5.73 -0.48 -14.85
N LEU A 21 5.96 -1.53 -14.08
CA LEU A 21 7.33 -1.96 -13.76
C LEU A 21 8.10 -2.30 -15.02
N GLU A 22 7.50 -3.11 -15.89
CA GLU A 22 8.14 -3.51 -17.14
C GLU A 22 8.40 -2.30 -18.03
N SER A 23 7.48 -1.33 -17.98
CA SER A 23 7.60 -0.12 -18.79
C SER A 23 8.82 0.70 -18.35
N ILE A 24 8.94 0.89 -17.04
CA ILE A 24 10.06 1.67 -16.49
C ILE A 24 11.35 0.86 -16.52
N GLY A 25 11.22 -0.46 -16.53
CA GLY A 25 12.39 -1.32 -16.56
C GLY A 25 12.09 -2.69 -17.15
N LEU A 26 12.05 -3.70 -16.30
CA LEU A 26 11.76 -5.06 -16.74
C LEU A 26 11.16 -5.90 -15.61
N PRO A 27 10.46 -6.98 -15.97
CA PRO A 27 9.83 -7.87 -15.01
C PRO A 27 10.85 -8.68 -14.20
N GLN A 28 11.54 -8.01 -13.28
CA GLN A 28 12.53 -8.67 -12.45
C GLN A 28 12.17 -8.59 -10.98
N TYR A 29 11.35 -7.60 -10.64
CA TYR A 29 10.92 -7.40 -9.25
C TYR A 29 9.41 -7.53 -9.13
N GLU A 30 8.79 -8.11 -10.15
CA GLU A 30 7.34 -8.31 -10.16
C GLU A 30 6.91 -9.23 -9.03
N ASN A 31 7.53 -10.40 -8.95
CA ASN A 31 7.21 -11.37 -7.92
C ASN A 31 7.33 -10.76 -6.53
N HIS A 32 8.47 -10.14 -6.27
CA HIS A 32 8.71 -9.50 -4.98
C HIS A 32 7.61 -8.50 -4.65
N LEU A 33 7.40 -7.55 -5.55
CA LEU A 33 6.38 -6.53 -5.36
C LEU A 33 5.03 -7.17 -5.01
N MET A 34 4.52 -8.00 -5.90
CA MET A 34 3.25 -8.67 -5.69
C MET A 34 3.23 -9.38 -4.33
N ALA A 35 4.19 -10.26 -4.11
CA ALA A 35 4.29 -10.99 -2.85
C ALA A 35 4.40 -10.03 -1.67
N ASN A 36 4.86 -8.82 -1.94
CA ASN A 36 5.01 -7.81 -0.89
C ASN A 36 3.76 -6.94 -0.80
N GLY A 37 2.65 -7.43 -1.34
CA GLY A 37 1.41 -6.68 -1.30
C GLY A 37 1.22 -5.81 -2.53
N PHE A 38 2.32 -5.46 -3.19
CA PHE A 38 2.27 -4.63 -4.39
C PHE A 38 1.84 -5.46 -5.60
N ASP A 39 0.61 -5.95 -5.57
CA ASP A 39 0.07 -6.75 -6.66
C ASP A 39 -0.74 -5.88 -7.62
N ASN A 40 -1.21 -4.73 -7.13
CA ASN A 40 -2.00 -3.82 -7.93
C ASN A 40 -1.50 -2.39 -7.78
N VAL A 41 -1.25 -1.73 -8.92
CA VAL A 41 -0.77 -0.35 -8.91
C VAL A 41 -1.70 0.55 -8.11
N GLN A 42 -2.97 0.16 -8.02
CA GLN A 42 -3.96 0.94 -7.27
C GLN A 42 -3.55 1.09 -5.81
N ALA A 43 -2.70 0.19 -5.34
CA ALA A 43 -2.22 0.22 -3.96
C ALA A 43 -1.50 1.54 -3.67
N MET A 44 -1.06 2.21 -4.72
CA MET A 44 -0.36 3.49 -4.58
C MET A 44 -1.35 4.65 -4.47
N GLY A 45 -2.64 4.32 -4.42
CA GLY A 45 -3.66 5.34 -4.32
C GLY A 45 -3.42 6.29 -3.16
N SER A 46 -3.35 7.58 -3.44
CA SER A 46 -3.12 8.59 -2.43
C SER A 46 -1.76 8.38 -1.75
N ASN A 47 -0.77 7.99 -2.54
CA ASN A 47 0.57 7.75 -2.02
C ASN A 47 1.55 7.44 -3.15
N VAL A 48 2.82 7.31 -2.81
CA VAL A 48 3.86 7.02 -3.79
C VAL A 48 5.02 6.28 -3.16
N MET A 49 5.50 5.23 -3.83
CA MET A 49 6.62 4.44 -3.33
C MET A 49 7.80 5.34 -2.99
N GLU A 50 8.68 4.85 -2.12
CA GLU A 50 9.86 5.60 -1.71
C GLU A 50 11.04 4.67 -1.49
N ASP A 51 12.20 5.26 -1.17
CA ASP A 51 13.41 4.49 -0.93
C ASP A 51 13.19 3.45 0.17
N GLN A 52 12.47 3.86 1.21
CA GLN A 52 12.19 2.96 2.33
C GLN A 52 11.58 1.64 1.84
N ASP A 53 10.40 1.73 1.24
CA ASP A 53 9.71 0.56 0.72
C ASP A 53 10.61 -0.20 -0.26
N LEU A 54 11.24 0.52 -1.17
CA LEU A 54 12.12 -0.08 -2.16
C LEU A 54 13.16 -0.98 -1.50
N LEU A 55 13.90 -0.42 -0.55
CA LEU A 55 14.92 -1.17 0.16
C LEU A 55 14.29 -2.21 1.08
N GLU A 56 13.04 -1.99 1.44
CA GLU A 56 12.32 -2.90 2.32
C GLU A 56 11.88 -4.14 1.55
N ILE A 57 11.67 -3.99 0.25
CA ILE A 57 11.24 -5.09 -0.60
C ILE A 57 12.42 -5.97 -0.99
N GLY A 58 13.28 -5.44 -1.86
CA GLY A 58 14.44 -6.19 -2.30
C GLY A 58 14.84 -5.85 -3.72
N ILE A 59 14.90 -4.56 -4.03
CA ILE A 59 15.27 -4.10 -5.36
C ILE A 59 16.77 -3.80 -5.44
N LEU A 60 17.36 -3.46 -4.30
CA LEU A 60 18.78 -3.15 -4.24
C LEU A 60 19.62 -4.37 -4.62
N ASN A 61 18.99 -5.53 -4.61
CA ASN A 61 19.68 -6.77 -4.95
C ASN A 61 20.44 -6.63 -6.27
N SER A 62 19.81 -5.94 -7.22
CA SER A 62 20.43 -5.74 -8.53
C SER A 62 20.83 -4.28 -8.72
N GLY A 63 19.83 -3.40 -8.78
CA GLY A 63 20.09 -1.98 -8.95
C GLY A 63 19.04 -1.30 -9.79
N HIS A 64 17.81 -1.26 -9.28
CA HIS A 64 16.70 -0.63 -9.99
C HIS A 64 16.01 0.39 -9.11
N ARG A 65 16.60 0.67 -7.94
CA ARG A 65 16.03 1.63 -7.00
C ARG A 65 15.85 2.99 -7.66
N GLN A 66 16.95 3.58 -8.11
CA GLN A 66 16.92 4.89 -8.76
C GLN A 66 15.86 4.91 -9.86
N ARG A 67 15.88 3.89 -10.71
CA ARG A 67 14.92 3.80 -11.80
C ARG A 67 13.48 3.92 -11.30
N ILE A 68 13.06 2.94 -10.52
CA ILE A 68 11.71 2.93 -9.96
C ILE A 68 11.41 4.24 -9.24
N LEU A 69 12.39 4.74 -8.49
CA LEU A 69 12.23 5.99 -7.75
C LEU A 69 11.84 7.13 -8.69
N GLN A 70 12.65 7.33 -9.73
CA GLN A 70 12.39 8.39 -10.69
C GLN A 70 11.03 8.20 -11.36
N ALA A 71 10.69 6.96 -11.66
CA ALA A 71 9.41 6.65 -12.29
C ALA A 71 8.25 6.98 -11.37
N ILE A 72 8.19 6.31 -10.23
CA ILE A 72 7.12 6.53 -9.26
C ILE A 72 7.06 8.00 -8.85
N GLN A 73 8.20 8.67 -8.90
CA GLN A 73 8.27 10.08 -8.53
C GLN A 73 7.70 10.96 -9.64
N LEU A 74 7.94 10.57 -10.88
CA LEU A 74 7.46 11.33 -12.04
C LEU A 74 5.98 11.04 -12.28
N LEU A 75 5.51 9.90 -11.78
CA LEU A 75 4.12 9.51 -11.96
C LEU A 75 3.19 10.64 -11.51
N PRO A 76 1.94 10.60 -12.01
CA PRO A 76 0.93 11.61 -11.69
C PRO A 76 0.45 11.51 -10.24
N LYS A 77 0.62 10.32 -9.66
CA LYS A 77 0.21 10.10 -8.27
C LYS A 77 -1.12 10.78 -7.98
N MET A 78 -2.04 10.71 -8.92
CA MET A 78 -3.35 11.32 -8.76
C MET A 78 -4.42 10.56 -9.54
N ARG A 79 -5.69 10.87 -9.26
CA ARG A 79 -6.79 10.20 -9.94
C ARG A 79 -8.13 10.83 -9.54
N PRO A 80 -9.15 10.62 -10.37
CA PRO A 80 -10.49 11.16 -10.12
C PRO A 80 -11.18 10.47 -8.95
N ILE A 81 -10.61 9.35 -8.51
CA ILE A 81 -11.18 8.61 -7.39
C ILE A 81 -11.40 9.52 -6.18
N GLY A 82 -10.48 10.44 -5.96
CA GLY A 82 -10.60 11.37 -4.84
C GLY A 82 -10.82 10.65 -3.52
N HIS A 83 -12.07 10.67 -3.06
CA HIS A 83 -12.42 10.02 -1.79
C HIS A 83 -11.69 10.66 -0.63
N ASP A 84 -11.63 11.99 -0.62
CA ASP A 84 -10.97 12.72 0.44
C ASP A 84 -11.97 13.49 1.29
N GLY A 85 -11.57 13.83 2.51
CA GLY A 85 -12.46 14.56 3.40
C GLY A 85 -12.82 13.76 4.64
N ALA A 86 -14.11 13.57 4.86
CA ALA A 86 -14.59 12.82 6.02
C ALA A 86 -15.42 11.62 5.59
N HIS A 87 -14.94 10.42 5.93
CA HIS A 87 -15.63 9.19 5.58
C HIS A 87 -15.66 8.23 6.75
N PRO A 88 -16.48 8.55 7.77
CA PRO A 88 -16.61 7.73 8.98
C PRO A 88 -17.33 6.42 8.69
N THR A 89 -16.60 5.31 8.82
CA THR A 89 -17.17 3.99 8.57
C THR A 89 -16.49 2.94 9.43
N SER A 90 -17.00 1.72 9.38
CA SER A 90 -16.45 0.61 10.16
C SER A 90 -15.24 0.00 9.45
N VAL A 91 -14.47 -0.81 10.18
CA VAL A 91 -13.29 -1.45 9.62
C VAL A 91 -13.63 -2.19 8.33
N ALA A 92 -14.74 -2.92 8.35
CA ALA A 92 -15.18 -3.68 7.18
C ALA A 92 -15.43 -2.75 6.00
N GLU A 93 -16.38 -1.84 6.15
CA GLU A 93 -16.72 -0.89 5.10
C GLU A 93 -15.50 -0.09 4.67
N TRP A 94 -14.52 0.02 5.57
CA TRP A 94 -13.30 0.77 5.29
C TRP A 94 -12.41 0.00 4.31
N LEU A 95 -11.95 -1.17 4.74
CA LEU A 95 -11.09 -2.01 3.90
C LEU A 95 -11.84 -2.50 2.67
N ASP A 96 -13.16 -2.56 2.77
CA ASP A 96 -13.99 -3.00 1.65
C ASP A 96 -13.74 -2.15 0.41
N SER A 97 -13.40 -0.88 0.62
CA SER A 97 -13.15 0.03 -0.49
C SER A 97 -11.65 0.07 -0.81
N ILE A 98 -10.93 -0.94 -0.35
CA ILE A 98 -9.49 -1.02 -0.59
C ILE A 98 -9.08 -2.41 -1.06
N GLU A 99 -10.03 -3.12 -1.68
CA GLU A 99 -9.77 -4.46 -2.18
C GLU A 99 -9.33 -5.38 -1.05
N LEU A 100 -9.66 -5.01 0.18
CA LEU A 100 -9.29 -5.80 1.35
C LEU A 100 -10.51 -6.12 2.19
N GLY A 101 -10.71 -7.41 2.47
CA GLY A 101 -11.86 -7.82 3.26
C GLY A 101 -11.47 -8.82 4.35
N ASP A 102 -10.59 -9.75 4.00
CA ASP A 102 -10.13 -10.77 4.95
C ASP A 102 -9.63 -10.12 6.24
N TYR A 103 -8.91 -9.01 6.10
CA TYR A 103 -8.37 -8.31 7.25
C TYR A 103 -9.47 -7.96 8.25
N THR A 104 -10.68 -7.75 7.74
CA THR A 104 -11.82 -7.41 8.57
C THR A 104 -11.95 -8.39 9.73
N LYS A 105 -11.61 -9.65 9.48
CA LYS A 105 -11.68 -10.68 10.51
C LYS A 105 -10.72 -10.40 11.65
N ALA A 106 -9.44 -10.28 11.32
CA ALA A 106 -8.41 -10.01 12.32
C ALA A 106 -8.68 -8.67 13.02
N PHE A 107 -8.98 -7.64 12.24
CA PHE A 107 -9.27 -6.32 12.79
C PHE A 107 -10.40 -6.38 13.80
N LEU A 108 -11.47 -7.07 13.44
CA LEU A 108 -12.63 -7.21 14.31
C LEU A 108 -12.26 -7.93 15.60
N ILE A 109 -11.81 -9.18 15.47
CA ILE A 109 -11.42 -9.96 16.63
C ILE A 109 -10.40 -9.23 17.48
N ASN A 110 -9.61 -8.38 16.85
CA ASN A 110 -8.60 -7.60 17.56
C ASN A 110 -9.24 -6.55 18.46
N GLY A 111 -10.37 -6.01 18.01
CA GLY A 111 -11.07 -5.00 18.79
C GLY A 111 -11.26 -3.71 18.03
N TYR A 112 -11.04 -3.76 16.72
CA TYR A 112 -11.17 -2.57 15.88
C TYR A 112 -12.61 -2.39 15.41
N THR A 113 -13.34 -1.53 16.11
CA THR A 113 -14.73 -1.26 15.78
C THR A 113 -14.92 0.15 15.22
N SER A 114 -14.20 1.10 15.81
CA SER A 114 -14.29 2.49 15.38
C SER A 114 -13.06 2.87 14.55
N MET A 115 -13.30 3.33 13.32
CA MET A 115 -12.22 3.73 12.43
C MET A 115 -11.30 4.72 13.12
N ASP A 116 -11.88 5.63 13.89
CA ASP A 116 -11.11 6.64 14.61
C ASP A 116 -9.96 6.00 15.38
N LEU A 117 -10.19 4.81 15.92
CA LEU A 117 -9.17 4.10 16.68
C LEU A 117 -7.93 3.86 15.83
N LEU A 118 -8.14 3.57 14.55
CA LEU A 118 -7.04 3.32 13.63
C LEU A 118 -6.10 4.53 13.58
N LYS A 119 -6.61 5.70 13.94
CA LYS A 119 -5.82 6.92 13.94
C LYS A 119 -4.76 6.88 15.03
N LYS A 120 -5.07 6.20 16.12
CA LYS A 120 -4.13 6.07 17.24
C LYS A 120 -3.31 4.80 17.13
N ILE A 121 -3.25 4.25 15.92
CA ILE A 121 -2.48 3.03 15.68
C ILE A 121 -1.15 3.35 15.01
N ALA A 122 -0.07 2.78 15.56
CA ALA A 122 1.26 3.01 15.03
C ALA A 122 1.76 1.77 14.28
N GLU A 123 2.97 1.85 13.74
CA GLU A 123 3.56 0.75 13.01
C GLU A 123 3.71 -0.49 13.89
N VAL A 124 4.49 -0.35 14.95
CA VAL A 124 4.71 -1.45 15.89
C VAL A 124 3.39 -2.07 16.34
N GLU A 125 2.42 -1.21 16.63
CA GLU A 125 1.11 -1.68 17.07
C GLU A 125 0.41 -2.46 15.97
N LEU A 126 0.56 -1.99 14.74
CA LEU A 126 -0.06 -2.65 13.59
C LEU A 126 0.52 -4.04 13.38
N ILE A 127 1.85 -4.14 13.48
CA ILE A 127 2.54 -5.41 13.29
C ILE A 127 2.40 -6.29 14.53
N ASN A 128 2.12 -5.66 15.67
CA ASN A 128 1.97 -6.39 16.93
C ASN A 128 0.53 -6.85 17.12
N VAL A 129 -0.40 -6.17 16.43
CA VAL A 129 -1.81 -6.51 16.53
C VAL A 129 -2.29 -7.23 15.27
N LEU A 130 -2.18 -6.56 14.12
CA LEU A 130 -2.59 -7.14 12.85
C LEU A 130 -1.51 -8.07 12.30
N LYS A 131 -0.26 -7.64 12.41
CA LYS A 131 0.87 -8.43 11.92
C LYS A 131 0.79 -8.60 10.41
N ILE A 132 0.36 -7.55 9.71
CA ILE A 132 0.25 -7.59 8.26
C ILE A 132 1.56 -8.05 7.63
N ASN A 133 2.66 -7.42 8.03
CA ASN A 133 3.97 -7.77 7.50
C ASN A 133 3.99 -7.67 5.98
N LEU A 134 3.35 -6.64 5.46
CA LEU A 134 3.29 -6.42 4.01
C LEU A 134 3.26 -4.94 3.69
N ILE A 135 4.21 -4.49 2.87
CA ILE A 135 4.30 -3.10 2.47
C ILE A 135 3.08 -2.68 1.66
N GLY A 136 2.66 -3.54 0.74
CA GLY A 136 1.50 -3.25 -0.09
C GLY A 136 0.25 -2.99 0.72
N HIS A 137 -0.11 -3.96 1.57
CA HIS A 137 -1.29 -3.85 2.41
C HIS A 137 -1.13 -2.71 3.42
N ARG A 138 -0.09 -2.80 4.24
CA ARG A 138 0.17 -1.78 5.25
C ARG A 138 0.12 -0.39 4.64
N LYS A 139 0.57 -0.27 3.39
CA LYS A 139 0.57 1.01 2.69
C LYS A 139 -0.84 1.42 2.31
N ARG A 140 -1.60 0.48 1.77
CA ARG A 140 -2.98 0.75 1.35
C ARG A 140 -3.80 1.30 2.52
N ILE A 141 -3.73 0.62 3.66
CA ILE A 141 -4.46 1.05 4.84
C ILE A 141 -3.86 2.32 5.43
N LEU A 142 -2.53 2.40 5.41
CA LEU A 142 -1.83 3.57 5.95
C LEU A 142 -2.23 4.84 5.19
N ALA A 143 -2.17 4.77 3.87
CA ALA A 143 -2.54 5.92 3.03
C ALA A 143 -4.04 6.16 3.07
N SER A 144 -4.81 5.08 3.10
CA SER A 144 -6.27 5.18 3.13
C SER A 144 -6.74 5.89 4.39
N LEU A 145 -6.18 5.49 5.53
CA LEU A 145 -6.55 6.09 6.81
C LEU A 145 -5.99 7.51 6.93
N GLY A 146 -4.68 7.64 6.76
CA GLY A 146 -4.05 8.94 6.85
C GLY A 146 -2.75 8.91 7.62
N ASP A 147 -1.83 9.80 7.29
CA ASP A 147 -0.53 9.87 7.95
C ASP A 147 -0.08 11.31 8.12
N ARG A 148 1.00 11.50 8.87
CA ARG A 148 1.54 12.84 9.11
C ARG A 148 2.21 13.39 7.85
N VAL A 14 -7.02 2.13 -15.94
CA VAL A 14 -6.46 1.04 -15.14
C VAL A 14 -4.97 0.91 -15.37
N GLN A 15 -4.32 0.07 -14.56
CA GLN A 15 -2.89 -0.15 -14.68
C GLN A 15 -2.49 -1.50 -14.09
N THR A 16 -1.31 -1.98 -14.46
CA THR A 16 -0.82 -3.26 -13.96
C THR A 16 0.68 -3.19 -13.67
N VAL A 17 1.07 -3.69 -12.50
CA VAL A 17 2.47 -3.70 -12.10
C VAL A 17 3.34 -4.41 -13.13
N GLY A 18 2.79 -5.47 -13.73
CA GLY A 18 3.53 -6.23 -14.72
C GLY A 18 3.97 -5.36 -15.88
N GLN A 19 3.01 -4.74 -16.56
CA GLN A 19 3.31 -3.88 -17.71
C GLN A 19 4.17 -2.70 -17.28
N TRP A 20 3.73 -1.99 -16.25
CA TRP A 20 4.47 -0.83 -15.76
C TRP A 20 5.92 -1.20 -15.45
N LEU A 21 6.11 -2.13 -14.51
CA LEU A 21 7.45 -2.56 -14.13
C LEU A 21 8.25 -2.96 -15.36
N GLU A 22 7.63 -3.71 -16.26
CA GLU A 22 8.30 -4.15 -17.48
C GLU A 22 8.77 -2.97 -18.31
N SER A 23 7.98 -1.90 -18.31
CA SER A 23 8.32 -0.69 -19.07
C SER A 23 9.50 0.02 -18.44
N ILE A 24 9.37 0.38 -17.17
CA ILE A 24 10.43 1.08 -16.45
C ILE A 24 11.71 0.24 -16.41
N GLY A 25 11.54 -1.08 -16.51
CA GLY A 25 12.68 -1.96 -16.48
C GLY A 25 12.39 -3.31 -17.11
N LEU A 26 12.20 -4.34 -16.27
CA LEU A 26 11.92 -5.68 -16.77
C LEU A 26 11.19 -6.50 -15.71
N PRO A 27 10.45 -7.53 -16.15
CA PRO A 27 9.70 -8.41 -15.25
C PRO A 27 10.62 -9.29 -14.41
N GLN A 28 11.28 -8.69 -13.43
CA GLN A 28 12.18 -9.42 -12.55
C GLN A 28 11.79 -9.23 -11.08
N TYR A 29 11.28 -8.06 -10.76
CA TYR A 29 10.87 -7.75 -9.39
C TYR A 29 9.35 -7.86 -9.24
N GLU A 30 8.67 -8.14 -10.35
CA GLU A 30 7.23 -8.27 -10.35
C GLU A 30 6.77 -9.24 -9.25
N ASN A 31 7.34 -10.44 -9.27
CA ASN A 31 7.00 -11.46 -8.29
C ASN A 31 7.07 -10.91 -6.87
N HIS A 32 8.26 -10.48 -6.48
CA HIS A 32 8.47 -9.92 -5.14
C HIS A 32 7.47 -8.81 -4.86
N LEU A 33 7.23 -7.96 -5.86
CA LEU A 33 6.29 -6.86 -5.72
C LEU A 33 4.92 -7.35 -5.26
N MET A 34 4.24 -8.09 -6.13
CA MET A 34 2.92 -8.64 -5.82
C MET A 34 2.97 -9.47 -4.55
N ALA A 35 4.01 -10.28 -4.42
CA ALA A 35 4.18 -11.13 -3.24
C ALA A 35 4.26 -10.30 -1.97
N ASN A 36 4.78 -9.08 -2.10
CA ASN A 36 4.93 -8.19 -0.96
C ASN A 36 3.74 -7.23 -0.87
N GLY A 37 2.63 -7.60 -1.50
CA GLY A 37 1.44 -6.77 -1.48
C GLY A 37 1.37 -5.82 -2.64
N PHE A 38 2.53 -5.53 -3.24
CA PHE A 38 2.60 -4.62 -4.38
C PHE A 38 2.14 -5.31 -5.66
N ASP A 39 0.84 -5.58 -5.74
CA ASP A 39 0.27 -6.23 -6.92
C ASP A 39 -0.57 -5.26 -7.73
N ASN A 40 -1.00 -4.17 -7.09
CA ASN A 40 -1.81 -3.16 -7.75
C ASN A 40 -1.07 -1.83 -7.84
N VAL A 41 -0.87 -1.35 -9.07
CA VAL A 41 -0.17 -0.09 -9.29
C VAL A 41 -0.76 1.02 -8.44
N GLN A 42 -2.05 0.89 -8.11
CA GLN A 42 -2.73 1.89 -7.30
C GLN A 42 -1.95 2.17 -6.01
N ALA A 43 -1.45 1.10 -5.40
CA ALA A 43 -0.68 1.23 -4.16
C ALA A 43 0.46 2.22 -4.32
N MET A 44 0.91 2.41 -5.56
CA MET A 44 2.00 3.33 -5.85
C MET A 44 1.53 4.78 -5.75
N GLY A 45 0.28 5.02 -6.11
CA GLY A 45 -0.28 6.36 -6.06
C GLY A 45 0.62 7.38 -6.73
N SER A 46 1.03 8.40 -5.99
CA SER A 46 1.88 9.45 -6.52
C SER A 46 3.29 9.36 -5.94
N ASN A 47 3.38 9.46 -4.62
CA ASN A 47 4.67 9.39 -3.94
C ASN A 47 4.65 8.32 -2.84
N VAL A 48 3.78 7.33 -3.01
CA VAL A 48 3.66 6.26 -2.03
C VAL A 48 4.94 5.43 -1.95
N MET A 49 5.25 4.72 -3.02
CA MET A 49 6.44 3.89 -3.08
C MET A 49 7.68 4.70 -2.69
N GLU A 50 8.21 4.44 -1.50
CA GLU A 50 9.38 5.14 -1.00
C GLU A 50 10.62 4.23 -1.05
N ASP A 51 11.79 4.82 -0.82
CA ASP A 51 13.04 4.07 -0.83
C ASP A 51 13.00 2.95 0.19
N GLN A 52 12.51 3.25 1.39
CA GLN A 52 12.42 2.26 2.45
C GLN A 52 11.63 1.04 1.99
N ASP A 53 10.58 1.27 1.23
CA ASP A 53 9.74 0.18 0.72
C ASP A 53 10.48 -0.60 -0.35
N LEU A 54 10.87 0.07 -1.42
CA LEU A 54 11.59 -0.57 -2.52
C LEU A 54 12.80 -1.33 -2.01
N LEU A 55 13.34 -0.88 -0.89
CA LEU A 55 14.51 -1.53 -0.29
C LEU A 55 14.08 -2.69 0.62
N GLU A 56 12.96 -2.52 1.29
CA GLU A 56 12.44 -3.55 2.19
C GLU A 56 12.01 -4.78 1.41
N ILE A 57 11.53 -4.56 0.19
CA ILE A 57 11.09 -5.66 -0.67
C ILE A 57 12.20 -6.69 -0.88
N GLY A 58 13.16 -6.33 -1.70
CA GLY A 58 14.27 -7.23 -1.97
C GLY A 58 14.99 -6.91 -3.27
N ILE A 59 15.14 -5.62 -3.56
CA ILE A 59 15.80 -5.18 -4.78
C ILE A 59 17.32 -5.23 -4.62
N LEU A 60 18.01 -5.55 -5.71
CA LEU A 60 19.47 -5.63 -5.70
C LEU A 60 20.08 -4.24 -5.69
N ASN A 61 21.42 -4.19 -5.64
CA ASN A 61 22.13 -2.91 -5.63
C ASN A 61 22.61 -2.54 -7.03
N SER A 62 21.89 -3.02 -8.04
CA SER A 62 22.25 -2.76 -9.42
C SER A 62 22.09 -1.28 -9.75
N GLY A 63 20.84 -0.79 -9.71
CA GLY A 63 20.57 0.60 -9.99
C GLY A 63 19.17 0.82 -10.52
N HIS A 64 18.18 0.23 -9.84
CA HIS A 64 16.79 0.36 -10.25
C HIS A 64 16.01 1.20 -9.24
N ARG A 65 16.61 1.42 -8.07
CA ARG A 65 15.97 2.21 -7.02
C ARG A 65 15.48 3.54 -7.56
N GLN A 66 16.40 4.36 -8.07
CA GLN A 66 16.06 5.66 -8.62
C GLN A 66 15.00 5.53 -9.70
N ARG A 67 15.20 4.60 -10.62
CA ARG A 67 14.25 4.39 -11.71
C ARG A 67 12.84 4.20 -11.17
N ILE A 68 12.68 3.24 -10.27
CA ILE A 68 11.37 2.96 -9.68
C ILE A 68 10.81 4.20 -8.97
N LEU A 69 11.67 4.88 -8.22
CA LEU A 69 11.27 6.08 -7.49
C LEU A 69 10.72 7.14 -8.45
N GLN A 70 11.59 7.66 -9.30
CA GLN A 70 11.19 8.69 -10.26
C GLN A 70 9.96 8.24 -11.05
N ALA A 71 9.87 6.95 -11.33
CA ALA A 71 8.74 6.40 -12.06
C ALA A 71 7.44 6.61 -11.31
N ILE A 72 7.40 6.14 -10.07
CA ILE A 72 6.22 6.27 -9.24
C ILE A 72 5.84 7.74 -9.04
N GLN A 73 6.86 8.60 -8.94
CA GLN A 73 6.65 10.02 -8.76
C GLN A 73 6.17 10.67 -10.06
N LEU A 74 6.56 10.08 -11.18
CA LEU A 74 6.17 10.61 -12.48
C LEU A 74 4.85 10.01 -12.95
N LEU A 75 4.45 8.91 -12.32
CA LEU A 75 3.20 8.24 -12.66
C LEU A 75 2.05 9.22 -12.69
N PRO A 76 1.07 8.96 -13.56
CA PRO A 76 -0.12 9.81 -13.70
C PRO A 76 -1.04 9.73 -12.49
N LYS A 77 -2.23 10.31 -12.61
CA LYS A 77 -3.21 10.30 -11.53
C LYS A 77 -2.58 10.80 -10.24
N MET A 78 -2.04 12.01 -10.27
CA MET A 78 -1.41 12.60 -9.09
C MET A 78 -2.46 13.00 -8.06
N ARG A 79 -3.71 13.00 -8.46
CA ARG A 79 -4.82 13.36 -7.58
C ARG A 79 -4.68 14.82 -7.12
N PRO A 80 -4.93 15.75 -8.07
CA PRO A 80 -4.85 17.19 -7.79
C PRO A 80 -5.97 17.66 -6.88
N ILE A 81 -7.12 17.01 -6.97
CA ILE A 81 -8.27 17.37 -6.15
C ILE A 81 -8.00 17.10 -4.67
N GLY A 82 -7.19 16.09 -4.40
CA GLY A 82 -6.87 15.74 -3.03
C GLY A 82 -5.97 14.53 -2.94
N HIS A 83 -5.45 14.27 -1.74
CA HIS A 83 -4.56 13.13 -1.51
C HIS A 83 -5.35 11.95 -0.93
N ASP A 84 -6.12 12.22 0.11
CA ASP A 84 -6.92 11.18 0.76
C ASP A 84 -8.30 11.70 1.11
N GLY A 85 -9.14 10.82 1.66
CA GLY A 85 -10.49 11.21 2.03
C GLY A 85 -11.36 10.01 2.35
N ALA A 86 -11.56 9.74 3.64
CA ALA A 86 -12.38 8.63 4.08
C ALA A 86 -13.62 9.12 4.82
N HIS A 87 -14.46 8.18 5.23
CA HIS A 87 -15.70 8.51 5.94
C HIS A 87 -15.88 7.60 7.15
N PRO A 88 -16.72 8.03 8.10
CA PRO A 88 -17.01 7.27 9.31
C PRO A 88 -17.83 6.02 9.03
N THR A 89 -17.18 4.86 9.08
CA THR A 89 -17.85 3.59 8.83
C THR A 89 -17.15 2.44 9.55
N SER A 90 -17.67 1.23 9.37
CA SER A 90 -17.09 0.05 10.00
C SER A 90 -15.84 -0.41 9.27
N VAL A 91 -15.08 -1.30 9.91
CA VAL A 91 -13.86 -1.82 9.31
C VAL A 91 -14.12 -2.40 7.92
N ALA A 92 -15.26 -3.06 7.76
CA ALA A 92 -15.62 -3.65 6.48
C ALA A 92 -15.65 -2.59 5.38
N GLU A 93 -16.58 -1.65 5.50
CA GLU A 93 -16.71 -0.58 4.51
C GLU A 93 -15.37 0.10 4.27
N TRP A 94 -14.65 0.40 5.35
CA TRP A 94 -13.36 1.06 5.25
C TRP A 94 -12.41 0.25 4.38
N LEU A 95 -12.09 -0.96 4.83
CA LEU A 95 -11.18 -1.83 4.09
C LEU A 95 -11.71 -2.09 2.69
N ASP A 96 -13.01 -1.94 2.50
CA ASP A 96 -13.64 -2.15 1.20
C ASP A 96 -13.04 -1.21 0.16
N SER A 97 -12.44 -0.11 0.62
CA SER A 97 -11.84 0.86 -0.28
C SER A 97 -10.32 0.72 -0.29
N ILE A 98 -9.78 -0.02 0.68
CA ILE A 98 -8.35 -0.24 0.77
C ILE A 98 -7.93 -1.46 -0.04
N GLU A 99 -8.86 -2.00 -0.82
CA GLU A 99 -8.58 -3.16 -1.66
C GLU A 99 -8.34 -4.39 -0.79
N LEU A 100 -8.68 -4.30 0.49
CA LEU A 100 -8.50 -5.40 1.42
C LEU A 100 -9.83 -5.99 1.84
N GLY A 101 -9.80 -7.02 2.68
CA GLY A 101 -11.02 -7.65 3.14
C GLY A 101 -10.76 -8.66 4.23
N ASP A 102 -9.85 -9.60 3.97
CA ASP A 102 -9.52 -10.65 4.95
C ASP A 102 -9.20 -10.03 6.31
N TYR A 103 -8.55 -8.88 6.29
CA TYR A 103 -8.18 -8.19 7.52
C TYR A 103 -9.40 -7.99 8.42
N THR A 104 -10.56 -7.84 7.80
CA THR A 104 -11.81 -7.64 8.53
C THR A 104 -11.92 -8.64 9.68
N LYS A 105 -11.43 -9.85 9.45
CA LYS A 105 -11.48 -10.89 10.47
C LYS A 105 -10.65 -10.52 11.69
N ALA A 106 -9.39 -10.18 11.44
CA ALA A 106 -8.48 -9.80 12.52
C ALA A 106 -8.93 -8.51 13.19
N PHE A 107 -9.25 -7.51 12.38
CA PHE A 107 -9.70 -6.22 12.89
C PHE A 107 -10.95 -6.38 13.76
N LEU A 108 -11.85 -7.25 13.33
CA LEU A 108 -13.08 -7.51 14.06
C LEU A 108 -12.79 -8.24 15.37
N ILE A 109 -12.23 -9.44 15.26
CA ILE A 109 -11.90 -10.24 16.44
C ILE A 109 -11.09 -9.42 17.45
N ASN A 110 -10.31 -8.48 16.95
CA ASN A 110 -9.49 -7.63 17.80
C ASN A 110 -10.33 -6.53 18.45
N GLY A 111 -11.37 -6.10 17.74
CA GLY A 111 -12.24 -5.07 18.26
C GLY A 111 -11.92 -3.69 17.68
N TYR A 112 -11.82 -3.63 16.36
CA TYR A 112 -11.51 -2.37 15.68
C TYR A 112 -12.76 -1.76 15.08
N THR A 113 -13.91 -2.07 15.68
CA THR A 113 -15.19 -1.54 15.21
C THR A 113 -15.15 -0.02 15.10
N SER A 114 -14.96 0.64 16.23
CA SER A 114 -14.90 2.10 16.27
C SER A 114 -13.90 2.63 15.24
N MET A 115 -14.35 3.57 14.41
CA MET A 115 -13.51 4.15 13.38
C MET A 115 -12.30 4.85 14.00
N ASP A 116 -12.57 5.80 14.91
CA ASP A 116 -11.50 6.53 15.58
C ASP A 116 -10.45 5.58 16.15
N LEU A 117 -10.89 4.37 16.51
CA LEU A 117 -9.98 3.38 17.06
C LEU A 117 -8.77 3.17 16.16
N LEU A 118 -9.02 3.11 14.86
CA LEU A 118 -7.95 2.91 13.88
C LEU A 118 -6.97 4.08 13.91
N LYS A 119 -7.47 5.26 14.30
CA LYS A 119 -6.65 6.45 14.38
C LYS A 119 -6.15 6.68 15.80
N LYS A 120 -6.43 5.74 16.68
CA LYS A 120 -6.01 5.83 18.07
C LYS A 120 -4.82 4.91 18.35
N ILE A 121 -4.20 4.41 17.27
CA ILE A 121 -3.05 3.53 17.40
C ILE A 121 -1.86 4.06 16.60
N ALA A 122 -0.77 3.30 16.60
CA ALA A 122 0.43 3.68 15.87
C ALA A 122 0.95 2.53 15.02
N GLU A 123 2.02 2.79 14.27
CA GLU A 123 2.62 1.77 13.41
C GLU A 123 2.89 0.49 14.21
N VAL A 124 3.77 0.59 15.19
CA VAL A 124 4.13 -0.55 16.03
C VAL A 124 2.89 -1.27 16.52
N GLU A 125 1.91 -0.50 16.99
CA GLU A 125 0.67 -1.06 17.50
C GLU A 125 0.02 -1.97 16.47
N LEU A 126 -0.10 -1.48 15.24
CA LEU A 126 -0.69 -2.24 14.15
C LEU A 126 0.12 -3.49 13.85
N ILE A 127 1.44 -3.36 13.93
CA ILE A 127 2.33 -4.49 13.67
C ILE A 127 2.33 -5.48 14.82
N ASN A 128 1.90 -5.01 15.99
CA ASN A 128 1.84 -5.85 17.19
C ASN A 128 0.45 -6.39 17.40
N VAL A 129 -0.54 -5.78 16.75
CA VAL A 129 -1.92 -6.20 16.87
C VAL A 129 -2.38 -6.96 15.63
N LEU A 130 -2.34 -6.28 14.48
CA LEU A 130 -2.74 -6.89 13.22
C LEU A 130 -1.59 -7.67 12.60
N LYS A 131 -0.38 -7.30 12.95
CA LYS A 131 0.82 -7.97 12.43
C LYS A 131 0.91 -7.82 10.92
N ILE A 132 0.76 -6.58 10.44
CA ILE A 132 0.83 -6.31 9.01
C ILE A 132 2.26 -6.05 8.56
N ASN A 133 2.93 -7.10 8.09
CA ASN A 133 4.30 -6.99 7.63
C ASN A 133 4.35 -6.66 6.14
N LEU A 134 3.41 -7.22 5.39
CA LEU A 134 3.34 -7.00 3.95
C LEU A 134 3.39 -5.51 3.63
N ILE A 135 4.42 -5.10 2.89
CA ILE A 135 4.59 -3.69 2.51
C ILE A 135 3.31 -3.15 1.88
N GLY A 136 2.82 -3.86 0.86
CA GLY A 136 1.61 -3.43 0.17
C GLY A 136 0.48 -3.11 1.14
N HIS A 137 -0.08 -4.15 1.75
CA HIS A 137 -1.17 -3.98 2.70
C HIS A 137 -0.82 -2.95 3.77
N ARG A 138 0.44 -2.97 4.20
CA ARG A 138 0.91 -2.04 5.21
C ARG A 138 0.77 -0.60 4.73
N LYS A 139 1.63 -0.20 3.80
CA LYS A 139 1.61 1.14 3.25
C LYS A 139 0.20 1.55 2.85
N ARG A 140 -0.53 0.62 2.22
CA ARG A 140 -1.89 0.88 1.79
C ARG A 140 -2.75 1.37 2.94
N ILE A 141 -2.93 0.51 3.94
CA ILE A 141 -3.72 0.85 5.11
C ILE A 141 -3.15 2.07 5.83
N LEU A 142 -1.86 2.02 6.14
CA LEU A 142 -1.19 3.13 6.81
C LEU A 142 -1.47 4.46 6.12
N ALA A 143 -1.49 4.43 4.78
CA ALA A 143 -1.75 5.62 4.00
C ALA A 143 -3.20 6.07 4.14
N SER A 144 -4.12 5.12 3.99
CA SER A 144 -5.55 5.41 4.10
C SER A 144 -5.87 6.07 5.44
N LEU A 145 -5.26 5.56 6.51
CA LEU A 145 -5.48 6.09 7.85
C LEU A 145 -4.79 7.43 8.02
N GLY A 146 -3.48 7.45 7.76
CA GLY A 146 -2.71 8.68 7.89
C GLY A 146 -1.35 8.46 8.52
N ASP A 147 -0.34 9.16 8.02
CA ASP A 147 1.01 9.03 8.54
C ASP A 147 1.25 10.01 9.68
N ARG A 148 2.26 9.72 10.50
CA ARG A 148 2.59 10.58 11.63
C ARG A 148 3.51 11.71 11.22
N VAL A 14 -6.85 3.12 -15.66
CA VAL A 14 -6.47 1.75 -15.36
C VAL A 14 -4.98 1.53 -15.56
N GLN A 15 -4.41 0.63 -14.77
CA GLN A 15 -2.98 0.33 -14.85
C GLN A 15 -2.67 -1.00 -14.18
N THR A 16 -1.40 -1.42 -14.27
CA THR A 16 -0.97 -2.67 -13.67
C THR A 16 0.53 -2.66 -13.41
N VAL A 17 0.93 -3.15 -12.24
CA VAL A 17 2.33 -3.20 -11.87
C VAL A 17 3.17 -3.84 -12.97
N GLY A 18 2.64 -4.91 -13.58
CA GLY A 18 3.35 -5.58 -14.64
C GLY A 18 3.65 -4.67 -15.81
N GLN A 19 2.68 -3.85 -16.19
CA GLN A 19 2.84 -2.92 -17.30
C GLN A 19 3.84 -1.82 -16.94
N TRP A 20 3.58 -1.14 -15.83
CA TRP A 20 4.44 -0.05 -15.38
C TRP A 20 5.88 -0.55 -15.20
N LEU A 21 6.02 -1.70 -14.55
CA LEU A 21 7.34 -2.27 -14.29
C LEU A 21 8.03 -2.64 -15.61
N GLU A 22 7.31 -3.32 -16.48
CA GLU A 22 7.86 -3.72 -17.78
C GLU A 22 8.29 -2.51 -18.59
N SER A 23 7.56 -1.40 -18.42
CA SER A 23 7.87 -0.17 -19.14
C SER A 23 9.15 0.45 -18.62
N ILE A 24 9.21 0.66 -17.31
CA ILE A 24 10.39 1.26 -16.68
C ILE A 24 11.60 0.34 -16.81
N GLY A 25 11.34 -0.96 -16.97
CA GLY A 25 12.42 -1.91 -17.10
C GLY A 25 11.96 -3.23 -17.71
N LEU A 26 11.80 -4.24 -16.87
CA LEU A 26 11.36 -5.56 -17.33
C LEU A 26 10.61 -6.29 -16.23
N PRO A 27 9.81 -7.29 -16.64
CA PRO A 27 9.02 -8.09 -15.71
C PRO A 27 9.88 -9.02 -14.86
N GLN A 28 10.49 -8.46 -13.81
CA GLN A 28 11.35 -9.24 -12.93
C GLN A 28 10.95 -9.04 -11.47
N TYR A 29 10.58 -7.81 -11.13
CA TYR A 29 10.18 -7.49 -9.75
C TYR A 29 8.68 -7.68 -9.57
N GLU A 30 7.99 -7.99 -10.66
CA GLU A 30 6.55 -8.20 -10.63
C GLU A 30 6.17 -9.21 -9.55
N ASN A 31 6.89 -10.33 -9.52
CA ASN A 31 6.63 -11.38 -8.53
C ASN A 31 6.85 -10.86 -7.11
N HIS A 32 7.99 -10.24 -6.89
CA HIS A 32 8.33 -9.69 -5.57
C HIS A 32 7.28 -8.67 -5.13
N LEU A 33 7.14 -7.60 -5.92
CA LEU A 33 6.18 -6.55 -5.62
C LEU A 33 4.81 -7.13 -5.33
N MET A 34 4.28 -7.91 -6.28
CA MET A 34 2.97 -8.52 -6.11
C MET A 34 2.88 -9.27 -4.79
N ALA A 35 3.83 -10.17 -4.55
CA ALA A 35 3.86 -10.95 -3.33
C ALA A 35 4.02 -10.04 -2.10
N ASN A 36 4.56 -8.85 -2.33
CA ASN A 36 4.77 -7.89 -1.25
C ASN A 36 3.56 -6.99 -1.08
N GLY A 37 2.45 -7.37 -1.71
CA GLY A 37 1.24 -6.58 -1.62
C GLY A 37 1.11 -5.57 -2.74
N PHE A 38 2.24 -5.27 -3.39
CA PHE A 38 2.26 -4.30 -4.48
C PHE A 38 1.81 -4.95 -5.78
N ASP A 39 0.59 -5.49 -5.78
CA ASP A 39 0.04 -6.13 -6.96
C ASP A 39 -0.75 -5.15 -7.81
N ASN A 40 -1.18 -4.06 -7.18
CA ASN A 40 -1.95 -3.03 -7.87
C ASN A 40 -1.24 -1.67 -7.82
N VAL A 41 -1.01 -1.08 -8.97
CA VAL A 41 -0.34 0.21 -9.05
C VAL A 41 -1.00 1.23 -8.13
N GLN A 42 -2.33 1.17 -8.06
CA GLN A 42 -3.09 2.10 -7.21
C GLN A 42 -2.64 1.99 -5.75
N ALA A 43 -2.24 0.79 -5.35
CA ALA A 43 -1.78 0.57 -3.99
C ALA A 43 -0.68 1.55 -3.60
N MET A 44 0.05 2.04 -4.60
CA MET A 44 1.13 2.99 -4.37
C MET A 44 0.65 4.17 -3.54
N GLY A 45 -0.59 4.58 -3.78
CA GLY A 45 -1.14 5.70 -3.05
C GLY A 45 -0.44 7.01 -3.36
N SER A 46 0.62 7.30 -2.61
CA SER A 46 1.38 8.53 -2.80
C SER A 46 1.80 8.68 -4.26
N ASN A 47 2.33 9.86 -4.60
CA ASN A 47 2.78 10.13 -5.96
C ASN A 47 4.14 9.52 -6.23
N VAL A 48 4.85 9.18 -5.15
CA VAL A 48 6.17 8.60 -5.27
C VAL A 48 6.40 7.56 -4.18
N MET A 49 7.11 6.47 -4.54
CA MET A 49 7.40 5.41 -3.59
C MET A 49 8.49 5.83 -2.61
N GLU A 50 8.38 5.37 -1.37
CA GLU A 50 9.37 5.70 -0.34
C GLU A 50 10.54 4.72 -0.38
N ASP A 51 11.74 5.25 -0.17
CA ASP A 51 12.95 4.42 -0.18
C ASP A 51 12.80 3.23 0.76
N GLN A 52 12.21 3.47 1.93
CA GLN A 52 12.01 2.42 2.92
C GLN A 52 11.29 1.23 2.30
N ASP A 53 10.17 1.49 1.63
CA ASP A 53 9.39 0.43 0.99
C ASP A 53 10.19 -0.22 -0.12
N LEU A 54 10.76 0.60 -1.00
CA LEU A 54 11.54 0.09 -2.12
C LEU A 54 12.59 -0.91 -1.64
N LEU A 55 13.36 -0.53 -0.63
CA LEU A 55 14.39 -1.40 -0.07
C LEU A 55 13.77 -2.57 0.68
N GLU A 56 12.61 -2.33 1.28
CA GLU A 56 11.91 -3.38 2.03
C GLU A 56 11.40 -4.46 1.10
N ILE A 57 11.06 -4.08 -0.13
CA ILE A 57 10.57 -5.03 -1.11
C ILE A 57 11.49 -6.24 -1.24
N GLY A 58 12.74 -5.97 -1.62
CA GLY A 58 13.71 -7.05 -1.76
C GLY A 58 14.71 -6.79 -2.87
N ILE A 59 14.42 -5.79 -3.70
CA ILE A 59 15.30 -5.44 -4.80
C ILE A 59 16.74 -5.25 -4.32
N LEU A 60 17.64 -6.06 -4.87
CA LEU A 60 19.05 -5.98 -4.49
C LEU A 60 19.60 -4.58 -4.71
N ASN A 61 20.88 -4.39 -4.39
CA ASN A 61 21.52 -3.08 -4.55
C ASN A 61 22.25 -3.01 -5.89
N SER A 62 21.81 -3.82 -6.85
CA SER A 62 22.42 -3.84 -8.17
C SER A 62 22.41 -2.44 -8.80
N GLY A 63 21.24 -1.83 -8.86
CA GLY A 63 21.12 -0.50 -9.43
C GLY A 63 19.72 -0.22 -9.95
N HIS A 64 18.71 -0.63 -9.20
CA HIS A 64 17.33 -0.43 -9.59
C HIS A 64 16.64 0.56 -8.65
N ARG A 65 17.23 0.77 -7.48
CA ARG A 65 16.68 1.68 -6.49
C ARG A 65 16.36 3.04 -7.13
N GLN A 66 17.40 3.70 -7.63
CA GLN A 66 17.23 5.01 -8.26
C GLN A 66 16.33 4.90 -9.49
N ARG A 67 16.45 3.80 -10.22
CA ARG A 67 15.65 3.58 -11.41
C ARG A 67 14.16 3.62 -11.08
N ILE A 68 13.72 2.69 -10.25
CA ILE A 68 12.31 2.61 -9.87
C ILE A 68 11.86 3.91 -9.22
N LEU A 69 12.64 4.40 -8.26
CA LEU A 69 12.31 5.65 -7.57
C LEU A 69 12.12 6.79 -8.57
N GLN A 70 13.09 6.96 -9.44
CA GLN A 70 13.03 8.03 -10.45
C GLN A 70 11.77 7.89 -11.29
N ALA A 71 11.47 6.66 -11.72
CA ALA A 71 10.30 6.41 -12.55
C ALA A 71 9.02 6.70 -11.77
N ILE A 72 8.80 5.94 -10.70
CA ILE A 72 7.61 6.12 -9.86
C ILE A 72 7.45 7.57 -9.45
N GLN A 73 8.56 8.29 -9.36
CA GLN A 73 8.54 9.70 -8.97
C GLN A 73 8.11 10.57 -10.13
N LEU A 74 8.59 10.25 -11.33
CA LEU A 74 8.25 11.02 -12.52
C LEU A 74 6.94 10.52 -13.13
N LEU A 75 6.40 9.45 -12.57
CA LEU A 75 5.14 8.88 -13.06
C LEU A 75 4.10 9.97 -13.27
N PRO A 76 3.77 10.69 -12.18
CA PRO A 76 2.78 11.77 -12.22
C PRO A 76 3.28 12.98 -12.99
N LYS A 77 2.94 13.05 -14.27
CA LYS A 77 3.36 14.16 -15.12
C LYS A 77 2.51 15.40 -14.85
N MET A 78 1.20 15.27 -15.04
CA MET A 78 0.28 16.38 -14.82
C MET A 78 -1.05 15.88 -14.27
N ARG A 79 -1.86 16.81 -13.77
CA ARG A 79 -3.16 16.46 -13.21
C ARG A 79 -3.02 15.46 -12.06
N PRO A 80 -2.52 15.95 -10.92
CA PRO A 80 -2.32 15.13 -9.72
C PRO A 80 -3.63 14.71 -9.09
N ILE A 81 -4.16 13.57 -9.52
CA ILE A 81 -5.42 13.05 -8.99
C ILE A 81 -5.27 12.63 -7.52
N GLY A 82 -6.26 12.97 -6.71
CA GLY A 82 -6.21 12.62 -5.30
C GLY A 82 -7.38 13.20 -4.53
N HIS A 83 -8.59 12.74 -4.84
CA HIS A 83 -9.78 13.21 -4.17
C HIS A 83 -10.38 12.12 -3.27
N ASP A 84 -9.52 11.24 -2.78
CA ASP A 84 -9.95 10.16 -1.91
C ASP A 84 -10.34 10.68 -0.53
N GLY A 85 -11.52 10.27 -0.06
CA GLY A 85 -11.99 10.71 1.24
C GLY A 85 -12.62 9.60 2.04
N ALA A 86 -12.21 9.46 3.29
CA ALA A 86 -12.75 8.42 4.16
C ALA A 86 -14.14 8.78 4.65
N HIS A 87 -14.75 7.87 5.42
CA HIS A 87 -16.09 8.10 5.95
C HIS A 87 -16.34 7.22 7.17
N PRO A 88 -17.34 7.62 7.98
CA PRO A 88 -17.70 6.89 9.20
C PRO A 88 -18.34 5.54 8.90
N THR A 89 -17.51 4.51 8.74
CA THR A 89 -17.98 3.17 8.45
C THR A 89 -17.25 2.12 9.29
N SER A 90 -17.71 0.88 9.21
CA SER A 90 -17.10 -0.21 9.96
C SER A 90 -15.83 -0.71 9.27
N VAL A 91 -15.09 -1.57 9.96
CA VAL A 91 -13.85 -2.11 9.43
C VAL A 91 -14.10 -2.84 8.11
N ALA A 92 -15.25 -3.50 8.01
CA ALA A 92 -15.61 -4.23 6.80
C ALA A 92 -15.69 -3.29 5.60
N GLU A 93 -16.70 -2.44 5.59
CA GLU A 93 -16.89 -1.49 4.50
C GLU A 93 -15.63 -0.66 4.26
N TRP A 94 -14.90 -0.39 5.35
CA TRP A 94 -13.67 0.40 5.27
C TRP A 94 -12.64 -0.30 4.39
N LEU A 95 -12.38 -1.57 4.67
CA LEU A 95 -11.41 -2.34 3.91
C LEU A 95 -11.96 -2.69 2.53
N ASP A 96 -13.28 -2.71 2.41
CA ASP A 96 -13.94 -3.01 1.14
C ASP A 96 -13.49 -2.05 0.05
N SER A 97 -13.10 -0.84 0.46
CA SER A 97 -12.64 0.17 -0.48
C SER A 97 -11.12 0.21 -0.55
N ILE A 98 -10.48 -0.86 -0.09
CA ILE A 98 -9.04 -0.95 -0.10
C ILE A 98 -8.56 -2.30 -0.64
N GLU A 99 -9.52 -3.09 -1.15
CA GLU A 99 -9.21 -4.40 -1.70
C GLU A 99 -8.79 -5.37 -0.59
N LEU A 100 -9.12 -5.02 0.64
CA LEU A 100 -8.78 -5.86 1.79
C LEU A 100 -10.05 -6.43 2.44
N GLY A 101 -9.95 -7.66 2.92
CA GLY A 101 -11.08 -8.30 3.56
C GLY A 101 -10.67 -9.22 4.68
N ASP A 102 -9.67 -10.05 4.44
CA ASP A 102 -9.19 -10.99 5.44
C ASP A 102 -8.89 -10.27 6.75
N TYR A 103 -8.36 -9.05 6.64
CA TYR A 103 -8.02 -8.25 7.82
C TYR A 103 -9.22 -8.13 8.75
N THR A 104 -10.42 -8.18 8.18
CA THR A 104 -11.65 -8.08 8.97
C THR A 104 -11.62 -9.02 10.16
N LYS A 105 -11.00 -10.19 9.97
CA LYS A 105 -10.91 -11.19 11.03
C LYS A 105 -10.06 -10.66 12.19
N ALA A 106 -8.81 -10.33 11.90
CA ALA A 106 -7.90 -9.82 12.90
C ALA A 106 -8.44 -8.53 13.53
N PHE A 107 -8.85 -7.60 12.69
CA PHE A 107 -9.38 -6.32 13.15
C PHE A 107 -10.56 -6.53 14.10
N LEU A 108 -11.45 -7.45 13.72
CA LEU A 108 -12.62 -7.76 14.53
C LEU A 108 -12.21 -8.31 15.89
N ILE A 109 -11.49 -9.42 15.89
CA ILE A 109 -11.04 -10.04 17.13
C ILE A 109 -10.20 -9.08 17.95
N ASN A 110 -9.54 -8.14 17.27
CA ASN A 110 -8.70 -7.16 17.94
C ASN A 110 -9.56 -6.10 18.64
N GLY A 111 -10.81 -6.01 18.23
CA GLY A 111 -11.71 -5.04 18.84
C GLY A 111 -11.68 -3.69 18.13
N TYR A 112 -11.61 -3.73 16.80
CA TYR A 112 -11.57 -2.51 16.01
C TYR A 112 -12.96 -2.12 15.53
N THR A 113 -13.98 -2.55 16.26
CA THR A 113 -15.36 -2.25 15.91
C THR A 113 -15.56 -0.76 15.67
N SER A 114 -14.84 0.06 16.43
CA SER A 114 -14.93 1.50 16.30
C SER A 114 -13.80 2.05 15.44
N MET A 115 -14.16 2.73 14.35
CA MET A 115 -13.17 3.30 13.45
C MET A 115 -12.23 4.24 14.19
N ASP A 116 -12.71 4.78 15.31
CA ASP A 116 -11.91 5.71 16.12
C ASP A 116 -10.53 5.12 16.40
N LEU A 117 -10.49 3.83 16.74
CA LEU A 117 -9.24 3.15 17.03
C LEU A 117 -8.29 3.21 15.84
N LEU A 118 -8.86 3.18 14.63
CA LEU A 118 -8.07 3.22 13.41
C LEU A 118 -7.31 4.55 13.31
N LYS A 119 -7.78 5.55 14.04
CA LYS A 119 -7.13 6.86 14.04
C LYS A 119 -6.49 7.16 15.39
N LYS A 120 -6.31 6.11 16.19
CA LYS A 120 -5.71 6.26 17.51
C LYS A 120 -4.58 5.25 17.71
N ILE A 121 -4.00 4.79 16.61
CA ILE A 121 -2.91 3.81 16.66
C ILE A 121 -1.77 4.22 15.74
N ALA A 122 -0.55 3.81 16.10
CA ALA A 122 0.63 4.12 15.31
C ALA A 122 1.14 2.90 14.56
N GLU A 123 2.24 3.07 13.83
CA GLU A 123 2.82 1.97 13.06
C GLU A 123 3.09 0.76 13.96
N VAL A 124 3.85 0.98 15.03
CA VAL A 124 4.18 -0.08 15.96
C VAL A 124 2.93 -0.82 16.43
N GLU A 125 1.89 -0.05 16.74
CA GLU A 125 0.63 -0.63 17.20
C GLU A 125 0.00 -1.50 16.11
N LEU A 126 0.08 -1.04 14.87
CA LEU A 126 -0.48 -1.78 13.75
C LEU A 126 0.23 -3.11 13.55
N ILE A 127 1.56 -3.09 13.69
CA ILE A 127 2.37 -4.29 13.54
C ILE A 127 2.32 -5.14 14.80
N ASN A 128 1.95 -4.51 15.91
CA ASN A 128 1.87 -5.22 17.19
C ASN A 128 0.48 -5.79 17.41
N VAL A 129 -0.49 -5.25 16.68
CA VAL A 129 -1.88 -5.71 16.79
C VAL A 129 -2.31 -6.48 15.55
N LEU A 130 -2.22 -5.83 14.40
CA LEU A 130 -2.60 -6.46 13.13
C LEU A 130 -1.43 -7.26 12.55
N LYS A 131 -0.21 -6.82 12.82
CA LYS A 131 0.98 -7.50 12.34
C LYS A 131 1.05 -7.44 10.81
N ILE A 132 0.91 -6.25 10.26
CA ILE A 132 0.96 -6.06 8.82
C ILE A 132 2.39 -5.83 8.33
N ASN A 133 3.06 -6.92 7.96
CA ASN A 133 4.44 -6.84 7.48
C ASN A 133 4.48 -6.52 5.98
N LEU A 134 3.43 -6.94 5.28
CA LEU A 134 3.35 -6.71 3.84
C LEU A 134 3.36 -5.21 3.53
N ILE A 135 4.30 -4.80 2.69
CA ILE A 135 4.42 -3.40 2.31
C ILE A 135 3.14 -2.90 1.66
N GLY A 136 2.66 -3.63 0.66
CA GLY A 136 1.44 -3.25 -0.02
C GLY A 136 0.30 -2.95 0.93
N HIS A 137 -0.22 -3.99 1.57
CA HIS A 137 -1.32 -3.85 2.52
C HIS A 137 -1.01 -2.75 3.53
N ARG A 138 0.24 -2.70 3.99
CA ARG A 138 0.66 -1.70 4.96
C ARG A 138 0.43 -0.29 4.43
N LYS A 139 1.18 0.07 3.38
CA LYS A 139 1.06 1.39 2.78
C LYS A 139 -0.39 1.69 2.40
N ARG A 140 -1.04 0.72 1.76
CA ARG A 140 -2.43 0.88 1.35
C ARG A 140 -3.29 1.38 2.51
N ILE A 141 -3.39 0.58 3.55
CA ILE A 141 -4.18 0.94 4.73
C ILE A 141 -3.68 2.24 5.34
N LEU A 142 -2.37 2.35 5.50
CA LEU A 142 -1.76 3.54 6.08
C LEU A 142 -2.25 4.80 5.36
N ALA A 143 -2.29 4.74 4.04
CA ALA A 143 -2.75 5.86 3.23
C ALA A 143 -4.25 6.03 3.31
N SER A 144 -4.96 4.92 3.46
CA SER A 144 -6.42 4.94 3.55
C SER A 144 -6.88 5.72 4.78
N LEU A 145 -6.19 5.50 5.90
CA LEU A 145 -6.52 6.17 7.14
C LEU A 145 -5.91 7.57 7.18
N GLY A 146 -4.67 7.68 6.72
CA GLY A 146 -3.99 8.97 6.71
C GLY A 146 -2.50 8.83 6.72
N ASP A 147 -1.81 9.70 5.97
CA ASP A 147 -0.35 9.67 5.90
C ASP A 147 0.26 10.64 6.90
N ARG A 148 1.06 10.12 7.81
CA ARG A 148 1.71 10.94 8.82
C ARG A 148 2.96 11.62 8.26
N VAL A 14 -7.24 1.82 -15.67
CA VAL A 14 -6.56 1.21 -14.54
C VAL A 14 -5.15 0.78 -14.92
N GLN A 15 -4.21 0.93 -13.99
CA GLN A 15 -2.83 0.55 -14.22
C GLN A 15 -2.47 -0.71 -13.45
N THR A 16 -1.58 -1.51 -14.03
CA THR A 16 -1.15 -2.76 -13.40
C THR A 16 0.31 -2.70 -13.00
N VAL A 17 0.60 -3.11 -11.76
CA VAL A 17 1.97 -3.10 -11.26
C VAL A 17 2.91 -3.86 -12.18
N GLY A 18 2.38 -4.90 -12.83
CA GLY A 18 3.18 -5.69 -13.74
C GLY A 18 3.67 -4.90 -14.93
N GLN A 19 2.74 -4.32 -15.69
CA GLN A 19 3.09 -3.53 -16.86
C GLN A 19 3.97 -2.34 -16.47
N TRP A 20 3.59 -1.66 -15.39
CA TRP A 20 4.35 -0.51 -14.92
C TRP A 20 5.76 -0.91 -14.51
N LEU A 21 5.86 -1.87 -13.59
CA LEU A 21 7.15 -2.35 -13.12
C LEU A 21 8.00 -2.87 -14.28
N GLU A 22 7.33 -3.40 -15.29
CA GLU A 22 8.03 -3.94 -16.47
C GLU A 22 8.44 -2.82 -17.41
N SER A 23 7.67 -1.72 -17.40
CA SER A 23 7.96 -0.58 -18.26
C SER A 23 9.06 0.29 -17.66
N ILE A 24 9.18 0.26 -16.34
CA ILE A 24 10.19 1.03 -15.64
C ILE A 24 11.43 0.19 -15.34
N GLY A 25 11.21 -1.09 -15.12
CA GLY A 25 12.32 -2.00 -14.81
C GLY A 25 12.21 -3.31 -15.55
N LEU A 26 11.93 -4.38 -14.82
CA LEU A 26 11.80 -5.71 -15.42
C LEU A 26 10.87 -6.59 -14.59
N PRO A 27 10.35 -7.65 -15.22
CA PRO A 27 9.44 -8.60 -14.56
C PRO A 27 10.15 -9.45 -13.52
N GLN A 28 11.48 -9.33 -13.46
CA GLN A 28 12.27 -10.08 -12.50
C GLN A 28 11.90 -9.72 -11.06
N TYR A 29 11.21 -8.59 -10.91
CA TYR A 29 10.80 -8.12 -9.59
C TYR A 29 9.29 -8.14 -9.46
N GLU A 30 8.60 -8.39 -10.57
CA GLU A 30 7.15 -8.45 -10.57
C GLU A 30 6.64 -9.39 -9.48
N ASN A 31 7.07 -10.64 -9.54
CA ASN A 31 6.64 -11.64 -8.56
C ASN A 31 6.88 -11.13 -7.14
N HIS A 32 7.99 -10.46 -6.93
CA HIS A 32 8.33 -9.91 -5.62
C HIS A 32 7.33 -8.86 -5.18
N LEU A 33 7.17 -7.82 -6.00
CA LEU A 33 6.23 -6.75 -5.70
C LEU A 33 4.85 -7.30 -5.38
N MET A 34 4.26 -8.01 -6.34
CA MET A 34 2.94 -8.60 -6.15
C MET A 34 2.87 -9.39 -4.86
N ALA A 35 3.82 -10.30 -4.68
CA ALA A 35 3.87 -11.12 -3.47
C ALA A 35 4.03 -10.26 -2.23
N ASN A 36 4.58 -9.07 -2.40
CA ASN A 36 4.79 -8.15 -1.28
C ASN A 36 3.60 -7.19 -1.15
N GLY A 37 2.48 -7.56 -1.74
CA GLY A 37 1.30 -6.72 -1.68
C GLY A 37 1.20 -5.75 -2.84
N PHE A 38 2.34 -5.47 -3.46
CA PHE A 38 2.38 -4.54 -4.59
C PHE A 38 1.85 -5.20 -5.86
N ASP A 39 0.53 -5.39 -5.90
CA ASP A 39 -0.10 -6.01 -7.06
C ASP A 39 -0.90 -4.97 -7.86
N ASN A 40 -1.28 -3.90 -7.20
CA ASN A 40 -2.05 -2.84 -7.84
C ASN A 40 -1.33 -1.49 -7.73
N VAL A 41 -1.11 -0.86 -8.87
CA VAL A 41 -0.42 0.43 -8.91
C VAL A 41 -1.17 1.46 -8.07
N GLN A 42 -2.48 1.27 -7.94
CA GLN A 42 -3.31 2.19 -7.16
C GLN A 42 -2.82 2.28 -5.72
N ALA A 43 -2.18 1.22 -5.26
CA ALA A 43 -1.66 1.17 -3.88
C ALA A 43 -0.71 2.34 -3.62
N MET A 44 -0.11 2.86 -4.68
CA MET A 44 0.82 3.98 -4.57
C MET A 44 0.16 5.28 -5.03
N GLY A 45 -1.15 5.36 -4.87
CA GLY A 45 -1.88 6.55 -5.27
C GLY A 45 -1.44 7.78 -4.50
N SER A 46 -1.83 7.87 -3.23
CA SER A 46 -1.47 9.01 -2.40
C SER A 46 -0.01 8.92 -1.95
N ASN A 47 0.35 7.77 -1.38
CA ASN A 47 1.72 7.56 -0.92
C ASN A 47 2.68 7.41 -2.09
N VAL A 48 3.92 7.04 -1.78
CA VAL A 48 4.93 6.85 -2.81
C VAL A 48 6.03 5.91 -2.33
N MET A 49 6.27 4.84 -3.09
CA MET A 49 7.29 3.86 -2.75
C MET A 49 8.63 4.55 -2.49
N GLU A 50 8.99 4.68 -1.22
CA GLU A 50 10.25 5.32 -0.85
C GLU A 50 11.38 4.31 -0.81
N ASP A 51 12.59 4.78 -0.47
CA ASP A 51 13.76 3.91 -0.39
C ASP A 51 13.50 2.74 0.56
N GLN A 52 12.84 3.02 1.67
CA GLN A 52 12.53 1.99 2.66
C GLN A 52 11.85 0.79 2.00
N ASP A 53 10.70 1.03 1.40
CA ASP A 53 9.94 -0.03 0.73
C ASP A 53 10.77 -0.66 -0.37
N LEU A 54 11.44 0.17 -1.16
CA LEU A 54 12.27 -0.32 -2.26
C LEU A 54 13.23 -1.41 -1.78
N LEU A 55 13.86 -1.18 -0.63
CA LEU A 55 14.78 -2.15 -0.07
C LEU A 55 14.04 -3.29 0.62
N GLU A 56 12.86 -2.98 1.14
CA GLU A 56 12.05 -3.99 1.82
C GLU A 56 11.64 -5.09 0.86
N ILE A 57 11.36 -4.73 -0.38
CA ILE A 57 10.96 -5.70 -1.39
C ILE A 57 12.07 -6.73 -1.63
N GLY A 58 13.12 -6.31 -2.32
CA GLY A 58 14.23 -7.19 -2.60
C GLY A 58 14.92 -6.87 -3.92
N ILE A 59 15.20 -5.59 -4.12
CA ILE A 59 15.87 -5.14 -5.34
C ILE A 59 17.26 -4.62 -5.04
N LEU A 60 18.27 -5.40 -5.41
CA LEU A 60 19.66 -5.02 -5.19
C LEU A 60 20.41 -4.89 -6.51
N ASN A 61 20.64 -3.65 -6.93
CA ASN A 61 21.35 -3.39 -8.18
C ASN A 61 21.88 -1.96 -8.22
N SER A 62 22.47 -1.58 -9.34
CA SER A 62 23.02 -0.24 -9.51
C SER A 62 22.39 0.45 -10.72
N GLY A 63 21.30 1.16 -10.49
CA GLY A 63 20.62 1.86 -11.56
C GLY A 63 19.12 1.66 -11.53
N HIS A 64 18.68 0.60 -10.88
CA HIS A 64 17.26 0.30 -10.78
C HIS A 64 16.60 1.12 -9.67
N ARG A 65 17.33 1.31 -8.57
CA ARG A 65 16.81 2.08 -7.45
C ARG A 65 16.30 3.45 -7.91
N GLN A 66 17.14 4.18 -8.63
CA GLN A 66 16.77 5.50 -9.14
C GLN A 66 15.64 5.40 -10.14
N ARG A 67 15.60 4.29 -10.87
CA ARG A 67 14.56 4.07 -11.88
C ARG A 67 13.18 4.04 -11.23
N ILE A 68 12.97 3.08 -10.34
CA ILE A 68 11.69 2.94 -9.65
C ILE A 68 11.39 4.17 -8.81
N LEU A 69 12.39 4.64 -8.07
CA LEU A 69 12.23 5.82 -7.22
C LEU A 69 11.69 6.99 -8.01
N GLN A 70 12.48 7.48 -8.96
CA GLN A 70 12.07 8.61 -9.79
C GLN A 70 10.75 8.31 -10.50
N ALA A 71 10.58 7.07 -10.93
CA ALA A 71 9.36 6.66 -11.61
C ALA A 71 8.14 6.84 -10.72
N ILE A 72 8.02 5.99 -9.70
CA ILE A 72 6.90 6.06 -8.77
C ILE A 72 6.75 7.46 -8.19
N GLN A 73 7.86 8.19 -8.12
CA GLN A 73 7.85 9.55 -7.58
C GLN A 73 7.25 10.52 -8.59
N LEU A 74 7.47 10.25 -9.87
CA LEU A 74 6.96 11.11 -10.93
C LEU A 74 5.58 10.62 -11.40
N LEU A 75 5.21 9.43 -10.96
CA LEU A 75 3.92 8.85 -11.33
C LEU A 75 2.78 9.84 -11.08
N PRO A 76 2.63 10.27 -9.82
CA PRO A 76 1.59 11.22 -9.41
C PRO A 76 1.86 12.62 -9.95
N LYS A 77 3.12 12.89 -10.28
CA LYS A 77 3.51 14.20 -10.81
C LYS A 77 2.88 14.44 -12.18
N MET A 78 2.64 13.36 -12.91
CA MET A 78 2.04 13.45 -14.24
C MET A 78 0.60 12.95 -14.23
N ARG A 79 0.29 12.06 -13.28
CA ARG A 79 -1.04 11.50 -13.16
C ARG A 79 -1.46 11.39 -11.70
N PRO A 80 -1.77 12.54 -11.09
CA PRO A 80 -2.19 12.60 -9.68
C PRO A 80 -3.58 12.00 -9.47
N ILE A 81 -4.52 12.38 -10.31
CA ILE A 81 -5.88 11.88 -10.22
C ILE A 81 -6.33 11.78 -8.76
N GLY A 82 -5.92 12.76 -7.96
CA GLY A 82 -6.29 12.76 -6.55
C GLY A 82 -7.78 12.97 -6.34
N HIS A 83 -8.31 12.41 -5.26
CA HIS A 83 -9.72 12.54 -4.94
C HIS A 83 -9.94 12.53 -3.43
N ASP A 84 -11.04 13.15 -3.00
CA ASP A 84 -11.36 13.22 -1.58
C ASP A 84 -12.75 12.63 -1.32
N GLY A 85 -13.08 12.45 -0.05
CA GLY A 85 -14.38 11.90 0.32
C GLY A 85 -14.50 11.63 1.80
N ALA A 86 -15.71 11.78 2.33
CA ALA A 86 -15.95 11.54 3.75
C ALA A 86 -17.36 11.03 3.99
N HIS A 87 -17.50 9.70 4.04
CA HIS A 87 -18.81 9.09 4.26
C HIS A 87 -18.75 8.09 5.42
N PRO A 88 -19.92 7.79 6.00
CA PRO A 88 -20.02 6.85 7.12
C PRO A 88 -19.74 5.40 6.69
N THR A 89 -18.69 4.82 7.27
CA THR A 89 -18.30 3.45 6.95
C THR A 89 -17.63 2.78 8.14
N SER A 90 -17.55 1.45 8.10
CA SER A 90 -16.93 0.69 9.18
C SER A 90 -15.64 0.03 8.70
N VAL A 91 -14.97 -0.68 9.61
CA VAL A 91 -13.72 -1.35 9.28
C VAL A 91 -13.89 -2.26 8.08
N ALA A 92 -15.05 -2.88 7.96
CA ALA A 92 -15.34 -3.77 6.84
C ALA A 92 -15.39 -3.01 5.52
N GLU A 93 -16.42 -2.18 5.36
CA GLU A 93 -16.58 -1.40 4.15
C GLU A 93 -15.31 -0.61 3.84
N TRP A 94 -14.62 -0.18 4.88
CA TRP A 94 -13.38 0.57 4.71
C TRP A 94 -12.31 -0.26 4.04
N LEU A 95 -11.96 -1.39 4.65
CA LEU A 95 -10.95 -2.28 4.10
C LEU A 95 -11.37 -2.80 2.73
N ASP A 96 -12.67 -3.01 2.56
CA ASP A 96 -13.20 -3.51 1.30
C ASP A 96 -12.72 -2.64 0.13
N SER A 97 -12.77 -1.33 0.31
CA SER A 97 -12.34 -0.39 -0.72
C SER A 97 -10.85 -0.53 -1.00
N ILE A 98 -10.12 -1.06 -0.02
CA ILE A 98 -8.68 -1.25 -0.16
C ILE A 98 -8.35 -2.66 -0.62
N GLU A 99 -9.26 -3.26 -1.39
CA GLU A 99 -9.06 -4.62 -1.89
C GLU A 99 -8.71 -5.57 -0.76
N LEU A 100 -9.21 -5.27 0.43
CA LEU A 100 -8.95 -6.12 1.60
C LEU A 100 -10.24 -6.46 2.33
N GLY A 101 -10.44 -7.75 2.59
CA GLY A 101 -11.63 -8.19 3.28
C GLY A 101 -11.33 -9.09 4.47
N ASP A 102 -10.44 -10.06 4.24
CA ASP A 102 -10.07 -11.00 5.30
C ASP A 102 -9.59 -10.25 6.54
N TYR A 103 -8.85 -9.16 6.33
CA TYR A 103 -8.33 -8.36 7.44
C TYR A 103 -9.45 -8.01 8.42
N THR A 104 -10.67 -7.87 7.90
CA THR A 104 -11.81 -7.53 8.74
C THR A 104 -11.91 -8.46 9.95
N LYS A 105 -11.64 -9.74 9.73
CA LYS A 105 -11.70 -10.73 10.80
C LYS A 105 -10.72 -10.38 11.91
N ALA A 106 -9.47 -10.12 11.54
CA ALA A 106 -8.44 -9.77 12.50
C ALA A 106 -8.83 -8.52 13.30
N PHE A 107 -9.25 -7.48 12.58
CA PHE A 107 -9.66 -6.23 13.22
C PHE A 107 -10.75 -6.49 14.25
N LEU A 108 -11.76 -7.26 13.87
CA LEU A 108 -12.87 -7.58 14.76
C LEU A 108 -12.37 -8.27 16.03
N ILE A 109 -11.72 -9.42 15.85
CA ILE A 109 -11.19 -10.17 16.97
C ILE A 109 -10.22 -9.34 17.80
N ASN A 110 -9.61 -8.35 17.15
CA ASN A 110 -8.65 -7.47 17.82
C ASN A 110 -9.38 -6.38 18.60
N GLY A 111 -10.65 -6.17 18.29
CA GLY A 111 -11.43 -5.16 18.98
C GLY A 111 -11.41 -3.82 18.26
N TYR A 112 -11.43 -3.86 16.93
CA TYR A 112 -11.40 -2.64 16.13
C TYR A 112 -12.82 -2.23 15.72
N THR A 113 -13.78 -2.47 16.61
CA THR A 113 -15.17 -2.12 16.35
C THR A 113 -15.30 -0.67 15.91
N SER A 114 -15.02 0.25 16.83
CA SER A 114 -15.11 1.67 16.54
C SER A 114 -14.17 2.06 15.41
N MET A 115 -14.45 3.19 14.77
CA MET A 115 -13.62 3.66 13.66
C MET A 115 -12.65 4.74 14.14
N ASP A 116 -13.11 5.58 15.06
CA ASP A 116 -12.28 6.66 15.59
C ASP A 116 -11.00 6.09 16.21
N LEU A 117 -11.12 4.92 16.82
CA LEU A 117 -9.97 4.28 17.45
C LEU A 117 -8.86 4.01 16.43
N LEU A 118 -9.24 3.90 15.16
CA LEU A 118 -8.28 3.65 14.10
C LEU A 118 -7.27 4.79 14.00
N LYS A 119 -7.61 5.93 14.60
CA LYS A 119 -6.72 7.09 14.58
C LYS A 119 -5.99 7.23 15.91
N LYS A 120 -5.91 6.13 16.66
CA LYS A 120 -5.24 6.14 17.95
C LYS A 120 -4.03 5.19 17.92
N ILE A 121 -4.10 4.16 17.09
CA ILE A 121 -3.02 3.20 16.98
C ILE A 121 -1.91 3.71 16.07
N ALA A 122 -0.69 3.25 16.31
CA ALA A 122 0.46 3.67 15.51
C ALA A 122 0.94 2.53 14.61
N GLU A 123 1.97 2.81 13.81
CA GLU A 123 2.52 1.81 12.91
C GLU A 123 2.85 0.51 13.66
N VAL A 124 3.77 0.61 14.61
CA VAL A 124 4.16 -0.56 15.39
C VAL A 124 2.95 -1.28 15.96
N GLU A 125 2.01 -0.51 16.51
CA GLU A 125 0.80 -1.08 17.10
C GLU A 125 0.06 -1.95 16.07
N LEU A 126 -0.04 -1.45 14.84
CA LEU A 126 -0.71 -2.17 13.78
C LEU A 126 0.06 -3.42 13.38
N ILE A 127 1.39 -3.31 13.40
CA ILE A 127 2.25 -4.44 13.05
C ILE A 127 2.33 -5.45 14.20
N ASN A 128 1.95 -5.01 15.40
CA ASN A 128 1.98 -5.87 16.57
C ASN A 128 0.59 -6.42 16.88
N VAL A 129 -0.43 -5.76 16.34
CA VAL A 129 -1.81 -6.17 16.56
C VAL A 129 -2.38 -6.88 15.32
N LEU A 130 -2.33 -6.18 14.19
CA LEU A 130 -2.85 -6.73 12.94
C LEU A 130 -1.78 -7.59 12.25
N LYS A 131 -0.52 -7.39 12.64
CA LYS A 131 0.59 -8.13 12.07
C LYS A 131 0.73 -7.85 10.58
N ILE A 132 0.42 -6.61 10.19
CA ILE A 132 0.54 -6.19 8.80
C ILE A 132 1.97 -5.82 8.44
N ASN A 133 2.71 -6.80 7.93
CA ASN A 133 4.10 -6.57 7.54
C ASN A 133 4.21 -6.32 6.04
N LEU A 134 3.29 -6.91 5.27
CA LEU A 134 3.30 -6.74 3.83
C LEU A 134 3.34 -5.27 3.45
N ILE A 135 4.26 -4.92 2.55
CA ILE A 135 4.40 -3.55 2.11
C ILE A 135 3.12 -3.05 1.46
N GLY A 136 2.64 -3.76 0.45
CA GLY A 136 1.42 -3.38 -0.23
C GLY A 136 0.28 -3.09 0.73
N HIS A 137 -0.06 -4.08 1.54
CA HIS A 137 -1.15 -3.93 2.50
C HIS A 137 -0.84 -2.80 3.48
N ARG A 138 0.38 -2.78 3.99
CA ARG A 138 0.79 -1.75 4.95
C ARG A 138 0.60 -0.36 4.36
N LYS A 139 1.39 -0.03 3.33
CA LYS A 139 1.30 1.27 2.68
C LYS A 139 -0.15 1.58 2.28
N ARG A 140 -0.83 0.58 1.74
CA ARG A 140 -2.22 0.75 1.32
C ARG A 140 -3.05 1.36 2.45
N ILE A 141 -3.15 0.63 3.56
CA ILE A 141 -3.92 1.10 4.71
C ILE A 141 -3.36 2.40 5.26
N LEU A 142 -2.04 2.46 5.38
CA LEU A 142 -1.37 3.66 5.89
C LEU A 142 -1.83 4.90 5.13
N ALA A 143 -1.97 4.77 3.83
CA ALA A 143 -2.40 5.88 2.99
C ALA A 143 -3.92 6.07 3.07
N SER A 144 -4.64 4.96 3.22
CA SER A 144 -6.10 5.01 3.31
C SER A 144 -6.54 5.74 4.56
N LEU A 145 -5.75 5.66 5.62
CA LEU A 145 -6.05 6.33 6.87
C LEU A 145 -5.33 7.67 6.98
N GLY A 146 -4.07 7.67 6.56
CA GLY A 146 -3.28 8.89 6.61
C GLY A 146 -1.85 8.64 7.04
N ASP A 147 -0.90 9.25 6.33
CA ASP A 147 0.51 9.09 6.64
C ASP A 147 0.99 10.20 7.58
N ARG A 148 0.32 11.35 7.51
CA ARG A 148 0.69 12.48 8.35
C ARG A 148 2.09 12.97 8.02
N VAL A 14 -7.23 1.82 -13.98
CA VAL A 14 -6.35 0.91 -13.26
C VAL A 14 -5.08 0.64 -14.05
N GLN A 15 -4.09 0.05 -13.40
CA GLN A 15 -2.82 -0.27 -14.03
C GLN A 15 -2.27 -1.60 -13.53
N THR A 16 -1.38 -2.21 -14.32
CA THR A 16 -0.79 -3.48 -13.95
C THR A 16 0.65 -3.30 -13.48
N VAL A 17 0.94 -3.77 -12.27
CA VAL A 17 2.28 -3.66 -11.71
C VAL A 17 3.32 -4.22 -12.67
N GLY A 18 2.98 -5.32 -13.33
CA GLY A 18 3.90 -5.94 -14.27
C GLY A 18 4.17 -5.07 -15.48
N GLN A 19 3.13 -4.39 -15.96
CA GLN A 19 3.26 -3.52 -17.12
C GLN A 19 4.12 -2.30 -16.80
N TRP A 20 3.82 -1.66 -15.67
CA TRP A 20 4.57 -0.48 -15.25
C TRP A 20 6.03 -0.83 -14.95
N LEU A 21 6.22 -1.91 -14.21
CA LEU A 21 7.57 -2.36 -13.86
C LEU A 21 8.36 -2.75 -15.11
N GLU A 22 7.70 -3.44 -16.02
CA GLU A 22 8.34 -3.87 -17.26
C GLU A 22 8.70 -2.68 -18.14
N SER A 23 7.80 -1.69 -18.18
CA SER A 23 8.02 -0.50 -18.98
C SER A 23 9.21 0.30 -18.46
N ILE A 24 9.24 0.50 -17.14
CA ILE A 24 10.32 1.25 -16.51
C ILE A 24 11.61 0.43 -16.49
N GLY A 25 11.47 -0.88 -16.48
CA GLY A 25 12.63 -1.76 -16.46
C GLY A 25 12.34 -3.12 -17.05
N LEU A 26 12.19 -4.12 -16.18
CA LEU A 26 11.91 -5.49 -16.63
C LEU A 26 11.20 -6.28 -15.53
N PRO A 27 10.47 -7.32 -15.94
CA PRO A 27 9.73 -8.19 -15.01
C PRO A 27 10.66 -9.05 -14.16
N GLN A 28 11.23 -8.43 -13.12
CA GLN A 28 12.13 -9.15 -12.22
C GLN A 28 11.67 -9.02 -10.78
N TYR A 29 11.16 -7.85 -10.42
CA TYR A 29 10.69 -7.60 -9.06
C TYR A 29 9.17 -7.73 -8.98
N GLU A 30 8.59 -8.42 -9.96
CA GLU A 30 7.15 -8.62 -10.01
C GLU A 30 6.69 -9.46 -8.83
N ASN A 31 7.22 -10.68 -8.73
CA ASN A 31 6.86 -11.59 -7.64
C ASN A 31 7.06 -10.92 -6.29
N HIS A 32 8.21 -10.28 -6.12
CA HIS A 32 8.52 -9.61 -4.87
C HIS A 32 7.45 -8.57 -4.53
N LEU A 33 7.22 -7.63 -5.43
CA LEU A 33 6.22 -6.60 -5.22
C LEU A 33 4.87 -7.20 -4.82
N MET A 34 4.33 -8.05 -5.69
CA MET A 34 3.06 -8.71 -5.43
C MET A 34 3.05 -9.35 -4.05
N ALA A 35 4.04 -10.18 -3.78
CA ALA A 35 4.15 -10.87 -2.50
C ALA A 35 4.31 -9.87 -1.36
N ASN A 36 4.79 -8.67 -1.69
CA ASN A 36 4.98 -7.62 -0.69
C ASN A 36 3.74 -6.74 -0.59
N GLY A 37 2.63 -7.21 -1.15
CA GLY A 37 1.39 -6.45 -1.11
C GLY A 37 1.21 -5.59 -2.34
N PHE A 38 2.29 -5.30 -3.03
CA PHE A 38 2.25 -4.48 -4.23
C PHE A 38 1.75 -5.28 -5.42
N ASP A 39 0.48 -5.68 -5.38
CA ASP A 39 -0.11 -6.48 -6.46
C ASP A 39 -0.88 -5.57 -7.42
N ASN A 40 -1.31 -4.42 -6.92
CA ASN A 40 -2.06 -3.46 -7.74
C ASN A 40 -1.43 -2.07 -7.67
N VAL A 41 -1.05 -1.55 -8.83
CA VAL A 41 -0.45 -0.23 -8.91
C VAL A 41 -1.29 0.82 -8.19
N GLN A 42 -2.60 0.59 -8.15
CA GLN A 42 -3.52 1.51 -7.48
C GLN A 42 -3.12 1.70 -6.02
N ALA A 43 -2.44 0.71 -5.46
CA ALA A 43 -2.01 0.79 -4.07
C ALA A 43 -1.18 2.04 -3.82
N MET A 44 -0.48 2.51 -4.85
CA MET A 44 0.35 3.71 -4.73
C MET A 44 -0.28 4.87 -5.48
N GLY A 45 -1.60 4.82 -5.64
CA GLY A 45 -2.31 5.89 -6.33
C GLY A 45 -2.23 7.21 -5.60
N SER A 46 -2.81 7.26 -4.41
CA SER A 46 -2.82 8.48 -3.61
C SER A 46 -1.46 8.71 -2.97
N ASN A 47 -0.79 7.63 -2.59
CA ASN A 47 0.52 7.71 -1.97
C ASN A 47 1.57 7.00 -2.81
N VAL A 48 2.26 7.76 -3.66
CA VAL A 48 3.28 7.20 -4.52
C VAL A 48 4.36 6.50 -3.72
N MET A 49 4.93 5.44 -4.28
CA MET A 49 5.97 4.67 -3.62
C MET A 49 7.14 5.57 -3.24
N GLU A 50 7.91 5.15 -2.23
CA GLU A 50 9.06 5.91 -1.76
C GLU A 50 10.30 5.03 -1.67
N ASP A 51 11.46 5.66 -1.54
CA ASP A 51 12.72 4.93 -1.44
C ASP A 51 12.67 3.91 -0.30
N GLN A 52 12.06 4.31 0.81
CA GLN A 52 11.94 3.43 1.97
C GLN A 52 11.35 2.08 1.57
N ASP A 53 10.14 2.11 1.02
CA ASP A 53 9.47 0.88 0.60
C ASP A 53 10.28 0.17 -0.48
N LEU A 54 10.80 0.94 -1.44
CA LEU A 54 11.58 0.37 -2.53
C LEU A 54 12.68 -0.54 -1.99
N LEU A 55 13.36 -0.08 -0.94
CA LEU A 55 14.44 -0.85 -0.33
C LEU A 55 13.89 -1.83 0.70
N GLU A 56 12.69 -1.55 1.19
CA GLU A 56 12.05 -2.40 2.19
C GLU A 56 11.64 -3.74 1.58
N ILE A 57 11.25 -3.69 0.31
CA ILE A 57 10.83 -4.90 -0.40
C ILE A 57 11.99 -5.88 -0.57
N GLY A 58 12.89 -5.55 -1.49
CA GLY A 58 14.04 -6.42 -1.73
C GLY A 58 14.82 -6.01 -2.95
N ILE A 59 15.28 -4.76 -2.98
CA ILE A 59 16.05 -4.25 -4.11
C ILE A 59 17.27 -3.48 -3.64
N LEU A 60 18.44 -4.08 -3.82
CA LEU A 60 19.69 -3.45 -3.42
C LEU A 60 19.87 -2.09 -4.09
N ASN A 61 20.83 -1.31 -3.61
CA ASN A 61 21.09 0.01 -4.17
C ASN A 61 22.06 -0.07 -5.34
N SER A 62 22.24 1.04 -6.04
CA SER A 62 23.14 1.09 -7.18
C SER A 62 22.73 0.06 -8.24
N GLY A 63 21.42 -0.11 -8.41
CA GLY A 63 20.92 -1.06 -9.39
C GLY A 63 19.62 -0.60 -10.03
N HIS A 64 18.50 -0.98 -9.43
CA HIS A 64 17.19 -0.61 -9.95
C HIS A 64 16.54 0.47 -9.08
N ARG A 65 17.18 0.78 -7.96
CA ARG A 65 16.68 1.78 -7.04
C ARG A 65 16.38 3.09 -7.76
N GLN A 66 17.40 3.65 -8.40
CA GLN A 66 17.25 4.90 -9.14
C GLN A 66 16.15 4.79 -10.19
N ARG A 67 16.11 3.64 -10.87
CA ARG A 67 15.10 3.40 -11.89
C ARG A 67 13.69 3.58 -11.33
N ILE A 68 13.30 2.65 -10.47
CA ILE A 68 11.97 2.70 -9.85
C ILE A 68 11.70 4.07 -9.25
N LEU A 69 12.67 4.60 -8.51
CA LEU A 69 12.53 5.91 -7.88
C LEU A 69 12.15 6.96 -8.91
N GLN A 70 12.99 7.10 -9.93
CA GLN A 70 12.75 8.09 -10.98
C GLN A 70 11.37 7.90 -11.59
N ALA A 71 10.97 6.65 -11.76
CA ALA A 71 9.66 6.34 -12.34
C ALA A 71 8.54 6.79 -11.41
N ILE A 72 8.64 6.43 -10.14
CA ILE A 72 7.63 6.80 -9.16
C ILE A 72 7.46 8.31 -9.07
N GLN A 73 8.57 9.03 -9.16
CA GLN A 73 8.55 10.48 -9.10
C GLN A 73 8.13 11.08 -10.45
N LEU A 74 8.39 10.34 -11.52
CA LEU A 74 8.04 10.80 -12.87
C LEU A 74 6.57 10.53 -13.17
N LEU A 75 5.98 9.59 -12.41
CA LEU A 75 4.58 9.24 -12.60
C LEU A 75 3.71 10.49 -12.64
N PRO A 76 3.20 10.82 -13.82
CA PRO A 76 2.33 11.99 -14.02
C PRO A 76 0.97 11.82 -13.37
N LYS A 77 0.91 12.01 -12.07
CA LYS A 77 -0.34 11.88 -11.32
C LYS A 77 -0.61 13.12 -10.48
N MET A 78 -1.86 13.57 -10.47
CA MET A 78 -2.25 14.74 -9.71
C MET A 78 -3.38 14.41 -8.74
N ARG A 79 -3.72 15.37 -7.87
CA ARG A 79 -4.78 15.17 -6.89
C ARG A 79 -5.92 16.16 -7.13
N PRO A 80 -6.64 15.98 -8.24
CA PRO A 80 -7.77 16.84 -8.60
C PRO A 80 -8.96 16.66 -7.69
N ILE A 81 -9.18 15.42 -7.24
CA ILE A 81 -10.29 15.12 -6.35
C ILE A 81 -9.90 14.03 -5.34
N GLY A 82 -10.35 14.20 -4.10
CA GLY A 82 -10.04 13.23 -3.07
C GLY A 82 -10.90 13.42 -1.83
N HIS A 83 -11.28 12.31 -1.21
CA HIS A 83 -12.11 12.36 0.00
C HIS A 83 -11.33 12.93 1.18
N ASP A 84 -11.86 13.98 1.78
CA ASP A 84 -11.21 14.62 2.92
C ASP A 84 -12.01 14.39 4.20
N GLY A 85 -13.33 14.33 4.05
CA GLY A 85 -14.19 14.12 5.21
C GLY A 85 -14.21 12.67 5.66
N ALA A 86 -14.90 12.42 6.76
CA ALA A 86 -15.00 11.05 7.29
C ALA A 86 -16.44 10.73 7.69
N HIS A 87 -16.97 9.64 7.14
CA HIS A 87 -18.33 9.22 7.44
C HIS A 87 -18.34 8.13 8.51
N PRO A 88 -19.50 7.94 9.15
CA PRO A 88 -19.67 6.93 10.19
C PRO A 88 -19.64 5.51 9.64
N THR A 89 -18.44 5.01 9.36
CA THR A 89 -18.26 3.66 8.83
C THR A 89 -17.44 2.80 9.77
N SER A 90 -17.55 1.49 9.62
CA SER A 90 -16.83 0.54 10.46
C SER A 90 -15.58 0.03 9.75
N VAL A 91 -14.74 -0.68 10.49
CA VAL A 91 -13.51 -1.23 9.93
C VAL A 91 -13.78 -2.02 8.67
N ALA A 92 -14.92 -2.71 8.64
CA ALA A 92 -15.31 -3.51 7.49
C ALA A 92 -15.68 -2.63 6.31
N GLU A 93 -16.66 -1.76 6.51
CA GLU A 93 -17.12 -0.86 5.46
C GLU A 93 -15.94 -0.09 4.86
N TRP A 94 -14.96 0.22 5.69
CA TRP A 94 -13.77 0.94 5.24
C TRP A 94 -12.87 0.05 4.40
N LEU A 95 -12.42 -1.05 4.98
CA LEU A 95 -11.55 -1.99 4.28
C LEU A 95 -12.22 -2.50 3.00
N ASP A 96 -13.54 -2.39 2.95
CA ASP A 96 -14.30 -2.84 1.79
C ASP A 96 -13.76 -2.22 0.50
N SER A 97 -13.23 -1.00 0.63
CA SER A 97 -12.67 -0.29 -0.53
C SER A 97 -11.19 -0.61 -0.71
N ILE A 98 -10.58 -1.15 0.35
CA ILE A 98 -9.17 -1.50 0.32
C ILE A 98 -8.97 -2.95 -0.11
N GLU A 99 -10.00 -3.52 -0.72
CA GLU A 99 -9.94 -4.91 -1.18
C GLU A 99 -9.25 -5.79 -0.15
N LEU A 100 -9.52 -5.52 1.13
CA LEU A 100 -8.92 -6.28 2.21
C LEU A 100 -9.98 -6.77 3.19
N GLY A 101 -11.08 -7.29 2.65
CA GLY A 101 -12.16 -7.79 3.48
C GLY A 101 -11.69 -8.80 4.51
N ASP A 102 -10.77 -9.66 4.09
CA ASP A 102 -10.23 -10.69 4.98
C ASP A 102 -9.73 -10.08 6.28
N TYR A 103 -9.01 -8.98 6.18
CA TYR A 103 -8.47 -8.29 7.35
C TYR A 103 -9.58 -7.98 8.35
N THR A 104 -10.78 -7.75 7.83
CA THR A 104 -11.94 -7.44 8.68
C THR A 104 -12.05 -8.43 9.84
N LYS A 105 -11.69 -9.68 9.57
CA LYS A 105 -11.75 -10.72 10.59
C LYS A 105 -10.79 -10.42 11.73
N ALA A 106 -9.51 -10.21 11.39
CA ALA A 106 -8.50 -9.91 12.40
C ALA A 106 -8.81 -8.61 13.12
N PHE A 107 -9.13 -7.57 12.35
CA PHE A 107 -9.44 -6.27 12.92
C PHE A 107 -10.59 -6.37 13.93
N LEU A 108 -11.62 -7.09 13.56
CA LEU A 108 -12.79 -7.27 14.43
C LEU A 108 -12.39 -8.02 15.71
N ILE A 109 -11.94 -9.26 15.54
CA ILE A 109 -11.53 -10.07 16.67
C ILE A 109 -10.51 -9.35 17.54
N ASN A 110 -9.70 -8.49 16.90
CA ASN A 110 -8.69 -7.72 17.61
C ASN A 110 -9.33 -6.68 18.52
N GLY A 111 -10.47 -6.15 18.10
CA GLY A 111 -11.16 -5.15 18.88
C GLY A 111 -11.31 -3.83 18.15
N TYR A 112 -11.00 -3.83 16.86
CA TYR A 112 -11.09 -2.64 16.06
C TYR A 112 -12.51 -2.41 15.56
N THR A 113 -13.25 -1.56 16.25
CA THR A 113 -14.63 -1.26 15.88
C THR A 113 -14.71 0.01 15.04
N SER A 114 -14.22 1.11 15.58
CA SER A 114 -14.24 2.39 14.88
C SER A 114 -12.85 2.75 14.36
N MET A 115 -12.80 3.43 13.23
CA MET A 115 -11.54 3.85 12.63
C MET A 115 -10.66 4.56 13.66
N ASP A 116 -11.30 5.30 14.57
CA ASP A 116 -10.58 6.03 15.60
C ASP A 116 -9.60 5.12 16.32
N LEU A 117 -10.03 3.90 16.62
CA LEU A 117 -9.19 2.94 17.30
C LEU A 117 -7.93 2.64 16.51
N LEU A 118 -8.04 2.71 15.19
CA LEU A 118 -6.91 2.44 14.30
C LEU A 118 -5.83 3.49 14.49
N LYS A 119 -6.20 4.64 15.06
CA LYS A 119 -5.26 5.72 15.29
C LYS A 119 -4.70 5.66 16.71
N LYS A 120 -5.18 4.69 17.49
CA LYS A 120 -4.72 4.52 18.86
C LYS A 120 -3.66 3.43 18.96
N ILE A 121 -2.98 3.19 17.84
CA ILE A 121 -1.94 2.17 17.81
C ILE A 121 -0.71 2.66 17.03
N ALA A 122 0.45 2.12 17.36
CA ALA A 122 1.69 2.50 16.70
C ALA A 122 2.07 1.50 15.62
N GLU A 123 3.18 1.77 14.94
CA GLU A 123 3.65 0.88 13.88
C GLU A 123 3.72 -0.56 14.36
N VAL A 124 4.62 -0.83 15.30
CA VAL A 124 4.78 -2.17 15.84
C VAL A 124 3.44 -2.74 16.31
N GLU A 125 2.65 -1.91 16.98
CA GLU A 125 1.34 -2.34 17.48
C GLU A 125 0.49 -2.89 16.36
N LEU A 126 0.55 -2.25 15.20
CA LEU A 126 -0.21 -2.67 14.03
C LEU A 126 0.40 -3.91 13.40
N ILE A 127 1.68 -3.85 13.09
CA ILE A 127 2.38 -4.97 12.49
C ILE A 127 2.35 -6.20 13.39
N ASN A 128 2.05 -5.97 14.67
CA ASN A 128 1.98 -7.05 15.65
C ASN A 128 0.55 -7.51 15.85
N VAL A 129 -0.32 -6.58 16.22
CA VAL A 129 -1.73 -6.88 16.44
C VAL A 129 -2.38 -7.43 15.18
N LEU A 130 -2.30 -6.66 14.11
CA LEU A 130 -2.89 -7.07 12.83
C LEU A 130 -2.02 -8.10 12.13
N LYS A 131 -0.76 -8.21 12.57
CA LYS A 131 0.17 -9.16 11.99
C LYS A 131 0.26 -9.00 10.48
N ILE A 132 0.35 -7.75 10.04
CA ILE A 132 0.45 -7.46 8.61
C ILE A 132 1.88 -7.64 8.10
N ASN A 133 2.75 -6.73 8.51
CA ASN A 133 4.16 -6.80 8.10
C ASN A 133 4.28 -6.77 6.58
N LEU A 134 3.39 -6.03 5.93
CA LEU A 134 3.38 -5.92 4.48
C LEU A 134 3.35 -4.46 4.04
N ILE A 135 4.20 -4.11 3.08
CA ILE A 135 4.26 -2.75 2.57
C ILE A 135 2.99 -2.39 1.81
N GLY A 136 2.60 -3.24 0.87
CA GLY A 136 1.41 -3.00 0.08
C GLY A 136 0.19 -2.77 0.95
N HIS A 137 -0.02 -3.64 1.93
CA HIS A 137 -1.15 -3.52 2.84
C HIS A 137 -1.02 -2.28 3.72
N ARG A 138 0.05 -2.24 4.51
CA ARG A 138 0.29 -1.12 5.41
C ARG A 138 0.21 0.21 4.66
N LYS A 139 0.52 0.17 3.37
CA LYS A 139 0.49 1.36 2.53
C LYS A 139 -0.95 1.75 2.21
N ARG A 140 -1.67 0.86 1.53
CA ARG A 140 -3.06 1.11 1.15
C ARG A 140 -3.88 1.47 2.38
N ILE A 141 -3.56 0.85 3.51
CA ILE A 141 -4.28 1.11 4.75
C ILE A 141 -3.92 2.48 5.32
N LEU A 142 -2.62 2.72 5.49
CA LEU A 142 -2.15 3.98 6.04
C LEU A 142 -2.58 5.15 5.15
N ALA A 143 -2.62 4.91 3.84
CA ALA A 143 -3.02 5.94 2.88
C ALA A 143 -4.53 6.19 2.95
N SER A 144 -5.30 5.12 2.87
CA SER A 144 -6.76 5.23 2.92
C SER A 144 -7.21 5.94 4.18
N LEU A 145 -6.59 5.59 5.31
CA LEU A 145 -6.93 6.19 6.59
C LEU A 145 -6.37 7.61 6.70
N GLY A 146 -5.14 7.78 6.25
CA GLY A 146 -4.50 9.09 6.29
C GLY A 146 -3.33 9.13 7.25
N ASP A 147 -2.51 10.18 7.14
CA ASP A 147 -1.35 10.33 8.00
C ASP A 147 -1.65 11.26 9.17
N ARG A 148 -0.83 11.19 10.21
CA ARG A 148 -1.02 12.02 11.39
C ARG A 148 -0.90 13.49 11.05
N VAL A 14 -5.93 2.60 -11.57
CA VAL A 14 -6.19 2.07 -12.91
C VAL A 14 -4.96 1.36 -13.47
N GLN A 15 -3.78 1.83 -13.08
CA GLN A 15 -2.54 1.23 -13.54
C GLN A 15 -2.29 -0.11 -12.86
N THR A 16 -1.27 -0.83 -13.31
CA THR A 16 -0.93 -2.12 -12.76
C THR A 16 0.58 -2.26 -12.56
N VAL A 17 0.97 -3.00 -11.53
CA VAL A 17 2.38 -3.21 -11.23
C VAL A 17 3.09 -3.88 -12.40
N GLY A 18 2.48 -4.93 -12.94
CA GLY A 18 3.06 -5.64 -14.06
C GLY A 18 3.33 -4.73 -15.25
N GLN A 19 2.30 -4.01 -15.67
CA GLN A 19 2.42 -3.10 -16.80
C GLN A 19 3.43 -1.99 -16.51
N TRP A 20 3.21 -1.29 -15.41
CA TRP A 20 4.10 -0.20 -15.01
C TRP A 20 5.54 -0.69 -14.90
N LEU A 21 5.77 -1.64 -14.01
CA LEU A 21 7.10 -2.19 -13.81
C LEU A 21 7.73 -2.63 -15.13
N GLU A 22 6.92 -3.24 -15.98
CA GLU A 22 7.37 -3.71 -17.28
C GLU A 22 7.78 -2.54 -18.17
N SER A 23 7.08 -1.42 -18.02
CA SER A 23 7.36 -0.22 -18.80
C SER A 23 8.64 0.44 -18.33
N ILE A 24 8.72 0.71 -17.03
CA ILE A 24 9.90 1.34 -16.45
C ILE A 24 11.10 0.43 -16.50
N GLY A 25 10.85 -0.88 -16.55
CA GLY A 25 11.93 -1.84 -16.61
C GLY A 25 11.51 -3.14 -17.26
N LEU A 26 11.47 -4.22 -16.47
CA LEU A 26 11.09 -5.53 -16.97
C LEU A 26 10.48 -6.38 -15.87
N PRO A 27 9.72 -7.42 -16.27
CA PRO A 27 9.07 -8.33 -15.32
C PRO A 27 10.07 -9.21 -14.58
N GLN A 28 10.56 -8.72 -13.45
CA GLN A 28 11.52 -9.47 -12.65
C GLN A 28 11.26 -9.28 -11.15
N TYR A 29 10.96 -8.03 -10.77
CA TYR A 29 10.70 -7.71 -9.37
C TYR A 29 9.20 -7.78 -9.08
N GLU A 30 8.44 -8.35 -10.01
CA GLU A 30 7.00 -8.48 -9.86
C GLU A 30 6.66 -9.37 -8.66
N ASN A 31 7.35 -10.50 -8.56
CA ASN A 31 7.13 -11.44 -7.46
C ASN A 31 7.38 -10.77 -6.11
N HIS A 32 8.53 -10.12 -5.99
CA HIS A 32 8.90 -9.44 -4.75
C HIS A 32 7.84 -8.39 -4.38
N LEU A 33 7.59 -7.47 -5.29
CA LEU A 33 6.60 -6.41 -5.07
C LEU A 33 5.27 -7.01 -4.59
N MET A 34 4.65 -7.80 -5.44
CA MET A 34 3.37 -8.43 -5.10
C MET A 34 3.46 -9.15 -3.77
N ALA A 35 4.50 -9.98 -3.61
CA ALA A 35 4.69 -10.73 -2.37
C ALA A 35 4.83 -9.79 -1.18
N ASN A 36 5.28 -8.57 -1.44
CA ASN A 36 5.45 -7.57 -0.38
C ASN A 36 4.20 -6.70 -0.24
N GLY A 37 3.08 -7.20 -0.74
CA GLY A 37 1.84 -6.46 -0.66
C GLY A 37 1.66 -5.51 -1.82
N PHE A 38 2.73 -5.25 -2.55
CA PHE A 38 2.69 -4.35 -3.70
C PHE A 38 2.14 -5.07 -4.93
N ASP A 39 0.96 -5.66 -4.79
CA ASP A 39 0.33 -6.37 -5.89
C ASP A 39 -0.40 -5.41 -6.82
N ASN A 40 -0.82 -4.28 -6.27
CA ASN A 40 -1.54 -3.27 -7.05
C ASN A 40 -0.85 -1.92 -6.95
N VAL A 41 -0.28 -1.46 -8.07
CA VAL A 41 0.41 -0.19 -8.11
C VAL A 41 -0.45 0.93 -7.55
N GLN A 42 -1.76 0.81 -7.74
CA GLN A 42 -2.70 1.80 -7.25
C GLN A 42 -2.55 2.01 -5.74
N ALA A 43 -2.00 1.00 -5.07
CA ALA A 43 -1.80 1.08 -3.63
C ALA A 43 -1.07 2.36 -3.24
N MET A 44 -0.24 2.86 -4.15
CA MET A 44 0.51 4.08 -3.90
C MET A 44 -0.42 5.28 -3.75
N GLY A 45 -1.48 5.30 -4.56
CA GLY A 45 -2.43 6.40 -4.50
C GLY A 45 -1.76 7.76 -4.56
N SER A 46 -2.03 8.58 -3.55
CA SER A 46 -1.45 9.92 -3.49
C SER A 46 0.03 9.86 -3.11
N ASN A 47 0.37 8.89 -2.27
CA ASN A 47 1.75 8.72 -1.82
C ASN A 47 2.65 8.33 -3.00
N VAL A 48 3.95 8.20 -2.72
CA VAL A 48 4.91 7.84 -3.76
C VAL A 48 6.02 6.96 -3.19
N MET A 49 6.27 5.83 -3.83
CA MET A 49 7.30 4.90 -3.39
C MET A 49 8.66 5.62 -3.26
N GLU A 50 9.24 5.56 -2.07
CA GLU A 50 10.53 6.19 -1.82
C GLU A 50 11.62 5.15 -1.59
N ASP A 51 12.82 5.62 -1.29
CA ASP A 51 13.95 4.73 -1.05
C ASP A 51 13.69 3.82 0.15
N GLN A 52 13.00 4.36 1.15
CA GLN A 52 12.68 3.60 2.36
C GLN A 52 12.00 2.29 2.00
N ASP A 53 10.84 2.37 1.38
CA ASP A 53 10.09 1.18 0.98
C ASP A 53 10.85 0.38 -0.07
N LEU A 54 11.46 1.09 -1.02
CA LEU A 54 12.23 0.44 -2.09
C LEU A 54 13.21 -0.57 -1.51
N LEU A 55 13.90 -0.18 -0.44
CA LEU A 55 14.87 -1.05 0.21
C LEU A 55 14.20 -1.94 1.25
N GLU A 56 13.06 -1.48 1.77
CA GLU A 56 12.31 -2.24 2.76
C GLU A 56 11.79 -3.55 2.18
N ILE A 57 11.46 -3.52 0.89
CA ILE A 57 10.95 -4.71 0.21
C ILE A 57 12.02 -5.78 0.09
N GLY A 58 12.97 -5.57 -0.81
CA GLY A 58 14.04 -6.53 -1.01
C GLY A 58 14.73 -6.36 -2.35
N ILE A 59 14.91 -5.12 -2.77
CA ILE A 59 15.56 -4.84 -4.05
C ILE A 59 17.01 -4.42 -3.84
N LEU A 60 17.86 -4.80 -4.78
CA LEU A 60 19.28 -4.46 -4.70
C LEU A 60 19.59 -3.22 -5.54
N ASN A 61 20.85 -2.78 -5.50
CA ASN A 61 21.27 -1.61 -6.25
C ASN A 61 21.88 -2.02 -7.59
N SER A 62 21.44 -3.16 -8.11
CA SER A 62 21.97 -3.66 -9.38
C SER A 62 21.71 -2.67 -10.51
N GLY A 63 20.58 -1.97 -10.43
CA GLY A 63 20.23 -1.00 -11.45
C GLY A 63 18.77 -0.65 -11.44
N HIS A 64 17.93 -1.57 -10.96
CA HIS A 64 16.50 -1.35 -10.90
C HIS A 64 16.15 -0.25 -9.91
N ARG A 65 17.04 -0.01 -8.96
CA ARG A 65 16.83 1.02 -7.95
C ARG A 65 16.46 2.35 -8.60
N GLN A 66 17.35 2.84 -9.46
CA GLN A 66 17.12 4.12 -10.14
C GLN A 66 15.88 4.04 -11.03
N ARG A 67 15.61 2.84 -11.54
CA ARG A 67 14.44 2.64 -12.41
C ARG A 67 13.15 2.97 -11.67
N ILE A 68 12.85 2.21 -10.62
CA ILE A 68 11.64 2.43 -9.83
C ILE A 68 11.65 3.82 -9.19
N LEU A 69 12.83 4.25 -8.76
CA LEU A 69 12.96 5.56 -8.13
C LEU A 69 12.58 6.68 -9.10
N GLN A 70 13.38 6.84 -10.15
CA GLN A 70 13.13 7.86 -11.15
C GLN A 70 11.71 7.74 -11.72
N ALA A 71 11.28 6.50 -11.93
CA ALA A 71 9.95 6.24 -12.46
C ALA A 71 8.87 6.74 -11.51
N ILE A 72 8.79 6.11 -10.33
CA ILE A 72 7.81 6.49 -9.33
C ILE A 72 7.94 7.97 -8.96
N GLN A 73 9.11 8.54 -9.23
CA GLN A 73 9.37 9.94 -8.92
C GLN A 73 8.92 10.84 -10.07
N LEU A 74 8.91 10.28 -11.28
CA LEU A 74 8.52 11.04 -12.46
C LEU A 74 7.06 10.75 -12.82
N LEU A 75 6.47 9.78 -12.13
CA LEU A 75 5.08 9.41 -12.38
C LEU A 75 4.19 10.64 -12.43
N PRO A 76 3.06 10.54 -13.15
CA PRO A 76 2.10 11.64 -13.30
C PRO A 76 1.36 11.93 -12.00
N LYS A 77 0.34 12.79 -12.09
CA LYS A 77 -0.45 13.15 -10.92
C LYS A 77 -1.93 13.26 -11.28
N MET A 78 -2.71 12.29 -10.80
CA MET A 78 -4.14 12.28 -11.07
C MET A 78 -4.78 13.62 -10.72
N ARG A 79 -4.93 13.88 -9.43
CA ARG A 79 -5.53 15.13 -8.96
C ARG A 79 -5.16 15.40 -7.51
N PRO A 80 -5.29 16.66 -7.08
CA PRO A 80 -4.98 17.08 -5.72
C PRO A 80 -5.99 16.54 -4.71
N ILE A 81 -7.14 16.12 -5.19
CA ILE A 81 -8.19 15.58 -4.34
C ILE A 81 -7.87 14.14 -3.92
N GLY A 82 -7.93 13.89 -2.62
CA GLY A 82 -7.64 12.57 -2.10
C GLY A 82 -8.58 12.16 -0.97
N HIS A 83 -9.86 12.44 -1.15
CA HIS A 83 -10.86 12.10 -0.14
C HIS A 83 -11.81 11.01 -0.64
N ASP A 84 -12.32 10.21 0.28
CA ASP A 84 -13.24 9.14 -0.07
C ASP A 84 -14.65 9.69 -0.33
N GLY A 85 -15.34 9.08 -1.28
CA GLY A 85 -16.68 9.52 -1.62
C GLY A 85 -17.69 9.19 -0.53
N ALA A 86 -17.57 7.99 0.03
CA ALA A 86 -18.47 7.55 1.09
C ALA A 86 -17.78 7.54 2.44
N HIS A 87 -18.55 7.33 3.50
CA HIS A 87 -18.00 7.29 4.86
C HIS A 87 -17.81 5.86 5.33
N PRO A 88 -16.69 5.61 6.01
CA PRO A 88 -16.36 4.28 6.53
C PRO A 88 -17.26 3.87 7.70
N THR A 89 -18.28 3.06 7.40
CA THR A 89 -19.21 2.60 8.42
C THR A 89 -18.52 1.69 9.41
N SER A 90 -17.96 0.59 8.91
CA SER A 90 -17.29 -0.39 9.76
C SER A 90 -15.97 -0.82 9.13
N VAL A 91 -15.22 -1.65 9.85
CA VAL A 91 -13.93 -2.15 9.36
C VAL A 91 -14.09 -2.80 8.00
N ALA A 92 -15.22 -3.47 7.79
CA ALA A 92 -15.49 -4.14 6.52
C ALA A 92 -15.67 -3.12 5.39
N GLU A 93 -16.72 -2.31 5.50
CA GLU A 93 -17.01 -1.30 4.49
C GLU A 93 -15.77 -0.44 4.21
N TRP A 94 -14.95 -0.26 5.24
CA TRP A 94 -13.73 0.54 5.10
C TRP A 94 -12.68 -0.20 4.27
N LEU A 95 -12.26 -1.37 4.75
CA LEU A 95 -11.27 -2.16 4.06
C LEU A 95 -11.72 -2.50 2.64
N ASP A 96 -13.03 -2.45 2.42
CA ASP A 96 -13.59 -2.74 1.11
C ASP A 96 -12.99 -1.83 0.04
N SER A 97 -12.52 -0.67 0.47
CA SER A 97 -11.91 0.29 -0.45
C SER A 97 -10.40 0.08 -0.55
N ILE A 98 -9.85 -0.66 0.40
CA ILE A 98 -8.43 -0.94 0.42
C ILE A 98 -8.10 -2.25 -0.28
N GLU A 99 -9.04 -2.71 -1.11
CA GLU A 99 -8.86 -3.95 -1.85
C GLU A 99 -8.61 -5.12 -0.90
N LEU A 100 -9.04 -4.96 0.35
CA LEU A 100 -8.86 -6.00 1.36
C LEU A 100 -10.21 -6.40 1.97
N GLY A 101 -10.35 -7.68 2.26
CA GLY A 101 -11.59 -8.17 2.85
C GLY A 101 -11.34 -9.14 3.99
N ASP A 102 -10.48 -10.12 3.75
CA ASP A 102 -10.16 -11.12 4.76
C ASP A 102 -9.66 -10.46 6.04
N TYR A 103 -8.98 -9.34 5.89
CA TYR A 103 -8.44 -8.60 7.03
C TYR A 103 -9.53 -8.31 8.05
N THR A 104 -10.76 -8.15 7.56
CA THR A 104 -11.90 -7.86 8.43
C THR A 104 -11.95 -8.84 9.60
N LYS A 105 -11.56 -10.09 9.36
CA LYS A 105 -11.56 -11.10 10.39
C LYS A 105 -10.61 -10.74 11.52
N ALA A 106 -9.36 -10.44 11.17
CA ALA A 106 -8.36 -10.08 12.16
C ALA A 106 -8.76 -8.82 12.91
N PHE A 107 -9.20 -7.80 12.17
CA PHE A 107 -9.62 -6.54 12.77
C PHE A 107 -10.73 -6.76 13.79
N LEU A 108 -11.71 -7.59 13.42
CA LEU A 108 -12.84 -7.88 14.30
C LEU A 108 -12.35 -8.59 15.56
N ILE A 109 -11.76 -9.76 15.39
CA ILE A 109 -11.26 -10.54 16.52
C ILE A 109 -10.30 -9.71 17.37
N ASN A 110 -9.60 -8.78 16.73
CA ASN A 110 -8.66 -7.93 17.43
C ASN A 110 -9.38 -6.92 18.33
N GLY A 111 -10.61 -6.59 17.96
CA GLY A 111 -11.39 -5.65 18.73
C GLY A 111 -11.43 -4.26 18.11
N TYR A 112 -11.42 -4.21 16.79
CA TYR A 112 -11.44 -2.94 16.06
C TYR A 112 -12.87 -2.58 15.66
N THR A 113 -13.82 -2.91 16.52
CA THR A 113 -15.22 -2.61 16.26
C THR A 113 -15.47 -1.11 16.18
N SER A 114 -14.66 -0.35 16.90
CA SER A 114 -14.79 1.11 16.92
C SER A 114 -13.96 1.73 15.80
N MET A 115 -14.51 2.77 15.17
CA MET A 115 -13.83 3.46 14.09
C MET A 115 -12.62 4.23 14.62
N ASP A 116 -12.85 5.12 15.57
CA ASP A 116 -11.78 5.92 16.15
C ASP A 116 -10.62 5.04 16.60
N LEU A 117 -10.94 3.80 16.99
CA LEU A 117 -9.93 2.85 17.44
C LEU A 117 -8.83 2.71 16.40
N LEU A 118 -9.21 2.67 15.13
CA LEU A 118 -8.25 2.53 14.05
C LEU A 118 -7.31 3.73 14.00
N LYS A 119 -7.77 4.87 14.52
CA LYS A 119 -6.97 6.08 14.54
C LYS A 119 -6.28 6.26 15.89
N LYS A 120 -6.26 5.19 16.69
CA LYS A 120 -5.63 5.23 18.00
C LYS A 120 -4.51 4.21 18.09
N ILE A 121 -3.90 3.89 16.95
CA ILE A 121 -2.81 2.93 16.90
C ILE A 121 -1.68 3.44 16.02
N ALA A 122 -0.45 3.02 16.35
CA ALA A 122 0.73 3.44 15.59
C ALA A 122 1.12 2.36 14.58
N GLU A 123 2.09 2.69 13.72
CA GLU A 123 2.56 1.76 12.71
C GLU A 123 2.90 0.41 13.33
N VAL A 124 3.53 0.44 14.50
CA VAL A 124 3.90 -0.78 15.21
C VAL A 124 2.67 -1.52 15.75
N GLU A 125 1.76 -0.75 16.33
CA GLU A 125 0.54 -1.33 16.89
C GLU A 125 -0.24 -2.09 15.82
N LEU A 126 -0.26 -1.56 14.61
CA LEU A 126 -0.97 -2.19 13.50
C LEU A 126 -0.19 -3.40 12.98
N ILE A 127 1.07 -3.16 12.63
CA ILE A 127 1.92 -4.23 12.12
C ILE A 127 2.06 -5.36 13.13
N ASN A 128 1.79 -5.05 14.40
CA ASN A 128 1.88 -6.04 15.47
C ASN A 128 0.53 -6.70 15.72
N VAL A 129 -0.48 -5.88 16.01
CA VAL A 129 -1.82 -6.38 16.26
C VAL A 129 -2.38 -7.11 15.04
N LEU A 130 -2.47 -6.40 13.93
CA LEU A 130 -2.99 -6.97 12.70
C LEU A 130 -1.98 -7.95 12.08
N LYS A 131 -0.74 -7.86 12.54
CA LYS A 131 0.32 -8.74 12.03
C LYS A 131 0.38 -8.70 10.52
N ILE A 132 0.47 -7.50 9.96
CA ILE A 132 0.53 -7.33 8.51
C ILE A 132 1.97 -7.43 8.02
N ASN A 133 2.86 -6.67 8.64
CA ASN A 133 4.27 -6.67 8.27
C ASN A 133 4.43 -6.67 6.74
N LEU A 134 3.57 -5.92 6.06
CA LEU A 134 3.61 -5.84 4.61
C LEU A 134 3.55 -4.38 4.14
N ILE A 135 4.60 -3.94 3.46
CA ILE A 135 4.66 -2.58 2.95
C ILE A 135 3.40 -2.22 2.18
N GLY A 136 3.03 -3.09 1.24
CA GLY A 136 1.85 -2.84 0.43
C GLY A 136 0.63 -2.52 1.28
N HIS A 137 0.09 -3.53 1.95
CA HIS A 137 -1.08 -3.35 2.79
C HIS A 137 -0.88 -2.20 3.77
N ARG A 138 0.30 -2.18 4.40
CA ARG A 138 0.62 -1.13 5.36
C ARG A 138 0.37 0.26 4.76
N LYS A 139 1.08 0.56 3.68
CA LYS A 139 0.94 1.85 3.02
C LYS A 139 -0.51 2.14 2.70
N ARG A 140 -1.19 1.17 2.10
CA ARG A 140 -2.60 1.32 1.73
C ARG A 140 -3.42 1.75 2.95
N ILE A 141 -3.51 0.86 3.94
CA ILE A 141 -4.27 1.14 5.15
C ILE A 141 -3.85 2.47 5.76
N LEU A 142 -2.55 2.61 6.01
CA LEU A 142 -2.01 3.84 6.61
C LEU A 142 -2.44 5.06 5.81
N ALA A 143 -2.63 4.88 4.50
CA ALA A 143 -3.05 5.97 3.63
C ALA A 143 -4.51 6.31 3.84
N SER A 144 -5.36 5.29 3.87
CA SER A 144 -6.80 5.50 4.07
C SER A 144 -7.06 6.21 5.39
N LEU A 145 -6.44 5.71 6.46
CA LEU A 145 -6.62 6.29 7.78
C LEU A 145 -5.91 7.65 7.88
N GLY A 146 -4.70 7.72 7.34
CA GLY A 146 -3.95 8.95 7.37
C GLY A 146 -2.82 8.92 8.38
N ASP A 147 -1.63 9.35 7.96
CA ASP A 147 -0.47 9.37 8.83
C ASP A 147 -0.57 10.51 9.84
N ARG A 148 0.31 10.48 10.84
CA ARG A 148 0.32 11.51 11.87
C ARG A 148 1.43 12.53 11.61
N VAL A 14 -6.90 1.02 -15.12
CA VAL A 14 -6.23 1.96 -15.99
C VAL A 14 -4.74 1.66 -16.10
N GLN A 15 -4.21 1.01 -15.07
CA GLN A 15 -2.79 0.66 -15.05
C GLN A 15 -2.54 -0.55 -14.15
N THR A 16 -1.49 -1.31 -14.46
CA THR A 16 -1.14 -2.50 -13.69
C THR A 16 0.35 -2.54 -13.38
N VAL A 17 0.68 -3.01 -12.19
CA VAL A 17 2.08 -3.11 -11.77
C VAL A 17 2.92 -3.80 -12.82
N GLY A 18 2.34 -4.81 -13.48
CA GLY A 18 3.06 -5.53 -14.51
C GLY A 18 3.53 -4.63 -15.63
N GLN A 19 2.60 -3.93 -16.26
CA GLN A 19 2.94 -3.02 -17.36
C GLN A 19 3.82 -1.89 -16.88
N TRP A 20 3.41 -1.23 -15.79
CA TRP A 20 4.17 -0.12 -15.23
C TRP A 20 5.60 -0.53 -14.95
N LEU A 21 5.77 -1.62 -14.20
CA LEU A 21 7.10 -2.12 -13.86
C LEU A 21 7.84 -2.60 -15.10
N GLU A 22 7.09 -3.10 -16.08
CA GLU A 22 7.67 -3.59 -17.32
C GLU A 22 8.16 -2.44 -18.18
N SER A 23 7.55 -1.27 -18.01
CA SER A 23 7.92 -0.08 -18.78
C SER A 23 9.12 0.60 -18.15
N ILE A 24 9.04 0.86 -16.85
CA ILE A 24 10.13 1.51 -16.13
C ILE A 24 11.32 0.58 -15.95
N GLY A 25 11.02 -0.72 -15.85
CA GLY A 25 12.08 -1.71 -15.68
C GLY A 25 11.75 -3.04 -16.31
N LEU A 26 11.68 -4.08 -15.49
CA LEU A 26 11.37 -5.42 -15.98
C LEU A 26 10.45 -6.14 -15.02
N PRO A 27 9.74 -7.18 -15.52
CA PRO A 27 8.81 -7.97 -14.73
C PRO A 27 9.53 -8.84 -13.70
N GLN A 28 10.85 -8.91 -13.80
CA GLN A 28 11.65 -9.71 -12.89
C GLN A 28 11.36 -9.33 -11.44
N TYR A 29 10.93 -8.09 -11.22
CA TYR A 29 10.61 -7.61 -9.88
C TYR A 29 9.12 -7.67 -9.63
N GLU A 30 8.34 -7.82 -10.70
CA GLU A 30 6.89 -7.89 -10.60
C GLU A 30 6.47 -8.95 -9.58
N ASN A 31 7.04 -10.14 -9.70
CA ASN A 31 6.73 -11.24 -8.80
C ASN A 31 6.92 -10.81 -7.35
N HIS A 32 8.04 -10.17 -7.05
CA HIS A 32 8.34 -9.71 -5.70
C HIS A 32 7.31 -8.69 -5.25
N LEU A 33 7.11 -7.64 -6.05
CA LEU A 33 6.16 -6.59 -5.72
C LEU A 33 4.80 -7.19 -5.38
N MET A 34 4.18 -7.85 -6.35
CA MET A 34 2.87 -8.45 -6.14
C MET A 34 2.88 -9.33 -4.89
N ALA A 35 3.85 -10.23 -4.79
CA ALA A 35 3.95 -11.12 -3.65
C ALA A 35 4.09 -10.33 -2.36
N ASN A 36 4.60 -9.10 -2.46
CA ASN A 36 4.78 -8.25 -1.30
C ASN A 36 3.58 -7.33 -1.11
N GLY A 37 2.45 -7.71 -1.70
CA GLY A 37 1.25 -6.91 -1.58
C GLY A 37 1.13 -5.88 -2.69
N PHE A 38 2.25 -5.56 -3.32
CA PHE A 38 2.26 -4.59 -4.40
C PHE A 38 1.76 -5.20 -5.70
N ASP A 39 0.46 -5.50 -5.74
CA ASP A 39 -0.14 -6.10 -6.93
C ASP A 39 -0.97 -5.06 -7.69
N ASN A 40 -1.39 -4.02 -7.00
CA ASN A 40 -2.18 -2.96 -7.60
C ASN A 40 -1.42 -1.64 -7.64
N VAL A 41 -1.38 -1.01 -8.81
CA VAL A 41 -0.68 0.26 -8.97
C VAL A 41 -1.22 1.30 -8.00
N GLN A 42 -2.50 1.21 -7.69
CA GLN A 42 -3.13 2.16 -6.78
C GLN A 42 -2.39 2.21 -5.45
N ALA A 43 -1.71 1.13 -5.11
CA ALA A 43 -0.96 1.04 -3.86
C ALA A 43 0.02 2.21 -3.74
N MET A 44 0.45 2.74 -4.88
CA MET A 44 1.38 3.86 -4.90
C MET A 44 0.77 5.07 -5.59
N GLY A 45 -0.56 5.18 -5.53
CA GLY A 45 -1.24 6.29 -6.16
C GLY A 45 -1.13 7.58 -5.35
N SER A 46 -1.48 7.50 -4.07
CA SER A 46 -1.43 8.67 -3.19
C SER A 46 -0.04 8.80 -2.55
N ASN A 47 0.47 7.69 -2.03
CA ASN A 47 1.78 7.67 -1.40
C ASN A 47 2.80 6.94 -2.26
N VAL A 48 3.66 7.71 -2.93
CA VAL A 48 4.69 7.12 -3.79
C VAL A 48 5.67 6.29 -2.97
N MET A 49 5.94 5.08 -3.45
CA MET A 49 6.87 4.18 -2.78
C MET A 49 8.20 4.88 -2.49
N GLU A 50 8.57 4.94 -1.22
CA GLU A 50 9.82 5.58 -0.83
C GLU A 50 10.98 4.59 -0.85
N ASP A 51 12.18 5.10 -0.60
CA ASP A 51 13.37 4.25 -0.60
C ASP A 51 13.25 3.13 0.43
N GLN A 52 12.62 3.44 1.56
CA GLN A 52 12.43 2.46 2.62
C GLN A 52 11.74 1.20 2.09
N ASP A 53 10.55 1.37 1.55
CA ASP A 53 9.80 0.25 1.00
C ASP A 53 10.54 -0.38 -0.19
N LEU A 54 10.94 0.45 -1.14
CA LEU A 54 11.66 -0.02 -2.31
C LEU A 54 12.83 -0.93 -1.92
N LEU A 55 13.52 -0.55 -0.85
CA LEU A 55 14.66 -1.32 -0.36
C LEU A 55 14.19 -2.48 0.52
N GLU A 56 13.02 -2.32 1.12
CA GLU A 56 12.45 -3.35 2.00
C GLU A 56 11.94 -4.54 1.18
N ILE A 57 11.46 -4.24 -0.03
CA ILE A 57 10.94 -5.29 -0.90
C ILE A 57 11.96 -6.41 -1.09
N GLY A 58 13.03 -6.13 -1.82
CA GLY A 58 14.06 -7.12 -2.06
C GLY A 58 15.18 -6.60 -2.93
N ILE A 59 14.83 -5.70 -3.85
CA ILE A 59 15.83 -5.14 -4.76
C ILE A 59 16.99 -4.53 -3.99
N LEU A 60 18.17 -5.13 -4.16
CA LEU A 60 19.37 -4.66 -3.48
C LEU A 60 20.58 -4.71 -4.41
N ASN A 61 21.29 -3.60 -4.53
CA ASN A 61 22.48 -3.53 -5.38
C ASN A 61 22.15 -3.98 -6.80
N SER A 62 20.95 -3.63 -7.27
CA SER A 62 20.52 -4.00 -8.61
C SER A 62 20.41 -2.77 -9.51
N GLY A 63 20.89 -1.64 -9.00
CA GLY A 63 20.83 -0.40 -9.77
C GLY A 63 19.45 -0.12 -10.32
N HIS A 64 18.43 -0.55 -9.58
CA HIS A 64 17.04 -0.34 -10.00
C HIS A 64 16.32 0.60 -9.04
N ARG A 65 16.95 0.87 -7.90
CA ARG A 65 16.38 1.75 -6.89
C ARG A 65 15.95 3.08 -7.51
N GLN A 66 16.92 3.81 -8.05
CA GLN A 66 16.64 5.10 -8.68
C GLN A 66 15.53 4.98 -9.72
N ARG A 67 15.57 3.90 -10.49
CA ARG A 67 14.57 3.66 -11.52
C ARG A 67 13.18 3.68 -10.93
N ILE A 68 12.87 2.69 -10.11
CA ILE A 68 11.57 2.58 -9.47
C ILE A 68 11.25 3.83 -8.66
N LEU A 69 12.29 4.49 -8.16
CA LEU A 69 12.12 5.71 -7.37
C LEU A 69 11.49 6.82 -8.21
N GLN A 70 12.27 7.37 -9.12
CA GLN A 70 11.79 8.45 -9.99
C GLN A 70 10.55 8.00 -10.77
N ALA A 71 10.47 6.71 -11.04
CA ALA A 71 9.34 6.15 -11.78
C ALA A 71 8.06 6.19 -10.93
N ILE A 72 8.18 5.78 -9.68
CA ILE A 72 7.04 5.76 -8.77
C ILE A 72 6.85 7.12 -8.10
N GLN A 73 7.81 8.02 -8.31
CA GLN A 73 7.75 9.34 -7.73
C GLN A 73 7.18 10.35 -8.72
N LEU A 74 7.41 10.10 -10.01
CA LEU A 74 6.93 10.97 -11.07
C LEU A 74 5.86 10.28 -11.91
N LEU A 75 6.04 8.99 -12.14
CA LEU A 75 5.09 8.21 -12.92
C LEU A 75 4.97 8.76 -14.34
N PRO A 76 4.51 7.92 -15.27
CA PRO A 76 4.34 8.30 -16.68
C PRO A 76 3.19 9.27 -16.88
N LYS A 77 2.22 9.24 -15.95
CA LYS A 77 1.07 10.13 -16.03
C LYS A 77 1.38 11.48 -15.39
N MET A 78 1.25 12.55 -16.16
CA MET A 78 1.52 13.90 -15.68
C MET A 78 0.30 14.46 -14.96
N ARG A 79 -0.89 14.17 -15.50
CA ARG A 79 -2.13 14.65 -14.91
C ARG A 79 -3.02 13.48 -14.46
N PRO A 80 -2.59 12.79 -13.40
CA PRO A 80 -3.32 11.65 -12.85
C PRO A 80 -4.63 12.06 -12.18
N ILE A 81 -5.36 11.09 -11.65
CA ILE A 81 -6.62 11.35 -10.98
C ILE A 81 -6.43 11.47 -9.47
N GLY A 82 -5.38 10.84 -8.96
CA GLY A 82 -5.10 10.89 -7.54
C GLY A 82 -5.93 9.90 -6.75
N HIS A 83 -6.45 10.32 -5.61
CA HIS A 83 -7.26 9.46 -4.76
C HIS A 83 -8.71 9.96 -4.70
N ASP A 84 -9.63 9.04 -4.42
CA ASP A 84 -11.04 9.38 -4.34
C ASP A 84 -11.33 10.19 -3.07
N GLY A 85 -10.90 9.67 -1.93
CA GLY A 85 -11.13 10.36 -0.67
C GLY A 85 -11.46 9.40 0.47
N ALA A 86 -11.39 9.90 1.69
CA ALA A 86 -11.68 9.09 2.86
C ALA A 86 -13.14 9.26 3.31
N HIS A 87 -13.58 8.39 4.21
CA HIS A 87 -14.95 8.46 4.72
C HIS A 87 -15.11 7.56 5.95
N PRO A 88 -15.86 8.06 6.95
CA PRO A 88 -16.10 7.32 8.19
C PRO A 88 -17.02 6.13 7.97
N THR A 89 -16.49 4.92 8.21
CA THR A 89 -17.27 3.70 8.05
C THR A 89 -16.66 2.56 8.85
N SER A 90 -17.38 1.44 8.89
CA SER A 90 -16.91 0.27 9.64
C SER A 90 -15.63 -0.29 9.02
N VAL A 91 -14.87 -1.03 9.82
CA VAL A 91 -13.62 -1.61 9.36
C VAL A 91 -13.82 -2.39 8.06
N ALA A 92 -14.90 -3.18 8.01
CA ALA A 92 -15.22 -3.97 6.84
C ALA A 92 -15.38 -3.09 5.61
N GLU A 93 -16.38 -2.22 5.65
CA GLU A 93 -16.66 -1.32 4.54
C GLU A 93 -15.40 -0.57 4.12
N TRP A 94 -14.55 -0.28 5.08
CA TRP A 94 -13.30 0.44 4.82
C TRP A 94 -12.34 -0.43 4.02
N LEU A 95 -11.93 -1.55 4.62
CA LEU A 95 -11.00 -2.48 3.97
C LEU A 95 -11.57 -2.95 2.62
N ASP A 96 -12.89 -2.87 2.49
CA ASP A 96 -13.55 -3.30 1.26
C ASP A 96 -13.08 -2.47 0.07
N SER A 97 -12.49 -1.32 0.37
CA SER A 97 -11.99 -0.42 -0.67
C SER A 97 -10.47 -0.46 -0.76
N ILE A 98 -9.85 -1.05 0.26
CA ILE A 98 -8.39 -1.16 0.30
C ILE A 98 -7.92 -2.43 -0.39
N GLU A 99 -8.83 -3.10 -1.08
CA GLU A 99 -8.50 -4.34 -1.78
C GLU A 99 -8.14 -5.44 -0.81
N LEU A 100 -8.54 -5.27 0.44
CA LEU A 100 -8.25 -6.25 1.49
C LEU A 100 -9.53 -6.96 1.93
N GLY A 101 -9.38 -7.89 2.86
CA GLY A 101 -10.54 -8.63 3.36
C GLY A 101 -10.20 -9.48 4.58
N ASP A 102 -9.19 -10.33 4.44
CA ASP A 102 -8.77 -11.21 5.53
C ASP A 102 -8.58 -10.41 6.82
N TYR A 103 -7.94 -9.24 6.70
CA TYR A 103 -7.69 -8.40 7.85
C TYR A 103 -8.98 -8.18 8.66
N THR A 104 -10.11 -8.18 7.96
CA THR A 104 -11.40 -7.99 8.61
C THR A 104 -11.53 -8.86 9.86
N LYS A 105 -11.08 -10.10 9.75
CA LYS A 105 -11.13 -11.03 10.87
C LYS A 105 -10.26 -10.56 12.04
N ALA A 106 -9.06 -10.09 11.70
CA ALA A 106 -8.14 -9.60 12.71
C ALA A 106 -8.66 -8.33 13.38
N PHE A 107 -9.04 -7.36 12.55
CA PHE A 107 -9.56 -6.09 13.06
C PHE A 107 -10.76 -6.32 13.96
N LEU A 108 -11.65 -7.21 13.54
CA LEU A 108 -12.85 -7.52 14.32
C LEU A 108 -12.49 -8.14 15.66
N ILE A 109 -11.80 -9.27 15.62
CA ILE A 109 -11.38 -9.95 16.84
C ILE A 109 -10.52 -9.04 17.71
N ASN A 110 -9.90 -8.05 17.09
CA ASN A 110 -9.04 -7.12 17.82
C ASN A 110 -9.89 -6.10 18.59
N GLY A 111 -11.08 -5.84 18.09
CA GLY A 111 -11.98 -4.89 18.74
C GLY A 111 -12.24 -3.67 17.88
N TYR A 112 -11.70 -3.67 16.67
CA TYR A 112 -11.88 -2.55 15.75
C TYR A 112 -13.28 -2.55 15.16
N THR A 113 -14.16 -1.75 15.75
CA THR A 113 -15.54 -1.66 15.28
C THR A 113 -15.82 -0.30 14.64
N SER A 114 -15.06 0.71 15.06
CA SER A 114 -15.22 2.06 14.52
C SER A 114 -13.91 2.57 13.93
N MET A 115 -13.98 3.07 12.70
CA MET A 115 -12.80 3.60 12.02
C MET A 115 -12.08 4.61 12.90
N ASP A 116 -12.85 5.36 13.70
CA ASP A 116 -12.27 6.36 14.58
C ASP A 116 -11.13 5.78 15.39
N LEU A 117 -11.29 4.54 15.84
CA LEU A 117 -10.27 3.86 16.63
C LEU A 117 -8.95 3.79 15.88
N LEU A 118 -9.03 3.58 14.57
CA LEU A 118 -7.84 3.51 13.73
C LEU A 118 -7.02 4.79 13.81
N LYS A 119 -7.67 5.88 14.22
CA LYS A 119 -7.01 7.17 14.35
C LYS A 119 -6.00 7.15 15.49
N LYS A 120 -6.28 6.32 16.50
CA LYS A 120 -5.38 6.21 17.65
C LYS A 120 -4.47 5.00 17.51
N ILE A 121 -4.23 4.58 16.26
CA ILE A 121 -3.37 3.43 15.99
C ILE A 121 -2.05 3.88 15.38
N ALA A 122 -0.95 3.40 15.95
CA ALA A 122 0.38 3.74 15.45
C ALA A 122 0.99 2.58 14.68
N GLU A 123 2.19 2.80 14.14
CA GLU A 123 2.89 1.76 13.38
C GLU A 123 3.07 0.50 14.22
N VAL A 124 3.91 0.60 15.24
CA VAL A 124 4.17 -0.54 16.12
C VAL A 124 2.87 -1.19 16.59
N GLU A 125 1.92 -0.36 17.02
CA GLU A 125 0.64 -0.85 17.50
C GLU A 125 -0.04 -1.70 16.43
N LEU A 126 0.05 -1.27 15.19
CA LEU A 126 -0.56 -1.99 14.07
C LEU A 126 0.16 -3.31 13.82
N ILE A 127 1.49 -3.29 13.98
CA ILE A 127 2.29 -4.48 13.77
C ILE A 127 2.20 -5.42 14.97
N ASN A 128 1.74 -4.89 16.10
CA ASN A 128 1.60 -5.69 17.32
C ASN A 128 0.16 -6.16 17.49
N VAL A 129 -0.77 -5.46 16.86
CA VAL A 129 -2.18 -5.80 16.94
C VAL A 129 -2.65 -6.51 15.68
N LEU A 130 -2.46 -5.87 14.54
CA LEU A 130 -2.87 -6.43 13.26
C LEU A 130 -1.77 -7.31 12.68
N LYS A 131 -0.53 -7.02 13.04
CA LYS A 131 0.61 -7.80 12.57
C LYS A 131 0.77 -7.65 11.06
N ILE A 132 0.66 -6.41 10.57
CA ILE A 132 0.80 -6.14 9.15
C ILE A 132 2.26 -5.92 8.77
N ASN A 133 2.88 -6.95 8.20
CA ASN A 133 4.28 -6.87 7.78
C ASN A 133 4.39 -6.55 6.30
N LEU A 134 3.45 -7.08 5.52
CA LEU A 134 3.44 -6.86 4.07
C LEU A 134 3.52 -5.37 3.75
N ILE A 135 4.40 -5.02 2.82
CA ILE A 135 4.57 -3.63 2.42
C ILE A 135 3.35 -3.13 1.64
N GLY A 136 2.82 -3.98 0.77
CA GLY A 136 1.65 -3.62 -0.02
C GLY A 136 0.43 -3.34 0.84
N HIS A 137 0.17 -4.23 1.79
CA HIS A 137 -0.98 -4.09 2.68
C HIS A 137 -0.77 -2.92 3.64
N ARG A 138 0.38 -2.90 4.31
CA ARG A 138 0.69 -1.84 5.26
C ARG A 138 0.70 -0.49 4.57
N LYS A 139 1.07 -0.47 3.29
CA LYS A 139 1.12 0.77 2.52
C LYS A 139 -0.29 1.25 2.19
N ARG A 140 -1.07 0.39 1.54
CA ARG A 140 -2.44 0.73 1.16
C ARG A 140 -3.23 1.22 2.37
N ILE A 141 -3.08 0.52 3.48
CA ILE A 141 -3.78 0.88 4.71
C ILE A 141 -3.25 2.19 5.28
N LEU A 142 -1.96 2.24 5.50
CA LEU A 142 -1.32 3.44 6.05
C LEU A 142 -1.68 4.67 5.21
N ALA A 143 -1.68 4.51 3.91
CA ALA A 143 -2.01 5.60 2.99
C ALA A 143 -3.47 6.01 3.14
N SER A 144 -4.37 5.04 3.05
CA SER A 144 -5.80 5.30 3.15
C SER A 144 -6.10 6.10 4.42
N LEU A 145 -5.49 5.70 5.53
CA LEU A 145 -5.69 6.38 6.81
C LEU A 145 -5.06 7.77 6.80
N GLY A 146 -3.77 7.83 6.45
CA GLY A 146 -3.08 9.10 6.41
C GLY A 146 -2.01 9.23 7.49
N ASP A 147 -0.76 9.29 7.08
CA ASP A 147 0.35 9.41 8.01
C ASP A 147 0.21 10.68 8.86
N ARG A 148 1.03 10.77 9.91
CA ARG A 148 1.00 11.93 10.80
C ARG A 148 1.75 13.11 10.19
N VAL A 14 -6.84 0.08 -13.70
CA VAL A 14 -6.50 0.75 -14.94
C VAL A 14 -5.05 0.48 -15.35
N GLN A 15 -4.19 0.31 -14.34
CA GLN A 15 -2.78 0.04 -14.58
C GLN A 15 -2.39 -1.35 -14.07
N THR A 16 -1.24 -1.83 -14.50
CA THR A 16 -0.75 -3.14 -14.08
C THR A 16 0.71 -3.06 -13.65
N VAL A 17 1.00 -3.62 -12.48
CA VAL A 17 2.36 -3.62 -11.94
C VAL A 17 3.36 -4.15 -12.97
N GLY A 18 2.94 -5.19 -13.71
CA GLY A 18 3.81 -5.76 -14.72
C GLY A 18 4.15 -4.79 -15.82
N GLN A 19 3.14 -4.08 -16.32
CA GLN A 19 3.33 -3.11 -17.39
C GLN A 19 4.22 -1.96 -16.93
N TRP A 20 3.83 -1.33 -15.83
CA TRP A 20 4.60 -0.22 -15.28
C TRP A 20 6.03 -0.63 -15.00
N LEU A 21 6.21 -1.77 -14.32
CA LEU A 21 7.53 -2.27 -14.00
C LEU A 21 8.33 -2.57 -15.26
N GLU A 22 7.64 -3.06 -16.29
CA GLU A 22 8.29 -3.39 -17.56
C GLU A 22 8.71 -2.12 -18.29
N SER A 23 7.94 -1.05 -18.09
CA SER A 23 8.23 0.22 -18.75
C SER A 23 9.43 0.91 -18.10
N ILE A 24 9.46 0.89 -16.77
CA ILE A 24 10.55 1.52 -16.02
C ILE A 24 11.79 0.63 -16.02
N GLY A 25 11.58 -0.68 -16.09
CA GLY A 25 12.69 -1.61 -16.10
C GLY A 25 12.36 -2.91 -16.80
N LEU A 26 12.56 -4.02 -16.10
CA LEU A 26 12.27 -5.35 -16.66
C LEU A 26 11.49 -6.19 -15.67
N PRO A 27 10.75 -7.19 -16.18
CA PRO A 27 9.95 -8.09 -15.36
C PRO A 27 10.82 -9.04 -14.53
N GLN A 28 11.52 -8.49 -13.55
CA GLN A 28 12.38 -9.29 -12.69
C GLN A 28 11.95 -9.16 -11.23
N TYR A 29 11.13 -8.17 -10.94
CA TYR A 29 10.65 -7.94 -9.58
C TYR A 29 9.13 -7.97 -9.53
N GLU A 30 8.52 -8.19 -10.69
CA GLU A 30 7.05 -8.24 -10.77
C GLU A 30 6.49 -9.21 -9.74
N ASN A 31 6.97 -10.45 -9.77
CA ASN A 31 6.50 -11.47 -8.84
C ASN A 31 6.67 -11.02 -7.40
N HIS A 32 7.87 -10.54 -7.07
CA HIS A 32 8.16 -10.07 -5.73
C HIS A 32 7.17 -9.01 -5.29
N LEU A 33 7.00 -7.98 -6.12
CA LEU A 33 6.07 -6.90 -5.82
C LEU A 33 4.67 -7.44 -5.51
N MET A 34 4.12 -8.19 -6.45
CA MET A 34 2.79 -8.78 -6.28
C MET A 34 2.72 -9.61 -5.00
N ALA A 35 3.64 -10.56 -4.87
CA ALA A 35 3.69 -11.41 -3.70
C ALA A 35 3.88 -10.60 -2.42
N ASN A 36 4.42 -9.40 -2.57
CA ASN A 36 4.65 -8.51 -1.43
C ASN A 36 3.44 -7.61 -1.20
N GLY A 37 2.33 -7.95 -1.84
CA GLY A 37 1.11 -7.15 -1.69
C GLY A 37 0.95 -6.13 -2.79
N PHE A 38 2.06 -5.77 -3.44
CA PHE A 38 2.04 -4.80 -4.52
C PHE A 38 1.59 -5.44 -5.83
N ASP A 39 0.34 -5.90 -5.86
CA ASP A 39 -0.20 -6.55 -7.05
C ASP A 39 -1.02 -5.56 -7.88
N ASN A 40 -1.46 -4.49 -7.24
CA ASN A 40 -2.26 -3.47 -7.91
C ASN A 40 -1.55 -2.12 -7.88
N VAL A 41 -1.28 -1.58 -9.06
CA VAL A 41 -0.60 -0.30 -9.18
C VAL A 41 -1.29 0.77 -8.33
N GLN A 42 -2.61 0.66 -8.20
CA GLN A 42 -3.39 1.60 -7.41
C GLN A 42 -2.79 1.77 -6.02
N ALA A 43 -2.17 0.70 -5.52
CA ALA A 43 -1.56 0.72 -4.20
C ALA A 43 -0.59 1.89 -4.06
N MET A 44 -0.05 2.34 -5.19
CA MET A 44 0.90 3.45 -5.20
C MET A 44 0.17 4.78 -5.07
N GLY A 45 -1.05 4.83 -5.60
CA GLY A 45 -1.83 6.05 -5.54
C GLY A 45 -1.96 6.59 -4.13
N SER A 46 -2.35 5.72 -3.20
CA SER A 46 -2.52 6.12 -1.81
C SER A 46 -1.27 6.82 -1.29
N ASN A 47 -0.11 6.33 -1.70
CA ASN A 47 1.17 6.90 -1.28
C ASN A 47 2.30 6.47 -2.21
N VAL A 48 2.94 7.45 -2.84
CA VAL A 48 4.03 7.17 -3.76
C VAL A 48 5.09 6.29 -3.10
N MET A 49 5.42 5.19 -3.76
CA MET A 49 6.42 4.26 -3.24
C MET A 49 7.72 4.99 -2.91
N GLU A 50 8.13 4.90 -1.64
CA GLU A 50 9.36 5.55 -1.19
C GLU A 50 10.54 4.57 -1.20
N ASP A 51 11.72 5.07 -0.89
CA ASP A 51 12.92 4.25 -0.86
C ASP A 51 12.80 3.17 0.23
N GLN A 52 12.12 3.50 1.32
CA GLN A 52 11.95 2.57 2.42
C GLN A 52 11.25 1.29 1.95
N ASP A 53 10.02 1.45 1.46
CA ASP A 53 9.25 0.31 0.98
C ASP A 53 9.94 -0.35 -0.22
N LEU A 54 10.46 0.47 -1.11
CA LEU A 54 11.15 -0.02 -2.31
C LEU A 54 12.31 -0.92 -1.92
N LEU A 55 13.10 -0.48 -0.94
CA LEU A 55 14.25 -1.26 -0.48
C LEU A 55 13.81 -2.37 0.47
N GLU A 56 12.63 -2.21 1.05
CA GLU A 56 12.09 -3.21 1.97
C GLU A 56 11.57 -4.43 1.22
N ILE A 57 10.99 -4.19 0.04
CA ILE A 57 10.45 -5.26 -0.77
C ILE A 57 11.53 -6.28 -1.14
N GLY A 58 12.44 -5.87 -2.02
CA GLY A 58 13.51 -6.76 -2.44
C GLY A 58 14.39 -6.14 -3.50
N ILE A 59 14.59 -4.84 -3.42
CA ILE A 59 15.42 -4.12 -4.39
C ILE A 59 16.73 -3.67 -3.77
N LEU A 60 17.36 -4.57 -3.01
CA LEU A 60 18.63 -4.26 -2.36
C LEU A 60 19.73 -4.04 -3.40
N ASN A 61 19.62 -4.73 -4.53
CA ASN A 61 20.61 -4.61 -5.59
C ASN A 61 20.59 -3.22 -6.20
N SER A 62 21.56 -2.38 -5.81
CA SER A 62 21.64 -1.02 -6.31
C SER A 62 21.64 -1.01 -7.84
N GLY A 63 20.79 -0.17 -8.42
CA GLY A 63 20.70 -0.08 -9.86
C GLY A 63 19.28 0.18 -10.34
N HIS A 64 18.30 -0.23 -9.54
CA HIS A 64 16.90 -0.05 -9.89
C HIS A 64 16.22 0.90 -8.90
N ARG A 65 16.78 1.01 -7.70
CA ARG A 65 16.23 1.87 -6.67
C ARG A 65 15.97 3.27 -7.21
N GLN A 66 17.02 3.91 -7.71
CA GLN A 66 16.90 5.26 -8.27
C GLN A 66 15.87 5.30 -9.39
N ARG A 67 15.94 4.31 -10.28
CA ARG A 67 15.02 4.23 -11.41
C ARG A 67 13.57 4.18 -10.93
N ILE A 68 13.22 3.11 -10.22
CA ILE A 68 11.87 2.94 -9.71
C ILE A 68 11.43 4.17 -8.91
N LEU A 69 12.38 4.79 -8.22
CA LEU A 69 12.08 5.98 -7.43
C LEU A 69 11.70 7.15 -8.32
N GLN A 70 12.55 7.45 -9.30
CA GLN A 70 12.30 8.54 -10.23
C GLN A 70 11.00 8.32 -10.99
N ALA A 71 10.75 7.08 -11.38
CA ALA A 71 9.54 6.74 -12.12
C ALA A 71 8.30 6.94 -11.26
N ILE A 72 8.25 6.23 -10.13
CA ILE A 72 7.12 6.32 -9.22
C ILE A 72 6.93 7.75 -8.72
N GLN A 73 8.03 8.51 -8.69
CA GLN A 73 7.98 9.89 -8.23
C GLN A 73 7.42 10.80 -9.32
N LEU A 74 7.77 10.51 -10.57
CA LEU A 74 7.30 11.31 -11.70
C LEU A 74 5.97 10.78 -12.22
N LEU A 75 5.57 9.62 -11.72
CA LEU A 75 4.31 9.00 -12.13
C LEU A 75 3.18 10.02 -12.13
N PRO A 76 2.90 10.60 -10.96
CA PRO A 76 1.84 11.60 -10.80
C PRO A 76 2.19 12.93 -11.48
N LYS A 77 2.03 12.97 -12.80
CA LYS A 77 2.32 14.16 -13.57
C LYS A 77 1.05 14.95 -13.85
N MET A 78 0.18 14.38 -14.69
CA MET A 78 -1.08 15.03 -15.05
C MET A 78 -2.18 14.64 -14.08
N ARG A 79 -2.32 13.34 -13.83
CA ARG A 79 -3.34 12.83 -12.93
C ARG A 79 -3.20 13.45 -11.54
N PRO A 80 -4.28 13.40 -10.75
CA PRO A 80 -4.30 13.96 -9.40
C PRO A 80 -3.44 13.16 -8.42
N ILE A 81 -3.38 13.62 -7.18
CA ILE A 81 -2.58 12.95 -6.16
C ILE A 81 -3.49 12.16 -5.20
N GLY A 82 -2.87 11.43 -4.28
CA GLY A 82 -3.63 10.65 -3.32
C GLY A 82 -4.37 11.52 -2.33
N HIS A 83 -5.70 11.40 -2.32
CA HIS A 83 -6.53 12.17 -1.42
C HIS A 83 -7.69 11.33 -0.90
N ASP A 84 -8.30 11.78 0.20
CA ASP A 84 -9.42 11.07 0.80
C ASP A 84 -10.73 11.47 0.12
N GLY A 85 -11.83 10.86 0.56
CA GLY A 85 -13.13 11.15 -0.02
C GLY A 85 -14.14 10.04 0.23
N ALA A 86 -13.63 8.84 0.48
CA ALA A 86 -14.49 7.69 0.74
C ALA A 86 -15.38 7.92 1.95
N HIS A 87 -16.42 7.11 2.08
CA HIS A 87 -17.35 7.24 3.21
C HIS A 87 -17.46 5.91 3.96
N PRO A 88 -16.38 5.54 4.67
CA PRO A 88 -16.34 4.29 5.44
C PRO A 88 -17.24 4.34 6.67
N THR A 89 -17.93 3.24 6.93
CA THR A 89 -18.83 3.15 8.08
C THR A 89 -18.29 2.19 9.13
N SER A 90 -17.53 1.20 8.69
CA SER A 90 -16.95 0.22 9.60
C SER A 90 -15.67 -0.37 9.02
N VAL A 91 -14.92 -1.08 9.85
CA VAL A 91 -13.67 -1.69 9.43
C VAL A 91 -13.88 -2.54 8.17
N ALA A 92 -15.01 -3.21 8.09
CA ALA A 92 -15.33 -4.04 6.94
C ALA A 92 -15.46 -3.21 5.67
N GLU A 93 -16.37 -2.24 5.70
CA GLU A 93 -16.59 -1.36 4.55
C GLU A 93 -15.39 -0.45 4.32
N TRP A 94 -14.49 -0.40 5.31
CA TRP A 94 -13.30 0.44 5.22
C TRP A 94 -12.19 -0.28 4.47
N LEU A 95 -12.02 -1.57 4.76
CA LEU A 95 -10.99 -2.36 4.11
C LEU A 95 -11.50 -2.99 2.82
N ASP A 96 -12.72 -3.53 2.88
CA ASP A 96 -13.33 -4.16 1.72
C ASP A 96 -13.48 -3.15 0.58
N SER A 97 -13.46 -1.87 0.92
CA SER A 97 -13.59 -0.81 -0.08
C SER A 97 -12.22 -0.31 -0.53
N ILE A 98 -11.18 -1.01 -0.11
CA ILE A 98 -9.82 -0.65 -0.47
C ILE A 98 -9.18 -1.71 -1.37
N GLU A 99 -8.87 -2.86 -0.77
CA GLU A 99 -8.24 -3.94 -1.51
C GLU A 99 -8.63 -5.30 -0.91
N LEU A 100 -8.18 -5.54 0.32
CA LEU A 100 -8.48 -6.79 1.02
C LEU A 100 -9.29 -6.54 2.27
N GLY A 101 -10.43 -7.21 2.38
CA GLY A 101 -11.29 -7.05 3.54
C GLY A 101 -11.08 -8.13 4.57
N ASP A 102 -10.23 -9.11 4.24
CA ASP A 102 -9.95 -10.21 5.15
C ASP A 102 -9.47 -9.69 6.50
N TYR A 103 -8.63 -8.66 6.47
CA TYR A 103 -8.10 -8.08 7.70
C TYR A 103 -9.22 -7.70 8.66
N THR A 104 -10.39 -7.41 8.10
CA THR A 104 -11.55 -7.04 8.91
C THR A 104 -11.73 -8.00 10.09
N LYS A 105 -11.40 -9.27 9.87
CA LYS A 105 -11.52 -10.28 10.91
C LYS A 105 -10.62 -9.95 12.09
N ALA A 106 -9.33 -9.77 11.82
CA ALA A 106 -8.37 -9.44 12.86
C ALA A 106 -8.74 -8.15 13.56
N PHE A 107 -9.07 -7.12 12.78
CA PHE A 107 -9.44 -5.83 13.34
C PHE A 107 -10.59 -5.96 14.32
N LEU A 108 -11.63 -6.69 13.91
CA LEU A 108 -12.81 -6.90 14.75
C LEU A 108 -12.43 -7.64 16.03
N ILE A 109 -11.95 -8.87 15.88
CA ILE A 109 -11.56 -9.68 17.02
C ILE A 109 -10.59 -8.93 17.92
N ASN A 110 -9.82 -8.02 17.33
CA ASN A 110 -8.86 -7.22 18.08
C ASN A 110 -9.56 -6.20 18.96
N GLY A 111 -10.68 -5.67 18.47
CA GLY A 111 -11.43 -4.69 19.22
C GLY A 111 -11.71 -3.43 18.42
N TYR A 112 -11.24 -3.41 17.18
CA TYR A 112 -11.44 -2.25 16.31
C TYR A 112 -12.88 -2.18 15.82
N THR A 113 -13.67 -1.36 16.48
CA THR A 113 -15.08 -1.20 16.12
C THR A 113 -15.35 0.21 15.61
N SER A 114 -14.55 1.17 16.06
CA SER A 114 -14.71 2.57 15.65
C SER A 114 -13.59 2.98 14.69
N MET A 115 -13.95 3.72 13.66
CA MET A 115 -12.99 4.19 12.67
C MET A 115 -11.91 5.04 13.33
N ASP A 116 -12.33 6.07 14.05
CA ASP A 116 -11.40 6.97 14.73
C ASP A 116 -10.39 6.17 15.56
N LEU A 117 -10.85 5.04 16.10
CA LEU A 117 -10.00 4.18 16.92
C LEU A 117 -8.73 3.78 16.16
N LEU A 118 -8.90 3.50 14.87
CA LEU A 118 -7.78 3.09 14.03
C LEU A 118 -6.74 4.21 13.93
N LYS A 119 -7.18 5.45 14.16
CA LYS A 119 -6.29 6.59 14.11
C LYS A 119 -5.56 6.78 15.44
N LYS A 120 -6.04 6.10 16.48
CA LYS A 120 -5.44 6.18 17.80
C LYS A 120 -4.21 5.29 17.90
N ILE A 121 -4.21 4.20 17.12
CA ILE A 121 -3.10 3.27 17.12
C ILE A 121 -1.96 3.76 16.23
N ALA A 122 -0.75 3.29 16.50
CA ALA A 122 0.42 3.68 15.73
C ALA A 122 0.87 2.55 14.82
N GLU A 123 1.93 2.80 14.05
CA GLU A 123 2.46 1.80 13.14
C GLU A 123 2.77 0.50 13.87
N VAL A 124 3.73 0.55 14.79
CA VAL A 124 4.11 -0.63 15.56
C VAL A 124 2.88 -1.30 16.18
N GLU A 125 1.98 -0.48 16.72
CA GLU A 125 0.77 -1.00 17.34
C GLU A 125 0.02 -1.93 16.39
N LEU A 126 -0.27 -1.44 15.19
CA LEU A 126 -0.98 -2.22 14.19
C LEU A 126 -0.12 -3.38 13.70
N ILE A 127 1.19 -3.22 13.78
CA ILE A 127 2.12 -4.25 13.34
C ILE A 127 2.21 -5.37 14.37
N ASN A 128 1.89 -5.05 15.62
CA ASN A 128 1.92 -6.04 16.70
C ASN A 128 0.53 -6.55 17.01
N VAL A 129 -0.48 -5.80 16.60
CA VAL A 129 -1.88 -6.17 16.84
C VAL A 129 -2.47 -6.89 15.63
N LEU A 130 -2.38 -6.26 14.46
CA LEU A 130 -2.90 -6.83 13.23
C LEU A 130 -1.88 -7.73 12.57
N LYS A 131 -0.63 -7.62 13.01
CA LYS A 131 0.46 -8.42 12.45
C LYS A 131 0.62 -8.16 10.96
N ILE A 132 0.58 -6.89 10.58
CA ILE A 132 0.72 -6.51 9.18
C ILE A 132 2.18 -6.18 8.85
N ASN A 133 2.81 -7.06 8.07
CA ASN A 133 4.20 -6.85 7.69
C ASN A 133 4.32 -6.67 6.17
N LEU A 134 3.39 -7.28 5.44
CA LEU A 134 3.41 -7.20 3.98
C LEU A 134 3.49 -5.74 3.53
N ILE A 135 4.28 -5.50 2.48
CA ILE A 135 4.45 -4.16 1.95
C ILE A 135 3.12 -3.59 1.45
N GLY A 136 2.59 -4.19 0.38
CA GLY A 136 1.34 -3.74 -0.19
C GLY A 136 0.29 -3.47 0.88
N HIS A 137 -0.07 -4.51 1.63
CA HIS A 137 -1.06 -4.38 2.69
C HIS A 137 -0.73 -3.20 3.61
N ARG A 138 0.48 -3.21 4.15
CA ARG A 138 0.92 -2.14 5.05
C ARG A 138 0.68 -0.78 4.42
N LYS A 139 1.37 -0.52 3.31
CA LYS A 139 1.24 0.75 2.61
C LYS A 139 -0.23 1.07 2.33
N ARG A 140 -1.00 0.04 2.03
CA ARG A 140 -2.42 0.21 1.74
C ARG A 140 -3.14 0.86 2.92
N ILE A 141 -3.16 0.17 4.04
CA ILE A 141 -3.81 0.69 5.24
C ILE A 141 -3.13 1.96 5.74
N LEU A 142 -1.81 1.91 5.88
CA LEU A 142 -1.05 3.06 6.33
C LEU A 142 -1.42 4.31 5.54
N ALA A 143 -1.44 4.19 4.22
CA ALA A 143 -1.78 5.30 3.35
C ALA A 143 -3.27 5.62 3.42
N SER A 144 -4.07 4.59 3.66
CA SER A 144 -5.52 4.76 3.75
C SER A 144 -5.90 5.65 4.93
N LEU A 145 -5.21 5.45 6.06
CA LEU A 145 -5.48 6.24 7.25
C LEU A 145 -4.66 7.52 7.25
N GLY A 146 -3.34 7.38 7.12
CA GLY A 146 -2.47 8.54 7.09
C GLY A 146 -1.51 8.57 8.27
N ASP A 147 -0.54 9.48 8.23
CA ASP A 147 0.43 9.61 9.31
C ASP A 147 0.29 10.95 10.01
N ARG A 148 0.58 10.96 11.31
CA ARG A 148 0.48 12.18 12.10
C ARG A 148 1.26 13.32 11.46
N VAL A 14 -7.70 1.70 -15.63
CA VAL A 14 -6.95 1.25 -14.45
C VAL A 14 -5.49 0.98 -14.79
N GLN A 15 -4.63 1.08 -13.78
CA GLN A 15 -3.20 0.85 -13.96
C GLN A 15 -2.78 -0.49 -13.38
N THR A 16 -1.72 -1.07 -13.93
CA THR A 16 -1.22 -2.35 -13.46
C THR A 16 0.26 -2.27 -13.14
N VAL A 17 0.64 -2.79 -11.97
CA VAL A 17 2.04 -2.79 -11.55
C VAL A 17 2.94 -3.36 -12.63
N GLY A 18 2.54 -4.48 -13.20
CA GLY A 18 3.32 -5.11 -14.24
C GLY A 18 3.61 -4.17 -15.41
N GLN A 19 2.60 -3.41 -15.81
CA GLN A 19 2.76 -2.47 -16.91
C GLN A 19 3.70 -1.33 -16.53
N TRP A 20 3.41 -0.69 -15.41
CA TRP A 20 4.25 0.42 -14.93
C TRP A 20 5.69 -0.02 -14.74
N LEU A 21 5.88 -1.09 -13.97
CA LEU A 21 7.22 -1.61 -13.72
C LEU A 21 7.93 -1.97 -15.02
N GLU A 22 7.23 -2.70 -15.89
CA GLU A 22 7.80 -3.10 -17.17
C GLU A 22 8.25 -1.89 -17.97
N SER A 23 7.46 -0.82 -17.90
CA SER A 23 7.76 0.41 -18.63
C SER A 23 9.05 1.05 -18.10
N ILE A 24 9.07 1.33 -16.79
CA ILE A 24 10.22 1.94 -16.16
C ILE A 24 11.45 1.03 -16.27
N GLY A 25 11.21 -0.26 -16.43
CA GLY A 25 12.30 -1.21 -16.55
C GLY A 25 11.90 -2.46 -17.31
N LEU A 26 11.64 -3.54 -16.58
CA LEU A 26 11.25 -4.80 -17.20
C LEU A 26 10.51 -5.69 -16.19
N PRO A 27 9.76 -6.66 -16.72
CA PRO A 27 8.99 -7.60 -15.88
C PRO A 27 9.89 -8.57 -15.13
N GLN A 28 10.40 -8.12 -13.98
CA GLN A 28 11.28 -8.96 -13.17
C GLN A 28 10.93 -8.83 -11.68
N TYR A 29 10.77 -7.59 -11.23
CA TYR A 29 10.44 -7.34 -9.83
C TYR A 29 8.93 -7.43 -9.61
N GLU A 30 8.18 -7.52 -10.70
CA GLU A 30 6.72 -7.61 -10.63
C GLU A 30 6.30 -8.72 -9.66
N ASN A 31 7.00 -9.85 -9.73
CA ASN A 31 6.70 -10.99 -8.87
C ASN A 31 6.82 -10.61 -7.39
N HIS A 32 8.01 -10.16 -7.00
CA HIS A 32 8.26 -9.76 -5.62
C HIS A 32 7.21 -8.77 -5.15
N LEU A 33 7.03 -7.69 -5.91
CA LEU A 33 6.07 -6.66 -5.57
C LEU A 33 4.70 -7.27 -5.29
N MET A 34 4.11 -7.90 -6.30
CA MET A 34 2.80 -8.53 -6.16
C MET A 34 2.77 -9.43 -4.93
N ALA A 35 3.71 -10.37 -4.87
CA ALA A 35 3.78 -11.30 -3.74
C ALA A 35 3.90 -10.55 -2.42
N ASN A 36 4.43 -9.33 -2.48
CA ASN A 36 4.60 -8.52 -1.29
C ASN A 36 3.40 -7.58 -1.10
N GLY A 37 2.29 -7.93 -1.71
CA GLY A 37 1.09 -7.11 -1.60
C GLY A 37 0.99 -6.07 -2.68
N PHE A 38 2.14 -5.70 -3.25
CA PHE A 38 2.17 -4.70 -4.32
C PHE A 38 1.71 -5.30 -5.64
N ASP A 39 0.40 -5.53 -5.75
CA ASP A 39 -0.17 -6.09 -6.97
C ASP A 39 -1.00 -5.04 -7.71
N ASN A 40 -1.41 -4.00 -7.00
CA ASN A 40 -2.21 -2.93 -7.60
C ASN A 40 -1.47 -1.60 -7.52
N VAL A 41 -1.39 -0.89 -8.65
CA VAL A 41 -0.72 0.40 -8.70
C VAL A 41 -1.32 1.37 -7.69
N GLN A 42 -2.62 1.24 -7.45
CA GLN A 42 -3.30 2.11 -6.50
C GLN A 42 -2.64 2.06 -5.13
N ALA A 43 -1.97 0.94 -4.84
CA ALA A 43 -1.29 0.76 -3.57
C ALA A 43 -0.32 1.91 -3.30
N MET A 44 0.25 2.47 -4.36
CA MET A 44 1.19 3.57 -4.24
C MET A 44 0.59 4.85 -4.80
N GLY A 45 -0.72 5.00 -4.67
CA GLY A 45 -1.38 6.19 -5.18
C GLY A 45 -1.31 7.35 -4.22
N SER A 46 -1.88 7.19 -3.04
CA SER A 46 -1.86 8.24 -2.03
C SER A 46 -0.47 8.42 -1.44
N ASN A 47 0.19 7.31 -1.14
CA ASN A 47 1.53 7.34 -0.57
C ASN A 47 2.55 6.78 -1.57
N VAL A 48 3.21 7.68 -2.30
CA VAL A 48 4.21 7.28 -3.28
C VAL A 48 5.28 6.41 -2.65
N MET A 49 5.73 5.39 -3.38
CA MET A 49 6.75 4.48 -2.89
C MET A 49 7.97 5.25 -2.39
N GLU A 50 8.85 4.55 -1.68
CA GLU A 50 10.05 5.17 -1.15
C GLU A 50 11.18 4.15 -1.01
N ASP A 51 12.38 4.63 -0.70
CA ASP A 51 13.53 3.76 -0.54
C ASP A 51 13.29 2.73 0.56
N GLN A 52 12.59 3.14 1.61
CA GLN A 52 12.29 2.25 2.72
C GLN A 52 11.70 0.94 2.22
N ASP A 53 10.57 1.03 1.54
CA ASP A 53 9.90 -0.16 1.01
C ASP A 53 10.72 -0.79 -0.11
N LEU A 54 11.36 0.05 -0.92
CA LEU A 54 12.19 -0.43 -2.03
C LEU A 54 13.18 -1.48 -1.55
N LEU A 55 13.81 -1.22 -0.41
CA LEU A 55 14.79 -2.15 0.17
C LEU A 55 14.10 -3.20 1.02
N GLU A 56 13.02 -2.80 1.68
CA GLU A 56 12.26 -3.71 2.53
C GLU A 56 11.67 -4.86 1.72
N ILE A 57 11.44 -4.62 0.44
CA ILE A 57 10.89 -5.64 -0.44
C ILE A 57 11.96 -6.61 -0.92
N GLY A 58 12.81 -6.14 -1.84
CA GLY A 58 13.87 -6.98 -2.35
C GLY A 58 14.23 -6.64 -3.79
N ILE A 59 15.16 -5.71 -3.96
CA ILE A 59 15.59 -5.29 -5.29
C ILE A 59 17.07 -4.95 -5.30
N LEU A 60 17.90 -5.90 -5.74
CA LEU A 60 19.34 -5.69 -5.80
C LEU A 60 19.85 -5.83 -7.23
N ASN A 61 18.98 -6.32 -8.11
CA ASN A 61 19.34 -6.51 -9.52
C ASN A 61 19.76 -5.18 -10.14
N SER A 62 21.07 -4.96 -10.24
CA SER A 62 21.61 -3.74 -10.82
C SER A 62 21.08 -2.51 -10.08
N GLY A 63 20.68 -2.71 -8.82
CA GLY A 63 20.14 -1.61 -8.03
C GLY A 63 19.05 -0.87 -8.75
N HIS A 64 17.85 -1.43 -8.75
CA HIS A 64 16.71 -0.81 -9.41
C HIS A 64 16.06 0.23 -8.49
N ARG A 65 16.62 0.40 -7.30
CA ARG A 65 16.10 1.35 -6.33
C ARG A 65 16.00 2.75 -6.94
N GLN A 66 17.08 3.18 -7.60
CA GLN A 66 17.12 4.50 -8.22
C GLN A 66 16.05 4.61 -9.31
N ARG A 67 15.99 3.61 -10.19
CA ARG A 67 15.02 3.61 -11.28
C ARG A 67 13.61 3.80 -10.73
N ILE A 68 13.15 2.85 -9.93
CA ILE A 68 11.81 2.91 -9.34
C ILE A 68 11.60 4.22 -8.61
N LEU A 69 12.63 4.67 -7.90
CA LEU A 69 12.56 5.92 -7.15
C LEU A 69 12.19 7.09 -8.06
N GLN A 70 13.09 7.44 -8.96
CA GLN A 70 12.86 8.54 -9.90
C GLN A 70 11.56 8.33 -10.66
N ALA A 71 11.23 7.07 -10.92
CA ALA A 71 10.00 6.74 -11.64
C ALA A 71 8.77 7.11 -10.84
N ILE A 72 8.55 6.41 -9.73
CA ILE A 72 7.40 6.67 -8.88
C ILE A 72 7.34 8.14 -8.46
N GLN A 73 8.50 8.78 -8.41
CA GLN A 73 8.59 10.18 -8.03
C GLN A 73 8.21 11.08 -9.21
N LEU A 74 8.55 10.64 -10.42
CA LEU A 74 8.25 11.40 -11.62
C LEU A 74 6.81 11.16 -12.08
N LEU A 75 6.23 10.06 -11.61
CA LEU A 75 4.86 9.72 -11.97
C LEU A 75 3.91 10.88 -11.70
N PRO A 76 2.76 10.88 -12.38
CA PRO A 76 1.74 11.93 -12.23
C PRO A 76 1.06 11.88 -10.87
N LYS A 77 -0.01 12.67 -10.72
CA LYS A 77 -0.75 12.72 -9.47
C LYS A 77 -1.99 11.83 -9.53
N MET A 78 -2.29 11.16 -8.43
CA MET A 78 -3.46 10.28 -8.36
C MET A 78 -4.56 10.89 -7.50
N ARG A 79 -5.52 11.55 -8.15
CA ARG A 79 -6.63 12.18 -7.45
C ARG A 79 -6.13 13.34 -6.59
N PRO A 80 -6.93 14.42 -6.53
CA PRO A 80 -6.61 15.61 -5.75
C PRO A 80 -6.66 15.35 -4.24
N ILE A 81 -6.57 16.42 -3.46
CA ILE A 81 -6.62 16.31 -2.01
C ILE A 81 -8.04 16.48 -1.49
N GLY A 82 -8.50 15.51 -0.70
CA GLY A 82 -9.84 15.57 -0.15
C GLY A 82 -10.00 14.69 1.09
N HIS A 83 -9.57 13.44 0.98
CA HIS A 83 -9.66 12.50 2.09
C HIS A 83 -11.12 12.24 2.46
N ASP A 84 -11.92 11.91 1.45
CA ASP A 84 -13.34 11.63 1.67
C ASP A 84 -13.91 10.78 0.53
N GLY A 85 -14.85 9.91 0.87
CA GLY A 85 -15.45 9.05 -0.14
C GLY A 85 -16.85 8.59 0.25
N ALA A 86 -16.92 7.53 1.04
CA ALA A 86 -18.20 7.00 1.49
C ALA A 86 -18.26 6.90 3.00
N HIS A 87 -19.37 6.39 3.52
CA HIS A 87 -19.56 6.25 4.96
C HIS A 87 -19.61 4.77 5.35
N PRO A 88 -18.43 4.12 5.38
CA PRO A 88 -18.32 2.71 5.74
C PRO A 88 -18.61 2.46 7.22
N THR A 89 -17.97 3.24 8.08
CA THR A 89 -18.16 3.10 9.52
C THR A 89 -18.00 1.66 9.96
N SER A 90 -17.15 0.92 9.25
CA SER A 90 -16.90 -0.48 9.57
C SER A 90 -15.58 -0.95 8.96
N VAL A 91 -14.79 -1.66 9.76
CA VAL A 91 -13.50 -2.18 9.31
C VAL A 91 -13.65 -2.95 8.00
N ALA A 92 -14.60 -3.88 7.97
CA ALA A 92 -14.85 -4.67 6.78
C ALA A 92 -15.28 -3.80 5.60
N GLU A 93 -16.12 -2.81 5.89
CA GLU A 93 -16.62 -1.90 4.86
C GLU A 93 -15.49 -1.01 4.34
N TRP A 94 -14.47 -0.81 5.16
CA TRP A 94 -13.33 0.02 4.78
C TRP A 94 -12.28 -0.80 4.05
N LEU A 95 -12.03 -2.01 4.54
CA LEU A 95 -11.04 -2.89 3.92
C LEU A 95 -11.59 -3.51 2.64
N ASP A 96 -12.91 -3.68 2.59
CA ASP A 96 -13.56 -4.26 1.42
C ASP A 96 -13.16 -3.51 0.15
N SER A 97 -13.25 -2.19 0.20
CA SER A 97 -12.90 -1.36 -0.95
C SER A 97 -11.43 -1.52 -1.31
N ILE A 98 -10.65 -2.06 -0.38
CA ILE A 98 -9.22 -2.27 -0.59
C ILE A 98 -8.92 -3.74 -0.89
N GLU A 99 -9.89 -4.42 -1.50
CA GLU A 99 -9.73 -5.83 -1.83
C GLU A 99 -9.25 -6.63 -0.62
N LEU A 100 -9.64 -6.17 0.57
CA LEU A 100 -9.25 -6.85 1.81
C LEU A 100 -10.47 -7.15 2.66
N GLY A 101 -10.60 -8.41 3.08
CA GLY A 101 -11.73 -8.81 3.90
C GLY A 101 -11.31 -9.62 5.11
N ASP A 102 -10.43 -10.60 4.89
CA ASP A 102 -9.94 -11.45 5.96
C ASP A 102 -9.46 -10.61 7.15
N TYR A 103 -8.72 -9.55 6.85
CA TYR A 103 -8.20 -8.66 7.89
C TYR A 103 -9.30 -8.26 8.87
N THR A 104 -10.50 -8.08 8.34
CA THR A 104 -11.64 -7.69 9.17
C THR A 104 -11.71 -8.53 10.44
N LYS A 105 -11.47 -9.83 10.29
CA LYS A 105 -11.51 -10.75 11.43
C LYS A 105 -10.52 -10.33 12.50
N ALA A 106 -9.29 -10.06 12.09
CA ALA A 106 -8.25 -9.64 13.02
C ALA A 106 -8.56 -8.28 13.62
N PHE A 107 -8.93 -7.33 12.77
CA PHE A 107 -9.27 -5.99 13.22
C PHE A 107 -10.37 -6.02 14.26
N LEU A 108 -11.38 -6.86 14.03
CA LEU A 108 -12.50 -6.98 14.95
C LEU A 108 -12.06 -7.62 16.26
N ILE A 109 -11.60 -8.86 16.18
CA ILE A 109 -11.14 -9.59 17.36
C ILE A 109 -10.16 -8.75 18.18
N ASN A 110 -9.42 -7.88 17.49
CA ASN A 110 -8.46 -7.01 18.16
C ASN A 110 -9.15 -5.84 18.84
N GLY A 111 -10.23 -5.37 18.23
CA GLY A 111 -10.97 -4.25 18.79
C GLY A 111 -10.81 -2.98 17.98
N TYR A 112 -11.01 -3.09 16.67
CA TYR A 112 -10.88 -1.94 15.78
C TYR A 112 -12.24 -1.55 15.19
N THR A 113 -13.31 -1.93 15.89
CA THR A 113 -14.65 -1.61 15.44
C THR A 113 -14.79 -0.14 15.10
N SER A 114 -14.45 0.72 16.04
CA SER A 114 -14.54 2.16 15.84
C SER A 114 -13.68 2.59 14.66
N MET A 115 -13.95 3.80 14.14
CA MET A 115 -13.20 4.32 13.01
C MET A 115 -12.19 5.38 13.47
N ASP A 116 -12.64 6.26 14.35
CA ASP A 116 -11.76 7.32 14.87
C ASP A 116 -10.39 6.77 15.22
N LEU A 117 -10.36 5.70 16.02
CA LEU A 117 -9.11 5.08 16.43
C LEU A 117 -8.34 4.56 15.23
N LEU A 118 -9.07 4.09 14.22
CA LEU A 118 -8.46 3.56 13.00
C LEU A 118 -7.77 4.67 12.23
N LYS A 119 -8.03 5.91 12.60
CA LYS A 119 -7.43 7.06 11.94
C LYS A 119 -6.40 7.74 12.84
N LYS A 120 -6.18 7.15 14.02
CA LYS A 120 -5.21 7.70 14.97
C LYS A 120 -4.12 6.69 15.27
N ILE A 121 -4.04 5.64 14.46
CA ILE A 121 -3.02 4.61 14.64
C ILE A 121 -1.77 4.93 13.84
N ALA A 122 -0.68 4.23 14.15
CA ALA A 122 0.59 4.44 13.46
C ALA A 122 1.03 3.18 12.74
N GLU A 123 1.94 3.34 11.78
CA GLU A 123 2.44 2.21 11.00
C GLU A 123 2.90 1.08 11.93
N VAL A 124 3.88 1.38 12.78
CA VAL A 124 4.41 0.39 13.71
C VAL A 124 3.29 -0.27 14.50
N GLU A 125 2.31 0.54 14.91
CA GLU A 125 1.17 0.02 15.68
C GLU A 125 0.41 -1.03 14.89
N LEU A 126 0.21 -0.76 13.60
CA LEU A 126 -0.51 -1.69 12.73
C LEU A 126 0.27 -2.98 12.54
N ILE A 127 1.57 -2.85 12.33
CA ILE A 127 2.43 -4.02 12.13
C ILE A 127 2.72 -4.71 13.46
N ASN A 128 2.48 -4.00 14.56
CA ASN A 128 2.70 -4.55 15.90
C ASN A 128 1.42 -5.14 16.47
N VAL A 129 0.28 -4.69 15.94
CA VAL A 129 -1.02 -5.16 16.41
C VAL A 129 -1.61 -6.19 15.43
N LEU A 130 -1.80 -5.77 14.19
CA LEU A 130 -2.35 -6.66 13.17
C LEU A 130 -1.29 -7.63 12.65
N LYS A 131 -0.03 -7.31 12.91
CA LYS A 131 1.08 -8.15 12.48
C LYS A 131 1.15 -8.21 10.96
N ILE A 132 0.87 -7.08 10.30
CA ILE A 132 0.90 -7.02 8.85
C ILE A 132 2.33 -6.81 8.34
N ASN A 133 2.93 -7.91 7.88
CA ASN A 133 4.30 -7.84 7.37
C ASN A 133 4.31 -7.42 5.91
N LEU A 134 3.24 -7.74 5.19
CA LEU A 134 3.13 -7.38 3.78
C LEU A 134 3.11 -5.87 3.60
N ILE A 135 4.12 -5.35 2.91
CA ILE A 135 4.23 -3.92 2.67
C ILE A 135 3.05 -3.40 1.84
N GLY A 136 2.60 -4.24 0.91
CA GLY A 136 1.47 -3.86 0.06
C GLY A 136 0.21 -3.63 0.85
N HIS A 137 -0.10 -4.55 1.76
CA HIS A 137 -1.29 -4.45 2.59
C HIS A 137 -1.17 -3.30 3.59
N ARG A 138 -0.12 -3.35 4.40
CA ARG A 138 0.12 -2.31 5.40
C ARG A 138 0.11 -0.93 4.76
N LYS A 139 0.63 -0.84 3.55
CA LYS A 139 0.69 0.43 2.84
C LYS A 139 -0.70 0.85 2.37
N ARG A 140 -1.44 -0.08 1.76
CA ARG A 140 -2.78 0.19 1.28
C ARG A 140 -3.65 0.77 2.39
N ILE A 141 -3.66 0.10 3.54
CA ILE A 141 -4.46 0.54 4.68
C ILE A 141 -3.88 1.82 5.27
N LEU A 142 -2.56 1.91 5.32
CA LEU A 142 -1.88 3.08 5.87
C LEU A 142 -2.26 4.34 5.09
N ALA A 143 -2.16 4.27 3.77
CA ALA A 143 -2.49 5.39 2.91
C ALA A 143 -4.00 5.61 2.85
N SER A 144 -4.75 4.51 2.94
CA SER A 144 -6.20 4.58 2.88
C SER A 144 -6.76 5.32 4.09
N LEU A 145 -6.28 4.95 5.28
CA LEU A 145 -6.75 5.57 6.51
C LEU A 145 -6.17 6.97 6.65
N GLY A 146 -4.87 7.11 6.40
CA GLY A 146 -4.21 8.40 6.51
C GLY A 146 -2.90 8.33 7.25
N ASP A 147 -2.16 9.43 7.25
CA ASP A 147 -0.87 9.49 7.94
C ASP A 147 -1.07 9.75 9.43
N ARG A 148 -1.56 10.93 9.76
CA ARG A 148 -1.80 11.31 11.15
C ARG A 148 -3.22 10.93 11.58
N VAL A 14 -7.43 -1.28 -16.73
CA VAL A 14 -6.88 -1.55 -15.40
C VAL A 14 -5.37 -1.75 -15.46
N GLN A 15 -4.62 -0.82 -14.87
CA GLN A 15 -3.17 -0.89 -14.86
C GLN A 15 -2.69 -2.14 -14.12
N THR A 16 -1.46 -2.55 -14.40
CA THR A 16 -0.88 -3.73 -13.77
C THR A 16 0.58 -3.52 -13.43
N VAL A 17 0.95 -3.78 -12.19
CA VAL A 17 2.32 -3.61 -11.73
C VAL A 17 3.30 -4.33 -12.66
N GLY A 18 2.86 -5.47 -13.20
CA GLY A 18 3.70 -6.23 -14.10
C GLY A 18 4.10 -5.45 -15.33
N GLN A 19 3.10 -4.97 -16.08
CA GLN A 19 3.35 -4.21 -17.28
C GLN A 19 4.13 -2.92 -16.98
N TRP A 20 3.66 -2.19 -15.97
CA TRP A 20 4.31 -0.95 -15.57
C TRP A 20 5.77 -1.19 -15.19
N LEU A 21 5.98 -2.02 -14.17
CA LEU A 21 7.33 -2.35 -13.71
C LEU A 21 8.18 -2.89 -14.86
N GLU A 22 7.54 -3.59 -15.78
CA GLU A 22 8.23 -4.17 -16.92
C GLU A 22 8.63 -3.08 -17.92
N SER A 23 7.82 -2.04 -18.01
CA SER A 23 8.09 -0.93 -18.92
C SER A 23 9.21 -0.05 -18.39
N ILE A 24 9.21 0.18 -17.08
CA ILE A 24 10.22 1.01 -16.45
C ILE A 24 11.46 0.19 -16.11
N GLY A 25 11.30 -1.12 -16.02
CA GLY A 25 12.42 -2.00 -15.70
C GLY A 25 12.19 -3.42 -16.18
N LEU A 26 12.33 -4.38 -15.27
CA LEU A 26 12.14 -5.78 -15.60
C LEU A 26 11.22 -6.46 -14.59
N PRO A 27 10.58 -7.57 -15.01
CA PRO A 27 9.67 -8.33 -14.17
C PRO A 27 10.38 -9.05 -13.03
N GLN A 28 11.72 -8.99 -13.05
CA GLN A 28 12.52 -9.64 -12.02
C GLN A 28 12.05 -9.23 -10.62
N TYR A 29 11.46 -8.04 -10.52
CA TYR A 29 10.97 -7.53 -9.25
C TYR A 29 9.45 -7.57 -9.20
N GLU A 30 8.84 -7.76 -10.36
CA GLU A 30 7.38 -7.81 -10.45
C GLU A 30 6.80 -8.79 -9.43
N ASN A 31 7.22 -10.05 -9.54
CA ASN A 31 6.74 -11.09 -8.63
C ASN A 31 6.90 -10.65 -7.18
N HIS A 32 8.02 -10.03 -6.88
CA HIS A 32 8.30 -9.55 -5.52
C HIS A 32 7.24 -8.55 -5.07
N LEU A 33 7.10 -7.47 -5.84
CA LEU A 33 6.12 -6.44 -5.52
C LEU A 33 4.74 -7.04 -5.28
N MET A 34 4.23 -7.76 -6.29
CA MET A 34 2.92 -8.39 -6.18
C MET A 34 2.80 -9.19 -4.89
N ALA A 35 3.68 -10.18 -4.74
CA ALA A 35 3.67 -11.04 -3.55
C ALA A 35 3.90 -10.22 -2.29
N ASN A 36 4.45 -9.02 -2.47
CA ASN A 36 4.72 -8.13 -1.34
C ASN A 36 3.56 -7.18 -1.09
N GLY A 37 2.40 -7.53 -1.65
CA GLY A 37 1.22 -6.69 -1.48
C GLY A 37 1.06 -5.68 -2.59
N PHE A 38 2.16 -5.33 -3.24
CA PHE A 38 2.14 -4.37 -4.33
C PHE A 38 1.70 -5.03 -5.63
N ASP A 39 0.47 -5.51 -5.65
CA ASP A 39 -0.07 -6.16 -6.84
C ASP A 39 -0.89 -5.17 -7.68
N ASN A 40 -1.44 -4.16 -7.03
CA ASN A 40 -2.23 -3.16 -7.71
C ASN A 40 -1.46 -1.85 -7.86
N VAL A 41 -1.30 -1.40 -9.10
CA VAL A 41 -0.58 -0.17 -9.37
C VAL A 41 -1.13 0.99 -8.55
N GLN A 42 -2.39 0.87 -8.14
CA GLN A 42 -3.03 1.91 -7.34
C GLN A 42 -2.21 2.23 -6.11
N ALA A 43 -1.63 1.21 -5.50
CA ALA A 43 -0.81 1.39 -4.31
C ALA A 43 0.36 2.34 -4.58
N MET A 44 0.69 2.50 -5.86
CA MET A 44 1.79 3.38 -6.25
C MET A 44 1.26 4.62 -6.96
N GLY A 45 -0.05 4.64 -7.22
CA GLY A 45 -0.65 5.78 -7.89
C GLY A 45 -0.29 7.10 -7.24
N SER A 46 -0.02 7.07 -5.94
CA SER A 46 0.33 8.27 -5.21
C SER A 46 1.82 8.30 -4.91
N ASN A 47 2.26 9.31 -4.15
CA ASN A 47 3.66 9.46 -3.78
C ASN A 47 3.96 8.75 -2.48
N VAL A 48 3.06 7.86 -2.06
CA VAL A 48 3.23 7.10 -0.82
C VAL A 48 4.50 6.27 -0.86
N MET A 49 4.81 5.72 -2.03
CA MET A 49 6.00 4.89 -2.19
C MET A 49 7.26 5.68 -1.85
N GLU A 50 8.34 4.97 -1.56
CA GLU A 50 9.61 5.61 -1.21
C GLU A 50 10.74 4.58 -1.18
N ASP A 51 11.96 5.06 -0.96
CA ASP A 51 13.13 4.19 -0.92
C ASP A 51 12.97 3.13 0.16
N GLN A 52 12.39 3.52 1.29
CA GLN A 52 12.18 2.60 2.40
C GLN A 52 11.43 1.35 1.94
N ASP A 53 10.35 1.57 1.19
CA ASP A 53 9.55 0.46 0.68
C ASP A 53 10.29 -0.30 -0.40
N LEU A 54 10.68 0.41 -1.46
CA LEU A 54 11.40 -0.20 -2.57
C LEU A 54 12.59 -1.01 -2.07
N LEU A 55 13.14 -0.60 -0.93
CA LEU A 55 14.29 -1.28 -0.34
C LEU A 55 13.84 -2.46 0.52
N GLU A 56 12.75 -2.27 1.25
CA GLU A 56 12.21 -3.31 2.11
C GLU A 56 11.71 -4.49 1.30
N ILE A 57 11.35 -4.22 0.05
CA ILE A 57 10.85 -5.27 -0.84
C ILE A 57 11.95 -6.27 -1.18
N GLY A 58 12.86 -5.87 -2.07
CA GLY A 58 13.95 -6.75 -2.46
C GLY A 58 14.68 -6.24 -3.68
N ILE A 59 14.84 -4.92 -3.78
CA ILE A 59 15.53 -4.31 -4.90
C ILE A 59 16.70 -3.46 -4.44
N LEU A 60 17.39 -3.93 -3.40
CA LEU A 60 18.54 -3.21 -2.86
C LEU A 60 19.62 -3.03 -3.92
N ASN A 61 19.60 -3.89 -4.93
CA ASN A 61 20.57 -3.82 -6.02
C ASN A 61 20.59 -2.43 -6.64
N SER A 62 21.61 -1.64 -6.29
CA SER A 62 21.74 -0.28 -6.82
C SER A 62 21.69 -0.29 -8.35
N GLY A 63 21.00 0.70 -8.91
CA GLY A 63 20.89 0.79 -10.35
C GLY A 63 19.46 0.86 -10.82
N HIS A 64 18.54 0.32 -10.02
CA HIS A 64 17.12 0.31 -10.36
C HIS A 64 16.33 1.14 -9.36
N ARG A 65 16.91 1.38 -8.19
CA ARG A 65 16.25 2.16 -7.15
C ARG A 65 15.74 3.48 -7.71
N GLN A 66 16.64 4.29 -8.22
CA GLN A 66 16.27 5.59 -8.79
C GLN A 66 15.28 5.42 -9.93
N ARG A 67 15.45 4.37 -10.71
CA ARG A 67 14.57 4.09 -11.83
C ARG A 67 13.12 3.98 -11.37
N ILE A 68 12.85 3.01 -10.50
CA ILE A 68 11.50 2.81 -9.98
C ILE A 68 11.00 4.05 -9.27
N LEU A 69 11.76 4.55 -8.31
CA LEU A 69 11.39 5.73 -7.55
C LEU A 69 11.04 6.88 -8.49
N GLN A 70 12.03 7.35 -9.25
CA GLN A 70 11.83 8.45 -10.18
C GLN A 70 10.62 8.19 -11.07
N ALA A 71 10.44 6.94 -11.48
CA ALA A 71 9.32 6.56 -12.33
C ALA A 71 7.99 6.78 -11.61
N ILE A 72 7.87 6.19 -10.42
CA ILE A 72 6.65 6.32 -9.64
C ILE A 72 6.34 7.79 -9.34
N GLN A 73 7.37 8.57 -9.06
CA GLN A 73 7.21 9.99 -8.76
C GLN A 73 6.95 10.78 -10.04
N LEU A 74 7.40 10.23 -11.17
CA LEU A 74 7.22 10.90 -12.46
C LEU A 74 5.89 10.52 -13.08
N LEU A 75 5.31 9.43 -12.61
CA LEU A 75 4.03 8.96 -13.12
C LEU A 75 3.01 10.10 -13.16
N PRO A 76 1.98 9.94 -14.01
CA PRO A 76 0.92 10.95 -14.16
C PRO A 76 0.03 11.03 -12.93
N LYS A 77 -0.97 11.90 -12.99
CA LYS A 77 -1.91 12.08 -11.89
C LYS A 77 -3.21 12.73 -12.37
N MET A 78 -4.19 11.89 -12.69
CA MET A 78 -5.48 12.38 -13.17
C MET A 78 -6.62 11.74 -12.39
N ARG A 79 -7.81 12.31 -12.51
CA ARG A 79 -8.99 11.80 -11.82
C ARG A 79 -9.27 10.36 -12.23
N PRO A 80 -9.97 9.61 -11.36
CA PRO A 80 -10.31 8.22 -11.61
C PRO A 80 -11.36 8.07 -12.72
N ILE A 81 -11.67 6.82 -13.07
CA ILE A 81 -12.65 6.55 -14.11
C ILE A 81 -13.78 5.67 -13.58
N GLY A 82 -14.96 5.83 -14.17
CA GLY A 82 -16.11 5.04 -13.74
C GLY A 82 -16.95 5.76 -12.71
N HIS A 83 -17.47 5.00 -11.75
CA HIS A 83 -18.30 5.57 -10.69
C HIS A 83 -17.96 4.96 -9.34
N ASP A 84 -17.96 5.78 -8.30
CA ASP A 84 -17.66 5.33 -6.95
C ASP A 84 -18.50 6.08 -5.92
N GLY A 85 -18.69 5.45 -4.77
CA GLY A 85 -19.48 6.08 -3.71
C GLY A 85 -19.48 5.26 -2.43
N ALA A 86 -18.38 5.30 -1.70
CA ALA A 86 -18.25 4.57 -0.45
C ALA A 86 -17.58 5.42 0.63
N HIS A 87 -18.10 5.33 1.85
CA HIS A 87 -17.56 6.09 2.96
C HIS A 87 -17.04 5.16 4.05
N PRO A 88 -15.87 5.51 4.62
CA PRO A 88 -15.23 4.72 5.68
C PRO A 88 -16.01 4.78 6.99
N THR A 89 -17.03 3.94 7.11
CA THR A 89 -17.85 3.90 8.32
C THR A 89 -17.33 2.86 9.30
N SER A 90 -16.99 1.69 8.78
CA SER A 90 -16.48 0.59 9.62
C SER A 90 -15.25 -0.05 8.98
N VAL A 91 -14.47 -0.75 9.79
CA VAL A 91 -13.26 -1.41 9.31
C VAL A 91 -13.56 -2.27 8.08
N ALA A 92 -14.77 -2.84 8.04
CA ALA A 92 -15.18 -3.67 6.92
C ALA A 92 -15.28 -2.86 5.63
N GLU A 93 -16.09 -1.80 5.67
CA GLU A 93 -16.27 -0.94 4.51
C GLU A 93 -15.03 -0.10 4.25
N TRP A 94 -14.12 -0.08 5.22
CA TRP A 94 -12.90 0.69 5.10
C TRP A 94 -11.80 -0.14 4.42
N LEU A 95 -11.76 -1.43 4.73
CA LEU A 95 -10.76 -2.32 4.16
C LEU A 95 -11.29 -2.96 2.87
N ASP A 96 -12.60 -3.15 2.81
CA ASP A 96 -13.22 -3.75 1.63
C ASP A 96 -13.39 -2.71 0.51
N SER A 97 -13.04 -1.47 0.82
CA SER A 97 -13.16 -0.39 -0.14
C SER A 97 -11.79 0.19 -0.48
N ILE A 98 -10.74 -0.50 -0.05
CA ILE A 98 -9.37 -0.06 -0.30
C ILE A 98 -8.65 -1.02 -1.24
N GLU A 99 -8.45 -2.25 -0.77
CA GLU A 99 -7.77 -3.26 -1.57
C GLU A 99 -8.16 -4.66 -1.12
N LEU A 100 -8.06 -4.91 0.18
CA LEU A 100 -8.40 -6.22 0.74
C LEU A 100 -9.30 -6.05 1.97
N GLY A 101 -10.36 -6.85 2.02
CA GLY A 101 -11.28 -6.79 3.14
C GLY A 101 -11.09 -7.94 4.11
N ASP A 102 -10.26 -8.90 3.72
CA ASP A 102 -10.00 -10.06 4.57
C ASP A 102 -9.53 -9.63 5.96
N TYR A 103 -8.65 -8.64 6.00
CA TYR A 103 -8.12 -8.13 7.26
C TYR A 103 -9.26 -7.75 8.22
N THR A 104 -10.40 -7.38 7.64
CA THR A 104 -11.56 -7.01 8.44
C THR A 104 -11.80 -7.99 9.58
N LYS A 105 -11.52 -9.27 9.31
CA LYS A 105 -11.70 -10.32 10.32
C LYS A 105 -10.82 -10.06 11.53
N ALA A 106 -9.51 -9.91 11.30
CA ALA A 106 -8.57 -9.66 12.37
C ALA A 106 -8.92 -8.37 13.12
N PHE A 107 -9.20 -7.32 12.38
CA PHE A 107 -9.54 -6.03 12.97
C PHE A 107 -10.72 -6.17 13.93
N LEU A 108 -11.77 -6.86 13.47
CA LEU A 108 -12.97 -7.07 14.28
C LEU A 108 -12.63 -7.86 15.54
N ILE A 109 -12.17 -9.09 15.36
CA ILE A 109 -11.81 -9.95 16.48
C ILE A 109 -10.83 -9.25 17.41
N ASN A 110 -10.05 -8.32 16.86
CA ASN A 110 -9.07 -7.57 17.64
C ASN A 110 -9.75 -6.55 18.55
N GLY A 111 -10.87 -6.01 18.07
CA GLY A 111 -11.60 -5.02 18.84
C GLY A 111 -11.75 -3.70 18.10
N TYR A 112 -11.47 -3.72 16.81
CA TYR A 112 -11.57 -2.51 15.99
C TYR A 112 -12.99 -2.34 15.44
N THR A 113 -13.80 -1.56 16.14
CA THR A 113 -15.17 -1.31 15.72
C THR A 113 -15.36 0.13 15.27
N SER A 114 -14.61 1.04 15.88
CA SER A 114 -14.70 2.47 15.54
C SER A 114 -13.57 2.87 14.60
N MET A 115 -13.67 4.07 14.05
CA MET A 115 -12.65 4.58 13.14
C MET A 115 -11.49 5.20 13.90
N ASP A 116 -11.81 6.14 14.78
CA ASP A 116 -10.79 6.81 15.58
C ASP A 116 -9.86 5.80 16.24
N LEU A 117 -10.40 4.64 16.61
CA LEU A 117 -9.62 3.59 17.24
C LEU A 117 -8.40 3.22 16.38
N LEU A 118 -8.62 3.15 15.07
CA LEU A 118 -7.54 2.81 14.15
C LEU A 118 -6.46 3.88 14.15
N LYS A 119 -6.83 5.09 14.56
CA LYS A 119 -5.89 6.20 14.61
C LYS A 119 -5.31 6.35 16.01
N LYS A 120 -5.65 5.43 16.89
CA LYS A 120 -5.15 5.45 18.26
C LYS A 120 -3.96 4.51 18.43
N ILE A 121 -3.88 3.50 17.56
CA ILE A 121 -2.79 2.54 17.62
C ILE A 121 -1.59 3.03 16.81
N ALA A 122 -0.40 2.57 17.20
CA ALA A 122 0.83 2.96 16.52
C ALA A 122 1.34 1.83 15.62
N GLU A 123 2.48 2.06 15.00
CA GLU A 123 3.08 1.07 14.11
C GLU A 123 3.21 -0.28 14.82
N VAL A 124 4.02 -0.32 15.87
CA VAL A 124 4.23 -1.54 16.64
C VAL A 124 2.90 -2.18 17.04
N GLU A 125 1.95 -1.33 17.45
CA GLU A 125 0.64 -1.81 17.86
C GLU A 125 -0.05 -2.56 16.72
N LEU A 126 0.08 -2.02 15.51
CA LEU A 126 -0.53 -2.63 14.34
C LEU A 126 0.16 -3.95 13.98
N ILE A 127 1.48 -3.98 14.12
CA ILE A 127 2.26 -5.17 13.83
C ILE A 127 2.15 -6.19 14.95
N ASN A 128 1.71 -5.73 16.12
CA ASN A 128 1.56 -6.61 17.27
C ASN A 128 0.12 -7.07 17.42
N VAL A 129 -0.81 -6.30 16.83
CA VAL A 129 -2.23 -6.64 16.90
C VAL A 129 -2.71 -7.22 15.58
N LEU A 130 -2.54 -6.46 14.51
CA LEU A 130 -2.96 -6.88 13.17
C LEU A 130 -1.90 -7.76 12.52
N LYS A 131 -0.65 -7.58 12.94
CA LYS A 131 0.46 -8.36 12.40
C LYS A 131 0.58 -8.16 10.90
N ILE A 132 0.54 -6.90 10.47
CA ILE A 132 0.64 -6.59 9.04
C ILE A 132 2.08 -6.28 8.66
N ASN A 133 2.74 -7.24 8.03
CA ASN A 133 4.12 -7.06 7.60
C ASN A 133 4.20 -6.66 6.13
N LEU A 134 3.30 -7.23 5.33
CA LEU A 134 3.26 -6.92 3.90
C LEU A 134 3.24 -5.42 3.66
N ILE A 135 4.15 -4.95 2.80
CA ILE A 135 4.23 -3.53 2.48
C ILE A 135 2.95 -3.04 1.83
N GLY A 136 2.47 -3.78 0.82
CA GLY A 136 1.26 -3.40 0.13
C GLY A 136 0.11 -3.13 1.07
N HIS A 137 -0.31 -4.15 1.80
CA HIS A 137 -1.41 -4.02 2.75
C HIS A 137 -1.10 -2.95 3.79
N ARG A 138 0.05 -3.08 4.45
CA ARG A 138 0.46 -2.12 5.47
C ARG A 138 0.37 -0.69 4.94
N LYS A 139 1.21 -0.38 3.96
CA LYS A 139 1.23 0.96 3.36
C LYS A 139 -0.16 1.36 2.91
N ARG A 140 -0.89 0.43 2.31
CA ARG A 140 -2.24 0.70 1.83
C ARG A 140 -3.08 1.35 2.92
N ILE A 141 -3.32 0.61 4.00
CA ILE A 141 -4.11 1.12 5.12
C ILE A 141 -3.46 2.34 5.75
N LEU A 142 -2.13 2.38 5.70
CA LEU A 142 -1.39 3.49 6.27
C LEU A 142 -1.74 4.80 5.56
N ALA A 143 -1.72 4.77 4.24
CA ALA A 143 -2.05 5.95 3.44
C ALA A 143 -3.53 6.27 3.52
N SER A 144 -4.37 5.24 3.52
CA SER A 144 -5.80 5.42 3.59
C SER A 144 -6.21 6.05 4.92
N LEU A 145 -5.62 5.57 6.00
CA LEU A 145 -5.92 6.09 7.34
C LEU A 145 -5.36 7.50 7.50
N GLY A 146 -4.09 7.67 7.19
CA GLY A 146 -3.46 8.98 7.32
C GLY A 146 -2.04 8.89 7.85
N ASP A 147 -1.09 9.43 7.10
CA ASP A 147 0.31 9.41 7.50
C ASP A 147 0.68 10.68 8.24
N ARG A 148 1.49 10.54 9.29
CA ARG A 148 1.90 11.68 10.10
C ARG A 148 3.16 12.33 9.50
N VAL A 14 -7.48 1.85 -15.00
CA VAL A 14 -6.73 1.02 -14.06
C VAL A 14 -5.41 0.57 -14.67
N GLN A 15 -4.38 0.46 -13.82
CA GLN A 15 -3.07 0.04 -14.28
C GLN A 15 -2.61 -1.21 -13.53
N THR A 16 -1.63 -1.91 -14.11
CA THR A 16 -1.11 -3.13 -13.51
C THR A 16 0.39 -3.02 -13.24
N VAL A 17 0.82 -3.48 -12.08
CA VAL A 17 2.23 -3.43 -11.71
C VAL A 17 3.10 -4.00 -12.82
N GLY A 18 2.69 -5.14 -13.37
CA GLY A 18 3.46 -5.77 -14.43
C GLY A 18 3.70 -4.84 -15.60
N GLN A 19 2.66 -4.11 -16.00
CA GLN A 19 2.77 -3.17 -17.12
C GLN A 19 3.67 -2.00 -16.76
N TRP A 20 3.33 -1.29 -15.69
CA TRP A 20 4.11 -0.15 -15.24
C TRP A 20 5.58 -0.52 -15.06
N LEU A 21 5.81 -1.66 -14.43
CA LEU A 21 7.17 -2.14 -14.19
C LEU A 21 7.88 -2.44 -15.51
N GLU A 22 7.19 -3.13 -16.40
CA GLU A 22 7.76 -3.49 -17.70
C GLU A 22 8.09 -2.23 -18.50
N SER A 23 7.33 -1.17 -18.27
CA SER A 23 7.54 0.09 -18.98
C SER A 23 8.76 0.82 -18.42
N ILE A 24 8.73 1.09 -17.11
CA ILE A 24 9.83 1.79 -16.46
C ILE A 24 11.14 1.04 -16.63
N GLY A 25 11.05 -0.29 -16.69
CA GLY A 25 12.24 -1.11 -16.86
C GLY A 25 11.92 -2.49 -17.38
N LEU A 26 12.17 -3.51 -16.56
CA LEU A 26 11.91 -4.89 -16.95
C LEU A 26 11.21 -5.64 -15.83
N PRO A 27 10.54 -6.75 -16.19
CA PRO A 27 9.82 -7.59 -15.22
C PRO A 27 10.75 -8.34 -14.29
N GLN A 28 11.32 -7.63 -13.32
CA GLN A 28 12.23 -8.24 -12.36
C GLN A 28 11.71 -8.11 -10.94
N TYR A 29 10.93 -7.06 -10.69
CA TYR A 29 10.37 -6.81 -9.37
C TYR A 29 8.90 -7.22 -9.33
N GLU A 30 8.40 -7.74 -10.45
CA GLU A 30 7.01 -8.17 -10.53
C GLU A 30 6.67 -9.14 -9.40
N ASN A 31 7.29 -10.31 -9.43
CA ASN A 31 7.05 -11.33 -8.40
C ASN A 31 7.23 -10.74 -7.01
N HIS A 32 8.37 -10.10 -6.79
CA HIS A 32 8.67 -9.49 -5.50
C HIS A 32 7.52 -8.60 -5.03
N LEU A 33 7.28 -7.53 -5.79
CA LEU A 33 6.21 -6.60 -5.47
C LEU A 33 4.90 -7.33 -5.20
N MET A 34 4.47 -8.14 -6.16
CA MET A 34 3.23 -8.91 -6.02
C MET A 34 3.19 -9.62 -4.68
N ALA A 35 4.16 -10.50 -4.45
CA ALA A 35 4.22 -11.26 -3.20
C ALA A 35 4.37 -10.32 -2.00
N ASN A 36 4.83 -9.11 -2.27
CA ASN A 36 5.01 -8.12 -1.21
C ASN A 36 3.76 -7.26 -1.03
N GLY A 37 2.66 -7.71 -1.62
CA GLY A 37 1.41 -6.98 -1.52
C GLY A 37 1.21 -6.02 -2.67
N PHE A 38 2.32 -5.60 -3.30
CA PHE A 38 2.26 -4.67 -4.41
C PHE A 38 1.81 -5.37 -5.68
N ASP A 39 0.56 -5.82 -5.70
CA ASP A 39 0.01 -6.51 -6.86
C ASP A 39 -0.82 -5.56 -7.72
N ASN A 40 -1.28 -4.48 -7.11
CA ASN A 40 -2.09 -3.49 -7.81
C ASN A 40 -1.46 -2.11 -7.74
N VAL A 41 -1.28 -1.49 -8.89
CA VAL A 41 -0.67 -0.15 -8.96
C VAL A 41 -1.40 0.82 -8.04
N GLN A 42 -2.71 0.62 -7.88
CA GLN A 42 -3.52 1.48 -7.04
C GLN A 42 -2.98 1.50 -5.61
N ALA A 43 -2.33 0.42 -5.21
CA ALA A 43 -1.76 0.31 -3.87
C ALA A 43 -0.81 1.47 -3.59
N MET A 44 -0.23 2.03 -4.64
CA MET A 44 0.70 3.14 -4.51
C MET A 44 0.08 4.27 -3.67
N GLY A 45 -1.24 4.40 -3.75
CA GLY A 45 -1.92 5.44 -2.99
C GLY A 45 -1.31 6.81 -3.20
N SER A 46 -1.68 7.46 -4.30
CA SER A 46 -1.15 8.78 -4.61
C SER A 46 0.37 8.76 -4.69
N ASN A 47 0.93 7.60 -5.04
CA ASN A 47 2.36 7.45 -5.15
C ASN A 47 3.05 7.74 -3.82
N VAL A 48 2.59 7.07 -2.77
CA VAL A 48 3.15 7.25 -1.44
C VAL A 48 4.39 6.38 -1.25
N MET A 49 4.70 5.56 -2.24
CA MET A 49 5.85 4.68 -2.19
C MET A 49 7.11 5.44 -1.79
N GLU A 50 8.00 4.78 -1.08
CA GLU A 50 9.25 5.41 -0.64
C GLU A 50 10.42 4.43 -0.73
N ASP A 51 11.61 4.92 -0.44
CA ASP A 51 12.81 4.09 -0.48
C ASP A 51 12.71 2.93 0.50
N GLN A 52 12.33 3.23 1.73
CA GLN A 52 12.19 2.20 2.76
C GLN A 52 11.32 1.05 2.27
N ASP A 53 10.27 1.39 1.54
CA ASP A 53 9.36 0.37 1.01
C ASP A 53 10.01 -0.38 -0.16
N LEU A 54 10.21 0.32 -1.26
CA LEU A 54 10.82 -0.28 -2.45
C LEU A 54 12.05 -1.09 -2.08
N LEU A 55 12.77 -0.61 -1.06
CA LEU A 55 13.98 -1.29 -0.61
C LEU A 55 13.64 -2.52 0.23
N GLU A 56 12.68 -2.35 1.14
CA GLU A 56 12.25 -3.45 2.00
C GLU A 56 11.81 -4.65 1.18
N ILE A 57 11.17 -4.38 0.04
CA ILE A 57 10.70 -5.43 -0.84
C ILE A 57 11.82 -6.42 -1.18
N GLY A 58 12.74 -5.98 -2.02
CA GLY A 58 13.85 -6.84 -2.41
C GLY A 58 14.64 -6.27 -3.58
N ILE A 59 15.41 -5.23 -3.31
CA ILE A 59 16.22 -4.60 -4.34
C ILE A 59 17.71 -4.70 -4.02
N LEU A 60 18.44 -5.42 -4.86
CA LEU A 60 19.88 -5.59 -4.66
C LEU A 60 20.66 -4.49 -5.38
N ASN A 61 20.67 -4.54 -6.71
CA ASN A 61 21.37 -3.56 -7.51
C ASN A 61 21.00 -2.14 -7.08
N SER A 62 21.98 -1.23 -7.12
CA SER A 62 21.75 0.15 -6.74
C SER A 62 21.08 0.93 -7.86
N GLY A 63 21.28 0.46 -9.09
CA GLY A 63 20.68 1.13 -10.24
C GLY A 63 19.21 0.80 -10.40
N HIS A 64 18.69 -0.05 -9.52
CA HIS A 64 17.29 -0.45 -9.57
C HIS A 64 16.43 0.49 -8.75
N ARG A 65 16.76 0.64 -7.47
CA ARG A 65 16.01 1.52 -6.58
C ARG A 65 15.86 2.91 -7.18
N GLN A 66 16.92 3.38 -7.83
CA GLN A 66 16.91 4.70 -8.45
C GLN A 66 15.85 4.77 -9.55
N ARG A 67 15.92 3.84 -10.49
CA ARG A 67 14.97 3.80 -11.60
C ARG A 67 13.54 3.77 -11.08
N ILE A 68 13.23 2.79 -10.24
CA ILE A 68 11.90 2.64 -9.67
C ILE A 68 11.51 3.88 -8.87
N LEU A 69 12.49 4.50 -8.23
CA LEU A 69 12.26 5.70 -7.44
C LEU A 69 11.70 6.83 -8.30
N GLN A 70 12.45 7.21 -9.32
CA GLN A 70 12.03 8.28 -10.22
C GLN A 70 10.75 7.90 -10.96
N ALA A 71 10.60 6.60 -11.24
CA ALA A 71 9.41 6.11 -11.94
C ALA A 71 8.17 6.20 -11.05
N ILE A 72 8.34 5.88 -9.77
CA ILE A 72 7.24 5.92 -8.82
C ILE A 72 7.08 7.32 -8.22
N GLN A 73 8.09 8.17 -8.44
CA GLN A 73 8.07 9.53 -7.92
C GLN A 73 7.61 10.51 -8.99
N LEU A 74 7.76 10.11 -10.25
CA LEU A 74 7.36 10.96 -11.37
C LEU A 74 6.23 10.31 -12.17
N LEU A 75 6.33 9.00 -12.36
CA LEU A 75 5.32 8.26 -13.11
C LEU A 75 5.22 8.77 -14.54
N PRO A 76 4.70 7.92 -15.44
CA PRO A 76 4.53 8.26 -16.85
C PRO A 76 3.44 9.30 -17.08
N LYS A 77 3.53 10.01 -18.20
CA LYS A 77 2.56 11.05 -18.52
C LYS A 77 1.13 10.49 -18.48
N MET A 78 0.95 9.32 -19.07
CA MET A 78 -0.36 8.67 -19.09
C MET A 78 -0.81 8.28 -17.68
N ARG A 79 -2.09 8.03 -17.53
CA ARG A 79 -2.65 7.66 -16.23
C ARG A 79 -1.84 8.29 -15.09
N PRO A 80 -1.91 9.62 -14.99
CA PRO A 80 -1.20 10.38 -13.96
C PRO A 80 -1.79 10.15 -12.57
N ILE A 81 -3.11 10.19 -12.48
CA ILE A 81 -3.80 9.97 -11.20
C ILE A 81 -5.21 9.45 -11.42
N GLY A 82 -5.67 8.60 -10.50
CA GLY A 82 -7.00 8.03 -10.61
C GLY A 82 -7.94 8.58 -9.55
N HIS A 83 -8.68 7.69 -8.90
CA HIS A 83 -9.62 8.09 -7.86
C HIS A 83 -9.39 7.27 -6.59
N ASP A 84 -9.42 7.96 -5.45
CA ASP A 84 -9.22 7.32 -4.17
C ASP A 84 -10.56 6.97 -3.51
N GLY A 85 -11.29 8.00 -3.09
CA GLY A 85 -12.57 7.80 -2.46
C GLY A 85 -12.45 7.47 -0.98
N ALA A 86 -13.04 8.30 -0.14
CA ALA A 86 -12.99 8.09 1.30
C ALA A 86 -14.28 8.55 1.97
N HIS A 87 -14.64 7.90 3.07
CA HIS A 87 -15.86 8.24 3.81
C HIS A 87 -15.89 7.55 5.16
N PRO A 88 -16.66 8.11 6.10
CA PRO A 88 -16.79 7.57 7.46
C PRO A 88 -17.56 6.25 7.48
N THR A 89 -16.88 5.18 7.88
CA THR A 89 -17.49 3.86 7.95
C THR A 89 -16.68 2.92 8.84
N SER A 90 -17.23 1.73 9.07
CA SER A 90 -16.55 0.75 9.92
C SER A 90 -15.38 0.10 9.17
N VAL A 91 -14.62 -0.72 9.88
CA VAL A 91 -13.47 -1.39 9.30
C VAL A 91 -13.87 -2.18 8.06
N ALA A 92 -15.02 -2.85 8.13
CA ALA A 92 -15.52 -3.64 7.02
C ALA A 92 -15.58 -2.80 5.74
N GLU A 93 -16.52 -1.86 5.70
CA GLU A 93 -16.69 -1.00 4.53
C GLU A 93 -15.36 -0.36 4.13
N TRP A 94 -14.59 0.05 5.14
CA TRP A 94 -13.29 0.68 4.90
C TRP A 94 -12.40 -0.23 4.09
N LEU A 95 -11.96 -1.33 4.70
CA LEU A 95 -11.09 -2.29 4.03
C LEU A 95 -11.69 -2.73 2.69
N ASP A 96 -13.01 -2.69 2.60
CA ASP A 96 -13.69 -3.09 1.37
C ASP A 96 -13.22 -2.25 0.19
N SER A 97 -12.69 -1.06 0.49
CA SER A 97 -12.20 -0.16 -0.55
C SER A 97 -10.68 -0.25 -0.67
N ILE A 98 -10.05 -0.88 0.32
CA ILE A 98 -8.60 -1.02 0.33
C ILE A 98 -8.17 -2.31 -0.37
N GLU A 99 -9.11 -2.93 -1.09
CA GLU A 99 -8.83 -4.16 -1.81
C GLU A 99 -8.53 -5.31 -0.83
N LEU A 100 -8.85 -5.09 0.44
CA LEU A 100 -8.62 -6.10 1.46
C LEU A 100 -9.93 -6.69 1.95
N GLY A 101 -9.85 -7.64 2.87
CA GLY A 101 -11.04 -8.28 3.41
C GLY A 101 -10.74 -9.19 4.59
N ASP A 102 -9.81 -10.12 4.37
CA ASP A 102 -9.44 -11.07 5.41
C ASP A 102 -9.11 -10.33 6.72
N TYR A 103 -8.44 -9.19 6.59
CA TYR A 103 -8.06 -8.40 7.76
C TYR A 103 -9.27 -8.12 8.64
N THR A 104 -10.44 -7.99 8.01
CA THR A 104 -11.67 -7.72 8.74
C THR A 104 -11.80 -8.63 9.97
N LYS A 105 -11.34 -9.87 9.83
CA LYS A 105 -11.40 -10.83 10.92
C LYS A 105 -10.52 -10.39 12.08
N ALA A 106 -9.24 -10.17 11.81
CA ALA A 106 -8.30 -9.75 12.84
C ALA A 106 -8.71 -8.40 13.43
N PHE A 107 -9.02 -7.45 12.56
CA PHE A 107 -9.44 -6.12 13.00
C PHE A 107 -10.63 -6.21 13.94
N LEU A 108 -11.63 -6.99 13.56
CA LEU A 108 -12.83 -7.16 14.38
C LEU A 108 -12.48 -7.76 15.74
N ILE A 109 -11.93 -8.96 15.72
CA ILE A 109 -11.55 -9.64 16.95
C ILE A 109 -10.60 -8.79 17.78
N ASN A 110 -9.88 -7.89 17.12
CA ASN A 110 -8.94 -7.00 17.80
C ASN A 110 -9.67 -5.90 18.54
N GLY A 111 -10.86 -5.55 18.06
CA GLY A 111 -11.64 -4.50 18.69
C GLY A 111 -11.76 -3.26 17.83
N TYR A 112 -11.37 -3.39 16.56
CA TYR A 112 -11.44 -2.27 15.63
C TYR A 112 -12.85 -2.11 15.07
N THR A 113 -13.61 -1.19 15.67
CA THR A 113 -14.98 -0.94 15.24
C THR A 113 -15.08 0.37 14.46
N SER A 114 -14.50 1.42 15.02
CA SER A 114 -14.53 2.74 14.38
C SER A 114 -13.21 3.02 13.65
N MET A 115 -13.31 3.57 12.45
CA MET A 115 -12.14 3.89 11.65
C MET A 115 -11.26 4.92 12.37
N ASP A 116 -11.89 5.81 13.12
CA ASP A 116 -11.15 6.84 13.85
C ASP A 116 -10.06 6.22 14.70
N LEU A 117 -10.37 5.10 15.35
CA LEU A 117 -9.40 4.41 16.19
C LEU A 117 -8.17 4.00 15.40
N LEU A 118 -8.37 3.73 14.12
CA LEU A 118 -7.27 3.33 13.24
C LEU A 118 -6.22 4.44 13.15
N LYS A 119 -6.64 5.67 13.40
CA LYS A 119 -5.74 6.82 13.36
C LYS A 119 -5.16 7.11 14.74
N LYS A 120 -5.27 6.15 15.65
CA LYS A 120 -4.77 6.31 16.99
C LYS A 120 -3.74 5.23 17.32
N ILE A 121 -3.15 4.65 16.29
CA ILE A 121 -2.14 3.61 16.45
C ILE A 121 -0.88 3.92 15.65
N ALA A 122 0.21 3.25 16.00
CA ALA A 122 1.48 3.45 15.31
C ALA A 122 1.89 2.20 14.55
N GLU A 123 3.03 2.29 13.85
CA GLU A 123 3.53 1.15 13.07
C GLU A 123 3.64 -0.10 13.95
N VAL A 124 4.44 0.00 15.01
CA VAL A 124 4.64 -1.11 15.92
C VAL A 124 3.30 -1.68 16.38
N GLU A 125 2.36 -0.80 16.70
CA GLU A 125 1.04 -1.21 17.16
C GLU A 125 0.33 -2.05 16.10
N LEU A 126 0.43 -1.62 14.85
CA LEU A 126 -0.21 -2.32 13.74
C LEU A 126 0.43 -3.70 13.54
N ILE A 127 1.75 -3.76 13.71
CA ILE A 127 2.47 -5.02 13.54
C ILE A 127 2.36 -5.89 14.79
N ASN A 128 1.96 -5.26 15.90
CA ASN A 128 1.81 -5.97 17.17
C ASN A 128 0.36 -6.40 17.38
N VAL A 129 -0.55 -5.77 16.65
CA VAL A 129 -1.97 -6.09 16.76
C VAL A 129 -2.46 -6.83 15.52
N LEU A 130 -2.24 -6.23 14.36
CA LEU A 130 -2.67 -6.83 13.09
C LEU A 130 -1.55 -7.70 12.52
N LYS A 131 -0.31 -7.36 12.83
CA LYS A 131 0.84 -8.11 12.34
C LYS A 131 0.95 -8.02 10.82
N ILE A 132 0.87 -6.80 10.30
CA ILE A 132 0.95 -6.58 8.86
C ILE A 132 2.37 -6.23 8.44
N ASN A 133 3.11 -7.21 7.96
CA ASN A 133 4.48 -7.01 7.53
C ASN A 133 4.55 -6.72 6.03
N LEU A 134 3.50 -7.11 5.32
CA LEU A 134 3.43 -6.88 3.87
C LEU A 134 3.36 -5.40 3.55
N ILE A 135 4.36 -4.91 2.84
CA ILE A 135 4.40 -3.50 2.46
C ILE A 135 3.12 -3.07 1.74
N GLY A 136 2.67 -3.91 0.81
CA GLY A 136 1.46 -3.61 0.08
C GLY A 136 0.29 -3.31 0.98
N HIS A 137 -0.26 -4.34 1.61
CA HIS A 137 -1.40 -4.18 2.51
C HIS A 137 -1.15 -3.05 3.50
N ARG A 138 0.00 -3.11 4.19
CA ARG A 138 0.36 -2.10 5.17
C ARG A 138 0.23 -0.70 4.58
N LYS A 139 1.06 -0.39 3.59
CA LYS A 139 1.05 0.91 2.94
C LYS A 139 -0.37 1.26 2.47
N ARG A 140 -1.11 0.25 2.05
CA ARG A 140 -2.47 0.46 1.57
C ARG A 140 -3.33 1.11 2.65
N ILE A 141 -3.56 0.39 3.74
CA ILE A 141 -4.37 0.90 4.84
C ILE A 141 -3.72 2.14 5.46
N LEU A 142 -2.39 2.14 5.51
CA LEU A 142 -1.65 3.26 6.08
C LEU A 142 -1.94 4.55 5.31
N ALA A 143 -1.62 4.54 4.02
CA ALA A 143 -1.84 5.70 3.17
C ALA A 143 -3.33 6.02 3.06
N SER A 144 -4.16 4.99 3.14
CA SER A 144 -5.60 5.16 3.05
C SER A 144 -6.15 5.92 4.25
N LEU A 145 -5.80 5.45 5.44
CA LEU A 145 -6.24 6.09 6.68
C LEU A 145 -5.58 7.45 6.87
N GLY A 146 -4.25 7.47 6.78
CA GLY A 146 -3.51 8.70 6.94
C GLY A 146 -2.26 8.74 6.09
N ASP A 147 -1.22 9.42 6.59
CA ASP A 147 0.04 9.53 5.86
C ASP A 147 1.22 9.21 6.78
N ARG A 148 2.39 9.01 6.17
CA ARG A 148 3.59 8.69 6.94
C ARG A 148 4.22 9.96 7.51
N VAL A 14 -7.47 -0.54 -15.53
CA VAL A 14 -6.64 -1.21 -14.54
C VAL A 14 -5.24 -1.50 -15.10
N GLN A 15 -4.22 -1.02 -14.40
CA GLN A 15 -2.85 -1.22 -14.83
C GLN A 15 -2.26 -2.49 -14.20
N THR A 16 -1.17 -2.97 -14.78
CA THR A 16 -0.52 -4.18 -14.29
C THR A 16 0.87 -3.88 -13.75
N VAL A 17 1.12 -4.26 -12.51
CA VAL A 17 2.42 -4.03 -11.88
C VAL A 17 3.55 -4.55 -12.76
N GLY A 18 3.36 -5.75 -13.32
CA GLY A 18 4.37 -6.34 -14.18
C GLY A 18 4.68 -5.48 -15.38
N GLN A 19 3.64 -5.06 -16.09
CA GLN A 19 3.81 -4.23 -17.28
C GLN A 19 4.55 -2.94 -16.94
N TRP A 20 4.05 -2.23 -15.94
CA TRP A 20 4.67 -0.97 -15.52
C TRP A 20 6.10 -1.20 -15.06
N LEU A 21 6.28 -2.09 -14.09
CA LEU A 21 7.60 -2.40 -13.57
C LEU A 21 8.54 -2.86 -14.68
N GLU A 22 7.96 -3.45 -15.72
CA GLU A 22 8.74 -3.94 -16.86
C GLU A 22 9.19 -2.78 -17.74
N SER A 23 8.30 -1.81 -17.94
CA SER A 23 8.60 -0.66 -18.77
C SER A 23 9.67 0.21 -18.13
N ILE A 24 9.54 0.43 -16.83
CA ILE A 24 10.49 1.25 -16.09
C ILE A 24 11.75 0.44 -15.73
N GLY A 25 11.57 -0.87 -15.54
CA GLY A 25 12.69 -1.72 -15.20
C GLY A 25 12.56 -3.10 -15.80
N LEU A 26 12.28 -4.09 -14.95
CA LEU A 26 12.13 -5.47 -15.41
C LEU A 26 11.21 -6.25 -14.48
N PRO A 27 10.66 -7.36 -15.00
CA PRO A 27 9.75 -8.22 -14.23
C PRO A 27 10.48 -8.98 -13.12
N GLN A 28 11.80 -8.89 -13.11
CA GLN A 28 12.61 -9.58 -12.11
C GLN A 28 12.15 -9.19 -10.70
N TYR A 29 11.58 -8.01 -10.57
CA TYR A 29 11.10 -7.53 -9.28
C TYR A 29 9.58 -7.66 -9.18
N GLU A 30 8.94 -7.90 -10.31
CA GLU A 30 7.49 -8.06 -10.35
C GLU A 30 7.02 -9.08 -9.32
N ASN A 31 7.58 -10.27 -9.39
CA ASN A 31 7.23 -11.34 -8.46
C ASN A 31 7.32 -10.87 -7.02
N HIS A 32 8.44 -10.25 -6.67
CA HIS A 32 8.64 -9.74 -5.32
C HIS A 32 7.54 -8.77 -4.93
N LEU A 33 7.33 -7.75 -5.76
CA LEU A 33 6.30 -6.75 -5.50
C LEU A 33 4.97 -7.41 -5.18
N MET A 34 4.47 -8.21 -6.11
CA MET A 34 3.19 -8.91 -5.92
C MET A 34 3.18 -9.65 -4.59
N ALA A 35 4.16 -10.53 -4.39
CA ALA A 35 4.25 -11.30 -3.15
C ALA A 35 4.36 -10.38 -1.94
N ASN A 36 4.81 -9.15 -2.17
CA ASN A 36 4.96 -8.18 -1.09
C ASN A 36 3.71 -7.31 -0.97
N GLY A 37 2.60 -7.80 -1.52
CA GLY A 37 1.35 -7.06 -1.46
C GLY A 37 1.14 -6.18 -2.68
N PHE A 38 2.23 -5.80 -3.33
CA PHE A 38 2.17 -4.95 -4.51
C PHE A 38 1.77 -5.76 -5.74
N ASP A 39 0.51 -6.19 -5.77
CA ASP A 39 0.00 -6.98 -6.89
C ASP A 39 -0.86 -6.12 -7.80
N ASN A 40 -1.42 -5.05 -7.25
CA ASN A 40 -2.27 -4.15 -8.03
C ASN A 40 -1.65 -2.74 -8.08
N VAL A 41 -1.49 -2.23 -9.28
CA VAL A 41 -0.93 -0.89 -9.47
C VAL A 41 -1.73 0.16 -8.72
N GLN A 42 -3.00 -0.16 -8.44
CA GLN A 42 -3.88 0.76 -7.73
C GLN A 42 -3.29 1.15 -6.38
N ALA A 43 -2.51 0.24 -5.79
CA ALA A 43 -1.88 0.48 -4.50
C ALA A 43 -1.07 1.77 -4.52
N MET A 44 -0.60 2.15 -5.71
CA MET A 44 0.20 3.36 -5.87
C MET A 44 -0.69 4.59 -5.85
N GLY A 45 -1.93 4.44 -6.30
CA GLY A 45 -2.85 5.56 -6.33
C GLY A 45 -2.95 6.27 -4.99
N SER A 46 -3.38 5.52 -3.96
CA SER A 46 -3.52 6.09 -2.62
C SER A 46 -2.22 6.75 -2.17
N ASN A 47 -1.11 6.04 -2.35
CA ASN A 47 0.20 6.56 -1.96
C ASN A 47 1.30 5.95 -2.81
N VAL A 48 1.88 6.77 -3.70
CA VAL A 48 2.94 6.31 -4.57
C VAL A 48 4.08 5.67 -3.77
N MET A 49 4.74 4.70 -4.39
CA MET A 49 5.85 4.01 -3.72
C MET A 49 6.88 5.01 -3.21
N GLU A 50 7.57 4.63 -2.13
CA GLU A 50 8.58 5.49 -1.53
C GLU A 50 9.91 4.76 -1.39
N ASP A 51 10.96 5.50 -1.05
CA ASP A 51 12.28 4.92 -0.88
C ASP A 51 12.25 3.77 0.12
N GLN A 52 11.65 4.02 1.28
CA GLN A 52 11.56 2.99 2.32
C GLN A 52 10.83 1.75 1.80
N ASP A 53 9.73 1.97 1.09
CA ASP A 53 8.95 0.88 0.54
C ASP A 53 9.78 0.05 -0.45
N LEU A 54 10.15 0.67 -1.56
CA LEU A 54 10.94 -0.01 -2.58
C LEU A 54 12.19 -0.66 -1.96
N LEU A 55 12.70 -0.03 -0.90
CA LEU A 55 13.88 -0.55 -0.21
C LEU A 55 13.54 -1.80 0.59
N GLU A 56 12.34 -1.82 1.16
CA GLU A 56 11.89 -2.95 1.97
C GLU A 56 11.53 -4.14 1.08
N ILE A 57 11.07 -3.84 -0.13
CA ILE A 57 10.70 -4.89 -1.09
C ILE A 57 11.79 -5.93 -1.21
N GLY A 58 12.93 -5.53 -1.78
CA GLY A 58 14.03 -6.46 -1.95
C GLY A 58 14.91 -6.10 -3.13
N ILE A 59 15.14 -4.80 -3.32
CA ILE A 59 15.97 -4.33 -4.43
C ILE A 59 17.34 -3.86 -3.93
N LEU A 60 17.81 -4.49 -2.85
CA LEU A 60 19.10 -4.13 -2.27
C LEU A 60 20.23 -4.54 -3.21
N ASN A 61 21.31 -3.75 -3.19
CA ASN A 61 22.46 -4.03 -4.05
C ASN A 61 22.09 -3.92 -5.52
N SER A 62 21.53 -2.78 -5.92
CA SER A 62 21.13 -2.56 -7.29
C SER A 62 20.84 -1.08 -7.55
N GLY A 63 20.79 -0.70 -8.82
CA GLY A 63 20.52 0.68 -9.17
C GLY A 63 19.08 0.90 -9.58
N HIS A 64 18.30 -0.17 -9.59
CA HIS A 64 16.89 -0.09 -9.95
C HIS A 64 16.14 0.89 -9.04
N ARG A 65 16.70 1.12 -7.86
CA ARG A 65 16.07 2.03 -6.90
C ARG A 65 15.77 3.38 -7.54
N GLN A 66 16.80 4.02 -8.08
CA GLN A 66 16.64 5.32 -8.73
C GLN A 66 15.59 5.25 -9.83
N ARG A 67 15.48 4.08 -10.47
CA ARG A 67 14.53 3.88 -11.54
C ARG A 67 13.09 3.97 -11.02
N ILE A 68 12.76 3.13 -10.05
CA ILE A 68 11.43 3.11 -9.47
C ILE A 68 11.11 4.44 -8.80
N LEU A 69 12.14 5.07 -8.25
CA LEU A 69 11.96 6.36 -7.58
C LEU A 69 11.55 7.45 -8.58
N GLN A 70 12.43 7.73 -9.53
CA GLN A 70 12.16 8.74 -10.55
C GLN A 70 10.90 8.40 -11.33
N ALA A 71 10.68 7.10 -11.56
CA ALA A 71 9.52 6.65 -12.31
C ALA A 71 8.24 6.89 -11.51
N ILE A 72 8.14 6.25 -10.35
CA ILE A 72 6.96 6.40 -9.49
C ILE A 72 6.74 7.86 -9.12
N GLN A 73 7.82 8.64 -9.13
CA GLN A 73 7.74 10.06 -8.78
C GLN A 73 7.16 10.86 -9.93
N LEU A 74 7.62 10.57 -11.15
CA LEU A 74 7.14 11.28 -12.33
C LEU A 74 5.79 10.73 -12.79
N LEU A 75 5.43 9.56 -12.27
CA LEU A 75 4.17 8.92 -12.63
C LEU A 75 3.00 9.90 -12.47
N PRO A 76 2.81 10.40 -11.24
CA PRO A 76 1.74 11.36 -10.94
C PRO A 76 1.98 12.72 -11.56
N LYS A 77 3.24 13.15 -11.57
CA LYS A 77 3.62 14.43 -12.13
C LYS A 77 3.07 14.59 -13.55
N MET A 78 3.05 13.48 -14.30
CA MET A 78 2.55 13.49 -15.66
C MET A 78 1.14 12.91 -15.72
N ARG A 79 0.18 13.74 -16.12
CA ARG A 79 -1.21 13.31 -16.23
C ARG A 79 -1.72 12.81 -14.88
N PRO A 80 -1.91 13.74 -13.93
CA PRO A 80 -2.40 13.40 -12.59
C PRO A 80 -3.86 12.96 -12.60
N ILE A 81 -4.22 12.09 -11.65
CA ILE A 81 -5.58 11.59 -11.56
C ILE A 81 -6.46 12.55 -10.76
N GLY A 82 -5.84 13.25 -9.79
CA GLY A 82 -6.58 14.18 -8.97
C GLY A 82 -6.30 14.00 -7.49
N HIS A 83 -7.35 14.06 -6.68
CA HIS A 83 -7.21 13.90 -5.24
C HIS A 83 -8.33 13.03 -4.67
N ASP A 84 -7.99 12.22 -3.67
CA ASP A 84 -8.96 11.33 -3.04
C ASP A 84 -8.89 11.44 -1.53
N GLY A 85 -10.05 11.47 -0.88
CA GLY A 85 -10.10 11.55 0.56
C GLY A 85 -10.74 10.35 1.20
N ALA A 86 -11.31 10.54 2.39
CA ALA A 86 -11.96 9.45 3.10
C ALA A 86 -13.07 9.98 4.02
N HIS A 87 -13.78 9.06 4.67
CA HIS A 87 -14.86 9.43 5.57
C HIS A 87 -14.90 8.52 6.79
N PRO A 88 -15.56 8.97 7.86
CA PRO A 88 -15.68 8.21 9.10
C PRO A 88 -16.58 6.99 8.95
N THR A 89 -15.98 5.81 8.92
CA THR A 89 -16.73 4.57 8.77
C THR A 89 -16.13 3.46 9.64
N SER A 90 -16.79 2.30 9.64
CA SER A 90 -16.33 1.17 10.43
C SER A 90 -15.14 0.48 9.75
N VAL A 91 -14.40 -0.30 10.52
CA VAL A 91 -13.24 -1.01 10.00
C VAL A 91 -13.60 -1.83 8.76
N ALA A 92 -14.80 -2.38 8.76
CA ALA A 92 -15.27 -3.17 7.63
C ALA A 92 -15.41 -2.32 6.38
N GLU A 93 -16.31 -1.34 6.43
CA GLU A 93 -16.54 -0.46 5.29
C GLU A 93 -15.27 0.32 4.94
N TRP A 94 -14.34 0.37 5.89
CA TRP A 94 -13.09 1.10 5.68
C TRP A 94 -12.14 0.28 4.80
N LEU A 95 -11.92 -0.97 5.17
CA LEU A 95 -11.03 -1.84 4.42
C LEU A 95 -11.71 -2.34 3.14
N ASP A 96 -13.00 -2.66 3.25
CA ASP A 96 -13.76 -3.13 2.11
C ASP A 96 -13.83 -2.07 1.00
N SER A 97 -13.69 -0.81 1.40
CA SER A 97 -13.73 0.30 0.46
C SER A 97 -12.34 0.62 -0.08
N ILE A 98 -11.37 -0.21 0.30
CA ILE A 98 -10.00 -0.02 -0.14
C ILE A 98 -9.58 -1.12 -1.12
N GLU A 99 -9.33 -2.32 -0.58
CA GLU A 99 -8.93 -3.46 -1.40
C GLU A 99 -8.86 -4.72 -0.57
N LEU A 100 -8.12 -4.66 0.54
CA LEU A 100 -7.97 -5.81 1.43
C LEU A 100 -9.33 -6.39 1.80
N GLY A 101 -10.00 -5.75 2.75
CA GLY A 101 -11.30 -6.22 3.19
C GLY A 101 -11.20 -7.41 4.13
N ASP A 102 -10.51 -8.45 3.70
CA ASP A 102 -10.36 -9.65 4.52
C ASP A 102 -9.88 -9.29 5.92
N TYR A 103 -8.95 -8.36 6.00
CA TYR A 103 -8.41 -7.92 7.29
C TYR A 103 -9.52 -7.57 8.26
N THR A 104 -10.66 -7.13 7.71
CA THR A 104 -11.81 -6.76 8.53
C THR A 104 -12.06 -7.78 9.63
N LYS A 105 -11.87 -9.05 9.30
CA LYS A 105 -12.08 -10.13 10.26
C LYS A 105 -11.10 -10.01 11.43
N ALA A 106 -9.81 -10.05 11.13
CA ALA A 106 -8.78 -9.93 12.15
C ALA A 106 -8.95 -8.66 12.97
N PHE A 107 -9.23 -7.55 12.28
CA PHE A 107 -9.43 -6.28 12.95
C PHE A 107 -10.56 -6.34 13.97
N LEU A 108 -11.72 -6.80 13.52
CA LEU A 108 -12.89 -6.92 14.39
C LEU A 108 -12.57 -7.76 15.62
N ILE A 109 -12.12 -9.00 15.38
CA ILE A 109 -11.77 -9.90 16.47
C ILE A 109 -10.67 -9.30 17.34
N ASN A 110 -9.84 -8.45 16.75
CA ASN A 110 -8.75 -7.81 17.48
C ASN A 110 -9.28 -6.73 18.41
N GLY A 111 -10.51 -6.30 18.17
CA GLY A 111 -11.12 -5.27 19.00
C GLY A 111 -11.31 -3.97 18.26
N TYR A 112 -11.16 -4.01 16.94
CA TYR A 112 -11.32 -2.81 16.12
C TYR A 112 -12.75 -2.66 15.65
N THR A 113 -13.51 -1.81 16.35
CA THR A 113 -14.91 -1.57 16.02
C THR A 113 -15.12 -0.14 15.54
N SER A 114 -14.19 0.74 15.90
CA SER A 114 -14.28 2.14 15.52
C SER A 114 -13.00 2.60 14.83
N MET A 115 -13.14 3.20 13.65
CA MET A 115 -11.99 3.68 12.89
C MET A 115 -11.14 4.63 13.74
N ASP A 116 -11.80 5.37 14.62
CA ASP A 116 -11.11 6.32 15.49
C ASP A 116 -9.95 5.65 16.21
N LEU A 117 -10.20 4.45 16.73
CA LEU A 117 -9.17 3.70 17.45
C LEU A 117 -7.93 3.52 16.59
N LEU A 118 -8.13 3.43 15.28
CA LEU A 118 -7.02 3.26 14.35
C LEU A 118 -6.07 4.45 14.41
N LYS A 119 -6.56 5.56 14.93
CA LYS A 119 -5.75 6.77 15.06
C LYS A 119 -4.71 6.62 16.16
N LYS A 120 -4.98 5.71 17.10
CA LYS A 120 -4.06 5.47 18.21
C LYS A 120 -3.26 4.19 17.98
N ILE A 121 -3.22 3.73 16.74
CA ILE A 121 -2.49 2.52 16.39
C ILE A 121 -1.12 2.85 15.81
N ALA A 122 -0.08 2.24 16.35
CA ALA A 122 1.28 2.46 15.88
C ALA A 122 1.76 1.30 15.02
N GLU A 123 2.93 1.48 14.40
CA GLU A 123 3.50 0.44 13.54
C GLU A 123 3.61 -0.88 14.30
N VAL A 124 4.45 -0.89 15.33
CA VAL A 124 4.65 -2.09 16.14
C VAL A 124 3.32 -2.70 16.56
N GLU A 125 2.41 -1.85 17.04
CA GLU A 125 1.10 -2.30 17.48
C GLU A 125 0.35 -3.01 16.35
N LEU A 126 0.53 -2.51 15.14
CA LEU A 126 -0.13 -3.09 13.96
C LEU A 126 0.48 -4.45 13.62
N ILE A 127 1.80 -4.55 13.74
CA ILE A 127 2.50 -5.79 13.45
C ILE A 127 2.31 -6.81 14.57
N ASN A 128 1.96 -6.31 15.75
CA ASN A 128 1.76 -7.18 16.91
C ASN A 128 0.30 -7.60 17.02
N VAL A 129 -0.60 -6.76 16.50
CA VAL A 129 -2.02 -7.05 16.54
C VAL A 129 -2.49 -7.68 15.22
N LEU A 130 -2.28 -6.96 14.12
CA LEU A 130 -2.69 -7.44 12.81
C LEU A 130 -1.61 -8.35 12.22
N LYS A 131 -0.35 -8.00 12.43
CA LYS A 131 0.77 -8.78 11.92
C LYS A 131 0.77 -8.79 10.40
N ILE A 132 0.61 -7.61 9.80
CA ILE A 132 0.61 -7.49 8.35
C ILE A 132 1.98 -7.81 7.76
N ASN A 133 2.98 -7.01 8.12
CA ASN A 133 4.34 -7.21 7.63
C ASN A 133 4.35 -7.36 6.11
N LEU A 134 3.69 -6.43 5.43
CA LEU A 134 3.61 -6.46 3.97
C LEU A 134 3.60 -5.04 3.40
N ILE A 135 4.51 -4.77 2.48
CA ILE A 135 4.60 -3.46 1.85
C ILE A 135 3.25 -3.02 1.28
N GLY A 136 2.77 -3.76 0.29
CA GLY A 136 1.49 -3.44 -0.32
C GLY A 136 0.42 -3.13 0.71
N HIS A 137 0.04 -4.14 1.49
CA HIS A 137 -0.99 -3.97 2.52
C HIS A 137 -0.68 -2.75 3.38
N ARG A 138 0.57 -2.65 3.82
CA ARG A 138 0.98 -1.52 4.67
C ARG A 138 0.66 -0.19 4.00
N LYS A 139 1.30 0.06 2.87
CA LYS A 139 1.08 1.30 2.13
C LYS A 139 -0.40 1.56 1.92
N ARG A 140 -1.14 0.50 1.58
CA ARG A 140 -2.58 0.62 1.35
C ARG A 140 -3.27 1.21 2.57
N ILE A 141 -3.11 0.56 3.71
CA ILE A 141 -3.73 1.02 4.94
C ILE A 141 -3.19 2.40 5.35
N LEU A 142 -1.87 2.48 5.46
CA LEU A 142 -1.21 3.73 5.84
C LEU A 142 -1.71 4.89 4.98
N ALA A 143 -2.05 4.58 3.73
CA ALA A 143 -2.54 5.60 2.80
C ALA A 143 -3.99 5.96 3.11
N SER A 144 -4.83 4.94 3.30
CA SER A 144 -6.24 5.15 3.59
C SER A 144 -6.41 5.86 4.93
N LEU A 145 -5.45 5.69 5.81
CA LEU A 145 -5.49 6.30 7.14
C LEU A 145 -4.89 7.70 7.10
N GLY A 146 -3.74 7.84 6.44
CA GLY A 146 -3.09 9.12 6.34
C GLY A 146 -2.15 9.38 7.49
N ASP A 147 -1.28 10.38 7.34
CA ASP A 147 -0.32 10.73 8.38
C ASP A 147 -0.54 12.15 8.89
N ARG A 148 -1.02 13.01 7.99
CA ARG A 148 -1.29 14.40 8.35
C ARG A 148 -2.39 14.50 9.40
N VAL A 14 -7.62 1.10 -16.50
CA VAL A 14 -6.92 0.49 -15.39
C VAL A 14 -5.43 0.36 -15.67
N GLN A 15 -4.69 -0.12 -14.68
CA GLN A 15 -3.25 -0.29 -14.81
C GLN A 15 -2.80 -1.64 -14.23
N THR A 16 -1.50 -1.89 -14.30
CA THR A 16 -0.94 -3.14 -13.79
C THR A 16 0.50 -2.96 -13.36
N VAL A 17 0.84 -3.48 -12.18
CA VAL A 17 2.19 -3.37 -11.66
C VAL A 17 3.22 -3.86 -12.68
N GLY A 18 2.96 -5.05 -13.24
CA GLY A 18 3.88 -5.62 -14.22
C GLY A 18 4.10 -4.70 -15.40
N GLN A 19 3.03 -4.06 -15.87
CA GLN A 19 3.11 -3.15 -16.99
C GLN A 19 3.97 -1.94 -16.66
N TRP A 20 3.65 -1.28 -15.55
CA TRP A 20 4.40 -0.11 -15.11
C TRP A 20 5.86 -0.46 -14.85
N LEU A 21 6.07 -1.48 -14.01
CA LEU A 21 7.42 -1.91 -13.66
C LEU A 21 8.23 -2.21 -14.93
N GLU A 22 7.61 -2.92 -15.87
CA GLU A 22 8.27 -3.27 -17.12
C GLU A 22 8.56 -2.02 -17.95
N SER A 23 7.63 -1.07 -17.91
CA SER A 23 7.78 0.17 -18.67
C SER A 23 8.97 0.98 -18.16
N ILE A 24 9.14 1.00 -16.84
CA ILE A 24 10.24 1.73 -16.22
C ILE A 24 11.53 0.92 -16.26
N GLY A 25 11.40 -0.40 -16.32
CA GLY A 25 12.56 -1.26 -16.36
C GLY A 25 12.29 -2.58 -17.07
N LEU A 26 12.31 -3.67 -16.30
CA LEU A 26 12.06 -4.99 -16.85
C LEU A 26 11.35 -5.89 -15.84
N PRO A 27 10.69 -6.94 -16.34
CA PRO A 27 9.97 -7.89 -15.49
C PRO A 27 10.90 -8.75 -14.65
N GLN A 28 11.49 -8.14 -13.63
CA GLN A 28 12.41 -8.86 -12.75
C GLN A 28 12.05 -8.63 -11.28
N TYR A 29 10.98 -7.88 -11.05
CA TYR A 29 10.52 -7.59 -9.70
C TYR A 29 9.01 -7.69 -9.59
N GLU A 30 8.38 -8.23 -10.64
CA GLU A 30 6.94 -8.38 -10.66
C GLU A 30 6.47 -9.35 -9.58
N ASN A 31 7.03 -10.56 -9.60
CA ASN A 31 6.68 -11.57 -8.61
C ASN A 31 6.90 -11.06 -7.19
N HIS A 32 8.08 -10.50 -6.95
CA HIS A 32 8.43 -9.97 -5.64
C HIS A 32 7.39 -8.95 -5.17
N LEU A 33 7.21 -7.90 -5.96
CA LEU A 33 6.24 -6.85 -5.62
C LEU A 33 4.89 -7.46 -5.29
N MET A 34 4.31 -8.18 -6.25
CA MET A 34 3.02 -8.82 -6.06
C MET A 34 2.98 -9.62 -4.76
N ALA A 35 3.91 -10.57 -4.64
CA ALA A 35 4.00 -11.41 -3.45
C ALA A 35 4.18 -10.56 -2.20
N ASN A 36 4.70 -9.35 -2.38
CA ASN A 36 4.92 -8.44 -1.25
C ASN A 36 3.73 -7.51 -1.06
N GLY A 37 2.58 -7.91 -1.59
CA GLY A 37 1.38 -7.10 -1.47
C GLY A 37 1.19 -6.15 -2.63
N PHE A 38 2.30 -5.80 -3.29
CA PHE A 38 2.26 -4.90 -4.42
C PHE A 38 1.78 -5.61 -5.69
N ASP A 39 0.50 -5.98 -5.71
CA ASP A 39 -0.09 -6.68 -6.84
C ASP A 39 -0.94 -5.72 -7.68
N ASN A 40 -1.42 -4.66 -7.05
CA ASN A 40 -2.24 -3.68 -7.74
C ASN A 40 -1.62 -2.28 -7.67
N VAL A 41 -1.50 -1.63 -8.81
CA VAL A 41 -0.92 -0.30 -8.87
C VAL A 41 -1.70 0.69 -8.01
N GLN A 42 -2.97 0.36 -7.75
CA GLN A 42 -3.82 1.22 -6.93
C GLN A 42 -3.23 1.39 -5.53
N ALA A 43 -2.38 0.46 -5.14
CA ALA A 43 -1.75 0.51 -3.82
C ALA A 43 -0.93 1.80 -3.66
N MET A 44 -0.57 2.41 -4.78
CA MET A 44 0.21 3.65 -4.76
C MET A 44 -0.71 4.87 -4.78
N GLY A 45 -2.01 4.63 -4.96
CA GLY A 45 -2.96 5.72 -5.00
C GLY A 45 -2.85 6.63 -3.80
N SER A 46 -2.96 7.93 -4.04
CA SER A 46 -2.87 8.92 -2.97
C SER A 46 -1.60 8.71 -2.15
N ASN A 47 -0.55 8.24 -2.81
CA ASN A 47 0.73 8.00 -2.14
C ASN A 47 1.84 7.75 -3.16
N VAL A 48 3.05 7.49 -2.66
CA VAL A 48 4.19 7.24 -3.53
C VAL A 48 5.16 6.27 -2.88
N MET A 49 5.55 5.25 -3.63
CA MET A 49 6.49 4.24 -3.13
C MET A 49 7.75 4.89 -2.56
N GLU A 50 7.86 4.88 -1.23
CA GLU A 50 9.01 5.48 -0.56
C GLU A 50 10.22 4.54 -0.61
N ASP A 51 11.40 5.11 -0.44
CA ASP A 51 12.64 4.33 -0.47
C ASP A 51 12.56 3.16 0.51
N GLN A 52 12.07 3.45 1.71
CA GLN A 52 11.95 2.42 2.74
C GLN A 52 11.28 1.17 2.19
N ASP A 53 10.09 1.33 1.63
CA ASP A 53 9.35 0.22 1.06
C ASP A 53 10.13 -0.43 -0.08
N LEU A 54 10.58 0.40 -1.03
CA LEU A 54 11.34 -0.09 -2.17
C LEU A 54 12.46 -1.02 -1.73
N LEU A 55 13.29 -0.54 -0.80
CA LEU A 55 14.40 -1.34 -0.29
C LEU A 55 13.89 -2.52 0.53
N GLU A 56 12.72 -2.35 1.16
CA GLU A 56 12.14 -3.40 1.97
C GLU A 56 11.70 -4.58 1.11
N ILE A 57 11.31 -4.29 -0.13
CA ILE A 57 10.88 -5.33 -1.05
C ILE A 57 12.01 -6.29 -1.36
N GLY A 58 12.95 -5.84 -2.19
CA GLY A 58 14.08 -6.69 -2.56
C GLY A 58 14.90 -6.09 -3.69
N ILE A 59 15.32 -4.84 -3.52
CA ILE A 59 16.12 -4.16 -4.54
C ILE A 59 17.53 -3.88 -4.04
N LEU A 60 18.47 -3.77 -4.96
CA LEU A 60 19.87 -3.50 -4.62
C LEU A 60 20.03 -2.08 -4.10
N ASN A 61 21.27 -1.70 -3.79
CA ASN A 61 21.56 -0.37 -3.29
C ASN A 61 21.22 0.69 -4.32
N SER A 62 22.04 0.78 -5.37
CA SER A 62 21.83 1.75 -6.44
C SER A 62 21.57 1.05 -7.77
N GLY A 63 20.98 -0.14 -7.70
CA GLY A 63 20.70 -0.89 -8.91
C GLY A 63 19.42 -0.43 -9.59
N HIS A 64 18.29 -0.89 -9.09
CA HIS A 64 16.99 -0.52 -9.65
C HIS A 64 16.23 0.41 -8.72
N ARG A 65 16.76 0.59 -7.51
CA ARG A 65 16.13 1.45 -6.51
C ARG A 65 15.82 2.82 -7.10
N GLN A 66 16.87 3.55 -7.48
CA GLN A 66 16.71 4.87 -8.05
C GLN A 66 15.72 4.85 -9.22
N ARG A 67 15.76 3.78 -10.00
CA ARG A 67 14.88 3.63 -11.15
C ARG A 67 13.42 3.73 -10.72
N ILE A 68 12.99 2.78 -9.89
CA ILE A 68 11.61 2.76 -9.41
C ILE A 68 11.28 4.04 -8.65
N LEU A 69 12.26 4.57 -7.95
CA LEU A 69 12.07 5.80 -7.17
C LEU A 69 11.69 6.96 -8.07
N GLN A 70 12.62 7.33 -8.97
CA GLN A 70 12.38 8.43 -9.89
C GLN A 70 11.13 8.17 -10.73
N ALA A 71 10.89 6.90 -11.06
CA ALA A 71 9.73 6.53 -11.86
C ALA A 71 8.43 6.78 -11.10
N ILE A 72 8.20 5.97 -10.06
CA ILE A 72 6.99 6.11 -9.25
C ILE A 72 6.82 7.54 -8.76
N GLN A 73 7.93 8.25 -8.59
CA GLN A 73 7.90 9.63 -8.14
C GLN A 73 7.54 10.57 -9.27
N LEU A 74 7.97 10.22 -10.49
CA LEU A 74 7.69 11.05 -11.66
C LEU A 74 6.27 10.79 -12.18
N LEU A 75 5.71 9.65 -11.80
CA LEU A 75 4.35 9.30 -12.23
C LEU A 75 3.39 10.46 -12.00
N PRO A 76 2.98 11.10 -13.10
CA PRO A 76 2.04 12.23 -13.05
C PRO A 76 0.63 11.81 -12.63
N LYS A 77 -0.31 12.74 -12.75
CA LYS A 77 -1.70 12.46 -12.39
C LYS A 77 -2.66 13.09 -13.40
N MET A 78 -3.39 12.24 -14.12
CA MET A 78 -4.35 12.71 -15.11
C MET A 78 -5.75 12.77 -14.52
N ARG A 79 -6.08 11.81 -13.67
CA ARG A 79 -7.39 11.76 -13.04
C ARG A 79 -7.32 11.04 -11.68
N PRO A 80 -6.71 11.70 -10.70
CA PRO A 80 -6.55 11.15 -9.35
C PRO A 80 -7.88 11.08 -8.60
N ILE A 81 -7.83 10.63 -7.35
CA ILE A 81 -9.03 10.52 -6.53
C ILE A 81 -9.16 11.71 -5.60
N GLY A 82 -10.40 12.17 -5.40
CA GLY A 82 -10.64 13.30 -4.53
C GLY A 82 -10.11 13.09 -3.13
N HIS A 83 -10.66 12.10 -2.44
CA HIS A 83 -10.23 11.78 -1.09
C HIS A 83 -10.09 10.27 -0.89
N ASP A 84 -8.95 9.86 -0.32
CA ASP A 84 -8.69 8.46 -0.07
C ASP A 84 -9.35 7.99 1.21
N GLY A 85 -9.59 6.69 1.32
CA GLY A 85 -10.21 6.14 2.50
C GLY A 85 -11.51 6.84 2.86
N ALA A 86 -11.49 7.58 3.97
CA ALA A 86 -12.67 8.30 4.42
C ALA A 86 -13.87 7.37 4.55
N HIS A 87 -13.66 6.22 5.17
CA HIS A 87 -14.72 5.24 5.35
C HIS A 87 -15.03 5.06 6.85
N PRO A 88 -15.72 6.05 7.42
CA PRO A 88 -16.10 6.04 8.84
C PRO A 88 -17.16 4.99 9.14
N THR A 89 -17.72 4.39 8.09
CA THR A 89 -18.75 3.37 8.24
C THR A 89 -18.30 2.28 9.20
N SER A 90 -17.32 1.49 8.78
CA SER A 90 -16.81 0.40 9.60
C SER A 90 -15.55 -0.21 8.98
N VAL A 91 -14.78 -0.93 9.78
CA VAL A 91 -13.57 -1.56 9.32
C VAL A 91 -13.81 -2.38 8.06
N ALA A 92 -14.97 -3.03 8.01
CA ALA A 92 -15.33 -3.85 6.86
C ALA A 92 -15.43 -3.01 5.60
N GLU A 93 -16.26 -1.97 5.64
CA GLU A 93 -16.44 -1.09 4.49
C GLU A 93 -15.20 -0.23 4.26
N TRP A 94 -14.32 -0.19 5.26
CA TRP A 94 -13.09 0.58 5.16
C TRP A 94 -12.02 -0.19 4.39
N LEU A 95 -11.95 -1.49 4.62
CA LEU A 95 -10.97 -2.34 3.94
C LEU A 95 -11.54 -2.91 2.66
N ASP A 96 -12.79 -3.37 2.72
CA ASP A 96 -13.45 -3.94 1.56
C ASP A 96 -13.50 -2.93 0.41
N SER A 97 -13.47 -1.65 0.75
CA SER A 97 -13.51 -0.60 -0.25
C SER A 97 -12.12 -0.31 -0.81
N ILE A 98 -11.11 -0.85 -0.12
CA ILE A 98 -9.73 -0.66 -0.55
C ILE A 98 -9.30 -1.73 -1.54
N GLU A 99 -9.12 -2.95 -1.04
CA GLU A 99 -8.71 -4.07 -1.89
C GLU A 99 -9.04 -5.40 -1.24
N LEU A 100 -8.57 -5.59 -0.01
CA LEU A 100 -8.82 -6.82 0.72
C LEU A 100 -9.56 -6.53 2.04
N GLY A 101 -10.71 -7.16 2.21
CA GLY A 101 -11.49 -6.97 3.41
C GLY A 101 -11.27 -8.06 4.44
N ASP A 102 -10.46 -9.05 4.08
CA ASP A 102 -10.17 -10.16 4.97
C ASP A 102 -9.65 -9.67 6.31
N TYR A 103 -8.80 -8.65 6.27
CA TYR A 103 -8.22 -8.07 7.48
C TYR A 103 -9.32 -7.72 8.48
N THR A 104 -10.50 -7.38 7.96
CA THR A 104 -11.63 -7.03 8.81
C THR A 104 -11.77 -7.99 9.98
N LYS A 105 -11.50 -9.27 9.72
CA LYS A 105 -11.60 -10.29 10.75
C LYS A 105 -10.62 -10.02 11.88
N ALA A 106 -9.37 -9.79 11.53
CA ALA A 106 -8.33 -9.51 12.52
C ALA A 106 -8.63 -8.23 13.28
N PHE A 107 -8.98 -7.17 12.56
CA PHE A 107 -9.31 -5.89 13.17
C PHE A 107 -10.41 -6.05 14.21
N LEU A 108 -11.47 -6.74 13.84
CA LEU A 108 -12.60 -6.96 14.74
C LEU A 108 -12.17 -7.77 15.95
N ILE A 109 -11.74 -9.00 15.73
CA ILE A 109 -11.31 -9.87 16.81
C ILE A 109 -10.30 -9.16 17.72
N ASN A 110 -9.55 -8.23 17.14
CA ASN A 110 -8.56 -7.47 17.90
C ASN A 110 -9.24 -6.44 18.80
N GLY A 111 -10.32 -5.87 18.31
CA GLY A 111 -11.04 -4.86 19.09
C GLY A 111 -11.41 -3.65 18.27
N TYR A 112 -10.84 -3.54 17.08
CA TYR A 112 -11.11 -2.42 16.19
C TYR A 112 -12.58 -2.42 15.75
N THR A 113 -13.40 -1.63 16.43
CA THR A 113 -14.81 -1.53 16.10
C THR A 113 -15.12 -0.23 15.36
N SER A 114 -14.49 0.86 15.79
CA SER A 114 -14.70 2.15 15.17
C SER A 114 -13.49 2.56 14.35
N MET A 115 -13.68 3.55 13.47
CA MET A 115 -12.60 4.03 12.62
C MET A 115 -11.62 4.88 13.43
N ASP A 116 -12.15 5.75 14.28
CA ASP A 116 -11.32 6.62 15.11
C ASP A 116 -10.24 5.81 15.83
N LEU A 117 -10.60 4.62 16.27
CA LEU A 117 -9.65 3.76 16.97
C LEU A 117 -8.43 3.45 16.10
N LEU A 118 -8.67 3.28 14.80
CA LEU A 118 -7.60 3.00 13.87
C LEU A 118 -6.63 4.18 13.77
N LYS A 119 -7.09 5.36 14.18
CA LYS A 119 -6.27 6.55 14.15
C LYS A 119 -5.44 6.68 15.42
N LYS A 120 -5.71 5.81 16.39
CA LYS A 120 -4.99 5.83 17.66
C LYS A 120 -3.82 4.86 17.62
N ILE A 121 -3.41 4.46 16.42
CA ILE A 121 -2.30 3.53 16.25
C ILE A 121 -1.41 3.96 15.09
N ALA A 122 -0.11 3.77 15.26
CA ALA A 122 0.85 4.12 14.22
C ALA A 122 1.26 2.90 13.41
N GLU A 123 2.25 3.08 12.53
CA GLU A 123 2.73 1.99 11.68
C GLU A 123 3.10 0.77 12.54
N VAL A 124 4.08 0.95 13.41
CA VAL A 124 4.53 -0.13 14.27
C VAL A 124 3.36 -0.80 14.98
N GLU A 125 2.42 0.01 15.46
CA GLU A 125 1.25 -0.50 16.16
C GLU A 125 0.44 -1.41 15.24
N LEU A 126 0.31 -1.01 13.98
CA LEU A 126 -0.45 -1.79 13.00
C LEU A 126 0.25 -3.11 12.69
N ILE A 127 1.58 -3.07 12.63
CA ILE A 127 2.36 -4.26 12.34
C ILE A 127 2.55 -5.11 13.60
N ASN A 128 2.31 -4.50 14.76
CA ASN A 128 2.45 -5.20 16.03
C ASN A 128 1.10 -5.73 16.51
N VAL A 129 0.02 -5.15 16.00
CA VAL A 129 -1.32 -5.55 16.38
C VAL A 129 -1.96 -6.42 15.29
N LEU A 130 -1.95 -5.92 14.07
CA LEU A 130 -2.52 -6.64 12.94
C LEU A 130 -1.47 -7.51 12.26
N LYS A 131 -0.30 -7.62 12.89
CA LYS A 131 0.78 -8.42 12.34
C LYS A 131 0.88 -8.26 10.82
N ILE A 132 0.79 -7.01 10.36
CA ILE A 132 0.86 -6.73 8.94
C ILE A 132 2.30 -6.41 8.51
N ASN A 133 2.97 -7.41 7.95
CA ASN A 133 4.34 -7.23 7.51
C ASN A 133 4.39 -6.90 6.02
N LEU A 134 3.47 -7.46 5.26
CA LEU A 134 3.40 -7.21 3.82
C LEU A 134 3.41 -5.72 3.52
N ILE A 135 4.35 -5.29 2.69
CA ILE A 135 4.46 -3.88 2.32
C ILE A 135 3.18 -3.39 1.66
N GLY A 136 2.71 -4.13 0.67
CA GLY A 136 1.50 -3.75 -0.05
C GLY A 136 0.36 -3.44 0.91
N HIS A 137 -0.09 -4.45 1.64
CA HIS A 137 -1.19 -4.28 2.59
C HIS A 137 -0.91 -3.13 3.55
N ARG A 138 0.25 -3.17 4.21
CA ARG A 138 0.63 -2.13 5.14
C ARG A 138 0.58 -0.75 4.48
N LYS A 139 0.79 -0.72 3.17
CA LYS A 139 0.76 0.53 2.42
C LYS A 139 -0.66 1.03 2.24
N ARG A 140 -1.48 0.25 1.53
CA ARG A 140 -2.87 0.62 1.30
C ARG A 140 -3.55 1.05 2.59
N ILE A 141 -3.26 0.33 3.68
CA ILE A 141 -3.85 0.64 4.98
C ILE A 141 -3.25 1.91 5.55
N LEU A 142 -1.93 1.99 5.58
CA LEU A 142 -1.24 3.16 6.11
C LEU A 142 -1.77 4.44 5.47
N ALA A 143 -1.89 4.43 4.14
CA ALA A 143 -2.38 5.58 3.41
C ALA A 143 -3.87 5.79 3.65
N SER A 144 -4.63 4.69 3.63
CA SER A 144 -6.07 4.75 3.85
C SER A 144 -6.39 5.39 5.20
N LEU A 145 -5.51 5.18 6.17
CA LEU A 145 -5.71 5.73 7.50
C LEU A 145 -5.24 7.19 7.56
N GLY A 146 -4.02 7.43 7.10
CA GLY A 146 -3.48 8.79 7.10
C GLY A 146 -2.66 9.08 8.35
N ASP A 147 -1.35 9.04 8.21
CA ASP A 147 -0.45 9.30 9.33
C ASP A 147 0.28 10.64 9.14
N ARG A 148 0.50 11.01 7.89
CA ARG A 148 1.18 12.26 7.57
C ARG A 148 0.19 13.42 7.47
N VAL A 14 -7.23 -0.47 -14.26
CA VAL A 14 -6.87 -0.09 -15.61
C VAL A 14 -5.38 -0.26 -15.87
N GLN A 15 -4.59 -0.19 -14.79
CA GLN A 15 -3.15 -0.35 -14.90
C GLN A 15 -2.68 -1.64 -14.23
N THR A 16 -1.51 -2.11 -14.61
CA THR A 16 -0.96 -3.34 -14.06
C THR A 16 0.45 -3.11 -13.52
N VAL A 17 0.68 -3.52 -12.27
CA VAL A 17 1.98 -3.36 -11.65
C VAL A 17 3.10 -3.92 -12.54
N GLY A 18 2.91 -5.15 -13.00
CA GLY A 18 3.90 -5.78 -13.86
C GLY A 18 4.23 -4.94 -15.07
N GLN A 19 3.20 -4.46 -15.75
CA GLN A 19 3.38 -3.64 -16.95
C GLN A 19 4.20 -2.39 -16.63
N TRP A 20 3.72 -1.60 -15.67
CA TRP A 20 4.41 -0.38 -15.28
C TRP A 20 5.83 -0.68 -14.83
N LEU A 21 5.96 -1.54 -13.82
CA LEU A 21 7.26 -1.91 -13.29
C LEU A 21 8.20 -2.37 -14.41
N GLU A 22 7.62 -3.02 -15.42
CA GLU A 22 8.40 -3.51 -16.55
C GLU A 22 8.76 -2.37 -17.49
N SER A 23 7.89 -1.37 -17.56
CA SER A 23 8.12 -0.21 -18.44
C SER A 23 9.13 0.75 -17.81
N ILE A 24 9.24 0.70 -16.49
CA ILE A 24 10.18 1.56 -15.77
C ILE A 24 11.43 0.80 -15.37
N GLY A 25 11.33 -0.52 -15.34
CA GLY A 25 12.47 -1.33 -14.96
C GLY A 25 12.55 -2.63 -15.76
N LEU A 26 12.87 -3.72 -15.08
CA LEU A 26 12.97 -5.03 -15.74
C LEU A 26 11.93 -5.99 -15.20
N PRO A 27 11.60 -7.01 -16.00
CA PRO A 27 10.62 -8.03 -15.61
C PRO A 27 11.11 -8.93 -14.50
N GLN A 28 10.39 -10.01 -14.23
CA GLN A 28 10.75 -10.95 -13.18
C GLN A 28 10.73 -10.29 -11.81
N TYR A 29 10.13 -9.10 -11.75
CA TYR A 29 10.04 -8.35 -10.50
C TYR A 29 8.60 -8.32 -9.99
N GLU A 30 7.65 -8.46 -10.90
CA GLU A 30 6.24 -8.45 -10.55
C GLU A 30 5.95 -9.48 -9.46
N ASN A 31 6.50 -10.68 -9.61
CA ASN A 31 6.29 -11.76 -8.65
C ASN A 31 6.61 -11.28 -7.24
N HIS A 32 7.76 -10.63 -7.08
CA HIS A 32 8.17 -10.12 -5.78
C HIS A 32 7.23 -9.03 -5.28
N LEU A 33 7.01 -8.03 -6.12
CA LEU A 33 6.12 -6.92 -5.77
C LEU A 33 4.75 -7.44 -5.35
N MET A 34 4.07 -8.13 -6.27
CA MET A 34 2.75 -8.68 -5.99
C MET A 34 2.77 -9.49 -4.70
N ALA A 35 3.70 -10.43 -4.61
CA ALA A 35 3.82 -11.28 -3.42
C ALA A 35 4.04 -10.44 -2.17
N ASN A 36 4.65 -9.28 -2.35
CA ASN A 36 4.93 -8.38 -1.23
C ASN A 36 3.75 -7.44 -0.98
N GLY A 37 2.64 -7.69 -1.67
CA GLY A 37 1.46 -6.86 -1.51
C GLY A 37 1.27 -5.89 -2.66
N PHE A 38 2.37 -5.57 -3.35
CA PHE A 38 2.32 -4.63 -4.47
C PHE A 38 1.82 -5.33 -5.73
N ASP A 39 0.58 -5.84 -5.67
CA ASP A 39 -0.01 -6.53 -6.81
C ASP A 39 -0.94 -5.60 -7.58
N ASN A 40 -1.33 -4.50 -6.95
CA ASN A 40 -2.23 -3.53 -7.57
C ASN A 40 -1.57 -2.16 -7.65
N VAL A 41 -1.50 -1.60 -8.85
CA VAL A 41 -0.90 -0.28 -9.05
C VAL A 41 -1.52 0.74 -8.11
N GLN A 42 -2.79 0.55 -7.79
CA GLN A 42 -3.50 1.47 -6.90
C GLN A 42 -2.77 1.60 -5.57
N ALA A 43 -2.02 0.56 -5.21
CA ALA A 43 -1.28 0.56 -3.95
C ALA A 43 -0.38 1.79 -3.85
N MET A 44 0.10 2.27 -4.99
CA MET A 44 0.98 3.43 -5.02
C MET A 44 0.27 4.62 -5.67
N GLY A 45 -1.05 4.69 -5.51
CA GLY A 45 -1.81 5.78 -6.08
C GLY A 45 -1.73 7.05 -5.26
N SER A 46 -2.10 6.94 -3.99
CA SER A 46 -2.08 8.10 -3.10
C SER A 46 -0.67 8.35 -2.57
N ASN A 47 -0.06 7.31 -2.01
CA ASN A 47 1.29 7.41 -1.47
C ASN A 47 2.33 7.13 -2.54
N VAL A 48 3.56 7.56 -2.29
CA VAL A 48 4.65 7.35 -3.24
C VAL A 48 5.60 6.26 -2.75
N MET A 49 5.92 5.32 -3.65
CA MET A 49 6.82 4.22 -3.31
C MET A 49 8.12 4.74 -2.73
N GLU A 50 8.24 4.65 -1.41
CA GLU A 50 9.44 5.12 -0.72
C GLU A 50 10.62 4.19 -1.00
N ASP A 51 11.83 4.69 -0.74
CA ASP A 51 13.04 3.90 -0.97
C ASP A 51 13.03 2.65 -0.09
N GLN A 52 12.76 2.83 1.20
CA GLN A 52 12.72 1.71 2.13
C GLN A 52 11.78 0.62 1.64
N ASP A 53 10.66 1.03 1.05
CA ASP A 53 9.68 0.09 0.55
C ASP A 53 10.21 -0.65 -0.69
N LEU A 54 10.50 0.10 -1.73
CA LEU A 54 11.01 -0.49 -2.97
C LEU A 54 12.21 -1.39 -2.69
N LEU A 55 12.95 -1.08 -1.63
CA LEU A 55 14.11 -1.86 -1.25
C LEU A 55 13.71 -3.05 -0.40
N GLU A 56 12.66 -2.87 0.41
CA GLU A 56 12.17 -3.94 1.28
C GLU A 56 11.59 -5.09 0.45
N ILE A 57 10.97 -4.75 -0.67
CA ILE A 57 10.38 -5.75 -1.54
C ILE A 57 11.37 -6.86 -1.87
N GLY A 58 12.35 -6.55 -2.72
CA GLY A 58 13.35 -7.54 -3.10
C GLY A 58 14.18 -7.09 -4.28
N ILE A 59 14.47 -5.79 -4.34
CA ILE A 59 15.26 -5.23 -5.43
C ILE A 59 16.75 -5.25 -5.08
N LEU A 60 17.47 -6.24 -5.59
CA LEU A 60 18.90 -6.36 -5.34
C LEU A 60 19.66 -5.17 -5.92
N ASN A 61 19.68 -5.08 -7.24
CA ASN A 61 20.36 -3.98 -7.92
C ASN A 61 19.92 -2.63 -7.36
N SER A 62 20.77 -2.02 -6.54
CA SER A 62 20.45 -0.73 -5.95
C SER A 62 20.23 0.33 -7.02
N GLY A 63 20.80 0.09 -8.21
CA GLY A 63 20.66 1.03 -9.31
C GLY A 63 19.21 1.20 -9.73
N HIS A 64 18.39 0.21 -9.41
CA HIS A 64 16.98 0.24 -9.78
C HIS A 64 16.20 1.16 -8.84
N ARG A 65 16.75 1.40 -7.65
CA ARG A 65 16.11 2.25 -6.67
C ARG A 65 15.72 3.59 -7.28
N GLN A 66 16.71 4.31 -7.80
CA GLN A 66 16.48 5.61 -8.43
C GLN A 66 15.41 5.51 -9.51
N ARG A 67 15.45 4.42 -10.27
CA ARG A 67 14.49 4.20 -11.34
C ARG A 67 13.06 4.23 -10.81
N ILE A 68 12.75 3.31 -9.90
CA ILE A 68 11.42 3.24 -9.31
C ILE A 68 11.05 4.53 -8.60
N LEU A 69 12.06 5.21 -8.06
CA LEU A 69 11.84 6.47 -7.36
C LEU A 69 11.39 7.55 -8.33
N GLN A 70 12.31 8.02 -9.17
CA GLN A 70 12.00 9.06 -10.15
C GLN A 70 10.76 8.69 -10.95
N ALA A 71 10.57 7.40 -11.20
CA ALA A 71 9.42 6.92 -11.95
C ALA A 71 8.13 7.07 -11.14
N ILE A 72 8.11 6.47 -9.97
CA ILE A 72 6.94 6.52 -9.10
C ILE A 72 6.71 7.94 -8.59
N GLN A 73 7.69 8.80 -8.79
CA GLN A 73 7.59 10.20 -8.36
C GLN A 73 7.21 11.11 -9.52
N LEU A 74 7.58 10.69 -10.73
CA LEU A 74 7.29 11.47 -11.93
C LEU A 74 5.93 11.09 -12.51
N LEU A 75 5.69 9.78 -12.63
CA LEU A 75 4.44 9.28 -13.16
C LEU A 75 3.24 9.97 -12.51
N PRO A 76 2.09 9.95 -13.20
CA PRO A 76 0.86 10.57 -12.70
C PRO A 76 0.27 9.82 -11.52
N LYS A 77 -0.52 10.51 -10.71
CA LYS A 77 -1.16 9.90 -9.55
C LYS A 77 -2.46 9.22 -9.93
N MET A 78 -2.98 8.38 -9.04
CA MET A 78 -4.22 7.67 -9.28
C MET A 78 -5.42 8.59 -9.08
N ARG A 79 -6.11 8.91 -10.16
CA ARG A 79 -7.27 9.78 -10.11
C ARG A 79 -6.88 11.19 -9.67
N PRO A 80 -7.68 12.18 -10.09
CA PRO A 80 -7.43 13.59 -9.74
C PRO A 80 -7.67 13.88 -8.28
N ILE A 81 -8.65 13.19 -7.69
CA ILE A 81 -8.98 13.37 -6.28
C ILE A 81 -8.06 12.55 -5.38
N GLY A 82 -7.64 13.13 -4.27
CA GLY A 82 -6.77 12.42 -3.35
C GLY A 82 -6.63 13.14 -2.01
N HIS A 83 -7.71 13.78 -1.58
CA HIS A 83 -7.72 14.51 -0.31
C HIS A 83 -8.56 13.77 0.73
N ASP A 84 -8.18 13.93 2.00
CA ASP A 84 -8.89 13.28 3.09
C ASP A 84 -10.33 13.82 3.19
N GLY A 85 -11.21 13.00 3.76
CA GLY A 85 -12.60 13.41 3.91
C GLY A 85 -13.57 12.33 3.48
N ALA A 86 -13.24 11.08 3.82
CA ALA A 86 -14.09 9.94 3.47
C ALA A 86 -15.17 9.73 4.52
N HIS A 87 -16.23 9.03 4.13
CA HIS A 87 -17.34 8.74 5.05
C HIS A 87 -17.50 7.24 5.26
N PRO A 88 -16.51 6.63 5.94
CA PRO A 88 -16.51 5.19 6.23
C PRO A 88 -17.57 4.81 7.25
N THR A 89 -17.90 3.53 7.30
CA THR A 89 -18.91 3.02 8.23
C THR A 89 -18.27 2.09 9.26
N SER A 90 -17.33 1.28 8.83
CA SER A 90 -16.66 0.33 9.72
C SER A 90 -15.39 -0.21 9.07
N VAL A 91 -14.63 -1.00 9.83
CA VAL A 91 -13.39 -1.59 9.33
C VAL A 91 -13.62 -2.30 8.00
N ALA A 92 -14.74 -2.98 7.89
CA ALA A 92 -15.08 -3.71 6.67
C ALA A 92 -15.22 -2.75 5.49
N GLU A 93 -16.20 -1.86 5.56
CA GLU A 93 -16.44 -0.89 4.50
C GLU A 93 -15.16 -0.16 4.14
N TRP A 94 -14.28 0.03 5.12
CA TRP A 94 -13.02 0.73 4.91
C TRP A 94 -12.07 -0.12 4.08
N LEU A 95 -11.72 -1.30 4.60
CA LEU A 95 -10.82 -2.20 3.92
C LEU A 95 -11.36 -2.58 2.54
N ASP A 96 -12.67 -2.44 2.37
CA ASP A 96 -13.33 -2.76 1.10
C ASP A 96 -12.68 -1.98 -0.05
N SER A 97 -12.11 -0.83 0.28
CA SER A 97 -11.46 0.01 -0.73
C SER A 97 -9.95 -0.24 -0.75
N ILE A 98 -9.44 -0.89 0.28
CA ILE A 98 -8.02 -1.20 0.38
C ILE A 98 -7.70 -2.54 -0.29
N GLU A 99 -8.67 -3.07 -1.02
CA GLU A 99 -8.49 -4.35 -1.70
C GLU A 99 -8.14 -5.46 -0.72
N LEU A 100 -8.60 -5.31 0.53
CA LEU A 100 -8.35 -6.29 1.57
C LEU A 100 -9.64 -6.73 2.23
N GLY A 101 -9.70 -8.01 2.62
CA GLY A 101 -10.88 -8.53 3.27
C GLY A 101 -10.56 -9.40 4.46
N ASP A 102 -9.57 -10.28 4.29
CA ASP A 102 -9.16 -11.19 5.37
C ASP A 102 -8.85 -10.40 6.64
N TYR A 103 -8.20 -9.26 6.48
CA TYR A 103 -7.84 -8.42 7.62
C TYR A 103 -9.05 -8.14 8.50
N THR A 104 -10.23 -8.08 7.87
CA THR A 104 -11.46 -7.83 8.59
C THR A 104 -11.60 -8.72 9.82
N LYS A 105 -11.16 -9.97 9.66
CA LYS A 105 -11.23 -10.94 10.76
C LYS A 105 -10.38 -10.47 11.95
N ALA A 106 -9.11 -10.21 11.70
CA ALA A 106 -8.21 -9.75 12.74
C ALA A 106 -8.67 -8.42 13.34
N PHE A 107 -9.01 -7.48 12.48
CA PHE A 107 -9.48 -6.17 12.91
C PHE A 107 -10.68 -6.30 13.85
N LEU A 108 -11.62 -7.16 13.47
CA LEU A 108 -12.82 -7.38 14.27
C LEU A 108 -12.46 -7.99 15.63
N ILE A 109 -11.90 -9.21 15.59
CA ILE A 109 -11.52 -9.89 16.81
C ILE A 109 -10.62 -9.01 17.68
N ASN A 110 -9.87 -8.13 17.04
CA ASN A 110 -8.98 -7.23 17.76
C ASN A 110 -9.76 -6.21 18.58
N GLY A 111 -10.91 -5.80 18.05
CA GLY A 111 -11.74 -4.83 18.76
C GLY A 111 -12.00 -3.57 17.94
N TYR A 112 -11.66 -3.64 16.66
CA TYR A 112 -11.85 -2.49 15.76
C TYR A 112 -13.27 -2.49 15.18
N THR A 113 -14.15 -1.71 15.79
CA THR A 113 -15.52 -1.61 15.33
C THR A 113 -15.83 -0.22 14.77
N SER A 114 -15.26 0.81 15.41
CA SER A 114 -15.47 2.18 14.99
C SER A 114 -14.23 2.72 14.28
N MET A 115 -14.45 3.43 13.18
CA MET A 115 -13.35 4.01 12.41
C MET A 115 -12.47 4.87 13.29
N ASP A 116 -13.10 5.75 14.08
CA ASP A 116 -12.36 6.64 14.98
C ASP A 116 -11.32 5.86 15.77
N LEU A 117 -11.63 4.62 16.09
CA LEU A 117 -10.72 3.78 16.85
C LEU A 117 -9.36 3.68 16.17
N LEU A 118 -9.38 3.49 14.85
CA LEU A 118 -8.15 3.39 14.08
C LEU A 118 -7.34 4.68 14.16
N LYS A 119 -8.02 5.78 14.50
CA LYS A 119 -7.36 7.08 14.62
C LYS A 119 -6.42 7.10 15.82
N LYS A 120 -6.65 6.20 16.77
CA LYS A 120 -5.81 6.11 17.96
C LYS A 120 -4.79 4.98 17.83
N ILE A 121 -4.53 4.56 16.59
CA ILE A 121 -3.59 3.49 16.33
C ILE A 121 -2.40 4.00 15.50
N ALA A 122 -1.21 3.54 15.85
CA ALA A 122 -0.01 3.94 15.14
C ALA A 122 0.66 2.74 14.46
N GLU A 123 1.85 2.97 13.91
CA GLU A 123 2.57 1.91 13.22
C GLU A 123 2.81 0.72 14.14
N VAL A 124 3.44 0.97 15.29
CA VAL A 124 3.73 -0.06 16.26
C VAL A 124 2.45 -0.80 16.67
N GLU A 125 1.40 -0.04 16.92
CA GLU A 125 0.12 -0.61 17.33
C GLU A 125 -0.44 -1.51 16.23
N LEU A 126 -0.21 -1.13 14.98
CA LEU A 126 -0.70 -1.90 13.85
C LEU A 126 0.06 -3.22 13.73
N ILE A 127 1.38 -3.16 13.87
CA ILE A 127 2.22 -4.34 13.78
C ILE A 127 2.17 -5.16 15.07
N ASN A 128 1.66 -4.53 16.13
CA ASN A 128 1.55 -5.20 17.43
C ASN A 128 0.14 -5.77 17.63
N VAL A 129 -0.82 -5.20 16.90
CA VAL A 129 -2.20 -5.66 17.00
C VAL A 129 -2.62 -6.43 15.75
N LEU A 130 -2.48 -5.81 14.60
CA LEU A 130 -2.85 -6.44 13.33
C LEU A 130 -1.71 -7.31 12.81
N LYS A 131 -0.50 -7.04 13.30
CA LYS A 131 0.68 -7.80 12.89
C LYS A 131 0.89 -7.70 11.37
N ILE A 132 0.80 -6.49 10.84
CA ILE A 132 0.98 -6.26 9.41
C ILE A 132 2.43 -5.93 9.09
N ASN A 133 3.07 -6.81 8.31
CA ASN A 133 4.46 -6.61 7.91
C ASN A 133 4.58 -6.46 6.40
N LEU A 134 3.66 -7.06 5.68
CA LEU A 134 3.66 -7.00 4.22
C LEU A 134 3.76 -5.54 3.74
N ILE A 135 4.67 -5.29 2.81
CA ILE A 135 4.86 -3.96 2.27
C ILE A 135 3.55 -3.39 1.72
N GLY A 136 3.03 -4.02 0.67
CA GLY A 136 1.79 -3.56 0.08
C GLY A 136 0.73 -3.26 1.12
N HIS A 137 0.31 -4.29 1.85
CA HIS A 137 -0.71 -4.12 2.88
C HIS A 137 -0.34 -2.98 3.83
N ARG A 138 0.94 -2.90 4.19
CA ARG A 138 1.41 -1.86 5.09
C ARG A 138 1.20 -0.48 4.48
N LYS A 139 1.96 -0.18 3.44
CA LYS A 139 1.86 1.12 2.76
C LYS A 139 0.41 1.44 2.42
N ARG A 140 -0.31 0.45 1.90
CA ARG A 140 -1.71 0.63 1.54
C ARG A 140 -2.52 1.13 2.73
N ILE A 141 -2.70 0.27 3.72
CA ILE A 141 -3.46 0.62 4.92
C ILE A 141 -2.93 1.92 5.54
N LEU A 142 -1.63 1.96 5.80
CA LEU A 142 -1.01 3.14 6.38
C LEU A 142 -1.36 4.39 5.60
N ALA A 143 -1.48 4.24 4.28
CA ALA A 143 -1.82 5.37 3.41
C ALA A 143 -3.26 5.81 3.62
N SER A 144 -4.17 4.84 3.60
CA SER A 144 -5.60 5.13 3.78
C SER A 144 -5.83 5.87 5.10
N LEU A 145 -5.18 5.40 6.15
CA LEU A 145 -5.32 6.02 7.47
C LEU A 145 -4.55 7.33 7.54
N GLY A 146 -3.41 7.39 6.85
CA GLY A 146 -2.61 8.60 6.85
C GLY A 146 -1.56 8.59 5.76
N ASP A 147 -1.78 9.40 4.72
CA ASP A 147 -0.84 9.49 3.60
C ASP A 147 0.40 10.28 3.99
N ARG A 148 0.23 11.20 4.94
CA ARG A 148 1.33 12.04 5.40
C ARG A 148 1.91 11.50 6.72
N VAL A 14 -7.66 -0.22 -13.52
CA VAL A 14 -7.35 -0.09 -14.94
C VAL A 14 -5.86 -0.35 -15.18
N GLN A 15 -5.04 -0.14 -14.16
CA GLN A 15 -3.61 -0.35 -14.27
C GLN A 15 -3.19 -1.63 -13.54
N THR A 16 -1.89 -1.95 -13.62
CA THR A 16 -1.37 -3.14 -12.97
C THR A 16 0.14 -3.04 -12.78
N VAL A 17 0.61 -3.46 -11.60
CA VAL A 17 2.03 -3.41 -11.30
C VAL A 17 2.86 -4.05 -12.40
N GLY A 18 2.26 -5.04 -13.08
CA GLY A 18 2.96 -5.71 -14.16
C GLY A 18 3.29 -4.77 -15.31
N GLN A 19 2.28 -4.10 -15.83
CA GLN A 19 2.47 -3.17 -16.94
C GLN A 19 3.29 -1.97 -16.51
N TRP A 20 2.94 -1.39 -15.37
CA TRP A 20 3.66 -0.22 -14.84
C TRP A 20 5.14 -0.53 -14.67
N LEU A 21 5.43 -1.57 -13.88
CA LEU A 21 6.81 -1.97 -13.64
C LEU A 21 7.53 -2.29 -14.94
N GLU A 22 6.88 -3.08 -15.79
CA GLU A 22 7.45 -3.46 -17.08
C GLU A 22 7.76 -2.24 -17.93
N SER A 23 6.91 -1.22 -17.80
CA SER A 23 7.09 0.02 -18.57
C SER A 23 8.32 0.78 -18.09
N ILE A 24 8.38 1.04 -16.79
CA ILE A 24 9.50 1.76 -16.20
C ILE A 24 10.79 0.96 -16.31
N GLY A 25 10.65 -0.36 -16.43
CA GLY A 25 11.82 -1.22 -16.55
C GLY A 25 11.49 -2.55 -17.21
N LEU A 26 11.43 -3.60 -16.41
CA LEU A 26 11.13 -4.94 -16.92
C LEU A 26 10.53 -5.82 -15.83
N PRO A 27 9.81 -6.87 -16.24
CA PRO A 27 9.17 -7.81 -15.32
C PRO A 27 10.19 -8.68 -14.60
N GLN A 28 10.91 -8.09 -13.65
CA GLN A 28 11.92 -8.80 -12.89
C GLN A 28 11.63 -8.72 -11.39
N TYR A 29 10.95 -7.65 -10.98
CA TYR A 29 10.61 -7.46 -9.58
C TYR A 29 9.10 -7.54 -9.37
N GLU A 30 8.36 -7.73 -10.46
CA GLU A 30 6.91 -7.83 -10.39
C GLU A 30 6.48 -8.88 -9.38
N ASN A 31 7.11 -10.05 -9.45
CA ASN A 31 6.79 -11.14 -8.53
C ASN A 31 6.99 -10.72 -7.09
N HIS A 32 8.18 -10.19 -6.79
CA HIS A 32 8.52 -9.75 -5.44
C HIS A 32 7.47 -8.75 -4.94
N LEU A 33 7.25 -7.69 -5.71
CA LEU A 33 6.29 -6.67 -5.34
C LEU A 33 4.93 -7.29 -4.99
N MET A 34 4.33 -7.96 -5.95
CA MET A 34 3.04 -8.60 -5.74
C MET A 34 3.06 -9.46 -4.48
N ALA A 35 4.03 -10.37 -4.40
CA ALA A 35 4.16 -11.25 -3.24
C ALA A 35 4.35 -10.45 -1.96
N ASN A 36 4.86 -9.22 -2.10
CA ASN A 36 5.08 -8.35 -0.95
C ASN A 36 3.89 -7.43 -0.72
N GLY A 37 2.74 -7.81 -1.27
CA GLY A 37 1.54 -7.01 -1.12
C GLY A 37 1.36 -6.00 -2.24
N PHE A 38 2.47 -5.64 -2.89
CA PHE A 38 2.43 -4.69 -3.99
C PHE A 38 1.97 -5.36 -5.28
N ASP A 39 0.70 -5.75 -5.31
CA ASP A 39 0.13 -6.40 -6.48
C ASP A 39 -0.82 -5.46 -7.22
N ASN A 40 -1.14 -4.33 -6.59
CA ASN A 40 -2.04 -3.34 -7.18
C ASN A 40 -1.39 -1.97 -7.22
N VAL A 41 -1.42 -1.34 -8.40
CA VAL A 41 -0.83 -0.02 -8.57
C VAL A 41 -1.49 1.00 -7.65
N GLN A 42 -2.69 0.68 -7.19
CA GLN A 42 -3.43 1.57 -6.30
C GLN A 42 -2.65 1.80 -5.01
N ALA A 43 -1.79 0.85 -4.66
CA ALA A 43 -0.99 0.96 -3.46
C ALA A 43 -0.12 2.20 -3.48
N MET A 44 0.13 2.72 -4.68
CA MET A 44 0.96 3.92 -4.84
C MET A 44 0.16 5.05 -5.46
N GLY A 45 -1.15 5.03 -5.24
CA GLY A 45 -2.02 6.07 -5.77
C GLY A 45 -1.97 7.34 -4.95
N SER A 46 -2.25 7.21 -3.66
CA SER A 46 -2.25 8.37 -2.76
C SER A 46 -0.91 8.50 -2.06
N ASN A 47 -0.21 7.38 -1.89
CA ASN A 47 1.10 7.38 -1.24
C ASN A 47 2.21 7.26 -2.26
N VAL A 48 3.46 7.19 -1.77
CA VAL A 48 4.61 7.08 -2.64
C VAL A 48 5.70 6.21 -2.00
N MET A 49 6.05 5.13 -2.67
CA MET A 49 7.08 4.22 -2.17
C MET A 49 8.41 4.95 -2.00
N GLU A 50 8.95 4.89 -0.78
CA GLU A 50 10.22 5.55 -0.49
C GLU A 50 11.37 4.55 -0.55
N ASP A 51 12.58 5.03 -0.25
CA ASP A 51 13.76 4.19 -0.29
C ASP A 51 13.62 3.03 0.71
N GLN A 52 12.99 3.30 1.84
CA GLN A 52 12.80 2.28 2.87
C GLN A 52 12.13 1.04 2.28
N ASP A 53 10.91 1.22 1.76
CA ASP A 53 10.17 0.12 1.18
C ASP A 53 10.89 -0.43 -0.06
N LEU A 54 11.42 0.48 -0.87
CA LEU A 54 12.13 0.08 -2.08
C LEU A 54 13.15 -1.02 -1.79
N LEU A 55 14.00 -0.78 -0.80
CA LEU A 55 15.01 -1.75 -0.41
C LEU A 55 14.40 -2.92 0.35
N GLU A 56 13.38 -2.62 1.15
CA GLU A 56 12.70 -3.65 1.92
C GLU A 56 12.05 -4.69 1.02
N ILE A 57 11.73 -4.28 -0.21
CA ILE A 57 11.12 -5.18 -1.18
C ILE A 57 12.12 -6.19 -1.71
N GLY A 58 13.07 -5.72 -2.50
CA GLY A 58 14.08 -6.60 -3.06
C GLY A 58 14.52 -6.17 -4.44
N ILE A 59 14.71 -4.87 -4.63
CA ILE A 59 15.14 -4.34 -5.92
C ILE A 59 16.59 -3.88 -5.88
N LEU A 60 17.13 -3.76 -4.67
CA LEU A 60 18.52 -3.34 -4.49
C LEU A 60 19.47 -4.28 -5.21
N ASN A 61 19.01 -5.49 -5.48
CA ASN A 61 19.83 -6.49 -6.17
C ASN A 61 20.42 -5.90 -7.45
N SER A 62 19.69 -4.98 -8.07
CA SER A 62 20.15 -4.35 -9.30
C SER A 62 20.07 -2.83 -9.20
N GLY A 63 20.46 -2.15 -10.28
CA GLY A 63 20.41 -0.70 -10.29
C GLY A 63 19.11 -0.16 -10.85
N HIS A 64 18.00 -0.55 -10.23
CA HIS A 64 16.69 -0.10 -10.68
C HIS A 64 16.03 0.77 -9.62
N ARG A 65 16.68 0.90 -8.46
CA ARG A 65 16.15 1.70 -7.37
C ARG A 65 15.80 3.10 -7.84
N GLN A 66 16.73 3.73 -8.55
CA GLN A 66 16.51 5.09 -9.06
C GLN A 66 15.27 5.13 -9.97
N ARG A 67 15.23 4.23 -10.94
CA ARG A 67 14.11 4.18 -11.88
C ARG A 67 12.79 4.12 -11.12
N ILE A 68 12.60 3.07 -10.33
CA ILE A 68 11.38 2.90 -9.56
C ILE A 68 11.15 4.09 -8.62
N LEU A 69 12.24 4.68 -8.15
CA LEU A 69 12.17 5.82 -7.24
C LEU A 69 11.53 7.02 -7.95
N GLN A 70 12.14 7.46 -9.04
CA GLN A 70 11.64 8.60 -9.79
C GLN A 70 10.24 8.31 -10.34
N ALA A 71 10.05 7.11 -10.88
CA ALA A 71 8.76 6.72 -11.43
C ALA A 71 7.67 6.76 -10.37
N ILE A 72 7.86 5.98 -9.31
CA ILE A 72 6.89 5.93 -8.22
C ILE A 72 6.74 7.29 -7.56
N GLN A 73 7.79 8.10 -7.62
CA GLN A 73 7.78 9.43 -7.03
C GLN A 73 6.84 10.36 -7.79
N LEU A 74 6.91 10.30 -9.12
CA LEU A 74 6.07 11.14 -9.97
C LEU A 74 4.72 10.48 -10.20
N LEU A 75 4.72 9.35 -10.90
CA LEU A 75 3.50 8.62 -11.20
C LEU A 75 2.42 9.57 -11.72
N PRO A 76 2.53 9.96 -13.00
CA PRO A 76 1.57 10.86 -13.64
C PRO A 76 0.22 10.20 -13.87
N LYS A 77 -0.78 10.62 -13.09
CA LYS A 77 -2.13 10.07 -13.20
C LYS A 77 -2.96 10.88 -14.18
N MET A 78 -2.45 12.05 -14.55
CA MET A 78 -3.16 12.93 -15.49
C MET A 78 -3.38 12.22 -16.83
N ARG A 79 -2.33 11.61 -17.35
CA ARG A 79 -2.41 10.91 -18.62
C ARG A 79 -3.50 9.84 -18.59
N PRO A 80 -3.34 8.87 -17.67
CA PRO A 80 -4.30 7.77 -17.51
C PRO A 80 -5.63 8.25 -16.93
N ILE A 81 -6.48 7.29 -16.55
CA ILE A 81 -7.78 7.61 -15.98
C ILE A 81 -7.84 7.23 -14.51
N GLY A 82 -7.05 6.23 -14.12
CA GLY A 82 -7.03 5.79 -12.74
C GLY A 82 -8.41 5.43 -12.22
N HIS A 83 -8.64 5.68 -10.94
CA HIS A 83 -9.93 5.37 -10.33
C HIS A 83 -10.17 6.26 -9.11
N ASP A 84 -11.33 6.09 -8.48
CA ASP A 84 -11.67 6.87 -7.30
C ASP A 84 -11.74 5.99 -6.06
N GLY A 85 -12.08 6.59 -4.92
CA GLY A 85 -12.17 5.84 -3.69
C GLY A 85 -13.60 5.52 -3.31
N ALA A 86 -13.89 5.58 -2.01
CA ALA A 86 -15.24 5.29 -1.51
C ALA A 86 -15.47 5.94 -0.16
N HIS A 87 -16.67 5.76 0.38
CA HIS A 87 -17.02 6.33 1.67
C HIS A 87 -17.52 5.24 2.63
N PRO A 88 -16.58 4.43 3.12
CA PRO A 88 -16.89 3.33 4.05
C PRO A 88 -17.31 3.84 5.43
N THR A 89 -18.05 3.00 6.16
CA THR A 89 -18.52 3.38 7.49
C THR A 89 -17.93 2.45 8.55
N SER A 90 -17.57 1.24 8.14
CA SER A 90 -17.00 0.25 9.06
C SER A 90 -15.66 -0.27 8.54
N VAL A 91 -14.90 -0.90 9.41
CA VAL A 91 -13.60 -1.46 9.05
C VAL A 91 -13.72 -2.34 7.81
N ALA A 92 -14.80 -3.10 7.74
CA ALA A 92 -15.04 -3.99 6.60
C ALA A 92 -15.22 -3.21 5.31
N GLU A 93 -16.26 -2.38 5.27
CA GLU A 93 -16.54 -1.57 4.09
C GLU A 93 -15.31 -0.78 3.65
N TRP A 94 -14.47 -0.43 4.62
CA TRP A 94 -13.25 0.33 4.34
C TRP A 94 -12.19 -0.58 3.73
N LEU A 95 -11.80 -1.60 4.48
CA LEU A 95 -10.78 -2.54 4.02
C LEU A 95 -11.13 -3.10 2.65
N ASP A 96 -12.43 -3.14 2.35
CA ASP A 96 -12.90 -3.66 1.06
C ASP A 96 -12.28 -2.88 -0.09
N SER A 97 -11.85 -1.65 0.20
CA SER A 97 -11.23 -0.80 -0.82
C SER A 97 -9.82 -1.25 -1.13
N ILE A 98 -9.21 -1.96 -0.18
CA ILE A 98 -7.86 -2.46 -0.34
C ILE A 98 -7.85 -3.89 -0.86
N GLU A 99 -8.93 -4.27 -1.54
CA GLU A 99 -9.05 -5.62 -2.09
C GLU A 99 -8.49 -6.66 -1.13
N LEU A 100 -8.78 -6.49 0.15
CA LEU A 100 -8.30 -7.41 1.18
C LEU A 100 -9.45 -8.22 1.76
N GLY A 101 -10.20 -7.61 2.67
CA GLY A 101 -11.32 -8.30 3.29
C GLY A 101 -10.89 -9.21 4.43
N ASP A 102 -9.93 -10.09 4.15
CA ASP A 102 -9.44 -11.02 5.15
C ASP A 102 -9.08 -10.29 6.44
N TYR A 103 -8.36 -9.19 6.30
CA TYR A 103 -7.95 -8.39 7.46
C TYR A 103 -9.14 -8.03 8.32
N THR A 104 -10.29 -7.83 7.68
CA THR A 104 -11.52 -7.47 8.39
C THR A 104 -11.74 -8.38 9.59
N LYS A 105 -11.34 -9.64 9.45
CA LYS A 105 -11.49 -10.62 10.53
C LYS A 105 -10.66 -10.23 11.74
N ALA A 106 -9.35 -10.07 11.52
CA ALA A 106 -8.44 -9.69 12.60
C ALA A 106 -8.84 -8.37 13.23
N PHE A 107 -9.19 -7.40 12.38
CA PHE A 107 -9.59 -6.08 12.86
C PHE A 107 -10.81 -6.18 13.78
N LEU A 108 -11.81 -6.94 13.34
CA LEU A 108 -13.03 -7.12 14.11
C LEU A 108 -12.72 -7.76 15.46
N ILE A 109 -12.13 -8.94 15.43
CA ILE A 109 -11.79 -9.66 16.65
C ILE A 109 -10.88 -8.81 17.55
N ASN A 110 -10.09 -7.94 16.93
CA ASN A 110 -9.18 -7.07 17.65
C ASN A 110 -9.95 -5.98 18.40
N GLY A 111 -11.12 -5.63 17.87
CA GLY A 111 -11.93 -4.60 18.50
C GLY A 111 -12.09 -3.37 17.62
N TYR A 112 -11.56 -3.45 16.40
CA TYR A 112 -11.64 -2.34 15.46
C TYR A 112 -13.05 -2.22 14.87
N THR A 113 -13.86 -1.35 15.46
CA THR A 113 -15.22 -1.15 14.99
C THR A 113 -15.37 0.21 14.30
N SER A 114 -14.59 1.18 14.73
CA SER A 114 -14.63 2.52 14.16
C SER A 114 -13.46 2.74 13.20
N MET A 115 -13.51 3.84 12.47
CA MET A 115 -12.45 4.17 11.51
C MET A 115 -11.51 5.22 12.09
N ASP A 116 -12.07 6.23 12.74
CA ASP A 116 -11.28 7.29 13.34
C ASP A 116 -10.19 6.71 14.24
N LEU A 117 -10.54 5.70 15.01
CA LEU A 117 -9.60 5.06 15.92
C LEU A 117 -8.41 4.50 15.16
N LEU A 118 -8.64 4.11 13.91
CA LEU A 118 -7.58 3.55 13.08
C LEU A 118 -6.43 4.54 12.91
N LYS A 119 -6.74 5.83 13.11
CA LYS A 119 -5.73 6.87 12.99
C LYS A 119 -5.18 7.26 14.37
N LYS A 120 -5.30 6.35 15.33
CA LYS A 120 -4.81 6.60 16.67
C LYS A 120 -3.81 5.52 17.10
N ILE A 121 -3.25 4.83 16.11
CA ILE A 121 -2.27 3.78 16.37
C ILE A 121 -0.98 4.02 15.60
N ALA A 122 0.09 3.35 16.02
CA ALA A 122 1.38 3.49 15.37
C ALA A 122 1.79 2.20 14.66
N GLU A 123 2.99 2.18 14.12
CA GLU A 123 3.50 1.00 13.41
C GLU A 123 3.57 -0.20 14.34
N VAL A 124 4.30 -0.07 15.44
CA VAL A 124 4.45 -1.14 16.41
C VAL A 124 3.10 -1.69 16.83
N GLU A 125 2.15 -0.79 17.08
CA GLU A 125 0.81 -1.18 17.49
C GLU A 125 0.13 -2.00 16.39
N LEU A 126 0.20 -1.51 15.17
CA LEU A 126 -0.43 -2.19 14.03
C LEU A 126 0.16 -3.58 13.85
N ILE A 127 1.47 -3.71 14.12
CA ILE A 127 2.14 -5.00 13.99
C ILE A 127 1.97 -5.84 15.25
N ASN A 128 1.61 -5.18 16.35
CA ASN A 128 1.42 -5.87 17.62
C ASN A 128 -0.05 -6.26 17.81
N VAL A 129 -0.92 -5.69 16.98
CA VAL A 129 -2.35 -5.97 17.05
C VAL A 129 -2.83 -6.68 15.79
N LEU A 130 -2.52 -6.09 14.63
CA LEU A 130 -2.91 -6.67 13.35
C LEU A 130 -1.80 -7.52 12.76
N LYS A 131 -0.57 -7.21 13.14
CA LYS A 131 0.60 -7.95 12.66
C LYS A 131 0.77 -7.77 11.15
N ILE A 132 0.66 -6.53 10.70
CA ILE A 132 0.80 -6.22 9.28
C ILE A 132 2.26 -5.92 8.93
N ASN A 133 2.97 -6.94 8.46
CA ASN A 133 4.38 -6.79 8.08
C ASN A 133 4.51 -6.54 6.58
N LEU A 134 3.62 -7.13 5.80
CA LEU A 134 3.64 -6.97 4.36
C LEU A 134 3.68 -5.50 3.96
N ILE A 135 4.69 -5.13 3.18
CA ILE A 135 4.85 -3.76 2.74
C ILE A 135 3.59 -3.27 2.03
N GLY A 136 3.11 -4.03 1.06
CA GLY A 136 1.91 -3.65 0.33
C GLY A 136 0.76 -3.30 1.25
N HIS A 137 0.21 -4.31 1.93
CA HIS A 137 -0.91 -4.10 2.84
C HIS A 137 -0.59 -2.98 3.83
N ARG A 138 0.66 -2.90 4.24
CA ARG A 138 1.09 -1.88 5.20
C ARG A 138 0.89 -0.49 4.62
N LYS A 139 1.66 -0.16 3.59
CA LYS A 139 1.58 1.15 2.95
C LYS A 139 0.15 1.42 2.47
N ARG A 140 -0.47 0.42 1.87
CA ARG A 140 -1.83 0.55 1.37
C ARG A 140 -2.76 1.08 2.46
N ILE A 141 -2.87 0.32 3.55
CA ILE A 141 -3.72 0.71 4.66
C ILE A 141 -3.30 2.06 5.24
N LEU A 142 -2.00 2.21 5.51
CA LEU A 142 -1.47 3.45 6.05
C LEU A 142 -1.92 4.65 5.22
N ALA A 143 -1.90 4.49 3.89
CA ALA A 143 -2.31 5.54 2.99
C ALA A 143 -3.83 5.72 3.00
N SER A 144 -4.55 4.61 2.98
CA SER A 144 -6.01 4.64 2.98
C SER A 144 -6.53 5.41 4.19
N LEU A 145 -5.83 5.29 5.31
CA LEU A 145 -6.23 5.98 6.53
C LEU A 145 -5.73 7.42 6.54
N GLY A 146 -4.45 7.60 6.23
CA GLY A 146 -3.87 8.93 6.21
C GLY A 146 -2.36 8.90 6.25
N ASP A 147 -1.72 9.87 5.59
CA ASP A 147 -0.26 9.95 5.56
C ASP A 147 0.26 10.62 6.83
N ARG A 148 -0.25 11.81 7.11
CA ARG A 148 0.17 12.56 8.29
C ARG A 148 -0.22 11.83 9.57
N VAL A 14 -7.12 1.59 -15.60
CA VAL A 14 -6.69 0.24 -15.23
C VAL A 14 -5.20 0.05 -15.49
N GLN A 15 -4.41 0.05 -14.41
CA GLN A 15 -2.97 -0.12 -14.52
C GLN A 15 -2.52 -1.40 -13.82
N THR A 16 -1.53 -2.07 -14.41
CA THR A 16 -1.02 -3.31 -13.84
C THR A 16 0.46 -3.18 -13.49
N VAL A 17 0.83 -3.63 -12.29
CA VAL A 17 2.21 -3.56 -11.83
C VAL A 17 3.15 -4.17 -12.87
N GLY A 18 2.71 -5.23 -13.52
CA GLY A 18 3.52 -5.88 -14.52
C GLY A 18 3.83 -4.98 -15.71
N GLN A 19 2.82 -4.25 -16.16
CA GLN A 19 2.98 -3.35 -17.30
C GLN A 19 3.86 -2.17 -16.92
N TRP A 20 3.58 -1.55 -15.78
CA TRP A 20 4.36 -0.41 -15.31
C TRP A 20 5.80 -0.80 -15.02
N LEU A 21 5.97 -1.94 -14.34
CA LEU A 21 7.31 -2.43 -14.01
C LEU A 21 8.11 -2.73 -15.26
N GLU A 22 7.52 -3.51 -16.16
CA GLU A 22 8.17 -3.88 -17.41
C GLU A 22 8.38 -2.66 -18.30
N SER A 23 7.51 -1.67 -18.15
CA SER A 23 7.60 -0.44 -18.93
C SER A 23 8.79 0.41 -18.49
N ILE A 24 8.98 0.52 -17.18
CA ILE A 24 10.07 1.30 -16.64
C ILE A 24 11.38 0.51 -16.68
N GLY A 25 11.28 -0.80 -16.52
CA GLY A 25 12.46 -1.65 -16.55
C GLY A 25 12.16 -3.03 -17.09
N LEU A 26 12.46 -4.05 -16.29
CA LEU A 26 12.22 -5.44 -16.70
C LEU A 26 11.52 -6.22 -15.59
N PRO A 27 10.84 -7.31 -15.98
CA PRO A 27 10.12 -8.16 -15.04
C PRO A 27 11.05 -8.95 -14.13
N GLN A 28 11.66 -8.25 -13.16
CA GLN A 28 12.58 -8.89 -12.23
C GLN A 28 12.15 -8.64 -10.78
N TYR A 29 11.12 -7.82 -10.62
CA TYR A 29 10.61 -7.49 -9.29
C TYR A 29 9.10 -7.66 -9.22
N GLU A 30 8.52 -8.12 -10.32
CA GLU A 30 7.07 -8.33 -10.38
C GLU A 30 6.61 -9.28 -9.29
N ASN A 31 7.11 -10.51 -9.33
CA ASN A 31 6.74 -11.52 -8.35
C ASN A 31 6.89 -10.96 -6.93
N HIS A 32 8.05 -10.38 -6.65
CA HIS A 32 8.32 -9.81 -5.33
C HIS A 32 7.29 -8.74 -4.99
N LEU A 33 7.05 -7.83 -5.92
CA LEU A 33 6.09 -6.75 -5.70
C LEU A 33 4.73 -7.31 -5.28
N MET A 34 4.10 -8.05 -6.18
CA MET A 34 2.80 -8.65 -5.89
C MET A 34 2.84 -9.47 -4.60
N ALA A 35 3.88 -10.29 -4.47
CA ALA A 35 4.05 -11.14 -3.30
C ALA A 35 4.16 -10.29 -2.03
N ASN A 36 4.63 -9.06 -2.19
CA ASN A 36 4.78 -8.15 -1.06
C ASN A 36 3.58 -7.23 -0.92
N GLY A 37 2.46 -7.63 -1.53
CA GLY A 37 1.25 -6.83 -1.47
C GLY A 37 1.13 -5.88 -2.64
N PHE A 38 2.25 -5.55 -3.26
CA PHE A 38 2.27 -4.64 -4.40
C PHE A 38 1.84 -5.37 -5.68
N ASP A 39 0.57 -5.74 -5.73
CA ASP A 39 0.03 -6.44 -6.89
C ASP A 39 -0.83 -5.50 -7.74
N ASN A 40 -1.36 -4.46 -7.11
CA ASN A 40 -2.20 -3.49 -7.81
C ASN A 40 -1.54 -2.11 -7.81
N VAL A 41 -1.32 -1.57 -9.01
CA VAL A 41 -0.71 -0.25 -9.14
C VAL A 41 -1.43 0.78 -8.28
N GLN A 42 -2.71 0.54 -8.02
CA GLN A 42 -3.50 1.46 -7.21
C GLN A 42 -2.83 1.71 -5.86
N ALA A 43 -2.28 0.66 -5.27
CA ALA A 43 -1.61 0.77 -3.98
C ALA A 43 -0.45 1.75 -4.05
N MET A 44 0.08 1.95 -5.25
CA MET A 44 1.19 2.86 -5.46
C MET A 44 0.79 4.30 -5.14
N GLY A 45 -0.50 4.60 -5.27
CA GLY A 45 -0.99 5.93 -4.98
C GLY A 45 -0.20 7.00 -5.70
N SER A 46 0.01 8.13 -5.02
CA SER A 46 0.75 9.24 -5.61
C SER A 46 2.01 9.52 -4.81
N ASN A 47 3.15 9.07 -5.33
CA ASN A 47 4.44 9.28 -4.66
C ASN A 47 4.46 8.57 -3.31
N VAL A 48 3.75 7.45 -3.22
CA VAL A 48 3.70 6.67 -1.98
C VAL A 48 4.93 5.81 -1.82
N MET A 49 5.26 5.05 -2.87
CA MET A 49 6.42 4.17 -2.84
C MET A 49 7.67 4.94 -2.41
N GLU A 50 8.16 4.64 -1.22
CA GLU A 50 9.34 5.29 -0.69
C GLU A 50 10.56 4.37 -0.75
N ASP A 51 11.74 4.92 -0.44
CA ASP A 51 12.96 4.14 -0.46
C ASP A 51 12.88 2.95 0.49
N GLN A 52 12.27 3.17 1.64
CA GLN A 52 12.11 2.11 2.64
C GLN A 52 11.40 0.90 2.04
N ASP A 53 10.34 1.16 1.28
CA ASP A 53 9.57 0.09 0.65
C ASP A 53 10.36 -0.56 -0.47
N LEU A 54 10.80 0.25 -1.42
CA LEU A 54 11.57 -0.26 -2.56
C LEU A 54 12.81 -1.00 -2.08
N LEU A 55 13.26 -0.68 -0.87
CA LEU A 55 14.44 -1.31 -0.30
C LEU A 55 14.05 -2.52 0.54
N GLU A 56 12.86 -2.47 1.12
CA GLU A 56 12.37 -3.57 1.94
C GLU A 56 11.95 -4.76 1.08
N ILE A 57 11.39 -4.47 -0.08
CA ILE A 57 10.94 -5.51 -0.99
C ILE A 57 12.09 -6.46 -1.34
N GLY A 58 13.00 -5.98 -2.19
CA GLY A 58 14.13 -6.80 -2.59
C GLY A 58 14.71 -6.37 -3.93
N ILE A 59 14.76 -5.06 -4.15
CA ILE A 59 15.29 -4.52 -5.40
C ILE A 59 16.82 -4.41 -5.34
N LEU A 60 17.39 -4.82 -4.21
CA LEU A 60 18.83 -4.77 -4.03
C LEU A 60 19.55 -5.58 -5.10
N ASN A 61 18.82 -6.51 -5.71
CA ASN A 61 19.39 -7.36 -6.75
C ASN A 61 20.07 -6.51 -7.83
N SER A 62 19.49 -5.36 -8.12
CA SER A 62 20.04 -4.45 -9.13
C SER A 62 19.92 -3.00 -8.69
N GLY A 63 20.63 -2.11 -9.38
CA GLY A 63 20.59 -0.70 -9.03
C GLY A 63 19.54 0.06 -9.82
N HIS A 64 18.28 -0.14 -9.45
CA HIS A 64 17.18 0.54 -10.14
C HIS A 64 16.43 1.45 -9.17
N ARG A 65 17.06 1.77 -8.05
CA ARG A 65 16.45 2.63 -7.04
C ARG A 65 15.99 3.95 -7.67
N GLN A 66 16.92 4.67 -8.27
CA GLN A 66 16.62 5.95 -8.91
C GLN A 66 15.59 5.77 -10.02
N ARG A 67 15.69 4.65 -10.72
CA ARG A 67 14.76 4.35 -11.82
C ARG A 67 13.32 4.30 -11.32
N ILE A 68 13.01 3.27 -10.53
CA ILE A 68 11.67 3.10 -9.99
C ILE A 68 11.23 4.35 -9.22
N LEU A 69 12.15 4.94 -8.48
CA LEU A 69 11.86 6.14 -7.70
C LEU A 69 11.38 7.27 -8.60
N GLN A 70 12.12 7.51 -9.68
CA GLN A 70 11.77 8.56 -10.62
C GLN A 70 10.42 8.27 -11.29
N ALA A 71 10.22 7.02 -11.67
CA ALA A 71 8.97 6.62 -12.31
C ALA A 71 7.78 6.80 -11.38
N ILE A 72 7.87 6.20 -10.19
CA ILE A 72 6.80 6.31 -9.21
C ILE A 72 6.61 7.75 -8.75
N GLN A 73 7.68 8.53 -8.80
CA GLN A 73 7.63 9.93 -8.40
C GLN A 73 6.91 10.78 -9.45
N LEU A 74 7.14 10.45 -10.73
CA LEU A 74 6.52 11.18 -11.82
C LEU A 74 5.18 10.55 -12.20
N LEU A 75 4.92 9.36 -11.68
CA LEU A 75 3.67 8.66 -11.96
C LEU A 75 2.47 9.57 -11.75
N PRO A 76 2.32 10.08 -10.52
CA PRO A 76 1.21 10.98 -10.16
C PRO A 76 1.35 12.35 -10.82
N LYS A 77 2.52 12.61 -11.39
CA LYS A 77 2.78 13.88 -12.06
C LYS A 77 1.94 14.01 -13.33
N MET A 78 1.42 12.89 -13.81
CA MET A 78 0.60 12.89 -15.01
C MET A 78 -0.84 12.53 -14.69
N ARG A 79 -1.74 13.50 -14.82
CA ARG A 79 -3.15 13.28 -14.55
C ARG A 79 -3.35 12.70 -13.16
N PRO A 80 -3.13 13.53 -12.12
CA PRO A 80 -3.26 13.11 -10.73
C PRO A 80 -4.72 12.88 -10.34
N ILE A 81 -5.16 11.62 -10.46
CA ILE A 81 -6.52 11.26 -10.11
C ILE A 81 -6.76 11.35 -8.60
N GLY A 82 -5.68 11.51 -7.86
CA GLY A 82 -5.78 11.60 -6.41
C GLY A 82 -6.59 10.47 -5.81
N HIS A 83 -7.75 10.79 -5.26
CA HIS A 83 -8.61 9.79 -4.65
C HIS A 83 -7.88 9.04 -3.54
N ASP A 84 -7.29 9.78 -2.60
CA ASP A 84 -6.56 9.17 -1.50
C ASP A 84 -7.19 9.55 -0.16
N GLY A 85 -7.58 8.53 0.60
CA GLY A 85 -8.19 8.77 1.89
C GLY A 85 -9.51 9.49 1.78
N ALA A 86 -10.61 8.72 1.78
CA ALA A 86 -11.94 9.29 1.66
C ALA A 86 -13.01 8.24 1.90
N HIS A 87 -14.26 8.67 1.99
CA HIS A 87 -15.38 7.76 2.21
C HIS A 87 -15.21 6.99 3.52
N PRO A 88 -15.41 7.69 4.65
CA PRO A 88 -15.27 7.10 5.98
C PRO A 88 -16.39 6.09 6.28
N THR A 89 -16.01 4.87 6.65
CA THR A 89 -16.97 3.83 6.96
C THR A 89 -16.38 2.80 7.91
N SER A 90 -17.19 1.82 8.29
CA SER A 90 -16.74 0.77 9.20
C SER A 90 -15.45 0.12 8.70
N VAL A 91 -14.86 -0.73 9.54
CA VAL A 91 -13.62 -1.41 9.18
C VAL A 91 -13.80 -2.25 7.92
N ALA A 92 -14.89 -3.01 7.86
CA ALA A 92 -15.17 -3.86 6.71
C ALA A 92 -15.32 -3.02 5.45
N GLU A 93 -16.32 -2.13 5.44
CA GLU A 93 -16.57 -1.28 4.28
C GLU A 93 -15.30 -0.57 3.85
N TRP A 94 -14.53 -0.08 4.82
CA TRP A 94 -13.28 0.62 4.54
C TRP A 94 -12.33 -0.26 3.75
N LEU A 95 -11.92 -1.37 4.35
CA LEU A 95 -11.00 -2.30 3.70
C LEU A 95 -11.61 -2.84 2.41
N ASP A 96 -12.93 -2.77 2.30
CA ASP A 96 -13.63 -3.24 1.11
C ASP A 96 -13.15 -2.52 -0.14
N SER A 97 -12.82 -1.24 0.02
CA SER A 97 -12.35 -0.44 -1.10
C SER A 97 -10.86 -0.64 -1.32
N ILE A 98 -10.23 -1.43 -0.46
CA ILE A 98 -8.80 -1.71 -0.56
C ILE A 98 -8.55 -3.21 -0.71
N GLU A 99 -9.52 -3.92 -1.26
CA GLU A 99 -9.41 -5.36 -1.47
C GLU A 99 -8.72 -6.02 -0.27
N LEU A 100 -9.08 -5.57 0.93
CA LEU A 100 -8.51 -6.12 2.16
C LEU A 100 -9.60 -6.50 3.15
N GLY A 101 -10.76 -6.90 2.63
CA GLY A 101 -11.85 -7.29 3.49
C GLY A 101 -11.47 -8.38 4.47
N ASP A 102 -10.56 -9.25 4.06
CA ASP A 102 -10.10 -10.34 4.91
C ASP A 102 -9.60 -9.81 6.24
N TYR A 103 -8.85 -8.71 6.20
CA TYR A 103 -8.31 -8.11 7.41
C TYR A 103 -9.41 -7.82 8.42
N THR A 104 -10.63 -7.62 7.93
CA THR A 104 -11.77 -7.34 8.78
C THR A 104 -11.86 -8.34 9.93
N LYS A 105 -11.43 -9.56 9.67
CA LYS A 105 -11.46 -10.62 10.68
C LYS A 105 -10.57 -10.26 11.86
N ALA A 106 -9.30 -10.02 11.59
CA ALA A 106 -8.34 -9.66 12.63
C ALA A 106 -8.77 -8.38 13.35
N PHE A 107 -9.11 -7.36 12.58
CA PHE A 107 -9.55 -6.09 13.15
C PHE A 107 -10.72 -6.28 14.10
N LEU A 108 -11.70 -7.07 13.67
CA LEU A 108 -12.87 -7.35 14.50
C LEU A 108 -12.48 -8.04 15.80
N ILE A 109 -11.90 -9.23 15.68
CA ILE A 109 -11.47 -9.99 16.84
C ILE A 109 -10.57 -9.16 17.74
N ASN A 110 -9.87 -8.21 17.14
CA ASN A 110 -8.96 -7.34 17.89
C ASN A 110 -9.73 -6.31 18.70
N GLY A 111 -10.90 -5.92 18.19
CA GLY A 111 -11.71 -4.95 18.89
C GLY A 111 -11.83 -3.64 18.12
N TYR A 112 -11.57 -3.70 16.82
CA TYR A 112 -11.64 -2.51 15.98
C TYR A 112 -13.06 -2.31 15.43
N THR A 113 -13.88 -1.59 16.18
CA THR A 113 -15.26 -1.33 15.78
C THR A 113 -15.39 0.04 15.14
N SER A 114 -14.75 1.04 15.74
CA SER A 114 -14.80 2.40 15.21
C SER A 114 -13.70 2.62 14.17
N MET A 115 -13.78 3.75 13.47
CA MET A 115 -12.79 4.08 12.44
C MET A 115 -11.78 5.09 12.97
N ASP A 116 -12.27 6.12 13.66
CA ASP A 116 -11.40 7.14 14.21
C ASP A 116 -10.31 6.53 15.07
N LEU A 117 -10.67 5.50 15.83
CA LEU A 117 -9.73 4.82 16.71
C LEU A 117 -8.56 4.25 15.91
N LEU A 118 -8.83 3.90 14.66
CA LEU A 118 -7.80 3.34 13.78
C LEU A 118 -6.62 4.30 13.63
N LYS A 119 -6.89 5.58 13.87
CA LYS A 119 -5.86 6.61 13.77
C LYS A 119 -5.25 6.91 15.14
N LYS A 120 -5.35 5.95 16.05
CA LYS A 120 -4.81 6.11 17.40
C LYS A 120 -3.70 5.09 17.67
N ILE A 121 -3.43 4.25 16.68
CA ILE A 121 -2.39 3.24 16.81
C ILE A 121 -1.16 3.60 15.97
N ALA A 122 -0.03 2.99 16.30
CA ALA A 122 1.21 3.25 15.58
C ALA A 122 1.65 2.02 14.77
N GLU A 123 2.74 2.16 14.04
CA GLU A 123 3.25 1.06 13.22
C GLU A 123 3.38 -0.21 14.05
N VAL A 124 4.25 -0.16 15.07
CA VAL A 124 4.45 -1.32 15.94
C VAL A 124 3.14 -1.89 16.45
N GLU A 125 2.25 -1.00 16.88
CA GLU A 125 0.95 -1.42 17.39
C GLU A 125 0.21 -2.25 16.35
N LEU A 126 0.26 -1.82 15.10
CA LEU A 126 -0.41 -2.53 14.02
C LEU A 126 0.27 -3.87 13.74
N ILE A 127 1.59 -3.90 13.87
CA ILE A 127 2.35 -5.12 13.65
C ILE A 127 2.24 -6.07 14.84
N ASN A 128 1.82 -5.53 15.98
CA ASN A 128 1.68 -6.33 17.19
C ASN A 128 0.22 -6.71 17.42
N VAL A 129 -0.69 -5.97 16.79
CA VAL A 129 -2.11 -6.24 16.93
C VAL A 129 -2.66 -6.90 15.67
N LEU A 130 -2.46 -6.26 14.53
CA LEU A 130 -2.94 -6.78 13.25
C LEU A 130 -1.91 -7.73 12.64
N LYS A 131 -0.65 -7.53 13.01
CA LYS A 131 0.43 -8.38 12.50
C LYS A 131 0.60 -8.19 11.00
N ILE A 132 0.54 -6.94 10.54
CA ILE A 132 0.69 -6.63 9.13
C ILE A 132 2.15 -6.36 8.77
N ASN A 133 2.77 -7.32 8.10
CA ASN A 133 4.17 -7.20 7.69
C ASN A 133 4.27 -6.83 6.22
N LEU A 134 3.29 -7.27 5.43
CA LEU A 134 3.28 -6.99 3.99
C LEU A 134 3.38 -5.48 3.73
N ILE A 135 4.20 -5.11 2.78
CA ILE A 135 4.38 -3.70 2.43
C ILE A 135 3.12 -3.15 1.76
N GLY A 136 2.65 -3.83 0.73
CA GLY A 136 1.46 -3.39 0.02
C GLY A 136 0.29 -3.14 0.95
N HIS A 137 0.07 -4.06 1.88
CA HIS A 137 -1.02 -3.94 2.83
C HIS A 137 -0.74 -2.84 3.85
N ARG A 138 0.35 -3.00 4.60
CA ARG A 138 0.74 -2.01 5.60
C ARG A 138 0.77 -0.61 5.01
N LYS A 139 1.10 -0.53 3.73
CA LYS A 139 1.18 0.76 3.04
C LYS A 139 -0.22 1.32 2.77
N ARG A 140 -1.02 0.57 2.02
CA ARG A 140 -2.37 0.99 1.69
C ARG A 140 -3.13 1.40 2.94
N ILE A 141 -3.01 0.59 4.00
CA ILE A 141 -3.68 0.87 5.26
C ILE A 141 -3.11 2.11 5.93
N LEU A 142 -1.78 2.13 6.08
CA LEU A 142 -1.11 3.26 6.70
C LEU A 142 -1.56 4.59 6.08
N ALA A 143 -1.59 4.62 4.75
CA ALA A 143 -2.00 5.82 4.03
C ALA A 143 -3.50 6.07 4.19
N SER A 144 -4.28 4.99 4.21
CA SER A 144 -5.72 5.10 4.35
C SER A 144 -6.07 5.86 5.63
N LEU A 145 -5.43 5.49 6.73
CA LEU A 145 -5.69 6.14 8.01
C LEU A 145 -4.85 7.40 8.16
N GLY A 146 -3.72 7.45 7.45
CA GLY A 146 -2.85 8.61 7.51
C GLY A 146 -3.29 9.71 6.58
N ASP A 147 -4.15 10.60 7.06
CA ASP A 147 -4.64 11.71 6.26
C ASP A 147 -3.82 12.97 6.50
N ARG A 148 -2.95 13.28 5.53
CA ARG A 148 -2.10 14.46 5.63
C ARG A 148 -2.76 15.67 4.98
N VAL A 14 -6.77 0.32 -14.52
CA VAL A 14 -6.25 0.80 -15.79
C VAL A 14 -4.74 0.61 -15.88
N GLN A 15 -4.08 0.68 -14.72
CA GLN A 15 -2.63 0.51 -14.67
C GLN A 15 -2.26 -0.84 -14.08
N THR A 16 -1.09 -1.34 -14.46
CA THR A 16 -0.62 -2.63 -13.95
C THR A 16 0.85 -2.57 -13.59
N VAL A 17 1.18 -3.01 -12.37
CA VAL A 17 2.55 -3.01 -11.90
C VAL A 17 3.48 -3.71 -12.88
N GLY A 18 2.94 -4.69 -13.59
CA GLY A 18 3.73 -5.43 -14.56
C GLY A 18 4.15 -4.57 -15.73
N GLN A 19 3.19 -3.88 -16.35
CA GLN A 19 3.47 -3.02 -17.49
C GLN A 19 4.35 -1.85 -17.08
N TRP A 20 4.02 -1.23 -15.95
CA TRP A 20 4.78 -0.09 -15.45
C TRP A 20 6.23 -0.49 -15.17
N LEU A 21 6.41 -1.63 -14.53
CA LEU A 21 7.74 -2.12 -14.20
C LEU A 21 8.53 -2.44 -15.46
N GLU A 22 7.92 -3.22 -16.35
CA GLU A 22 8.56 -3.61 -17.61
C GLU A 22 8.78 -2.39 -18.50
N SER A 23 7.99 -1.35 -18.29
CA SER A 23 8.10 -0.13 -19.07
C SER A 23 9.25 0.74 -18.58
N ILE A 24 9.41 0.80 -17.26
CA ILE A 24 10.47 1.59 -16.66
C ILE A 24 11.82 0.86 -16.75
N GLY A 25 11.75 -0.46 -16.80
CA GLY A 25 12.97 -1.25 -16.88
C GLY A 25 12.70 -2.68 -17.31
N LEU A 26 13.21 -3.63 -16.54
CA LEU A 26 13.03 -5.05 -16.85
C LEU A 26 12.03 -5.69 -15.88
N PRO A 27 11.01 -6.35 -16.44
CA PRO A 27 9.98 -7.02 -15.64
C PRO A 27 10.51 -8.26 -14.93
N GLN A 28 11.27 -8.04 -13.87
CA GLN A 28 11.85 -9.14 -13.10
C GLN A 28 11.63 -8.94 -11.60
N TYR A 29 10.89 -7.89 -11.26
CA TYR A 29 10.59 -7.58 -9.86
C TYR A 29 9.09 -7.58 -9.60
N GLU A 30 8.31 -7.68 -10.68
CA GLU A 30 6.85 -7.70 -10.57
C GLU A 30 6.39 -8.72 -9.54
N ASN A 31 6.93 -9.93 -9.63
CA ASN A 31 6.58 -11.00 -8.71
C ASN A 31 6.75 -10.56 -7.26
N HIS A 32 7.87 -9.87 -6.99
CA HIS A 32 8.16 -9.39 -5.65
C HIS A 32 7.13 -8.35 -5.21
N LEU A 33 7.01 -7.28 -5.99
CA LEU A 33 6.06 -6.21 -5.69
C LEU A 33 4.67 -6.78 -5.43
N MET A 34 4.12 -7.47 -6.42
CA MET A 34 2.80 -8.06 -6.29
C MET A 34 2.69 -8.91 -5.03
N ALA A 35 3.61 -9.86 -4.88
CA ALA A 35 3.63 -10.74 -3.72
C ALA A 35 3.77 -9.93 -2.43
N ASN A 36 4.32 -8.72 -2.54
CA ASN A 36 4.50 -7.85 -1.39
C ASN A 36 3.32 -6.91 -1.22
N GLY A 37 2.18 -7.28 -1.82
CA GLY A 37 1.00 -6.44 -1.73
C GLY A 37 0.90 -5.43 -2.85
N PHE A 38 2.05 -5.10 -3.44
CA PHE A 38 2.09 -4.14 -4.53
C PHE A 38 1.63 -4.77 -5.84
N ASP A 39 0.33 -5.08 -5.93
CA ASP A 39 -0.22 -5.68 -7.13
C ASP A 39 -0.94 -4.64 -8.00
N ASN A 40 -1.26 -3.51 -7.39
CA ASN A 40 -1.94 -2.43 -8.10
C ASN A 40 -1.11 -1.14 -8.07
N VAL A 41 -0.83 -0.59 -9.25
CA VAL A 41 -0.06 0.63 -9.36
C VAL A 41 -0.67 1.74 -8.52
N GLN A 42 -1.98 1.70 -8.34
CA GLN A 42 -2.69 2.69 -7.56
C GLN A 42 -2.16 2.76 -6.13
N ALA A 43 -1.75 1.60 -5.62
CA ALA A 43 -1.21 1.53 -4.26
C ALA A 43 0.01 2.43 -4.10
N MET A 44 0.62 2.80 -5.22
CA MET A 44 1.79 3.66 -5.20
C MET A 44 1.39 5.12 -4.98
N GLY A 45 0.14 5.43 -5.28
CA GLY A 45 -0.35 6.79 -5.12
C GLY A 45 0.52 7.81 -5.84
N SER A 46 0.65 8.99 -5.25
CA SER A 46 1.45 10.06 -5.86
C SER A 46 2.88 10.03 -5.31
N ASN A 47 3.03 10.42 -4.04
CA ASN A 47 4.34 10.44 -3.41
C ASN A 47 4.38 9.48 -2.22
N VAL A 48 3.60 8.41 -2.30
CA VAL A 48 3.54 7.41 -1.25
C VAL A 48 4.82 6.57 -1.22
N MET A 49 5.05 5.83 -2.29
CA MET A 49 6.22 4.98 -2.39
C MET A 49 7.50 5.80 -2.20
N GLU A 50 8.57 5.12 -1.80
CA GLU A 50 9.85 5.78 -1.58
C GLU A 50 10.98 4.77 -1.47
N ASP A 51 12.17 5.24 -1.08
CA ASP A 51 13.32 4.37 -0.94
C ASP A 51 13.08 3.33 0.14
N GLN A 52 12.31 3.69 1.16
CA GLN A 52 12.02 2.77 2.26
C GLN A 52 11.37 1.49 1.73
N ASP A 53 10.22 1.64 1.08
CA ASP A 53 9.51 0.49 0.52
C ASP A 53 10.31 -0.16 -0.59
N LEU A 54 10.92 0.66 -1.44
CA LEU A 54 11.71 0.16 -2.56
C LEU A 54 12.75 -0.84 -2.07
N LEU A 55 13.41 -0.51 -0.97
CA LEU A 55 14.43 -1.39 -0.41
C LEU A 55 13.79 -2.48 0.45
N GLU A 56 12.64 -2.17 1.03
CA GLU A 56 11.93 -3.13 1.87
C GLU A 56 11.46 -4.32 1.06
N ILE A 57 11.15 -4.09 -0.22
CA ILE A 57 10.69 -5.14 -1.10
C ILE A 57 11.80 -6.15 -1.39
N GLY A 58 12.75 -5.75 -2.23
CA GLY A 58 13.87 -6.62 -2.57
C GLY A 58 14.42 -6.34 -3.95
N ILE A 59 14.52 -5.06 -4.29
CA ILE A 59 15.04 -4.66 -5.60
C ILE A 59 16.55 -4.48 -5.55
N LEU A 60 17.11 -4.53 -4.34
CA LEU A 60 18.55 -4.36 -4.17
C LEU A 60 19.30 -5.61 -4.65
N ASN A 61 18.55 -6.66 -4.96
CA ASN A 61 19.14 -7.89 -5.44
C ASN A 61 20.09 -7.63 -6.61
N SER A 62 19.60 -6.92 -7.61
CA SER A 62 20.39 -6.59 -8.79
C SER A 62 20.59 -5.08 -8.92
N GLY A 63 19.67 -4.32 -8.35
CA GLY A 63 19.76 -2.88 -8.41
C GLY A 63 18.50 -2.23 -8.95
N HIS A 64 18.66 -1.31 -9.89
CA HIS A 64 17.52 -0.62 -10.49
C HIS A 64 16.78 0.21 -9.44
N ARG A 65 17.43 0.44 -8.31
CA ARG A 65 16.83 1.22 -7.23
C ARG A 65 16.54 2.65 -7.68
N GLN A 66 17.60 3.39 -7.99
CA GLN A 66 17.46 4.77 -8.43
C GLN A 66 16.47 4.87 -9.58
N ARG A 67 16.44 3.86 -10.44
CA ARG A 67 15.54 3.83 -11.58
C ARG A 67 14.09 3.80 -11.13
N ILE A 68 13.73 2.74 -10.39
CA ILE A 68 12.37 2.59 -9.89
C ILE A 68 11.97 3.77 -9.02
N LEU A 69 12.91 4.27 -8.22
CA LEU A 69 12.65 5.39 -7.34
C LEU A 69 12.28 6.64 -8.13
N GLN A 70 13.16 7.06 -9.02
CA GLN A 70 12.91 8.23 -9.85
C GLN A 70 11.62 8.07 -10.66
N ALA A 71 11.37 6.86 -11.12
CA ALA A 71 10.18 6.56 -11.90
C ALA A 71 8.92 6.67 -11.04
N ILE A 72 8.79 5.78 -10.06
CA ILE A 72 7.64 5.78 -9.17
C ILE A 72 7.43 7.15 -8.55
N GLN A 73 8.51 7.92 -8.42
CA GLN A 73 8.44 9.25 -7.83
C GLN A 73 8.03 10.28 -8.89
N LEU A 74 8.44 10.03 -10.13
CA LEU A 74 8.12 10.94 -11.23
C LEU A 74 6.72 10.68 -11.76
N LEU A 75 6.17 9.52 -11.41
CA LEU A 75 4.83 9.14 -11.86
C LEU A 75 3.82 10.26 -11.57
N PRO A 76 2.71 10.24 -12.30
CA PRO A 76 1.65 11.24 -12.15
C PRO A 76 0.90 11.10 -10.84
N LYS A 77 -0.19 11.84 -10.69
CA LYS A 77 -1.00 11.79 -9.47
C LYS A 77 -2.48 11.99 -9.79
N MET A 78 -3.33 11.65 -8.84
CA MET A 78 -4.77 11.79 -9.01
C MET A 78 -5.41 12.41 -7.78
N ARG A 79 -5.91 13.65 -7.93
CA ARG A 79 -6.55 14.34 -6.82
C ARG A 79 -7.79 13.62 -6.36
N PRO A 80 -8.76 13.45 -7.26
CA PRO A 80 -10.03 12.75 -6.97
C PRO A 80 -9.82 11.25 -6.77
N ILE A 81 -10.83 10.61 -6.20
CA ILE A 81 -10.78 9.18 -5.95
C ILE A 81 -11.69 8.41 -6.90
N GLY A 82 -11.09 7.71 -7.86
CA GLY A 82 -11.87 6.94 -8.83
C GLY A 82 -12.32 5.61 -8.28
N HIS A 83 -13.45 5.61 -7.59
CA HIS A 83 -14.00 4.40 -7.00
C HIS A 83 -15.47 4.58 -6.63
N ASP A 84 -16.21 3.47 -6.59
CA ASP A 84 -17.63 3.52 -6.26
C ASP A 84 -18.00 2.37 -5.32
N GLY A 85 -19.13 2.51 -4.63
CA GLY A 85 -19.57 1.48 -3.71
C GLY A 85 -20.26 2.05 -2.49
N ALA A 86 -19.87 1.55 -1.32
CA ALA A 86 -20.46 2.02 -0.07
C ALA A 86 -19.44 2.82 0.75
N HIS A 87 -19.94 3.60 1.71
CA HIS A 87 -19.07 4.41 2.55
C HIS A 87 -18.53 3.58 3.72
N PRO A 88 -17.24 3.78 4.03
CA PRO A 88 -16.57 3.07 5.13
C PRO A 88 -17.08 3.51 6.50
N THR A 89 -17.99 2.73 7.07
CA THR A 89 -18.54 3.04 8.39
C THR A 89 -17.83 2.26 9.48
N SER A 90 -17.58 0.98 9.24
CA SER A 90 -16.91 0.13 10.22
C SER A 90 -15.67 -0.51 9.61
N VAL A 91 -14.89 -1.19 10.44
CA VAL A 91 -13.68 -1.86 9.99
C VAL A 91 -13.95 -2.76 8.79
N ALA A 92 -15.07 -3.46 8.84
CA ALA A 92 -15.45 -4.37 7.76
C ALA A 92 -15.54 -3.63 6.44
N GLU A 93 -16.61 -2.85 6.25
CA GLU A 93 -16.81 -2.10 5.03
C GLU A 93 -15.56 -1.28 4.69
N TRP A 94 -14.87 -0.81 5.71
CA TRP A 94 -13.65 -0.02 5.52
C TRP A 94 -12.61 -0.81 4.71
N LEU A 95 -12.31 -2.01 5.18
CA LEU A 95 -11.33 -2.86 4.51
C LEU A 95 -11.92 -3.47 3.23
N ASP A 96 -13.24 -3.65 3.22
CA ASP A 96 -13.92 -4.21 2.08
C ASP A 96 -14.03 -3.19 0.95
N SER A 97 -13.63 -1.96 1.23
CA SER A 97 -13.69 -0.89 0.25
C SER A 97 -12.29 -0.48 -0.21
N ILE A 98 -11.30 -1.26 0.20
CA ILE A 98 -9.91 -0.98 -0.15
C ILE A 98 -9.34 -2.09 -1.05
N GLU A 99 -8.97 -3.20 -0.43
CA GLU A 99 -8.42 -4.34 -1.17
C GLU A 99 -8.14 -5.51 -0.23
N LEU A 100 -8.95 -5.63 0.81
CA LEU A 100 -8.78 -6.72 1.78
C LEU A 100 -10.14 -7.17 2.30
N GLY A 101 -10.11 -8.14 3.22
CA GLY A 101 -11.34 -8.66 3.79
C GLY A 101 -11.10 -9.53 5.00
N ASP A 102 -10.22 -10.54 4.83
CA ASP A 102 -9.91 -11.45 5.92
C ASP A 102 -9.43 -10.69 7.15
N TYR A 103 -8.71 -9.59 6.93
CA TYR A 103 -8.18 -8.78 8.01
C TYR A 103 -9.30 -8.40 8.99
N THR A 104 -10.51 -8.25 8.46
CA THR A 104 -11.66 -7.89 9.28
C THR A 104 -11.75 -8.77 10.53
N LYS A 105 -11.41 -10.04 10.37
CA LYS A 105 -11.44 -10.98 11.49
C LYS A 105 -10.48 -10.55 12.59
N ALA A 106 -9.24 -10.30 12.22
CA ALA A 106 -8.22 -9.88 13.17
C ALA A 106 -8.60 -8.56 13.84
N PHE A 107 -9.03 -7.60 13.02
CA PHE A 107 -9.42 -6.29 13.53
C PHE A 107 -10.53 -6.41 14.56
N LEU A 108 -11.54 -7.23 14.25
CA LEU A 108 -12.66 -7.44 15.16
C LEU A 108 -12.20 -8.07 16.46
N ILE A 109 -11.61 -9.26 16.37
CA ILE A 109 -11.12 -9.96 17.54
C ILE A 109 -10.17 -9.09 18.35
N ASN A 110 -9.49 -8.18 17.67
CA ASN A 110 -8.55 -7.28 18.33
C ASN A 110 -9.29 -6.22 19.15
N GLY A 111 -10.50 -5.89 18.71
CA GLY A 111 -11.29 -4.89 19.41
C GLY A 111 -11.55 -3.66 18.57
N TYR A 112 -11.19 -3.73 17.29
CA TYR A 112 -11.38 -2.62 16.37
C TYR A 112 -12.82 -2.57 15.85
N THR A 113 -13.66 -1.83 16.56
CA THR A 113 -15.06 -1.70 16.19
C THR A 113 -15.26 -0.59 15.16
N SER A 114 -15.16 0.65 15.62
CA SER A 114 -15.32 1.81 14.74
C SER A 114 -14.07 2.04 13.89
N MET A 115 -14.08 3.10 13.11
CA MET A 115 -12.95 3.44 12.25
C MET A 115 -12.16 4.61 12.82
N ASP A 116 -12.85 5.49 13.53
CA ASP A 116 -12.20 6.66 14.13
C ASP A 116 -10.98 6.24 14.94
N LEU A 117 -11.12 5.18 15.72
CA LEU A 117 -10.02 4.69 16.54
C LEU A 117 -8.84 4.27 15.68
N LEU A 118 -9.12 3.82 14.46
CA LEU A 118 -8.08 3.41 13.53
C LEU A 118 -7.17 4.57 13.17
N LYS A 119 -7.64 5.78 13.43
CA LYS A 119 -6.87 6.98 13.13
C LYS A 119 -6.01 7.38 14.32
N LYS A 120 -5.92 6.50 15.32
CA LYS A 120 -5.12 6.75 16.51
C LYS A 120 -3.92 5.83 16.56
N ILE A 121 -4.15 4.55 16.30
CA ILE A 121 -3.07 3.57 16.31
C ILE A 121 -1.92 3.99 15.39
N ALA A 122 -0.72 3.54 15.72
CA ALA A 122 0.46 3.87 14.92
C ALA A 122 0.89 2.68 14.07
N GLU A 123 1.93 2.87 13.28
CA GLU A 123 2.45 1.80 12.42
C GLU A 123 2.78 0.56 13.23
N VAL A 124 3.78 0.67 14.10
CA VAL A 124 4.18 -0.45 14.94
C VAL A 124 3.00 -1.07 15.65
N GLU A 125 2.08 -0.23 16.12
CA GLU A 125 0.90 -0.70 16.82
C GLU A 125 0.12 -1.69 15.97
N LEU A 126 -0.26 -1.27 14.77
CA LEU A 126 -1.01 -2.12 13.85
C LEU A 126 -0.13 -3.26 13.34
N ILE A 127 1.18 -3.03 13.30
CA ILE A 127 2.11 -4.04 12.83
C ILE A 127 2.31 -5.13 13.87
N ASN A 128 2.04 -4.80 15.12
CA ASN A 128 2.19 -5.77 16.22
C ASN A 128 0.84 -6.32 16.64
N VAL A 129 -0.22 -5.57 16.34
CA VAL A 129 -1.58 -5.99 16.67
C VAL A 129 -2.21 -6.79 15.54
N LEU A 130 -2.22 -6.20 14.34
CA LEU A 130 -2.80 -6.86 13.17
C LEU A 130 -1.78 -7.77 12.50
N LYS A 131 -0.50 -7.54 12.81
CA LYS A 131 0.57 -8.35 12.25
C LYS A 131 0.66 -8.14 10.73
N ILE A 132 0.53 -6.89 10.30
CA ILE A 132 0.60 -6.56 8.89
C ILE A 132 2.02 -6.24 8.45
N ASN A 133 2.69 -7.21 7.84
CA ASN A 133 4.07 -7.02 7.38
C ASN A 133 4.09 -6.59 5.92
N LEU A 134 3.14 -7.10 5.14
CA LEU A 134 3.07 -6.77 3.72
C LEU A 134 3.07 -5.26 3.51
N ILE A 135 3.91 -4.79 2.61
CA ILE A 135 4.01 -3.36 2.32
C ILE A 135 2.75 -2.86 1.63
N GLY A 136 2.33 -3.56 0.58
CA GLY A 136 1.14 -3.17 -0.15
C GLY A 136 -0.07 -3.02 0.76
N HIS A 137 -0.22 -3.96 1.69
CA HIS A 137 -1.35 -3.92 2.61
C HIS A 137 -1.18 -2.80 3.63
N ARG A 138 -0.10 -2.86 4.41
CA ARG A 138 0.17 -1.85 5.42
C ARG A 138 0.12 -0.45 4.82
N LYS A 139 0.50 -0.35 3.55
CA LYS A 139 0.51 0.94 2.86
C LYS A 139 -0.92 1.38 2.52
N ARG A 140 -1.65 0.51 1.83
CA ARG A 140 -3.03 0.81 1.45
C ARG A 140 -3.84 1.25 2.65
N ILE A 141 -3.59 0.62 3.80
CA ILE A 141 -4.30 0.94 5.03
C ILE A 141 -3.83 2.28 5.59
N LEU A 142 -2.53 2.40 5.79
CA LEU A 142 -1.95 3.62 6.33
C LEU A 142 -2.40 4.84 5.53
N ALA A 143 -2.50 4.68 4.21
CA ALA A 143 -2.92 5.75 3.33
C ALA A 143 -4.44 5.91 3.35
N SER A 144 -5.14 4.79 3.42
CA SER A 144 -6.60 4.80 3.43
C SER A 144 -7.12 5.56 4.65
N LEU A 145 -6.40 5.46 5.77
CA LEU A 145 -6.78 6.14 6.99
C LEU A 145 -6.12 7.51 7.09
N GLY A 146 -4.87 7.58 6.65
CA GLY A 146 -4.13 8.83 6.70
C GLY A 146 -2.66 8.65 7.02
N ASP A 147 -1.80 9.32 6.28
CA ASP A 147 -0.36 9.21 6.49
C ASP A 147 0.22 10.55 6.93
N ARG A 148 1.00 10.52 8.01
CA ARG A 148 1.62 11.73 8.54
C ARG A 148 2.87 12.10 7.75
N VAL A 14 -7.35 1.35 -15.84
CA VAL A 14 -6.84 0.05 -15.40
C VAL A 14 -5.32 0.02 -15.45
N GLN A 15 -4.70 -0.26 -14.30
CA GLN A 15 -3.24 -0.32 -14.21
C GLN A 15 -2.79 -1.71 -13.79
N THR A 16 -1.51 -2.00 -14.02
CA THR A 16 -0.94 -3.30 -13.67
C THR A 16 0.55 -3.19 -13.38
N VAL A 17 0.96 -3.64 -12.20
CA VAL A 17 2.36 -3.59 -11.79
C VAL A 17 3.25 -4.25 -12.85
N GLY A 18 2.75 -5.32 -13.45
CA GLY A 18 3.50 -6.03 -14.46
C GLY A 18 3.85 -5.16 -15.65
N GLN A 19 2.85 -4.44 -16.17
CA GLN A 19 3.04 -3.57 -17.32
C GLN A 19 3.94 -2.39 -16.95
N TRP A 20 3.62 -1.73 -15.84
CA TRP A 20 4.40 -0.58 -15.38
C TRP A 20 5.85 -0.97 -15.13
N LEU A 21 6.04 -2.03 -14.34
CA LEU A 21 7.38 -2.51 -14.01
C LEU A 21 8.15 -2.88 -15.29
N GLU A 22 7.49 -3.62 -16.18
CA GLU A 22 8.11 -4.03 -17.43
C GLU A 22 8.51 -2.82 -18.27
N SER A 23 7.68 -1.78 -18.23
CA SER A 23 7.94 -0.56 -18.98
C SER A 23 9.19 0.15 -18.46
N ILE A 24 9.24 0.34 -17.14
CA ILE A 24 10.37 1.01 -16.51
C ILE A 24 11.62 0.13 -16.57
N GLY A 25 11.41 -1.17 -16.67
CA GLY A 25 12.53 -2.09 -16.73
C GLY A 25 12.14 -3.44 -17.29
N LEU A 26 11.98 -4.43 -16.40
CA LEU A 26 11.61 -5.77 -16.81
C LEU A 26 10.87 -6.50 -15.69
N PRO A 27 10.08 -7.52 -16.07
CA PRO A 27 9.30 -8.31 -15.10
C PRO A 27 10.20 -9.19 -14.23
N GLN A 28 10.90 -8.56 -13.29
CA GLN A 28 11.79 -9.28 -12.40
C GLN A 28 11.50 -8.93 -10.94
N TYR A 29 10.54 -8.01 -10.74
CA TYR A 29 10.17 -7.59 -9.40
C TYR A 29 8.67 -7.72 -9.18
N GLU A 30 7.97 -8.16 -10.22
CA GLU A 30 6.52 -8.34 -10.15
C GLU A 30 6.15 -9.31 -9.03
N ASN A 31 6.74 -10.51 -9.07
CA ASN A 31 6.47 -11.52 -8.06
C ASN A 31 6.71 -10.98 -6.66
N HIS A 32 7.82 -10.28 -6.48
CA HIS A 32 8.16 -9.70 -5.19
C HIS A 32 7.14 -8.65 -4.77
N LEU A 33 6.96 -7.63 -5.60
CA LEU A 33 6.01 -6.57 -5.32
C LEU A 33 4.64 -7.14 -4.98
N MET A 34 4.07 -7.91 -5.91
CA MET A 34 2.76 -8.51 -5.70
C MET A 34 2.72 -9.30 -4.39
N ALA A 35 3.66 -10.22 -4.23
CA ALA A 35 3.74 -11.02 -3.02
C ALA A 35 3.88 -10.15 -1.79
N ASN A 36 4.42 -8.95 -1.97
CA ASN A 36 4.62 -8.02 -0.87
C ASN A 36 3.42 -7.09 -0.72
N GLY A 37 2.31 -7.46 -1.36
CA GLY A 37 1.11 -6.64 -1.29
C GLY A 37 1.00 -5.66 -2.42
N PHE A 38 2.15 -5.31 -3.02
CA PHE A 38 2.18 -4.35 -4.12
C PHE A 38 1.75 -5.03 -5.42
N ASP A 39 0.46 -5.33 -5.53
CA ASP A 39 -0.08 -5.97 -6.72
C ASP A 39 -0.84 -4.96 -7.59
N ASN A 40 -1.28 -3.87 -6.97
CA ASN A 40 -2.01 -2.83 -7.68
C ASN A 40 -1.19 -1.55 -7.77
N VAL A 41 -0.96 -1.07 -8.99
CA VAL A 41 -0.20 0.15 -9.21
C VAL A 41 -0.75 1.31 -8.38
N GLN A 42 -2.05 1.25 -8.09
CA GLN A 42 -2.71 2.30 -7.32
C GLN A 42 -2.05 2.45 -5.95
N ALA A 43 -1.52 1.34 -5.43
CA ALA A 43 -0.86 1.36 -4.13
C ALA A 43 0.33 2.32 -4.13
N MET A 44 0.87 2.57 -5.31
CA MET A 44 2.01 3.48 -5.45
C MET A 44 1.62 4.91 -5.11
N GLY A 45 0.32 5.16 -5.07
CA GLY A 45 -0.16 6.50 -4.76
C GLY A 45 0.49 7.57 -5.62
N SER A 46 0.82 8.69 -5.01
CA SER A 46 1.44 9.79 -5.73
C SER A 46 2.74 10.22 -5.04
N ASN A 47 2.74 10.19 -3.70
CA ASN A 47 3.91 10.57 -2.93
C ASN A 47 4.51 9.36 -2.22
N VAL A 48 3.65 8.42 -1.83
CA VAL A 48 4.09 7.21 -1.15
C VAL A 48 5.09 6.43 -1.99
N MET A 49 5.51 5.27 -1.48
CA MET A 49 6.46 4.43 -2.19
C MET A 49 7.79 5.17 -2.39
N GLU A 50 8.54 5.33 -1.31
CA GLU A 50 9.83 6.02 -1.37
C GLU A 50 10.98 5.04 -1.19
N ASP A 51 12.17 5.57 -0.97
CA ASP A 51 13.36 4.74 -0.77
C ASP A 51 13.11 3.68 0.30
N GLN A 52 12.31 4.04 1.30
CA GLN A 52 11.99 3.12 2.39
C GLN A 52 11.29 1.88 1.86
N ASP A 53 10.17 2.08 1.19
CA ASP A 53 9.39 0.98 0.63
C ASP A 53 10.19 0.25 -0.45
N LEU A 54 10.92 1.01 -1.26
CA LEU A 54 11.73 0.44 -2.33
C LEU A 54 12.75 -0.55 -1.77
N LEU A 55 13.36 -0.19 -0.65
CA LEU A 55 14.36 -1.04 -0.01
C LEU A 55 13.69 -2.08 0.88
N GLU A 56 12.46 -1.79 1.31
CA GLU A 56 11.72 -2.70 2.17
C GLU A 56 11.20 -3.90 1.37
N ILE A 57 10.89 -3.67 0.10
CA ILE A 57 10.40 -4.73 -0.76
C ILE A 57 11.47 -5.78 -1.03
N GLY A 58 12.44 -5.43 -1.88
CA GLY A 58 13.51 -6.34 -2.21
C GLY A 58 14.32 -5.89 -3.41
N ILE A 59 14.94 -4.72 -3.28
CA ILE A 59 15.75 -4.17 -4.37
C ILE A 59 17.13 -3.76 -3.86
N LEU A 60 18.16 -4.28 -4.51
CA LEU A 60 19.54 -3.97 -4.13
C LEU A 60 19.78 -2.47 -4.12
N ASN A 61 20.98 -2.06 -3.71
CA ASN A 61 21.33 -0.65 -3.66
C ASN A 61 22.20 -0.26 -4.85
N SER A 62 22.15 1.00 -5.23
CA SER A 62 22.94 1.51 -6.35
C SER A 62 22.70 0.65 -7.59
N GLY A 63 21.44 0.48 -7.95
CA GLY A 63 21.10 -0.32 -9.12
C GLY A 63 19.76 0.06 -9.72
N HIS A 64 18.72 -0.66 -9.32
CA HIS A 64 17.37 -0.40 -9.82
C HIS A 64 16.68 0.68 -8.99
N ARG A 65 17.33 1.09 -7.90
CA ARG A 65 16.79 2.11 -7.02
C ARG A 65 16.36 3.34 -7.81
N GLN A 66 17.33 4.01 -8.44
CA GLN A 66 17.05 5.20 -9.22
C GLN A 66 15.93 4.94 -10.23
N ARG A 67 16.03 3.82 -10.93
CA ARG A 67 15.03 3.45 -11.92
C ARG A 67 13.62 3.48 -11.32
N ILE A 68 13.35 2.53 -10.45
CA ILE A 68 12.05 2.45 -9.80
C ILE A 68 11.66 3.78 -9.18
N LEU A 69 12.57 4.37 -8.43
CA LEU A 69 12.34 5.66 -7.79
C LEU A 69 11.80 6.68 -8.78
N GLN A 70 12.58 6.94 -9.83
CA GLN A 70 12.19 7.90 -10.86
C GLN A 70 10.79 7.58 -11.39
N ALA A 71 10.57 6.32 -11.73
CA ALA A 71 9.27 5.88 -12.24
C ALA A 71 8.15 6.19 -11.25
N ILE A 72 8.40 5.87 -9.98
CA ILE A 72 7.41 6.10 -8.93
C ILE A 72 7.15 7.59 -8.75
N GLN A 73 8.18 8.40 -8.91
CA GLN A 73 8.06 9.84 -8.76
C GLN A 73 7.25 10.43 -9.91
N LEU A 74 7.45 9.89 -11.10
CA LEU A 74 6.73 10.38 -12.28
C LEU A 74 5.40 9.65 -12.45
N LEU A 75 5.46 8.39 -12.83
CA LEU A 75 4.26 7.58 -13.03
C LEU A 75 3.19 8.37 -13.77
N PRO A 76 3.38 8.52 -15.09
CA PRO A 76 2.44 9.26 -15.95
C PRO A 76 1.12 8.51 -16.12
N LYS A 77 0.25 8.61 -15.11
CA LYS A 77 -1.05 7.94 -15.15
C LYS A 77 -1.99 8.56 -14.14
N MET A 78 -2.98 9.31 -14.62
CA MET A 78 -3.96 9.94 -13.75
C MET A 78 -5.38 9.58 -14.17
N ARG A 79 -6.23 9.31 -13.19
CA ARG A 79 -7.62 8.94 -13.46
C ARG A 79 -8.55 9.62 -12.47
N PRO A 80 -8.70 10.94 -12.60
CA PRO A 80 -9.57 11.75 -11.73
C PRO A 80 -11.05 11.46 -11.97
N ILE A 81 -11.34 10.73 -13.03
CA ILE A 81 -12.71 10.39 -13.37
C ILE A 81 -12.93 8.88 -13.34
N GLY A 82 -14.17 8.47 -13.10
CA GLY A 82 -14.50 7.06 -13.05
C GLY A 82 -15.68 6.76 -12.15
N HIS A 83 -15.46 5.91 -11.15
CA HIS A 83 -16.51 5.54 -10.22
C HIS A 83 -16.28 6.20 -8.86
N ASP A 84 -17.36 6.65 -8.23
CA ASP A 84 -17.28 7.30 -6.92
C ASP A 84 -18.25 6.66 -5.94
N GLY A 85 -18.06 6.96 -4.66
CA GLY A 85 -18.92 6.40 -3.63
C GLY A 85 -18.14 5.73 -2.52
N ALA A 86 -17.90 6.47 -1.44
CA ALA A 86 -17.17 5.92 -0.30
C ALA A 86 -17.84 6.30 1.02
N HIS A 87 -18.20 5.29 1.80
CA HIS A 87 -18.85 5.51 3.08
C HIS A 87 -18.32 4.56 4.14
N PRO A 88 -17.04 4.75 4.52
CA PRO A 88 -16.38 3.91 5.53
C PRO A 88 -16.94 4.15 6.92
N THR A 89 -17.82 3.25 7.37
CA THR A 89 -18.43 3.35 8.68
C THR A 89 -17.71 2.46 9.69
N SER A 90 -17.25 1.30 9.23
CA SER A 90 -16.55 0.35 10.09
C SER A 90 -15.34 -0.23 9.38
N VAL A 91 -14.57 -1.04 10.10
CA VAL A 91 -13.37 -1.67 9.54
C VAL A 91 -13.68 -2.38 8.23
N ALA A 92 -14.82 -3.05 8.19
CA ALA A 92 -15.24 -3.78 6.99
C ALA A 92 -15.34 -2.83 5.79
N GLU A 93 -16.36 -1.99 5.79
CA GLU A 93 -16.57 -1.04 4.70
C GLU A 93 -15.30 -0.26 4.41
N TRP A 94 -14.50 -0.03 5.45
CA TRP A 94 -13.25 0.71 5.31
C TRP A 94 -12.28 -0.03 4.39
N LEU A 95 -11.97 -1.27 4.76
CA LEU A 95 -11.05 -2.09 3.96
C LEU A 95 -11.67 -2.48 2.64
N ASP A 96 -13.00 -2.44 2.58
CA ASP A 96 -13.73 -2.80 1.36
C ASP A 96 -13.25 -1.96 0.18
N SER A 97 -12.89 -0.71 0.45
CA SER A 97 -12.42 0.20 -0.59
C SER A 97 -10.89 0.18 -0.66
N ILE A 98 -10.28 -0.88 -0.15
CA ILE A 98 -8.83 -1.01 -0.15
C ILE A 98 -8.41 -2.40 -0.63
N GLU A 99 -9.29 -3.06 -1.37
CA GLU A 99 -9.00 -4.40 -1.88
C GLU A 99 -8.66 -5.35 -0.74
N LEU A 100 -9.13 -5.02 0.46
CA LEU A 100 -8.88 -5.85 1.63
C LEU A 100 -10.20 -6.22 2.33
N GLY A 101 -10.36 -7.50 2.64
CA GLY A 101 -11.56 -7.95 3.31
C GLY A 101 -11.28 -8.95 4.42
N ASP A 102 -10.37 -9.89 4.16
CA ASP A 102 -10.00 -10.89 5.13
C ASP A 102 -9.57 -10.25 6.45
N TYR A 103 -8.87 -9.12 6.34
CA TYR A 103 -8.39 -8.41 7.51
C TYR A 103 -9.53 -8.14 8.49
N THR A 104 -10.73 -7.95 7.95
CA THR A 104 -11.91 -7.69 8.78
C THR A 104 -12.00 -8.68 9.93
N LYS A 105 -11.61 -9.92 9.67
CA LYS A 105 -11.66 -10.96 10.70
C LYS A 105 -10.68 -10.66 11.83
N ALA A 106 -9.40 -10.52 11.48
CA ALA A 106 -8.37 -10.23 12.47
C ALA A 106 -8.68 -8.93 13.21
N PHE A 107 -9.08 -7.91 12.47
CA PHE A 107 -9.40 -6.61 13.06
C PHE A 107 -10.52 -6.75 14.08
N LEU A 108 -11.60 -7.43 13.70
CA LEU A 108 -12.73 -7.63 14.59
C LEU A 108 -12.30 -8.34 15.87
N ILE A 109 -11.71 -9.52 15.72
CA ILE A 109 -11.24 -10.30 16.86
C ILE A 109 -10.23 -9.51 17.69
N ASN A 110 -9.51 -8.61 17.03
CA ASN A 110 -8.51 -7.79 17.70
C ASN A 110 -9.16 -6.73 18.58
N GLY A 111 -10.44 -6.46 18.31
CA GLY A 111 -11.17 -5.48 19.08
C GLY A 111 -11.26 -4.13 18.37
N TYR A 112 -11.22 -4.16 17.05
CA TYR A 112 -11.29 -2.94 16.25
C TYR A 112 -12.74 -2.61 15.88
N THR A 113 -13.62 -2.66 16.87
CA THR A 113 -15.03 -2.37 16.65
C THR A 113 -15.23 -0.92 16.21
N SER A 114 -15.11 0.00 17.17
CA SER A 114 -15.28 1.42 16.87
C SER A 114 -14.16 1.94 15.98
N MET A 115 -14.53 2.56 14.87
CA MET A 115 -13.55 3.10 13.93
C MET A 115 -12.53 3.97 14.65
N ASP A 116 -12.98 4.69 15.68
CA ASP A 116 -12.11 5.56 16.45
C ASP A 116 -10.81 4.85 16.81
N LEU A 117 -10.89 3.53 16.96
CA LEU A 117 -9.72 2.73 17.31
C LEU A 117 -8.55 3.04 16.37
N LEU A 118 -8.84 3.04 15.08
CA LEU A 118 -7.82 3.31 14.07
C LEU A 118 -7.25 4.72 14.24
N LYS A 119 -8.04 5.60 14.84
CA LYS A 119 -7.62 6.99 15.06
C LYS A 119 -6.48 7.04 16.07
N LYS A 120 -6.29 5.96 16.82
CA LYS A 120 -5.24 5.89 17.81
C LYS A 120 -4.39 4.64 17.62
N ILE A 121 -3.92 4.43 16.39
CA ILE A 121 -3.10 3.26 16.07
C ILE A 121 -1.72 3.69 15.59
N ALA A 122 -0.70 3.01 16.08
CA ALA A 122 0.69 3.32 15.71
C ALA A 122 1.27 2.21 14.83
N GLU A 123 2.38 2.52 14.16
CA GLU A 123 3.04 1.54 13.30
C GLU A 123 3.17 0.19 14.00
N VAL A 124 4.12 0.11 14.93
CA VAL A 124 4.36 -1.12 15.68
C VAL A 124 3.07 -1.69 16.22
N GLU A 125 2.13 -0.80 16.57
CA GLU A 125 0.84 -1.22 17.10
C GLU A 125 0.15 -2.21 16.15
N LEU A 126 -0.18 -1.73 14.96
CA LEU A 126 -0.85 -2.57 13.96
C LEU A 126 0.09 -3.67 13.47
N ILE A 127 1.39 -3.42 13.55
CA ILE A 127 2.38 -4.39 13.12
C ILE A 127 2.46 -5.57 14.09
N ASN A 128 2.10 -5.33 15.34
CA ASN A 128 2.11 -6.37 16.36
C ASN A 128 0.71 -6.91 16.62
N VAL A 129 -0.30 -6.09 16.32
CA VAL A 129 -1.68 -6.48 16.52
C VAL A 129 -2.23 -7.21 15.30
N LEU A 130 -2.16 -6.55 14.15
CA LEU A 130 -2.64 -7.14 12.90
C LEU A 130 -1.59 -8.06 12.28
N LYS A 131 -0.36 -7.91 12.73
CA LYS A 131 0.73 -8.74 12.22
C LYS A 131 0.79 -8.71 10.71
N ILE A 132 0.50 -7.54 10.13
CA ILE A 132 0.51 -7.38 8.68
C ILE A 132 1.91 -7.63 8.12
N ASN A 133 2.86 -6.79 8.51
CA ASN A 133 4.23 -6.92 8.05
C ASN A 133 4.28 -6.98 6.52
N LEU A 134 3.42 -6.21 5.88
CA LEU A 134 3.36 -6.17 4.42
C LEU A 134 3.37 -4.74 3.90
N ILE A 135 4.36 -4.42 3.08
CA ILE A 135 4.49 -3.07 2.52
C ILE A 135 3.22 -2.68 1.77
N GLY A 136 2.78 -3.55 0.86
CA GLY A 136 1.58 -3.27 0.09
C GLY A 136 0.39 -2.95 0.95
N HIS A 137 0.05 -3.85 1.86
CA HIS A 137 -1.08 -3.66 2.76
C HIS A 137 -0.86 -2.45 3.65
N ARG A 138 0.22 -2.48 4.43
CA ARG A 138 0.54 -1.38 5.33
C ARG A 138 0.52 -0.05 4.59
N LYS A 139 0.80 -0.09 3.30
CA LYS A 139 0.81 1.11 2.47
C LYS A 139 -0.61 1.60 2.19
N ARG A 140 -1.39 0.77 1.51
CA ARG A 140 -2.77 1.12 1.18
C ARG A 140 -3.53 1.58 2.43
N ILE A 141 -3.28 0.90 3.54
CA ILE A 141 -3.93 1.22 4.80
C ILE A 141 -3.42 2.55 5.36
N LEU A 142 -2.09 2.67 5.46
CA LEU A 142 -1.48 3.88 5.97
C LEU A 142 -2.02 5.12 5.27
N ALA A 143 -2.09 5.05 3.94
CA ALA A 143 -2.60 6.16 3.15
C ALA A 143 -4.11 6.28 3.28
N SER A 144 -4.79 5.14 3.35
CA SER A 144 -6.25 5.12 3.46
C SER A 144 -6.69 5.86 4.72
N LEU A 145 -5.90 5.77 5.77
CA LEU A 145 -6.22 6.43 7.04
C LEU A 145 -5.57 7.81 7.10
N GLY A 146 -4.26 7.85 6.91
CA GLY A 146 -3.53 9.10 6.96
C GLY A 146 -2.29 9.03 7.82
N ASP A 147 -1.40 10.01 7.67
CA ASP A 147 -0.16 10.05 8.44
C ASP A 147 0.02 11.42 9.09
N ARG A 148 1.02 11.52 9.96
CA ARG A 148 1.30 12.78 10.65
C ARG A 148 2.77 13.17 10.51
N VAL A 14 -7.71 0.28 -16.52
CA VAL A 14 -7.11 -0.63 -15.55
C VAL A 14 -5.61 -0.80 -15.81
N GLN A 15 -4.83 -0.72 -14.73
CA GLN A 15 -3.39 -0.87 -14.84
C GLN A 15 -2.90 -2.09 -14.05
N THR A 16 -1.66 -2.49 -14.29
CA THR A 16 -1.07 -3.63 -13.61
C THR A 16 0.38 -3.37 -13.24
N VAL A 17 0.75 -3.73 -12.02
CA VAL A 17 2.12 -3.54 -11.55
C VAL A 17 3.13 -4.10 -12.54
N GLY A 18 2.80 -5.24 -13.13
CA GLY A 18 3.69 -5.86 -14.09
C GLY A 18 3.95 -4.97 -15.30
N GLN A 19 2.88 -4.43 -15.86
CA GLN A 19 2.99 -3.56 -17.03
C GLN A 19 3.77 -2.30 -16.69
N TRP A 20 3.34 -1.61 -15.65
CA TRP A 20 3.99 -0.37 -15.22
C TRP A 20 5.46 -0.63 -14.88
N LEU A 21 5.70 -1.59 -13.99
CA LEU A 21 7.06 -1.93 -13.58
C LEU A 21 7.91 -2.34 -14.79
N GLU A 22 7.27 -3.01 -15.75
CA GLU A 22 7.97 -3.45 -16.96
C GLU A 22 8.38 -2.25 -17.82
N SER A 23 7.50 -1.27 -17.91
CA SER A 23 7.76 -0.08 -18.70
C SER A 23 8.90 0.74 -18.10
N ILE A 24 8.84 0.96 -16.78
CA ILE A 24 9.87 1.73 -16.09
C ILE A 24 11.14 0.90 -15.92
N GLY A 25 10.99 -0.42 -15.96
CA GLY A 25 12.14 -1.30 -15.81
C GLY A 25 11.91 -2.66 -16.44
N LEU A 26 11.64 -3.67 -15.62
CA LEU A 26 11.42 -5.02 -16.11
C LEU A 26 10.56 -5.81 -15.13
N PRO A 27 9.84 -6.82 -15.65
CA PRO A 27 8.97 -7.68 -14.84
C PRO A 27 9.76 -8.59 -13.91
N GLN A 28 11.08 -8.60 -14.07
CA GLN A 28 11.95 -9.43 -13.24
C GLN A 28 11.70 -9.16 -11.76
N TYR A 29 11.26 -7.95 -11.45
CA TYR A 29 10.98 -7.57 -10.06
C TYR A 29 9.49 -7.62 -9.77
N GLU A 30 8.68 -7.71 -10.83
CA GLU A 30 7.23 -7.77 -10.69
C GLU A 30 6.83 -8.85 -9.69
N ASN A 31 7.41 -10.03 -9.84
CA ASN A 31 7.11 -11.15 -8.95
C ASN A 31 7.26 -10.74 -7.49
N HIS A 32 8.35 -10.04 -7.18
CA HIS A 32 8.62 -9.58 -5.82
C HIS A 32 7.56 -8.58 -5.37
N LEU A 33 7.28 -7.59 -6.21
CA LEU A 33 6.29 -6.57 -5.90
C LEU A 33 4.95 -7.21 -5.51
N MET A 34 4.34 -7.91 -6.46
CA MET A 34 3.07 -8.58 -6.20
C MET A 34 3.16 -9.49 -4.98
N ALA A 35 4.22 -10.27 -4.91
CA ALA A 35 4.42 -11.17 -3.78
C ALA A 35 4.53 -10.42 -2.47
N ASN A 36 4.95 -9.16 -2.55
CA ASN A 36 5.08 -8.32 -1.36
C ASN A 36 3.83 -7.48 -1.14
N GLY A 37 2.73 -7.89 -1.77
CA GLY A 37 1.49 -7.17 -1.62
C GLY A 37 1.28 -6.14 -2.72
N PHE A 38 2.37 -5.74 -3.36
CA PHE A 38 2.31 -4.76 -4.44
C PHE A 38 1.83 -5.40 -5.74
N ASP A 39 0.61 -5.90 -5.74
CA ASP A 39 0.04 -6.54 -6.91
C ASP A 39 -0.95 -5.61 -7.61
N ASN A 40 -1.35 -4.56 -6.93
CA ASN A 40 -2.30 -3.59 -7.47
C ASN A 40 -1.65 -2.22 -7.63
N VAL A 41 -1.67 -1.70 -8.85
CA VAL A 41 -1.08 -0.39 -9.13
C VAL A 41 -1.70 0.69 -8.25
N GLN A 42 -2.91 0.42 -7.76
CA GLN A 42 -3.61 1.37 -6.91
C GLN A 42 -2.81 1.68 -5.65
N ALA A 43 -2.04 0.69 -5.19
CA ALA A 43 -1.21 0.86 -3.99
C ALA A 43 -0.13 1.91 -4.23
N MET A 44 0.09 2.26 -5.49
CA MET A 44 1.10 3.26 -5.83
C MET A 44 0.45 4.53 -6.35
N GLY A 45 -0.86 4.66 -6.13
CA GLY A 45 -1.58 5.84 -6.57
C GLY A 45 -0.93 7.12 -6.11
N SER A 46 -0.25 7.07 -4.97
CA SER A 46 0.42 8.23 -4.42
C SER A 46 1.93 8.05 -4.40
N ASN A 47 2.63 8.97 -3.76
CA ASN A 47 4.08 8.91 -3.67
C ASN A 47 4.53 8.25 -2.37
N VAL A 48 3.64 7.44 -1.79
CA VAL A 48 3.94 6.74 -0.56
C VAL A 48 5.18 5.87 -0.70
N MET A 49 5.33 5.26 -1.87
CA MET A 49 6.47 4.39 -2.14
C MET A 49 7.77 5.16 -2.03
N GLU A 50 8.47 4.99 -0.92
CA GLU A 50 9.74 5.68 -0.70
C GLU A 50 10.90 4.69 -0.66
N ASP A 51 12.10 5.20 -0.40
CA ASP A 51 13.29 4.36 -0.34
C ASP A 51 13.10 3.21 0.65
N GLN A 52 12.39 3.50 1.75
CA GLN A 52 12.14 2.49 2.76
C GLN A 52 11.57 1.21 2.14
N ASP A 53 10.42 1.35 1.49
CA ASP A 53 9.77 0.21 0.85
C ASP A 53 10.63 -0.34 -0.29
N LEU A 54 11.20 0.57 -1.08
CA LEU A 54 12.03 0.19 -2.21
C LEU A 54 13.10 -0.82 -1.78
N LEU A 55 13.66 -0.60 -0.60
CA LEU A 55 14.69 -1.49 -0.07
C LEU A 55 14.07 -2.65 0.71
N GLU A 56 12.88 -2.41 1.27
CA GLU A 56 12.19 -3.44 2.03
C GLU A 56 11.62 -4.51 1.10
N ILE A 57 11.51 -4.18 -0.18
CA ILE A 57 10.97 -5.11 -1.17
C ILE A 57 11.99 -6.20 -1.49
N GLY A 58 13.22 -5.79 -1.78
CA GLY A 58 14.27 -6.74 -2.11
C GLY A 58 15.27 -6.19 -3.11
N ILE A 59 14.92 -5.08 -3.74
CA ILE A 59 15.79 -4.45 -4.72
C ILE A 59 17.18 -4.21 -4.15
N LEU A 60 18.13 -5.06 -4.53
CA LEU A 60 19.50 -4.94 -4.05
C LEU A 60 20.41 -4.38 -5.15
N ASN A 61 20.28 -4.90 -6.35
CA ASN A 61 21.08 -4.46 -7.48
C ASN A 61 20.96 -2.95 -7.67
N SER A 62 22.09 -2.27 -7.79
CA SER A 62 22.10 -0.83 -7.97
C SER A 62 21.74 -0.46 -9.41
N GLY A 63 20.71 0.37 -9.56
CA GLY A 63 20.28 0.79 -10.88
C GLY A 63 18.77 0.77 -11.03
N HIS A 64 18.15 -0.35 -10.68
CA HIS A 64 16.70 -0.49 -10.77
C HIS A 64 16.01 0.28 -9.65
N ARG A 65 16.57 0.22 -8.45
CA ARG A 65 16.01 0.91 -7.29
C ARG A 65 15.76 2.37 -7.61
N GLN A 66 16.74 3.02 -8.23
CA GLN A 66 16.62 4.43 -8.58
C GLN A 66 15.51 4.65 -9.60
N ARG A 67 15.36 3.69 -10.51
CA ARG A 67 14.34 3.78 -11.54
C ARG A 67 12.94 3.77 -10.93
N ILE A 68 12.69 2.79 -10.07
CA ILE A 68 11.39 2.67 -9.40
C ILE A 68 11.12 3.87 -8.50
N LEU A 69 12.09 4.18 -7.63
CA LEU A 69 11.96 5.30 -6.71
C LEU A 69 11.60 6.58 -7.46
N GLN A 70 12.38 6.90 -8.48
CA GLN A 70 12.15 8.09 -9.27
C GLN A 70 10.82 8.01 -10.02
N ALA A 71 10.63 6.91 -10.74
CA ALA A 71 9.40 6.69 -11.49
C ALA A 71 8.17 6.91 -10.62
N ILE A 72 8.11 6.17 -9.51
CA ILE A 72 6.98 6.28 -8.59
C ILE A 72 6.94 7.66 -7.93
N GLN A 73 8.12 8.26 -7.77
CA GLN A 73 8.22 9.58 -7.15
C GLN A 73 7.48 10.63 -7.97
N LEU A 74 7.65 10.56 -9.28
CA LEU A 74 6.99 11.50 -10.18
C LEU A 74 5.66 10.95 -10.67
N LEU A 75 5.72 9.86 -11.44
CA LEU A 75 4.52 9.23 -11.98
C LEU A 75 3.58 10.27 -12.56
N PRO A 76 3.91 10.77 -13.77
CA PRO A 76 3.10 11.77 -14.46
C PRO A 76 1.77 11.21 -14.96
N LYS A 77 0.74 11.34 -14.12
CA LYS A 77 -0.59 10.85 -14.47
C LYS A 77 -1.68 11.80 -13.98
N MET A 78 -2.74 11.93 -14.77
CA MET A 78 -3.84 12.82 -14.41
C MET A 78 -5.10 12.01 -14.11
N ARG A 79 -5.19 10.81 -14.69
CA ARG A 79 -6.35 9.95 -14.48
C ARG A 79 -6.59 9.73 -12.99
N PRO A 80 -5.58 9.18 -12.30
CA PRO A 80 -5.66 8.90 -10.86
C PRO A 80 -5.69 10.17 -10.03
N ILE A 81 -6.89 10.67 -9.77
CA ILE A 81 -7.06 11.89 -8.98
C ILE A 81 -8.20 11.74 -7.98
N GLY A 82 -8.22 12.61 -6.97
CA GLY A 82 -9.26 12.56 -5.97
C GLY A 82 -8.86 13.24 -4.67
N HIS A 83 -8.59 12.44 -3.65
CA HIS A 83 -8.19 12.97 -2.35
C HIS A 83 -9.26 13.91 -1.80
N ASP A 84 -10.52 13.60 -2.06
CA ASP A 84 -11.63 14.42 -1.59
C ASP A 84 -12.85 13.56 -1.29
N GLY A 85 -13.38 13.70 -0.07
CA GLY A 85 -14.54 12.93 0.32
C GLY A 85 -14.38 12.30 1.70
N ALA A 86 -15.50 12.12 2.40
CA ALA A 86 -15.48 11.53 3.73
C ALA A 86 -16.84 10.95 4.09
N HIS A 87 -16.85 9.66 4.42
CA HIS A 87 -18.09 8.97 4.78
C HIS A 87 -17.85 7.98 5.91
N PRO A 88 -18.80 7.91 6.86
CA PRO A 88 -18.72 7.00 8.00
C PRO A 88 -18.87 5.54 7.60
N THR A 89 -17.78 4.78 7.72
CA THR A 89 -17.81 3.37 7.37
C THR A 89 -17.02 2.54 8.38
N SER A 90 -17.37 1.26 8.48
CA SER A 90 -16.70 0.36 9.41
C SER A 90 -15.45 -0.24 8.79
N VAL A 91 -14.63 -0.90 9.61
CA VAL A 91 -13.41 -1.53 9.14
C VAL A 91 -13.67 -2.43 7.95
N ALA A 92 -14.85 -3.06 7.94
CA ALA A 92 -15.22 -3.96 6.85
C ALA A 92 -15.29 -3.22 5.52
N GLU A 93 -16.25 -2.31 5.39
CA GLU A 93 -16.41 -1.54 4.17
C GLU A 93 -15.20 -0.62 3.94
N TRP A 94 -14.41 -0.42 4.98
CA TRP A 94 -13.23 0.42 4.90
C TRP A 94 -12.08 -0.31 4.23
N LEU A 95 -11.96 -1.60 4.51
CA LEU A 95 -10.90 -2.41 3.93
C LEU A 95 -11.36 -3.05 2.62
N ASP A 96 -12.62 -3.48 2.59
CA ASP A 96 -13.18 -4.11 1.40
C ASP A 96 -13.29 -3.10 0.25
N SER A 97 -13.17 -1.82 0.59
CA SER A 97 -13.26 -0.76 -0.41
C SER A 97 -11.87 -0.34 -0.89
N ILE A 98 -10.86 -0.70 -0.09
CA ILE A 98 -9.48 -0.36 -0.44
C ILE A 98 -8.86 -1.41 -1.33
N GLU A 99 -8.48 -2.54 -0.74
CA GLU A 99 -7.86 -3.63 -1.50
C GLU A 99 -8.38 -4.98 -1.01
N LEU A 100 -7.95 -5.37 0.19
CA LEU A 100 -8.36 -6.65 0.78
C LEU A 100 -9.23 -6.41 2.01
N GLY A 101 -10.33 -7.15 2.10
CA GLY A 101 -11.22 -7.02 3.24
C GLY A 101 -11.03 -8.13 4.26
N ASP A 102 -10.16 -9.07 3.94
CA ASP A 102 -9.88 -10.18 4.83
C ASP A 102 -9.43 -9.69 6.20
N TYR A 103 -8.59 -8.66 6.19
CA TYR A 103 -8.07 -8.09 7.44
C TYR A 103 -9.21 -7.70 8.37
N THR A 104 -10.38 -7.45 7.80
CA THR A 104 -11.56 -7.07 8.58
C THR A 104 -11.75 -8.01 9.77
N LYS A 105 -11.37 -9.27 9.59
CA LYS A 105 -11.49 -10.26 10.65
C LYS A 105 -10.61 -9.92 11.84
N ALA A 106 -9.30 -9.75 11.57
CA ALA A 106 -8.35 -9.41 12.63
C ALA A 106 -8.71 -8.08 13.28
N PHE A 107 -9.09 -7.10 12.46
CA PHE A 107 -9.45 -5.79 12.96
C PHE A 107 -10.62 -5.87 13.93
N LEU A 108 -11.67 -6.59 13.53
CA LEU A 108 -12.85 -6.76 14.37
C LEU A 108 -12.50 -7.44 15.68
N ILE A 109 -11.94 -8.64 15.59
CA ILE A 109 -11.56 -9.39 16.78
C ILE A 109 -10.59 -8.59 17.64
N ASN A 110 -9.81 -7.72 17.01
CA ASN A 110 -8.84 -6.91 17.72
C ASN A 110 -9.55 -5.83 18.55
N GLY A 111 -10.76 -5.46 18.12
CA GLY A 111 -11.52 -4.46 18.83
C GLY A 111 -11.56 -3.13 18.09
N TYR A 112 -11.52 -3.20 16.76
CA TYR A 112 -11.56 -2.00 15.94
C TYR A 112 -12.97 -1.73 15.41
N THR A 113 -13.96 -2.05 16.24
CA THR A 113 -15.35 -1.85 15.86
C THR A 113 -15.62 -0.40 15.47
N SER A 114 -14.86 0.51 16.07
CA SER A 114 -15.01 1.93 15.79
C SER A 114 -13.92 2.42 14.83
N MET A 115 -14.32 3.11 13.78
CA MET A 115 -13.38 3.63 12.80
C MET A 115 -12.37 4.56 13.46
N ASP A 116 -12.87 5.49 14.27
CA ASP A 116 -12.01 6.44 14.96
C ASP A 116 -10.88 5.72 15.70
N LEU A 117 -11.17 4.51 16.16
CA LEU A 117 -10.20 3.71 16.89
C LEU A 117 -8.92 3.54 16.07
N LEU A 118 -9.08 3.38 14.77
CA LEU A 118 -7.94 3.21 13.87
C LEU A 118 -7.06 4.45 13.87
N LYS A 119 -7.64 5.59 14.22
CA LYS A 119 -6.91 6.85 14.26
C LYS A 119 -6.12 6.98 15.57
N LYS A 120 -6.32 6.03 16.46
CA LYS A 120 -5.64 6.03 17.75
C LYS A 120 -4.53 4.99 17.77
N ILE A 121 -3.99 4.67 16.60
CA ILE A 121 -2.93 3.69 16.49
C ILE A 121 -1.91 4.09 15.42
N ALA A 122 -0.65 3.74 15.62
CA ALA A 122 0.40 4.06 14.67
C ALA A 122 0.89 2.81 13.95
N GLU A 123 1.92 2.97 13.12
CA GLU A 123 2.47 1.86 12.36
C GLU A 123 2.77 0.68 13.27
N VAL A 124 3.61 0.91 14.28
CA VAL A 124 3.98 -0.14 15.22
C VAL A 124 2.75 -0.81 15.81
N GLU A 125 1.76 0.01 16.17
CA GLU A 125 0.52 -0.50 16.75
C GLU A 125 -0.16 -1.49 15.81
N LEU A 126 -0.24 -1.13 14.54
CA LEU A 126 -0.86 -1.99 13.53
C LEU A 126 -0.04 -3.25 13.32
N ILE A 127 1.28 -3.11 13.35
CA ILE A 127 2.17 -4.24 13.17
C ILE A 127 2.22 -5.13 14.41
N ASN A 128 1.81 -4.56 15.54
CA ASN A 128 1.81 -5.30 16.80
C ASN A 128 0.42 -5.85 17.10
N VAL A 129 -0.59 -5.27 16.46
CA VAL A 129 -1.97 -5.70 16.65
C VAL A 129 -2.46 -6.55 15.47
N LEU A 130 -2.44 -5.95 14.29
CA LEU A 130 -2.88 -6.65 13.08
C LEU A 130 -1.79 -7.59 12.58
N LYS A 131 -0.56 -7.33 12.98
CA LYS A 131 0.57 -8.16 12.58
C LYS A 131 0.80 -8.07 11.07
N ILE A 132 0.68 -6.87 10.52
CA ILE A 132 0.88 -6.65 9.10
C ILE A 132 2.34 -6.43 8.77
N ASN A 133 2.93 -7.38 8.05
CA ASN A 133 4.34 -7.30 7.67
C ASN A 133 4.47 -6.99 6.18
N LEU A 134 3.54 -7.50 5.39
CA LEU A 134 3.56 -7.28 3.94
C LEU A 134 3.59 -5.79 3.62
N ILE A 135 4.48 -5.40 2.72
CA ILE A 135 4.61 -4.00 2.33
C ILE A 135 3.32 -3.48 1.71
N GLY A 136 2.88 -4.13 0.63
CA GLY A 136 1.65 -3.72 -0.04
C GLY A 136 0.52 -3.49 0.94
N HIS A 137 0.12 -4.55 1.64
CA HIS A 137 -0.97 -4.45 2.61
C HIS A 137 -0.70 -3.33 3.62
N ARG A 138 0.42 -3.45 4.33
CA ARG A 138 0.78 -2.45 5.34
C ARG A 138 0.63 -1.04 4.78
N LYS A 139 1.41 -0.72 3.75
CA LYS A 139 1.36 0.59 3.13
C LYS A 139 -0.08 0.99 2.81
N ARG A 140 -0.87 0.02 2.37
CA ARG A 140 -2.27 0.27 2.02
C ARG A 140 -3.04 0.80 3.23
N ILE A 141 -2.94 0.10 4.35
CA ILE A 141 -3.63 0.52 5.57
C ILE A 141 -3.13 1.87 6.05
N LEU A 142 -1.82 1.97 6.29
CA LEU A 142 -1.22 3.21 6.74
C LEU A 142 -1.62 4.37 5.84
N ALA A 143 -1.35 4.23 4.55
CA ALA A 143 -1.69 5.28 3.58
C ALA A 143 -3.17 5.65 3.67
N SER A 144 -4.02 4.64 3.75
CA SER A 144 -5.46 4.86 3.84
C SER A 144 -5.80 5.78 5.01
N LEU A 145 -5.39 5.40 6.21
CA LEU A 145 -5.64 6.19 7.41
C LEU A 145 -5.00 7.57 7.29
N GLY A 146 -3.74 7.59 6.88
CA GLY A 146 -3.02 8.85 6.73
C GLY A 146 -2.43 9.33 8.03
N ASP A 147 -1.90 8.40 8.81
CA ASP A 147 -1.30 8.74 10.10
C ASP A 147 0.14 9.21 9.92
N ARG A 148 0.71 9.81 10.97
CA ARG A 148 2.07 10.30 10.92
C ARG A 148 2.73 10.21 12.29
#